data_1RCO
#
_entry.id   1RCO
#
_cell.length_a   220.600
_cell.length_b   221.700
_cell.length_c   115.300
_cell.angle_alpha   90.00
_cell.angle_beta   90.00
_cell.angle_gamma   90.00
#
_symmetry.space_group_name_H-M   'P 21 21 2'
#
loop_
_entity.id
_entity.type
_entity.pdbx_description
1 polymer 'RIBULOSE BISPHOSPHATE CARBOXYLASE/OXYGENASE'
2 polymer 'RIBULOSE BISPHOSPHATE CARBOXYLASE/OXYGENASE'
3 non-polymer D-XYLULOSE-2,2-DIOL-1,5-BISPHOSPHATE
4 water water
#
loop_
_entity_poly.entity_id
_entity_poly.type
_entity_poly.pdbx_seq_one_letter_code
_entity_poly.pdbx_strand_id
1 'polypeptide(L)'
;MSPQTETKASVGFKAGVKDYKLTYYTPEYETLDTDILAAFRVSPQPGVPPEEAGAAVAAESSTGTWTTVWTDGLTNLDRY
KGRCYHIEPVAGEENQYICYVAYPLDLFEEGSVTNMFTSIVGNVFGFKALRALRLEDLRIPVAYVKTFQGPPHGIQVERD
KLNKYGRPLLGCTIKPKLGLSAKNYGRAVYECLRGGLDFTKDDENVNSQPFMRWRDRFLFCAEALYKAQAETGEIKGHYL
NATAGTCEDMMKRAVFARELGVPIVMHDYLTGGFTANTTLSHYCRDNGLLLHIHRAMHAVIDRQKNHGMHFRVLAKALRL
SGGDHIHSGTVVGKLEGERDITLGFVDLLRDDYTEKDRSRGIYFTQSWVSTPGVLPVASGGIHVWHMPALTEIFGDDSVL
QFGGGTLGHPWGNAPGAVANRVALEACVQARNEGRDLAREGNTIIREATKWSPELAAACEVWKEIKFEFPAMDTV
;
L,B,E,H,K,O,R,V
2 'polypeptide(L)'
;MQVWPILNLKKYETLSYLPPLTTDQLARQVDYLLNNKWVPCLEFETDHGFVYREHHNSPGYYDGRYWTMWKLPMFGCTDP
AQVLNELEECKKEYPNAFIRIIGFDSNREVQCISFIAYKPAGY
;
S,C,F,I,M,P,T,W
#
# COMPACT_ATOMS: atom_id res chain seq x y z
N ALA A 9 -4.05 -50.95 23.15
CA ALA A 9 -3.06 -50.08 23.86
C ALA A 9 -1.66 -50.35 23.29
N SER A 10 -1.02 -49.27 22.83
CA SER A 10 0.32 -49.29 22.24
C SER A 10 0.85 -50.70 22.04
N VAL A 11 0.34 -51.43 21.06
CA VAL A 11 0.92 -52.77 20.85
C VAL A 11 2.40 -52.41 20.53
N GLY A 12 3.35 -53.31 20.77
CA GLY A 12 4.73 -52.97 20.48
C GLY A 12 5.01 -52.56 19.03
N PHE A 13 6.24 -52.10 18.78
CA PHE A 13 6.69 -51.70 17.43
C PHE A 13 7.61 -52.83 16.99
N LYS A 14 7.43 -53.29 15.77
CA LYS A 14 8.25 -54.36 15.27
C LYS A 14 8.59 -53.94 13.85
N ALA A 15 9.86 -53.65 13.62
CA ALA A 15 10.30 -53.21 12.30
C ALA A 15 10.04 -54.28 11.26
N GLY A 16 10.00 -53.90 9.99
CA GLY A 16 9.80 -54.91 8.98
C GLY A 16 8.61 -54.60 8.10
N VAL A 17 8.59 -55.16 6.90
CA VAL A 17 7.50 -54.89 6.02
C VAL A 17 6.42 -55.96 6.16
N LYS A 18 5.16 -55.54 6.14
CA LYS A 18 4.08 -56.51 6.23
C LYS A 18 3.02 -56.13 5.22
N ASP A 19 2.13 -57.04 4.92
CA ASP A 19 1.09 -56.81 3.91
C ASP A 19 0.23 -55.62 4.23
N TYR A 20 -0.13 -54.87 3.21
CA TYR A 20 -0.98 -53.71 3.40
C TYR A 20 -2.36 -54.17 3.85
N LYS A 21 -2.79 -55.34 3.39
CA LYS A 21 -4.12 -55.82 3.75
C LYS A 21 -4.36 -55.99 5.24
N LEU A 22 -3.30 -56.22 6.00
CA LEU A 22 -3.46 -56.38 7.43
C LEU A 22 -4.05 -55.15 8.08
N THR A 23 -3.76 -53.97 7.56
CA THR A 23 -4.24 -52.73 8.17
C THR A 23 -5.23 -51.92 7.34
N TYR A 24 -5.13 -52.05 6.01
CA TYR A 24 -5.93 -51.27 5.11
C TYR A 24 -7.07 -51.90 4.34
N TYR A 25 -7.31 -53.19 4.53
CA TYR A 25 -8.44 -53.86 3.88
C TYR A 25 -9.36 -54.04 5.07
N THR A 26 -10.53 -53.41 5.02
CA THR A 26 -11.46 -53.38 6.14
C THR A 26 -12.87 -53.55 5.57
N PRO A 27 -13.20 -54.76 5.11
CA PRO A 27 -14.49 -55.07 4.51
C PRO A 27 -15.70 -54.93 5.39
N GLU A 28 -15.47 -54.83 6.70
CA GLU A 28 -16.60 -54.70 7.62
C GLU A 28 -16.97 -53.25 7.90
N TYR A 29 -16.12 -52.31 7.48
CA TYR A 29 -16.33 -50.87 7.71
C TYR A 29 -17.63 -50.33 7.17
N GLU A 30 -18.30 -49.51 7.98
CA GLU A 30 -19.53 -48.83 7.59
C GLU A 30 -19.03 -47.41 7.35
N THR A 31 -19.28 -46.85 6.17
CA THR A 31 -18.78 -45.53 5.87
C THR A 31 -19.54 -44.47 6.65
N LEU A 32 -18.85 -43.40 7.04
CA LEU A 32 -19.44 -42.29 7.78
C LEU A 32 -19.92 -41.25 6.79
N ASP A 33 -20.85 -40.39 7.18
CA ASP A 33 -21.34 -39.39 6.27
C ASP A 33 -20.37 -38.28 6.01
N THR A 34 -19.26 -38.26 6.72
CA THR A 34 -18.24 -37.24 6.54
C THR A 34 -17.05 -37.77 5.75
N ASP A 35 -17.05 -39.05 5.39
CA ASP A 35 -15.98 -39.69 4.64
C ASP A 35 -15.99 -39.31 3.17
N ILE A 36 -14.80 -39.17 2.57
CA ILE A 36 -14.71 -38.91 1.13
C ILE A 36 -14.57 -40.35 0.64
N LEU A 37 -15.43 -40.79 -0.28
CA LEU A 37 -15.37 -42.16 -0.78
C LEU A 37 -14.86 -42.15 -2.21
N ALA A 38 -14.11 -43.17 -2.58
CA ALA A 38 -13.53 -43.26 -3.92
C ALA A 38 -13.77 -44.62 -4.56
N ALA A 39 -14.08 -44.63 -5.85
CA ALA A 39 -14.28 -45.86 -6.60
C ALA A 39 -13.15 -45.98 -7.62
N PHE A 40 -12.20 -46.87 -7.37
CA PHE A 40 -11.07 -47.10 -8.26
C PHE A 40 -11.26 -48.37 -9.10
N ARG A 41 -10.92 -48.33 -10.38
CA ARG A 41 -10.98 -49.51 -11.24
C ARG A 41 -9.54 -50.01 -11.25
N VAL A 42 -9.25 -51.06 -10.48
CA VAL A 42 -7.90 -51.60 -10.33
C VAL A 42 -7.60 -52.82 -11.20
N SER A 43 -6.43 -52.83 -11.85
CA SER A 43 -5.96 -53.96 -12.69
C SER A 43 -4.64 -54.39 -12.07
N PRO A 44 -4.64 -55.39 -11.17
CA PRO A 44 -3.39 -55.82 -10.55
C PRO A 44 -2.45 -56.60 -11.44
N GLN A 45 -1.17 -56.63 -11.06
CA GLN A 45 -0.19 -57.41 -11.82
C GLN A 45 -0.48 -58.85 -11.43
N PRO A 46 -0.05 -59.80 -12.27
CA PRO A 46 -0.26 -61.21 -11.94
C PRO A 46 0.39 -61.50 -10.60
N GLY A 47 -0.29 -62.27 -9.77
CA GLY A 47 0.32 -62.61 -8.49
C GLY A 47 0.02 -61.67 -7.33
N VAL A 48 -0.60 -60.52 -7.62
CA VAL A 48 -0.97 -59.56 -6.59
C VAL A 48 -2.48 -59.68 -6.51
N PRO A 49 -2.98 -60.10 -5.36
CA PRO A 49 -4.43 -60.27 -5.16
C PRO A 49 -5.21 -58.98 -4.95
N PRO A 50 -6.46 -58.95 -5.39
CA PRO A 50 -7.31 -57.76 -5.25
C PRO A 50 -7.17 -57.07 -3.89
N GLU A 51 -7.37 -57.80 -2.80
CA GLU A 51 -7.31 -57.21 -1.48
C GLU A 51 -6.04 -56.46 -1.20
N GLU A 52 -4.93 -56.98 -1.67
CA GLU A 52 -3.67 -56.31 -1.40
C GLU A 52 -3.53 -55.13 -2.34
N ALA A 53 -3.95 -55.30 -3.59
CA ALA A 53 -3.87 -54.21 -4.54
C ALA A 53 -4.72 -53.06 -3.96
N GLY A 54 -5.96 -53.33 -3.60
CA GLY A 54 -6.80 -52.28 -3.03
C GLY A 54 -6.24 -51.68 -1.74
N ALA A 55 -5.74 -52.53 -0.85
CA ALA A 55 -5.20 -52.05 0.40
C ALA A 55 -4.00 -51.16 0.13
N ALA A 56 -3.22 -51.48 -0.91
CA ALA A 56 -2.05 -50.68 -1.21
C ALA A 56 -2.42 -49.29 -1.72
N VAL A 57 -3.53 -49.20 -2.47
CA VAL A 57 -4.04 -47.93 -2.98
C VAL A 57 -4.53 -47.10 -1.79
N ALA A 58 -5.29 -47.73 -0.90
CA ALA A 58 -5.80 -47.02 0.27
C ALA A 58 -4.67 -46.60 1.18
N ALA A 59 -3.62 -47.40 1.27
CA ALA A 59 -2.51 -47.09 2.15
C ALA A 59 -1.65 -45.88 1.76
N GLU A 60 -1.11 -45.90 0.55
CA GLU A 60 -0.25 -44.81 0.09
C GLU A 60 -1.01 -43.51 -0.21
N SER A 61 -2.32 -43.56 -0.29
CA SER A 61 -3.06 -42.34 -0.57
C SER A 61 -3.57 -41.72 0.73
N SER A 62 -3.13 -42.25 1.85
CA SER A 62 -3.57 -41.70 3.10
C SER A 62 -2.50 -41.63 4.17
N THR A 63 -2.26 -42.72 4.90
CA THR A 63 -1.30 -42.66 5.98
C THR A 63 -0.13 -43.60 5.99
N GLY A 64 -0.14 -44.62 5.16
CA GLY A 64 0.95 -45.57 5.27
C GLY A 64 2.09 -45.58 4.30
N THR A 65 3.14 -46.33 4.63
CA THR A 65 4.28 -46.46 3.72
C THR A 65 4.63 -47.94 3.51
N TRP A 66 5.74 -48.20 2.83
CA TRP A 66 6.14 -49.58 2.52
C TRP A 66 6.67 -50.47 3.63
N THR A 67 6.98 -49.94 4.81
CA THR A 67 7.51 -50.74 5.91
C THR A 67 6.98 -50.15 7.21
N THR A 68 6.94 -50.92 8.29
CA THR A 68 6.40 -50.41 9.56
C THR A 68 7.26 -49.32 10.19
N VAL A 69 6.64 -48.20 10.57
CA VAL A 69 7.35 -47.09 11.19
C VAL A 69 6.88 -46.95 12.62
N TRP A 70 7.74 -46.58 13.55
CA TRP A 70 7.33 -46.47 14.94
C TRP A 70 6.38 -45.33 15.28
N THR A 71 6.40 -44.28 14.47
CA THR A 71 5.58 -43.13 14.75
C THR A 71 4.10 -43.37 14.69
N ASP A 72 3.67 -44.45 14.06
CA ASP A 72 2.24 -44.71 13.98
C ASP A 72 1.66 -44.73 15.38
N GLY A 73 2.49 -45.11 16.34
CA GLY A 73 2.03 -45.20 17.71
C GLY A 73 1.81 -43.90 18.43
N LEU A 74 2.30 -42.79 17.87
CA LEU A 74 2.10 -41.50 18.51
C LEU A 74 0.71 -40.98 18.22
N THR A 75 0.01 -41.56 17.24
CA THR A 75 -1.37 -41.16 16.89
C THR A 75 -2.31 -42.34 17.01
N ASN A 76 -3.53 -42.14 16.50
CA ASN A 76 -4.57 -43.13 16.51
C ASN A 76 -4.83 -43.37 15.05
N LEU A 77 -4.04 -44.26 14.45
CA LEU A 77 -4.17 -44.53 13.03
C LEU A 77 -5.54 -44.98 12.62
N ASP A 78 -6.25 -45.65 13.51
CA ASP A 78 -7.58 -46.12 13.19
C ASP A 78 -8.46 -44.98 12.76
N ARG A 79 -8.20 -43.77 13.23
CA ARG A 79 -9.06 -42.70 12.82
C ARG A 79 -8.64 -41.91 11.63
N TYR A 80 -7.41 -42.11 11.16
CA TYR A 80 -6.91 -41.37 10.01
C TYR A 80 -6.71 -42.19 8.78
N LYS A 81 -6.50 -43.48 8.93
CA LYS A 81 -6.23 -44.33 7.78
C LYS A 81 -7.34 -44.42 6.76
N GLY A 82 -6.95 -44.47 5.50
CA GLY A 82 -7.92 -44.62 4.44
C GLY A 82 -8.11 -46.12 4.43
N ARG A 83 -9.24 -46.61 3.95
CA ARG A 83 -9.43 -48.04 3.99
C ARG A 83 -10.26 -48.59 2.88
N CYS A 84 -9.80 -49.72 2.33
CA CYS A 84 -10.50 -50.39 1.25
C CYS A 84 -11.58 -51.22 1.91
N TYR A 85 -12.82 -50.79 1.76
CA TYR A 85 -13.93 -51.45 2.41
C TYR A 85 -14.81 -52.31 1.53
N HIS A 86 -14.54 -52.40 0.24
CA HIS A 86 -15.39 -53.24 -0.58
C HIS A 86 -14.72 -53.45 -1.90
N ILE A 87 -14.82 -54.65 -2.46
CA ILE A 87 -14.19 -54.95 -3.74
C ILE A 87 -15.23 -55.61 -4.59
N GLU A 88 -15.37 -55.23 -5.84
CA GLU A 88 -16.36 -55.88 -6.66
C GLU A 88 -15.70 -56.17 -7.99
N PRO A 89 -15.73 -57.42 -8.45
CA PRO A 89 -15.10 -57.77 -9.72
C PRO A 89 -15.83 -57.15 -10.90
N VAL A 90 -15.06 -56.80 -11.94
CA VAL A 90 -15.61 -56.18 -13.14
C VAL A 90 -16.08 -57.24 -14.14
N ALA A 91 -17.36 -57.16 -14.47
CA ALA A 91 -17.97 -58.11 -15.37
C ALA A 91 -17.35 -58.16 -16.73
N GLY A 92 -16.98 -59.36 -17.15
CA GLY A 92 -16.45 -59.47 -18.50
C GLY A 92 -15.00 -59.11 -18.59
N GLU A 93 -14.41 -58.74 -17.48
CA GLU A 93 -13.02 -58.44 -17.55
C GLU A 93 -12.40 -59.42 -16.64
N GLU A 94 -11.15 -59.70 -16.92
CA GLU A 94 -10.37 -60.66 -16.18
C GLU A 94 -9.38 -59.86 -15.36
N ASN A 95 -9.23 -60.21 -14.09
CA ASN A 95 -8.27 -59.48 -13.30
C ASN A 95 -8.45 -57.95 -13.26
N GLN A 96 -9.69 -57.50 -13.11
CA GLN A 96 -10.02 -56.08 -13.00
C GLN A 96 -11.11 -56.00 -11.94
N TYR A 97 -10.97 -55.09 -10.97
CA TYR A 97 -11.97 -54.94 -9.91
C TYR A 97 -12.27 -53.48 -9.67
N ILE A 98 -13.36 -53.19 -8.97
CA ILE A 98 -13.70 -51.83 -8.59
C ILE A 98 -13.47 -51.90 -7.09
N CYS A 99 -12.47 -51.22 -6.56
CA CYS A 99 -12.20 -51.20 -5.13
C CYS A 99 -12.71 -49.87 -4.60
N TYR A 100 -13.46 -49.89 -3.51
CA TYR A 100 -14.00 -48.69 -2.91
C TYR A 100 -13.14 -48.31 -1.72
N VAL A 101 -12.69 -47.06 -1.65
CA VAL A 101 -11.86 -46.60 -0.53
C VAL A 101 -12.53 -45.42 0.17
N ALA A 102 -12.46 -45.41 1.50
CA ALA A 102 -13.06 -44.33 2.30
C ALA A 102 -11.93 -43.59 2.97
N TYR A 103 -11.97 -42.26 2.93
CA TYR A 103 -10.96 -41.40 3.53
C TYR A 103 -11.67 -40.51 4.53
N PRO A 104 -11.21 -40.47 5.77
CA PRO A 104 -11.81 -39.63 6.81
C PRO A 104 -11.69 -38.13 6.53
N LEU A 105 -12.66 -37.35 6.95
CA LEU A 105 -12.67 -35.92 6.69
C LEU A 105 -11.44 -35.15 7.17
N ASP A 106 -10.78 -35.63 8.21
CA ASP A 106 -9.63 -34.92 8.76
C ASP A 106 -8.40 -34.94 7.90
N LEU A 107 -8.42 -35.66 6.79
CA LEU A 107 -7.23 -35.73 5.96
C LEU A 107 -7.13 -34.61 4.96
N PHE A 108 -8.19 -33.85 4.78
CA PHE A 108 -8.20 -32.81 3.75
C PHE A 108 -8.19 -31.36 4.23
N GLU A 109 -7.50 -30.49 3.50
CA GLU A 109 -7.48 -29.09 3.85
C GLU A 109 -8.78 -28.55 3.29
N GLU A 110 -9.44 -27.74 4.08
CA GLU A 110 -10.71 -27.15 3.73
C GLU A 110 -10.55 -26.28 2.52
N GLY A 111 -11.46 -26.37 1.56
CA GLY A 111 -11.42 -25.52 0.38
C GLY A 111 -10.33 -25.64 -0.65
N SER A 112 -9.57 -26.72 -0.57
CA SER A 112 -8.46 -26.96 -1.46
C SER A 112 -8.59 -28.20 -2.35
N VAL A 113 -9.08 -28.04 -3.57
CA VAL A 113 -9.20 -29.16 -4.48
C VAL A 113 -7.79 -29.71 -4.73
N THR A 114 -6.78 -28.86 -4.65
CA THR A 114 -5.40 -29.27 -4.83
C THR A 114 -4.98 -30.30 -3.79
N ASN A 115 -5.41 -30.15 -2.56
CA ASN A 115 -5.04 -31.11 -1.54
C ASN A 115 -5.83 -32.39 -1.67
N MET A 116 -7.10 -32.32 -2.02
CA MET A 116 -7.88 -33.53 -2.20
C MET A 116 -7.19 -34.43 -3.22
N PHE A 117 -6.85 -33.90 -4.40
CA PHE A 117 -6.16 -34.69 -5.42
C PHE A 117 -4.78 -35.13 -5.04
N THR A 118 -4.01 -34.34 -4.30
CA THR A 118 -2.68 -34.79 -3.94
C THR A 118 -2.67 -36.07 -3.12
N SER A 119 -3.69 -36.29 -2.31
CA SER A 119 -3.76 -37.53 -1.52
C SER A 119 -4.34 -38.70 -2.34
N ILE A 120 -5.57 -38.55 -2.82
CA ILE A 120 -6.25 -39.60 -3.55
C ILE A 120 -5.64 -40.04 -4.87
N VAL A 121 -4.93 -39.14 -5.53
CA VAL A 121 -4.40 -39.41 -6.87
C VAL A 121 -2.88 -39.12 -6.99
N GLY A 122 -2.24 -38.85 -5.87
CA GLY A 122 -0.84 -38.50 -5.88
C GLY A 122 0.18 -39.50 -6.34
N ASN A 123 0.22 -40.67 -5.73
CA ASN A 123 1.23 -41.64 -6.10
C ASN A 123 0.78 -43.03 -6.49
N VAL A 124 -0.42 -43.43 -6.09
CA VAL A 124 -0.92 -44.76 -6.36
C VAL A 124 -0.98 -45.26 -7.80
N PHE A 125 -1.13 -44.38 -8.77
CA PHE A 125 -1.20 -44.83 -10.15
C PHE A 125 0.13 -45.32 -10.67
N GLY A 126 1.20 -45.16 -9.91
CA GLY A 126 2.50 -45.57 -10.40
C GLY A 126 3.10 -46.76 -9.71
N PHE A 127 2.33 -47.42 -8.84
CA PHE A 127 2.79 -48.60 -8.10
C PHE A 127 3.24 -49.67 -9.09
N LYS A 128 4.39 -50.30 -8.82
CA LYS A 128 4.88 -51.38 -9.69
C LYS A 128 3.91 -52.55 -9.68
N ALA A 129 3.25 -52.76 -8.55
CA ALA A 129 2.32 -53.86 -8.38
C ALA A 129 0.98 -53.74 -9.09
N LEU A 130 0.71 -52.64 -9.78
CA LEU A 130 -0.55 -52.48 -10.50
C LEU A 130 -0.21 -52.34 -11.97
N ARG A 131 -1.12 -52.73 -12.87
CA ARG A 131 -0.89 -52.60 -14.30
C ARG A 131 -1.52 -51.31 -14.79
N ALA A 132 -2.69 -50.99 -14.24
CA ALA A 132 -3.39 -49.80 -14.62
C ALA A 132 -4.29 -49.46 -13.46
N LEU A 133 -4.73 -48.21 -13.36
CA LEU A 133 -5.60 -47.78 -12.27
C LEU A 133 -6.45 -46.64 -12.79
N ARG A 134 -7.73 -46.57 -12.46
CA ARG A 134 -8.56 -45.47 -12.93
C ARG A 134 -9.50 -45.00 -11.83
N LEU A 135 -9.59 -43.71 -11.58
CA LEU A 135 -10.51 -43.21 -10.56
C LEU A 135 -11.79 -42.94 -11.31
N GLU A 136 -12.89 -43.58 -10.91
CA GLU A 136 -14.15 -43.40 -11.59
C GLU A 136 -15.07 -42.40 -10.96
N ASP A 137 -15.07 -42.31 -9.64
CA ASP A 137 -15.95 -41.37 -9.00
C ASP A 137 -15.53 -41.09 -7.55
N LEU A 138 -16.02 -39.99 -7.00
CA LEU A 138 -15.73 -39.57 -5.63
C LEU A 138 -17.03 -39.13 -5.01
N ARG A 139 -17.28 -39.49 -3.76
CA ARG A 139 -18.49 -39.02 -3.07
C ARG A 139 -17.94 -37.95 -2.16
N ILE A 140 -18.24 -36.68 -2.45
CA ILE A 140 -17.74 -35.58 -1.63
C ILE A 140 -18.84 -35.32 -0.62
N PRO A 141 -18.56 -35.52 0.66
CA PRO A 141 -19.46 -35.35 1.79
C PRO A 141 -19.92 -33.92 1.96
N VAL A 142 -21.17 -33.70 2.34
CA VAL A 142 -21.63 -32.32 2.47
C VAL A 142 -20.84 -31.47 3.44
N ALA A 143 -20.24 -32.07 4.46
CA ALA A 143 -19.44 -31.30 5.40
C ALA A 143 -18.18 -30.74 4.73
N TYR A 144 -17.69 -31.39 3.69
CA TYR A 144 -16.51 -30.90 2.97
C TYR A 144 -16.94 -29.95 1.88
N VAL A 145 -18.11 -30.17 1.28
CA VAL A 145 -18.62 -29.28 0.23
C VAL A 145 -18.78 -27.84 0.71
N LYS A 146 -19.17 -27.65 1.97
CA LYS A 146 -19.39 -26.33 2.55
C LYS A 146 -18.15 -25.51 2.78
N THR A 147 -16.99 -26.12 2.70
CA THR A 147 -15.75 -25.39 2.88
C THR A 147 -15.30 -24.77 1.56
N PHE A 148 -16.11 -24.87 0.51
CA PHE A 148 -15.76 -24.34 -0.80
C PHE A 148 -16.71 -23.24 -1.21
N GLN A 149 -16.26 -22.32 -2.04
CA GLN A 149 -17.15 -21.27 -2.47
C GLN A 149 -18.04 -21.79 -3.59
N GLY A 150 -17.48 -22.59 -4.48
CA GLY A 150 -18.27 -23.12 -5.57
C GLY A 150 -18.31 -22.11 -6.68
N PRO A 151 -19.21 -22.23 -7.63
CA PRO A 151 -19.28 -21.27 -8.73
C PRO A 151 -19.38 -19.82 -8.29
N PRO A 152 -18.72 -18.88 -9.00
CA PRO A 152 -18.84 -17.51 -8.57
C PRO A 152 -20.30 -17.03 -8.61
N HIS A 153 -21.10 -17.55 -9.54
CA HIS A 153 -22.49 -17.13 -9.67
C HIS A 153 -23.48 -18.29 -9.85
N GLY A 154 -23.27 -19.10 -10.87
CA GLY A 154 -24.16 -20.23 -11.09
C GLY A 154 -25.26 -19.92 -12.07
N ILE A 155 -25.97 -20.95 -12.53
CA ILE A 155 -27.05 -20.81 -13.49
C ILE A 155 -28.11 -19.77 -13.24
N GLN A 156 -28.75 -19.78 -12.08
CA GLN A 156 -29.80 -18.83 -11.78
C GLN A 156 -29.32 -17.40 -11.85
N VAL A 157 -28.26 -17.09 -11.13
CA VAL A 157 -27.74 -15.74 -11.12
C VAL A 157 -27.29 -15.29 -12.49
N GLU A 158 -26.65 -16.15 -13.26
CA GLU A 158 -26.21 -15.78 -14.59
C GLU A 158 -27.35 -15.41 -15.52
N ARG A 159 -28.44 -16.17 -15.50
CA ARG A 159 -29.56 -15.86 -16.36
C ARG A 159 -30.16 -14.54 -15.94
N ASP A 160 -30.20 -14.31 -14.63
CA ASP A 160 -30.74 -13.08 -14.06
C ASP A 160 -29.96 -11.81 -14.42
N LYS A 161 -28.65 -11.94 -14.47
CA LYS A 161 -27.81 -10.83 -14.83
C LYS A 161 -27.83 -10.50 -16.29
N LEU A 162 -27.84 -11.52 -17.14
CA LEU A 162 -27.85 -11.34 -18.59
C LEU A 162 -29.25 -11.14 -19.14
N ASN A 163 -30.26 -11.44 -18.33
CA ASN A 163 -31.67 -11.30 -18.70
C ASN A 163 -32.03 -12.30 -19.82
N LYS A 164 -31.55 -13.53 -19.70
CA LYS A 164 -31.77 -14.56 -20.72
C LYS A 164 -32.47 -15.76 -20.12
N TYR A 165 -33.65 -16.07 -20.64
CA TYR A 165 -34.46 -17.16 -20.13
C TYR A 165 -35.15 -17.92 -21.24
N GLY A 166 -35.45 -19.18 -20.99
CA GLY A 166 -36.20 -19.96 -21.95
C GLY A 166 -35.56 -20.62 -23.15
N ARG A 167 -34.24 -20.72 -23.19
CA ARG A 167 -33.59 -21.36 -24.33
C ARG A 167 -32.13 -21.47 -24.02
N PRO A 168 -31.41 -22.37 -24.72
CA PRO A 168 -29.98 -22.49 -24.46
C PRO A 168 -29.30 -21.17 -24.87
N LEU A 169 -28.09 -20.94 -24.42
CA LEU A 169 -27.38 -19.72 -24.79
C LEU A 169 -26.49 -20.09 -25.99
N LEU A 170 -26.30 -19.17 -26.93
CA LEU A 170 -25.51 -19.41 -28.13
C LEU A 170 -24.19 -18.69 -28.09
N GLY A 171 -23.09 -19.35 -28.44
CA GLY A 171 -21.80 -18.69 -28.44
C GLY A 171 -20.99 -19.05 -29.68
N CYS A 172 -19.81 -18.48 -29.86
CA CYS A 172 -19.02 -18.78 -31.05
C CYS A 172 -17.55 -18.52 -30.84
N THR A 173 -16.66 -19.44 -31.20
CA THR A 173 -15.22 -19.28 -31.02
C THR A 173 -14.62 -18.66 -32.29
N ILE A 174 -13.89 -17.56 -32.16
CA ILE A 174 -13.30 -16.89 -33.31
C ILE A 174 -12.20 -17.78 -33.90
N LYS A 175 -12.08 -17.79 -35.22
CA LYS A 175 -11.08 -18.63 -35.90
C LYS A 175 -10.36 -17.81 -36.95
N PRO A 176 -9.13 -18.19 -37.35
CA PRO A 176 -8.33 -19.34 -36.92
C PRO A 176 -7.95 -19.19 -35.47
N LYS A 177 -7.66 -20.30 -34.81
CA LYS A 177 -7.30 -20.28 -33.41
C LYS A 177 -6.30 -19.19 -33.07
N LEU A 178 -5.17 -19.20 -33.76
CA LEU A 178 -4.10 -18.23 -33.53
C LEU A 178 -3.78 -17.58 -34.85
N GLY A 179 -3.22 -16.39 -34.82
CA GLY A 179 -2.88 -15.73 -36.07
C GLY A 179 -3.61 -14.45 -36.40
N LEU A 180 -4.80 -14.23 -35.87
CA LEU A 180 -5.49 -12.99 -36.17
C LEU A 180 -4.93 -11.83 -35.35
N SER A 181 -5.01 -10.60 -35.86
CA SER A 181 -4.52 -9.44 -35.13
C SER A 181 -5.65 -8.96 -34.24
N ALA A 182 -5.37 -8.04 -33.32
CA ALA A 182 -6.39 -7.54 -32.41
C ALA A 182 -7.53 -6.80 -33.09
N LYS A 183 -7.26 -5.96 -34.08
CA LYS A 183 -8.36 -5.27 -34.75
C LYS A 183 -9.21 -6.27 -35.53
N ASN A 184 -8.58 -7.28 -36.13
CA ASN A 184 -9.35 -8.27 -36.89
C ASN A 184 -10.18 -9.15 -35.97
N TYR A 185 -9.68 -9.44 -34.78
CA TYR A 185 -10.44 -10.24 -33.83
C TYR A 185 -11.71 -9.47 -33.47
N GLY A 186 -11.59 -8.19 -33.15
CA GLY A 186 -12.77 -7.42 -32.82
C GLY A 186 -13.78 -7.28 -33.95
N ARG A 187 -13.31 -7.25 -35.19
CA ARG A 187 -14.18 -7.13 -36.35
C ARG A 187 -15.02 -8.39 -36.51
N ALA A 188 -14.39 -9.54 -36.31
CA ALA A 188 -15.08 -10.81 -36.41
C ALA A 188 -16.07 -10.97 -35.27
N VAL A 189 -15.77 -10.38 -34.11
CA VAL A 189 -16.61 -10.43 -32.91
C VAL A 189 -17.86 -9.59 -33.09
N TYR A 190 -17.71 -8.39 -33.57
CA TYR A 190 -18.86 -7.53 -33.78
C TYR A 190 -19.83 -8.18 -34.75
N GLU A 191 -19.34 -8.73 -35.86
CA GLU A 191 -20.21 -9.35 -36.85
C GLU A 191 -20.95 -10.58 -36.33
N CYS A 192 -20.31 -11.44 -35.54
CA CYS A 192 -21.01 -12.60 -35.00
C CYS A 192 -22.08 -12.17 -34.01
N LEU A 193 -21.76 -11.24 -33.12
CA LEU A 193 -22.70 -10.79 -32.12
C LEU A 193 -23.91 -10.11 -32.68
N ARG A 194 -23.76 -9.28 -33.70
CA ARG A 194 -24.93 -8.60 -34.21
C ARG A 194 -25.92 -9.52 -34.92
N GLY A 195 -25.48 -10.73 -35.24
CA GLY A 195 -26.35 -11.67 -35.91
C GLY A 195 -27.23 -12.49 -34.99
N GLY A 196 -27.09 -12.34 -33.68
CA GLY A 196 -27.95 -13.10 -32.80
C GLY A 196 -27.30 -14.03 -31.82
N LEU A 197 -25.98 -14.17 -31.84
CA LEU A 197 -25.31 -15.04 -30.87
C LEU A 197 -25.19 -14.25 -29.59
N ASP A 198 -25.24 -14.91 -28.44
CA ASP A 198 -25.14 -14.21 -27.17
C ASP A 198 -23.70 -13.90 -26.80
N PHE A 199 -22.79 -14.83 -27.09
CA PHE A 199 -21.36 -14.70 -26.77
C PHE A 199 -20.43 -15.08 -27.90
N THR A 200 -19.22 -14.53 -27.89
CA THR A 200 -18.14 -14.91 -28.79
C THR A 200 -17.03 -15.19 -27.79
N LYS A 201 -15.97 -15.87 -28.17
CA LYS A 201 -14.93 -16.15 -27.20
C LYS A 201 -13.55 -16.29 -27.76
N ASP A 202 -12.56 -16.09 -26.90
CA ASP A 202 -11.19 -16.26 -27.31
C ASP A 202 -11.09 -17.77 -27.39
N ASP A 203 -10.23 -18.32 -28.24
CA ASP A 203 -10.11 -19.76 -28.27
C ASP A 203 -9.24 -20.04 -27.05
N GLU A 204 -9.19 -21.28 -26.57
CA GLU A 204 -8.43 -21.59 -25.37
C GLU A 204 -6.97 -21.26 -25.34
N ASN A 205 -6.33 -21.24 -26.50
CA ASN A 205 -4.91 -20.96 -26.56
C ASN A 205 -4.54 -19.53 -26.88
N VAL A 206 -5.55 -18.67 -27.01
CA VAL A 206 -5.31 -17.26 -27.26
C VAL A 206 -5.08 -16.62 -25.90
N ASN A 207 -3.84 -16.26 -25.59
CA ASN A 207 -3.50 -15.61 -24.32
C ASN A 207 -2.91 -14.27 -24.72
N SER A 208 -1.59 -14.20 -24.84
CA SER A 208 -0.91 -12.99 -25.30
C SER A 208 0.23 -13.53 -26.10
N GLN A 209 0.30 -13.18 -27.37
CA GLN A 209 1.35 -13.70 -28.24
C GLN A 209 1.83 -12.63 -29.21
N PRO A 210 2.99 -12.86 -29.85
CA PRO A 210 3.49 -11.86 -30.79
C PRO A 210 2.49 -11.31 -31.79
N PHE A 211 1.59 -12.13 -32.31
CA PHE A 211 0.62 -11.66 -33.28
C PHE A 211 -0.51 -10.81 -32.73
N MET A 212 -0.80 -10.95 -31.45
CA MET A 212 -1.88 -10.24 -30.83
C MET A 212 -1.65 -10.24 -29.33
N ARG A 213 -1.39 -9.07 -28.75
CA ARG A 213 -1.14 -8.98 -27.31
C ARG A 213 -2.47 -8.85 -26.59
N TRP A 214 -2.57 -9.39 -25.40
CA TRP A 214 -3.83 -9.38 -24.68
C TRP A 214 -4.53 -8.07 -24.48
N ARG A 215 -3.83 -7.04 -24.04
CA ARG A 215 -4.49 -5.77 -23.78
C ARG A 215 -5.09 -5.14 -25.04
N ASP A 216 -4.45 -5.31 -26.19
CA ASP A 216 -5.01 -4.78 -27.42
C ASP A 216 -6.25 -5.59 -27.77
N ARG A 217 -6.24 -6.89 -27.51
CA ARG A 217 -7.41 -7.70 -27.81
C ARG A 217 -8.59 -7.34 -26.95
N PHE A 218 -8.41 -7.28 -25.63
CA PHE A 218 -9.46 -6.93 -24.69
C PHE A 218 -10.10 -5.60 -25.07
N LEU A 219 -9.28 -4.63 -25.42
CA LEU A 219 -9.76 -3.32 -25.78
C LEU A 219 -10.63 -3.27 -27.04
N PHE A 220 -10.17 -3.91 -28.12
CA PHE A 220 -10.92 -3.97 -29.38
C PHE A 220 -12.16 -4.82 -29.24
N CYS A 221 -12.10 -5.89 -28.47
CA CYS A 221 -13.28 -6.73 -28.28
C CYS A 221 -14.33 -5.99 -27.48
N ALA A 222 -13.93 -5.12 -26.58
CA ALA A 222 -14.91 -4.36 -25.83
C ALA A 222 -15.64 -3.41 -26.75
N GLU A 223 -14.93 -2.74 -27.65
CA GLU A 223 -15.57 -1.82 -28.58
C GLU A 223 -16.56 -2.60 -29.43
N ALA A 224 -16.12 -3.74 -29.96
CA ALA A 224 -17.00 -4.55 -30.79
C ALA A 224 -18.22 -5.08 -30.04
N LEU A 225 -18.06 -5.62 -28.84
CA LEU A 225 -19.23 -6.13 -28.14
C LEU A 225 -20.23 -5.03 -27.79
N TYR A 226 -19.74 -3.85 -27.43
CA TYR A 226 -20.64 -2.75 -27.09
C TYR A 226 -21.40 -2.26 -28.31
N LYS A 227 -20.79 -2.40 -29.49
CA LYS A 227 -21.46 -1.96 -30.72
C LYS A 227 -22.58 -2.92 -31.08
N ALA A 228 -22.30 -4.20 -31.01
CA ALA A 228 -23.33 -5.19 -31.30
C ALA A 228 -24.47 -5.09 -30.29
N GLN A 229 -24.17 -4.81 -29.03
CA GLN A 229 -25.22 -4.68 -28.03
C GLN A 229 -26.12 -3.51 -28.31
N ALA A 230 -25.56 -2.40 -28.77
CA ALA A 230 -26.37 -1.23 -29.05
C ALA A 230 -27.24 -1.45 -30.27
N GLU A 231 -26.75 -2.22 -31.22
CA GLU A 231 -27.48 -2.49 -32.44
C GLU A 231 -28.65 -3.43 -32.24
N THR A 232 -28.46 -4.45 -31.42
CA THR A 232 -29.51 -5.45 -31.22
C THR A 232 -30.45 -5.29 -30.06
N GLY A 233 -30.01 -4.69 -28.97
CA GLY A 233 -30.89 -4.55 -27.84
C GLY A 233 -30.83 -5.74 -26.90
N GLU A 234 -29.92 -6.68 -27.14
CA GLU A 234 -29.77 -7.85 -26.28
C GLU A 234 -28.41 -7.78 -25.62
N ILE A 235 -28.29 -8.19 -24.37
CA ILE A 235 -27.01 -8.13 -23.70
C ILE A 235 -26.03 -9.10 -24.38
N LYS A 236 -24.81 -8.65 -24.67
CA LYS A 236 -23.79 -9.48 -25.33
C LYS A 236 -22.60 -9.65 -24.42
N GLY A 237 -21.78 -10.65 -24.66
CA GLY A 237 -20.60 -10.86 -23.87
C GLY A 237 -19.54 -11.49 -24.75
N HIS A 238 -18.26 -11.34 -24.41
CA HIS A 238 -17.18 -11.95 -25.17
C HIS A 238 -16.24 -12.48 -24.11
N TYR A 239 -16.00 -13.80 -24.05
CA TYR A 239 -15.12 -14.30 -23.00
C TYR A 239 -13.69 -13.87 -23.22
N LEU A 240 -13.13 -13.08 -22.33
CA LEU A 240 -11.74 -12.62 -22.44
C LEU A 240 -10.88 -13.61 -21.66
N ASN A 241 -9.88 -14.19 -22.29
CA ASN A 241 -9.05 -15.19 -21.64
C ASN A 241 -8.04 -14.61 -20.68
N ALA A 242 -8.12 -15.02 -19.42
CA ALA A 242 -7.20 -14.55 -18.40
C ALA A 242 -6.10 -15.56 -18.11
N THR A 243 -6.12 -16.72 -18.76
CA THR A 243 -5.11 -17.77 -18.54
C THR A 243 -3.76 -17.14 -18.78
N ALA A 244 -2.78 -17.41 -17.92
CA ALA A 244 -1.49 -16.80 -18.12
C ALA A 244 -0.43 -17.60 -17.46
N GLY A 245 0.80 -17.13 -17.52
CA GLY A 245 1.87 -17.88 -16.95
C GLY A 245 2.09 -17.85 -15.47
N THR A 246 1.69 -16.77 -14.81
CA THR A 246 1.88 -16.59 -13.38
C THR A 246 0.57 -16.11 -12.79
N CYS A 247 0.38 -16.22 -11.48
CA CYS A 247 -0.85 -15.76 -10.86
C CYS A 247 -0.97 -14.28 -11.06
N GLU A 248 0.18 -13.60 -11.03
CA GLU A 248 0.24 -12.15 -11.20
C GLU A 248 -0.27 -11.69 -12.52
N ASP A 249 0.14 -12.35 -13.60
CA ASP A 249 -0.32 -11.98 -14.91
C ASP A 249 -1.78 -12.30 -15.08
N MET A 250 -2.24 -13.40 -14.53
CA MET A 250 -3.66 -13.77 -14.61
C MET A 250 -4.52 -12.69 -13.97
N MET A 251 -4.12 -12.22 -12.80
CA MET A 251 -4.89 -11.18 -12.13
C MET A 251 -4.90 -9.86 -12.88
N LYS A 252 -3.81 -9.54 -13.55
CA LYS A 252 -3.72 -8.32 -14.34
C LYS A 252 -4.78 -8.27 -15.41
N ARG A 253 -4.99 -9.40 -16.06
CA ARG A 253 -5.95 -9.51 -17.13
C ARG A 253 -7.35 -9.46 -16.59
N ALA A 254 -7.61 -10.10 -15.46
CA ALA A 254 -8.93 -10.08 -14.87
C ALA A 254 -9.27 -8.65 -14.46
N VAL A 255 -8.30 -7.94 -13.90
CA VAL A 255 -8.50 -6.56 -13.48
C VAL A 255 -8.85 -5.61 -14.64
N PHE A 256 -8.26 -5.78 -15.82
CA PHE A 256 -8.60 -4.90 -16.94
C PHE A 256 -10.00 -5.25 -17.43
N ALA A 257 -10.40 -6.51 -17.37
CA ALA A 257 -11.76 -6.91 -17.78
C ALA A 257 -12.74 -6.23 -16.86
N ARG A 258 -12.43 -6.16 -15.57
CA ARG A 258 -13.30 -5.50 -14.63
C ARG A 258 -13.39 -4.00 -14.96
N GLU A 259 -12.26 -3.38 -15.33
CA GLU A 259 -12.21 -1.96 -15.66
C GLU A 259 -12.98 -1.61 -16.92
N LEU A 260 -13.10 -2.55 -17.84
CA LEU A 260 -13.83 -2.33 -19.09
C LEU A 260 -15.33 -2.52 -18.89
N GLY A 261 -15.72 -3.18 -17.80
CA GLY A 261 -17.12 -3.40 -17.50
C GLY A 261 -17.78 -4.53 -18.23
N VAL A 262 -17.00 -5.43 -18.81
CA VAL A 262 -17.51 -6.56 -19.58
C VAL A 262 -18.04 -7.62 -18.63
N PRO A 263 -18.97 -8.46 -19.07
CA PRO A 263 -19.49 -9.44 -18.11
C PRO A 263 -18.84 -10.77 -17.88
N ILE A 264 -17.91 -11.21 -18.73
CA ILE A 264 -17.37 -12.54 -18.55
C ILE A 264 -15.90 -12.74 -18.91
N VAL A 265 -15.16 -13.50 -18.08
CA VAL A 265 -13.76 -13.85 -18.34
C VAL A 265 -13.70 -15.37 -18.47
N MET A 266 -12.53 -15.90 -18.80
CA MET A 266 -12.38 -17.33 -19.07
C MET A 266 -11.05 -17.84 -18.53
N HIS A 267 -10.98 -19.12 -18.18
CA HIS A 267 -9.76 -19.70 -17.64
C HIS A 267 -9.66 -21.16 -18.04
N ASP A 268 -8.45 -21.64 -18.32
CA ASP A 268 -8.18 -23.04 -18.66
C ASP A 268 -7.75 -23.64 -17.31
N TYR A 269 -8.69 -24.22 -16.58
CA TYR A 269 -8.40 -24.74 -15.26
C TYR A 269 -7.40 -25.85 -15.06
N LEU A 270 -7.20 -26.70 -16.05
CA LEU A 270 -6.26 -27.79 -15.92
C LEU A 270 -4.85 -27.41 -16.34
N THR A 271 -4.71 -26.59 -17.38
CA THR A 271 -3.37 -26.17 -17.79
C THR A 271 -2.93 -25.02 -16.91
N GLY A 272 -3.87 -24.20 -16.44
CA GLY A 272 -3.56 -23.12 -15.51
C GLY A 272 -3.31 -23.76 -14.16
N GLY A 273 -4.24 -24.58 -13.68
CA GLY A 273 -4.09 -25.28 -12.42
C GLY A 273 -5.20 -24.98 -11.46
N PHE A 274 -5.42 -25.85 -10.48
CA PHE A 274 -6.47 -25.63 -9.50
C PHE A 274 -6.14 -24.48 -8.56
N THR A 275 -4.87 -24.34 -8.17
CA THR A 275 -4.49 -23.25 -7.30
C THR A 275 -4.78 -21.91 -7.98
N ALA A 276 -4.37 -21.72 -9.23
CA ALA A 276 -4.69 -20.46 -9.87
C ALA A 276 -6.18 -20.33 -10.14
N ASN A 277 -6.88 -21.41 -10.46
CA ASN A 277 -8.31 -21.32 -10.74
C ASN A 277 -9.12 -20.88 -9.52
N THR A 278 -8.81 -21.40 -8.34
CA THR A 278 -9.53 -21.00 -7.14
C THR A 278 -9.33 -19.51 -6.85
N THR A 279 -8.15 -18.96 -7.11
CA THR A 279 -7.88 -17.54 -6.92
C THR A 279 -8.75 -16.70 -7.85
N LEU A 280 -8.87 -17.08 -9.12
CA LEU A 280 -9.68 -16.34 -10.08
C LEU A 280 -11.16 -16.43 -9.77
N SER A 281 -11.60 -17.61 -9.35
CA SER A 281 -12.99 -17.82 -9.00
C SER A 281 -13.40 -16.91 -7.84
N HIS A 282 -12.53 -16.78 -6.84
CA HIS A 282 -12.83 -15.92 -5.72
C HIS A 282 -12.86 -14.48 -6.20
N TYR A 283 -11.92 -14.11 -7.06
CA TYR A 283 -11.88 -12.76 -7.59
C TYR A 283 -13.15 -12.45 -8.37
N CYS A 284 -13.63 -13.41 -9.14
CA CYS A 284 -14.82 -13.22 -9.93
C CYS A 284 -16.06 -13.05 -9.06
N ARG A 285 -16.12 -13.78 -7.96
CA ARG A 285 -17.24 -13.65 -7.04
C ARG A 285 -17.22 -12.25 -6.47
N ASP A 286 -16.04 -11.78 -6.08
CA ASP A 286 -15.89 -10.44 -5.50
C ASP A 286 -16.10 -9.27 -6.43
N ASN A 287 -15.96 -9.48 -7.73
CA ASN A 287 -16.10 -8.41 -8.70
C ASN A 287 -17.18 -8.54 -9.74
N GLY A 288 -18.10 -9.47 -9.54
CA GLY A 288 -19.21 -9.64 -10.45
C GLY A 288 -18.94 -10.17 -11.84
N LEU A 289 -17.85 -10.90 -12.02
CA LEU A 289 -17.53 -11.41 -13.35
C LEU A 289 -17.95 -12.85 -13.49
N LEU A 290 -18.55 -13.21 -14.61
CA LEU A 290 -18.95 -14.59 -14.86
C LEU A 290 -17.67 -15.28 -15.30
N LEU A 291 -17.48 -16.54 -14.91
CA LEU A 291 -16.28 -17.27 -15.27
C LEU A 291 -16.55 -18.51 -16.13
N HIS A 292 -16.05 -18.52 -17.37
CA HIS A 292 -16.20 -19.64 -18.29
C HIS A 292 -14.98 -20.55 -18.17
N ILE A 293 -15.17 -21.85 -18.00
CA ILE A 293 -14.03 -22.75 -17.85
C ILE A 293 -13.79 -23.71 -19.02
N HIS A 294 -12.55 -23.85 -19.46
CA HIS A 294 -12.16 -24.74 -20.55
C HIS A 294 -11.47 -25.93 -19.95
N ARG A 295 -11.69 -27.10 -20.52
CA ARG A 295 -11.06 -28.29 -19.97
C ARG A 295 -9.87 -28.75 -20.79
N ALA A 296 -9.19 -27.82 -21.44
CA ALA A 296 -8.03 -28.13 -22.25
C ALA A 296 -7.16 -29.08 -21.47
N MET A 297 -6.71 -30.14 -22.14
CA MET A 297 -5.85 -31.18 -21.58
C MET A 297 -6.59 -32.30 -20.86
N HIS A 298 -7.91 -32.26 -20.80
CA HIS A 298 -8.61 -33.31 -20.08
C HIS A 298 -8.50 -34.67 -20.72
N ALA A 299 -8.54 -34.78 -22.04
CA ALA A 299 -8.49 -36.08 -22.67
C ALA A 299 -7.17 -36.81 -22.54
N VAL A 300 -6.15 -36.12 -22.06
CA VAL A 300 -4.87 -36.74 -21.84
C VAL A 300 -5.00 -37.60 -20.59
N ILE A 301 -5.99 -37.29 -19.76
CA ILE A 301 -6.21 -37.97 -18.48
C ILE A 301 -7.44 -38.86 -18.46
N ASP A 302 -8.49 -38.46 -19.17
CA ASP A 302 -9.74 -39.20 -19.12
C ASP A 302 -10.25 -40.02 -20.27
N ARG A 303 -9.48 -40.16 -21.34
CA ARG A 303 -9.96 -40.88 -22.52
C ARG A 303 -10.10 -42.41 -22.40
N GLN A 304 -9.04 -43.05 -21.93
CA GLN A 304 -8.98 -44.49 -21.85
C GLN A 304 -9.70 -45.06 -20.64
N LYS A 305 -10.38 -46.17 -20.85
CA LYS A 305 -11.14 -46.79 -19.80
C LYS A 305 -10.34 -47.53 -18.77
N ASN A 306 -9.08 -47.84 -19.03
CA ASN A 306 -8.33 -48.60 -18.04
C ASN A 306 -7.41 -47.83 -17.14
N HIS A 307 -7.04 -46.60 -17.49
CA HIS A 307 -6.11 -45.80 -16.67
C HIS A 307 -6.43 -44.32 -16.77
N GLY A 308 -6.38 -43.60 -15.65
CA GLY A 308 -6.67 -42.18 -15.67
C GLY A 308 -7.68 -41.79 -14.62
N MET A 309 -8.47 -40.76 -14.90
CA MET A 309 -9.50 -40.27 -14.00
C MET A 309 -10.61 -39.93 -14.95
N HIS A 310 -11.83 -40.32 -14.62
CA HIS A 310 -12.92 -40.01 -15.51
C HIS A 310 -13.28 -38.55 -15.44
N PHE A 311 -13.88 -38.03 -16.50
CA PHE A 311 -14.26 -36.64 -16.49
C PHE A 311 -15.21 -36.25 -15.38
N ARG A 312 -16.07 -37.15 -14.93
CA ARG A 312 -17.02 -36.77 -13.87
C ARG A 312 -16.31 -36.33 -12.60
N VAL A 313 -15.12 -36.86 -12.36
CA VAL A 313 -14.36 -36.50 -11.18
C VAL A 313 -13.79 -35.09 -11.37
N LEU A 314 -13.33 -34.80 -12.59
CA LEU A 314 -12.76 -33.50 -12.90
C LEU A 314 -13.89 -32.46 -12.96
N ALA A 315 -15.12 -32.88 -13.24
CA ALA A 315 -16.25 -31.96 -13.29
C ALA A 315 -16.67 -31.59 -11.87
N LYS A 316 -16.62 -32.57 -10.97
CA LYS A 316 -16.97 -32.31 -9.58
C LYS A 316 -15.94 -31.36 -8.99
N ALA A 317 -14.67 -31.61 -9.26
CA ALA A 317 -13.58 -30.76 -8.77
C ALA A 317 -13.72 -29.29 -9.22
N LEU A 318 -14.23 -29.06 -10.42
CA LEU A 318 -14.44 -27.72 -10.94
C LEU A 318 -15.63 -27.06 -10.27
N ARG A 319 -16.72 -27.77 -10.03
CA ARG A 319 -17.85 -27.16 -9.38
C ARG A 319 -17.45 -26.66 -7.97
N LEU A 320 -16.51 -27.35 -7.35
CA LEU A 320 -16.02 -26.97 -6.02
C LEU A 320 -15.05 -25.78 -6.10
N SER A 321 -14.01 -25.88 -6.92
CA SER A 321 -13.04 -24.81 -7.10
C SER A 321 -13.74 -23.58 -7.63
N GLY A 322 -14.58 -23.73 -8.65
CA GLY A 322 -15.34 -22.61 -9.14
C GLY A 322 -15.34 -22.27 -10.61
N GLY A 323 -16.53 -22.16 -11.18
CA GLY A 323 -16.67 -21.81 -12.57
C GLY A 323 -18.14 -21.69 -12.86
N ASP A 324 -18.52 -20.79 -13.74
CA ASP A 324 -19.93 -20.64 -14.09
C ASP A 324 -20.36 -21.46 -15.30
N HIS A 325 -19.42 -21.77 -16.18
CA HIS A 325 -19.64 -22.60 -17.38
C HIS A 325 -18.52 -23.60 -17.36
N ILE A 326 -18.71 -24.77 -17.96
CA ILE A 326 -17.63 -25.74 -18.13
C ILE A 326 -17.91 -26.52 -19.39
N HIS A 327 -16.91 -26.70 -20.23
CA HIS A 327 -17.08 -27.47 -21.45
C HIS A 327 -17.43 -28.89 -21.07
N SER A 328 -18.45 -29.48 -21.69
CA SER A 328 -18.83 -30.82 -21.30
C SER A 328 -18.99 -31.79 -22.45
N GLY A 329 -18.59 -31.39 -23.65
CA GLY A 329 -18.71 -32.27 -24.80
C GLY A 329 -19.97 -32.03 -25.59
N THR A 330 -20.07 -32.66 -26.75
CA THR A 330 -21.24 -32.50 -27.61
C THR A 330 -21.97 -33.82 -27.87
N VAL A 331 -21.31 -34.95 -27.64
CA VAL A 331 -21.87 -36.28 -27.92
C VAL A 331 -21.83 -36.51 -29.44
N VAL A 332 -22.52 -35.64 -30.19
CA VAL A 332 -22.59 -35.74 -31.65
C VAL A 332 -21.50 -35.06 -32.48
N GLY A 333 -20.55 -34.39 -31.85
CA GLY A 333 -19.53 -33.66 -32.60
C GLY A 333 -18.21 -34.35 -32.86
N LYS A 334 -17.16 -33.56 -33.07
CA LYS A 334 -15.86 -34.13 -33.41
C LYS A 334 -15.03 -34.76 -32.31
N LEU A 335 -15.42 -34.57 -31.04
CA LEU A 335 -14.63 -35.10 -29.92
C LEU A 335 -15.46 -36.09 -29.13
N GLU A 336 -14.78 -37.08 -28.55
CA GLU A 336 -15.48 -38.12 -27.81
C GLU A 336 -16.42 -37.68 -26.70
N GLY A 337 -17.52 -38.43 -26.54
CA GLY A 337 -18.50 -38.17 -25.51
C GLY A 337 -19.75 -39.01 -25.72
N GLU A 338 -19.93 -40.09 -24.96
CA GLU A 338 -21.12 -40.95 -25.08
C GLU A 338 -22.34 -40.33 -24.40
N ARG A 339 -23.52 -40.54 -24.98
CA ARG A 339 -24.71 -39.93 -24.44
C ARG A 339 -25.07 -40.17 -22.98
N ASP A 340 -25.13 -41.42 -22.57
CA ASP A 340 -25.50 -41.74 -21.17
C ASP A 340 -24.51 -41.24 -20.14
N ILE A 341 -23.23 -41.47 -20.38
CA ILE A 341 -22.23 -41.03 -19.44
C ILE A 341 -22.23 -39.50 -19.38
N THR A 342 -22.47 -38.86 -20.51
CA THR A 342 -22.53 -37.41 -20.57
C THR A 342 -23.71 -36.92 -19.80
N LEU A 343 -24.89 -37.46 -20.04
CA LEU A 343 -26.05 -36.99 -19.27
C LEU A 343 -25.81 -37.20 -17.80
N GLY A 344 -24.97 -38.18 -17.46
CA GLY A 344 -24.70 -38.45 -16.06
C GLY A 344 -23.91 -37.35 -15.40
N PHE A 345 -22.80 -36.92 -15.99
CA PHE A 345 -22.05 -35.84 -15.37
C PHE A 345 -22.67 -34.46 -15.62
N VAL A 346 -23.57 -34.32 -16.59
CA VAL A 346 -24.23 -33.04 -16.78
C VAL A 346 -25.14 -32.84 -15.57
N ASP A 347 -25.74 -33.92 -15.06
CA ASP A 347 -26.61 -33.85 -13.88
C ASP A 347 -25.78 -33.53 -12.65
N LEU A 348 -24.60 -34.10 -12.55
CA LEU A 348 -23.75 -33.83 -11.40
C LEU A 348 -23.28 -32.37 -11.38
N LEU A 349 -23.25 -31.73 -12.54
CA LEU A 349 -22.84 -30.34 -12.67
C LEU A 349 -23.97 -29.35 -12.39
N ARG A 350 -25.19 -29.64 -12.81
CA ARG A 350 -26.31 -28.73 -12.63
C ARG A 350 -27.25 -28.90 -11.44
N ASP A 351 -27.45 -30.13 -10.99
CA ASP A 351 -28.40 -30.41 -9.93
C ASP A 351 -27.89 -30.38 -8.50
N ASP A 352 -28.82 -30.36 -7.55
CA ASP A 352 -28.47 -30.33 -6.15
C ASP A 352 -28.31 -31.68 -5.53
N TYR A 353 -28.82 -32.71 -6.19
CA TYR A 353 -28.77 -34.07 -5.68
C TYR A 353 -28.88 -35.02 -6.86
N THR A 354 -27.99 -36.00 -6.92
CA THR A 354 -27.99 -36.99 -7.99
C THR A 354 -27.80 -38.33 -7.32
N GLU A 355 -28.71 -39.24 -7.59
CA GLU A 355 -28.67 -40.55 -7.00
C GLU A 355 -27.80 -41.51 -7.75
N LYS A 356 -27.19 -42.44 -7.02
CA LYS A 356 -26.33 -43.47 -7.57
C LYS A 356 -27.00 -44.11 -8.77
N ASP A 357 -26.26 -44.38 -9.83
CA ASP A 357 -26.90 -44.96 -11.01
C ASP A 357 -25.83 -45.50 -11.93
N ARG A 358 -25.42 -46.74 -11.73
CA ARG A 358 -24.37 -47.30 -12.56
C ARG A 358 -24.61 -47.32 -14.05
N SER A 359 -25.85 -47.21 -14.51
CA SER A 359 -26.05 -47.24 -15.95
C SER A 359 -25.45 -46.02 -16.62
N ARG A 360 -25.28 -44.95 -15.83
CA ARG A 360 -24.70 -43.71 -16.30
C ARG A 360 -23.32 -43.49 -15.73
N GLY A 361 -22.78 -44.48 -15.04
CA GLY A 361 -21.45 -44.34 -14.49
C GLY A 361 -21.36 -43.55 -13.20
N ILE A 362 -22.47 -43.34 -12.52
CA ILE A 362 -22.47 -42.60 -11.27
C ILE A 362 -22.41 -43.62 -10.14
N TYR A 363 -21.26 -43.76 -9.52
CA TYR A 363 -21.08 -44.72 -8.47
C TYR A 363 -21.59 -44.37 -7.08
N PHE A 364 -21.76 -43.09 -6.78
CA PHE A 364 -22.17 -42.70 -5.44
C PHE A 364 -23.25 -41.66 -5.52
N THR A 365 -24.09 -41.57 -4.51
CA THR A 365 -25.12 -40.55 -4.50
C THR A 365 -24.40 -39.27 -4.05
N GLN A 366 -24.66 -38.16 -4.73
CA GLN A 366 -24.00 -36.89 -4.41
C GLN A 366 -24.97 -35.77 -4.10
N SER A 367 -24.75 -35.07 -2.99
CA SER A 367 -25.56 -33.92 -2.60
C SER A 367 -24.66 -32.70 -2.66
N TRP A 368 -25.23 -31.54 -2.99
CA TRP A 368 -24.43 -30.32 -3.10
C TRP A 368 -24.73 -29.19 -2.12
N VAL A 369 -25.66 -29.43 -1.18
CA VAL A 369 -26.05 -28.42 -0.20
C VAL A 369 -26.12 -27.01 -0.73
N SER A 370 -26.84 -26.86 -1.83
CA SER A 370 -27.03 -25.59 -2.48
C SER A 370 -25.86 -24.88 -3.15
N THR A 371 -24.77 -25.60 -3.40
CA THR A 371 -23.65 -25.04 -4.13
C THR A 371 -24.30 -24.79 -5.49
N PRO A 372 -24.19 -23.58 -6.06
CA PRO A 372 -24.83 -23.32 -7.36
C PRO A 372 -24.43 -24.28 -8.47
N GLY A 373 -25.26 -24.40 -9.48
CA GLY A 373 -24.97 -25.28 -10.59
C GLY A 373 -24.12 -24.62 -11.67
N VAL A 374 -23.42 -25.43 -12.44
CA VAL A 374 -22.57 -24.95 -13.50
C VAL A 374 -23.24 -25.20 -14.84
N LEU A 375 -23.16 -24.24 -15.76
CA LEU A 375 -23.80 -24.39 -17.05
C LEU A 375 -22.89 -25.23 -17.98
N PRO A 376 -23.38 -26.37 -18.53
CA PRO A 376 -22.52 -27.17 -19.41
C PRO A 376 -22.45 -26.53 -20.79
N VAL A 377 -21.28 -26.57 -21.43
CA VAL A 377 -21.08 -25.96 -22.75
C VAL A 377 -20.77 -27.01 -23.80
N ALA A 378 -21.63 -27.13 -24.81
CA ALA A 378 -21.43 -28.09 -25.87
C ALA A 378 -20.68 -27.36 -26.96
N SER A 379 -19.49 -27.81 -27.33
CA SER A 379 -18.71 -27.11 -28.34
C SER A 379 -17.79 -28.07 -29.03
N GLY A 380 -17.63 -27.94 -30.35
CA GLY A 380 -16.72 -28.82 -31.05
C GLY A 380 -17.22 -29.59 -32.27
N GLY A 381 -17.21 -28.98 -33.43
CA GLY A 381 -17.65 -29.70 -34.61
C GLY A 381 -19.14 -29.82 -34.78
N ILE A 382 -19.91 -28.92 -34.19
CA ILE A 382 -21.36 -29.00 -34.34
C ILE A 382 -21.87 -27.96 -35.34
N HIS A 383 -23.03 -28.21 -35.95
CA HIS A 383 -23.60 -27.30 -36.92
C HIS A 383 -25.12 -27.34 -36.88
N VAL A 384 -25.78 -26.48 -37.67
CA VAL A 384 -27.23 -26.37 -37.67
C VAL A 384 -28.04 -27.66 -37.68
N TRP A 385 -27.60 -28.69 -38.38
CA TRP A 385 -28.36 -29.94 -38.38
C TRP A 385 -28.31 -30.66 -37.03
N HIS A 386 -27.32 -30.32 -36.18
CA HIS A 386 -27.22 -30.97 -34.88
C HIS A 386 -28.12 -30.28 -33.86
N MET A 387 -28.65 -29.12 -34.21
CA MET A 387 -29.45 -28.35 -33.26
C MET A 387 -30.56 -29.12 -32.56
N PRO A 388 -31.34 -29.93 -33.28
CA PRO A 388 -32.38 -30.62 -32.52
C PRO A 388 -31.84 -31.62 -31.50
N ALA A 389 -30.77 -32.32 -31.86
CA ALA A 389 -30.20 -33.30 -30.93
C ALA A 389 -29.64 -32.60 -29.71
N LEU A 390 -28.97 -31.48 -29.92
CA LEU A 390 -28.36 -30.71 -28.84
C LEU A 390 -29.43 -30.16 -27.91
N THR A 391 -30.49 -29.58 -28.44
CA THR A 391 -31.53 -29.04 -27.58
C THR A 391 -32.20 -30.14 -26.80
N GLU A 392 -32.24 -31.33 -27.37
CA GLU A 392 -32.89 -32.49 -26.73
C GLU A 392 -32.00 -33.12 -25.66
N ILE A 393 -30.72 -33.29 -25.92
CA ILE A 393 -29.85 -33.88 -24.92
C ILE A 393 -29.61 -32.95 -23.73
N PHE A 394 -29.32 -31.68 -23.99
CA PHE A 394 -29.01 -30.71 -22.93
C PHE A 394 -30.12 -29.88 -22.33
N GLY A 395 -31.14 -29.51 -23.09
CA GLY A 395 -32.20 -28.73 -22.50
C GLY A 395 -31.86 -27.27 -22.50
N ASP A 396 -32.69 -26.47 -21.86
CA ASP A 396 -32.47 -25.05 -21.81
C ASP A 396 -31.20 -24.62 -21.11
N ASP A 397 -30.80 -25.31 -20.05
CA ASP A 397 -29.62 -24.86 -19.33
C ASP A 397 -28.31 -25.36 -19.86
N SER A 398 -27.87 -24.74 -20.95
CA SER A 398 -26.61 -25.09 -21.58
C SER A 398 -26.19 -23.93 -22.49
N VAL A 399 -24.95 -23.96 -22.94
CA VAL A 399 -24.45 -22.97 -23.88
C VAL A 399 -23.98 -23.81 -25.05
N LEU A 400 -24.50 -23.54 -26.25
CA LEU A 400 -24.11 -24.28 -27.44
C LEU A 400 -23.19 -23.38 -28.25
N GLN A 401 -21.96 -23.83 -28.52
CA GLN A 401 -20.99 -23.01 -29.26
C GLN A 401 -20.63 -23.51 -30.64
N PHE A 402 -20.61 -22.59 -31.59
CA PHE A 402 -20.33 -22.91 -32.96
C PHE A 402 -19.22 -22.03 -33.51
N GLY A 403 -18.01 -22.55 -33.54
CA GLY A 403 -16.89 -21.78 -34.09
C GLY A 403 -16.83 -21.91 -35.59
N GLY A 404 -16.43 -23.07 -36.08
CA GLY A 404 -16.39 -23.26 -37.52
C GLY A 404 -17.80 -23.13 -38.06
N GLY A 405 -18.79 -23.51 -37.25
CA GLY A 405 -20.19 -23.43 -37.64
C GLY A 405 -20.77 -22.05 -37.83
N THR A 406 -19.99 -21.01 -37.54
CA THR A 406 -20.47 -19.66 -37.73
C THR A 406 -19.54 -19.01 -38.72
N LEU A 407 -18.23 -19.09 -38.45
CA LEU A 407 -17.27 -18.50 -39.36
C LEU A 407 -17.09 -19.26 -40.67
N GLY A 408 -17.75 -20.40 -40.78
CA GLY A 408 -17.67 -21.18 -42.01
C GLY A 408 -18.91 -20.98 -42.87
N HIS A 409 -19.86 -20.16 -42.43
CA HIS A 409 -21.07 -19.95 -43.23
C HIS A 409 -20.62 -19.24 -44.50
N PRO A 410 -21.21 -19.57 -45.65
CA PRO A 410 -20.82 -18.93 -46.91
C PRO A 410 -20.97 -17.42 -47.03
N TRP A 411 -21.89 -16.83 -46.28
CA TRP A 411 -22.12 -15.38 -46.34
C TRP A 411 -21.44 -14.52 -45.27
N GLY A 412 -20.63 -15.14 -44.42
CA GLY A 412 -19.95 -14.40 -43.38
C GLY A 412 -20.48 -14.65 -41.98
N ASN A 413 -19.99 -13.89 -41.01
CA ASN A 413 -20.37 -14.05 -39.61
C ASN A 413 -21.77 -13.68 -39.19
N ALA A 414 -22.24 -12.50 -39.58
CA ALA A 414 -23.59 -12.09 -39.18
C ALA A 414 -24.61 -13.10 -39.69
N PRO A 415 -24.60 -13.41 -41.00
CA PRO A 415 -25.56 -14.39 -41.49
C PRO A 415 -25.32 -15.75 -40.84
N GLY A 416 -24.08 -16.04 -40.49
CA GLY A 416 -23.77 -17.31 -39.86
C GLY A 416 -24.40 -17.41 -38.50
N ALA A 417 -24.45 -16.29 -37.79
CA ALA A 417 -25.03 -16.24 -36.46
C ALA A 417 -26.53 -16.38 -36.58
N VAL A 418 -27.13 -15.65 -37.52
CA VAL A 418 -28.58 -15.73 -37.72
C VAL A 418 -29.01 -17.16 -37.96
N ALA A 419 -28.22 -17.87 -38.75
CA ALA A 419 -28.51 -19.27 -39.05
C ALA A 419 -28.64 -20.06 -37.77
N ASN A 420 -27.65 -19.96 -36.88
CA ASN A 420 -27.70 -20.71 -35.62
C ASN A 420 -28.80 -20.25 -34.65
N ARG A 421 -29.04 -18.94 -34.58
CA ARG A 421 -30.07 -18.41 -33.70
C ARG A 421 -31.45 -18.83 -34.22
N VAL A 422 -31.67 -18.81 -35.54
CA VAL A 422 -32.96 -19.24 -36.11
C VAL A 422 -33.17 -20.76 -35.93
N ALA A 423 -32.15 -21.55 -36.23
CA ALA A 423 -32.27 -23.00 -36.04
C ALA A 423 -32.65 -23.34 -34.60
N LEU A 424 -32.05 -22.67 -33.62
CA LEU A 424 -32.34 -22.91 -32.20
C LEU A 424 -33.73 -22.45 -31.77
N GLU A 425 -34.13 -21.25 -32.12
CA GLU A 425 -35.45 -20.82 -31.72
C GLU A 425 -36.51 -21.71 -32.39
N ALA A 426 -36.21 -22.25 -33.58
CA ALA A 426 -37.15 -23.14 -34.27
C ALA A 426 -37.36 -24.42 -33.45
N CYS A 427 -36.27 -24.97 -32.92
CA CYS A 427 -36.33 -26.16 -32.10
C CYS A 427 -37.03 -25.91 -30.78
N VAL A 428 -36.77 -24.76 -30.16
CA VAL A 428 -37.39 -24.39 -28.90
C VAL A 428 -38.88 -24.26 -29.14
N GLN A 429 -39.29 -23.52 -30.17
CA GLN A 429 -40.72 -23.38 -30.43
C GLN A 429 -41.37 -24.77 -30.67
N ALA A 430 -40.77 -25.59 -31.53
CA ALA A 430 -41.30 -26.93 -31.83
C ALA A 430 -41.42 -27.77 -30.57
N ARG A 431 -40.36 -27.84 -29.78
CA ARG A 431 -40.39 -28.60 -28.56
C ARG A 431 -41.51 -28.12 -27.65
N ASN A 432 -41.57 -26.80 -27.45
CA ASN A 432 -42.57 -26.19 -26.58
C ASN A 432 -43.96 -26.48 -27.09
N GLU A 433 -44.09 -26.68 -28.40
CA GLU A 433 -45.40 -26.98 -28.97
C GLU A 433 -45.77 -28.45 -28.85
N GLY A 434 -44.85 -29.29 -28.41
CA GLY A 434 -45.18 -30.70 -28.26
C GLY A 434 -44.47 -31.62 -29.24
N ARG A 435 -43.81 -31.08 -30.26
CA ARG A 435 -43.15 -31.90 -31.24
C ARG A 435 -42.00 -32.65 -30.67
N ASP A 436 -41.68 -33.79 -31.27
CA ASP A 436 -40.60 -34.64 -30.78
C ASP A 436 -39.31 -34.35 -31.55
N LEU A 437 -38.39 -33.62 -30.92
CA LEU A 437 -37.13 -33.24 -31.55
C LEU A 437 -36.32 -34.41 -32.07
N ALA A 438 -36.46 -35.55 -31.42
CA ALA A 438 -35.72 -36.74 -31.86
C ALA A 438 -36.27 -37.24 -33.19
N ARG A 439 -37.58 -37.26 -33.34
CA ARG A 439 -38.13 -37.75 -34.58
C ARG A 439 -38.32 -36.69 -35.61
N GLU A 440 -38.80 -35.52 -35.21
CA GLU A 440 -39.01 -34.43 -36.17
C GLU A 440 -37.84 -33.46 -36.31
N GLY A 441 -36.68 -33.84 -35.80
CA GLY A 441 -35.52 -32.99 -35.89
C GLY A 441 -35.28 -32.39 -37.28
N ASN A 442 -35.07 -33.22 -38.28
CA ASN A 442 -34.82 -32.69 -39.60
C ASN A 442 -35.99 -31.98 -40.25
N THR A 443 -37.21 -32.32 -39.85
CA THR A 443 -38.35 -31.66 -40.45
C THR A 443 -38.40 -30.23 -39.94
N ILE A 444 -38.13 -30.06 -38.64
CA ILE A 444 -38.16 -28.72 -38.05
C ILE A 444 -37.15 -27.78 -38.71
N ILE A 445 -35.93 -28.28 -38.91
CA ILE A 445 -34.87 -27.49 -39.54
C ILE A 445 -35.25 -27.19 -40.99
N ARG A 446 -35.68 -28.21 -41.72
CA ARG A 446 -36.09 -28.08 -43.12
C ARG A 446 -37.22 -27.06 -43.25
N GLU A 447 -38.18 -27.09 -42.33
CA GLU A 447 -39.30 -26.14 -42.39
C GLU A 447 -38.78 -24.73 -42.26
N ALA A 448 -37.81 -24.53 -41.36
CA ALA A 448 -37.26 -23.18 -41.12
C ALA A 448 -36.53 -22.65 -42.35
N THR A 449 -35.88 -23.55 -43.08
CA THR A 449 -35.16 -23.12 -44.28
C THR A 449 -36.12 -22.47 -45.24
N LYS A 450 -37.42 -22.66 -45.08
CA LYS A 450 -38.33 -22.04 -46.05
C LYS A 450 -38.47 -20.55 -45.84
N TRP A 451 -38.17 -20.05 -44.65
CA TRP A 451 -38.34 -18.61 -44.49
C TRP A 451 -37.09 -17.92 -44.01
N SER A 452 -35.99 -18.68 -43.90
CA SER A 452 -34.73 -18.13 -43.48
C SER A 452 -33.65 -18.42 -44.54
N PRO A 453 -33.41 -17.45 -45.44
CA PRO A 453 -32.38 -17.67 -46.47
C PRO A 453 -31.06 -17.95 -45.78
N GLU A 454 -30.83 -17.34 -44.63
CA GLU A 454 -29.58 -17.57 -43.91
C GLU A 454 -29.44 -19.01 -43.46
N LEU A 455 -30.50 -19.57 -42.86
CA LEU A 455 -30.44 -20.95 -42.40
C LEU A 455 -30.25 -21.87 -43.60
N ALA A 456 -31.01 -21.57 -44.64
CA ALA A 456 -30.98 -22.35 -45.87
C ALA A 456 -29.58 -22.57 -46.42
N ALA A 457 -28.80 -21.50 -46.53
CA ALA A 457 -27.46 -21.62 -47.08
C ALA A 457 -26.56 -22.47 -46.20
N ALA A 458 -26.77 -22.41 -44.89
CA ALA A 458 -25.93 -23.20 -43.99
C ALA A 458 -26.30 -24.64 -44.12
N CYS A 459 -27.60 -24.92 -44.27
CA CYS A 459 -28.03 -26.31 -44.40
C CYS A 459 -27.34 -26.99 -45.58
N GLU A 460 -27.26 -26.26 -46.71
CA GLU A 460 -26.62 -26.77 -47.92
C GLU A 460 -25.19 -27.16 -47.62
N VAL A 461 -24.43 -26.29 -46.98
CA VAL A 461 -23.02 -26.60 -46.73
C VAL A 461 -22.69 -27.83 -45.88
N TRP A 462 -23.46 -28.06 -44.81
CA TRP A 462 -23.15 -29.15 -43.88
C TRP A 462 -24.09 -30.36 -43.86
N LYS A 463 -24.99 -30.40 -44.82
CA LYS A 463 -25.92 -31.50 -44.92
C LYS A 463 -25.29 -32.87 -44.67
N GLU A 464 -24.13 -33.14 -45.24
CA GLU A 464 -23.58 -34.48 -45.05
C GLU A 464 -22.53 -34.68 -43.95
N ILE A 465 -22.34 -33.72 -43.05
CA ILE A 465 -21.29 -33.91 -42.04
C ILE A 465 -21.76 -34.53 -40.75
N LYS A 466 -21.18 -35.68 -40.43
CA LYS A 466 -21.49 -36.44 -39.21
C LYS A 466 -20.16 -36.93 -38.67
N PHE A 467 -20.10 -37.21 -37.38
CA PHE A 467 -18.84 -37.71 -36.80
C PHE A 467 -19.26 -38.94 -36.02
N GLU A 468 -19.02 -40.12 -36.60
CA GLU A 468 -19.43 -41.35 -35.96
C GLU A 468 -18.29 -42.36 -35.93
N PHE A 469 -17.80 -42.66 -34.72
CA PHE A 469 -16.71 -43.64 -34.55
C PHE A 469 -16.97 -44.41 -33.28
N PRO A 470 -16.35 -45.57 -33.12
CA PRO A 470 -16.62 -46.27 -31.86
C PRO A 470 -16.01 -45.46 -30.69
N ALA A 471 -16.64 -45.50 -29.51
CA ALA A 471 -16.14 -44.77 -28.34
C ALA A 471 -15.14 -45.60 -27.55
N MET A 472 -14.16 -44.94 -26.91
CA MET A 472 -13.13 -45.63 -26.11
C MET A 472 -13.57 -45.76 -24.65
N ASP A 473 -14.31 -44.76 -24.18
CA ASP A 473 -14.77 -44.70 -22.79
C ASP A 473 -16.29 -44.95 -22.77
N THR A 474 -16.63 -46.15 -22.29
CA THR A 474 -18.02 -46.62 -22.21
C THR A 474 -18.26 -47.09 -20.79
N VAL A 475 -19.54 -47.17 -20.41
CA VAL A 475 -19.89 -47.57 -19.05
C VAL A 475 -19.21 -48.90 -18.68
N MET B 1 -25.67 -13.75 -51.84
CA MET B 1 -25.11 -13.41 -50.50
C MET B 1 -25.92 -12.24 -50.02
N GLN B 2 -26.65 -12.41 -48.94
CA GLN B 2 -27.49 -11.33 -48.41
C GLN B 2 -26.73 -10.66 -47.27
N VAL B 3 -26.89 -9.35 -47.11
CA VAL B 3 -26.19 -8.63 -46.04
C VAL B 3 -27.17 -8.43 -44.90
N TRP B 4 -26.82 -8.86 -43.68
CA TRP B 4 -27.76 -8.72 -42.59
C TRP B 4 -27.96 -7.26 -42.21
N PRO B 5 -29.22 -6.80 -42.17
CA PRO B 5 -29.60 -5.43 -41.84
C PRO B 5 -29.02 -4.88 -40.56
N ILE B 6 -28.92 -3.56 -40.56
CA ILE B 6 -28.35 -2.78 -39.50
C ILE B 6 -29.34 -1.84 -38.78
N LEU B 7 -30.28 -1.27 -39.52
CA LEU B 7 -31.23 -0.32 -38.95
C LEU B 7 -32.55 -0.95 -38.56
N ASN B 8 -33.18 -0.40 -37.53
CA ASN B 8 -34.45 -0.91 -37.08
C ASN B 8 -34.46 -2.40 -36.98
N LEU B 9 -33.45 -3.00 -36.34
CA LEU B 9 -33.44 -4.45 -36.21
C LEU B 9 -33.26 -4.86 -34.74
N LYS B 10 -33.91 -4.14 -33.83
CA LYS B 10 -33.81 -4.47 -32.41
C LYS B 10 -34.46 -5.82 -32.23
N LYS B 11 -33.98 -6.63 -31.30
CA LYS B 11 -34.57 -7.93 -31.08
C LYS B 11 -35.02 -8.04 -29.62
N TYR B 12 -35.76 -9.08 -29.27
CA TYR B 12 -36.30 -9.18 -27.91
C TYR B 12 -36.16 -10.54 -27.22
N GLU B 13 -34.98 -11.10 -27.32
CA GLU B 13 -34.68 -12.38 -26.72
C GLU B 13 -35.47 -13.53 -27.29
N THR B 14 -35.70 -14.57 -26.51
CA THR B 14 -36.34 -15.78 -26.99
C THR B 14 -37.55 -15.68 -27.90
N LEU B 15 -37.44 -16.30 -29.07
CA LEU B 15 -38.48 -16.32 -30.11
C LEU B 15 -38.55 -15.09 -31.01
N SER B 16 -37.79 -14.03 -30.74
CA SER B 16 -37.90 -12.87 -31.63
C SER B 16 -37.18 -12.98 -32.95
N TYR B 17 -36.52 -14.10 -33.22
CA TYR B 17 -35.88 -14.27 -34.52
C TYR B 17 -36.77 -15.07 -35.47
N LEU B 18 -37.90 -15.53 -34.95
CA LEU B 18 -38.87 -16.31 -35.71
C LEU B 18 -39.93 -15.38 -36.26
N PRO B 19 -40.70 -15.87 -37.24
CA PRO B 19 -41.74 -15.00 -37.79
C PRO B 19 -42.69 -14.67 -36.63
N PRO B 20 -43.41 -13.56 -36.72
CA PRO B 20 -44.35 -13.16 -35.67
C PRO B 20 -45.25 -14.31 -35.28
N LEU B 21 -45.55 -14.40 -33.99
CA LEU B 21 -46.40 -15.46 -33.49
C LEU B 21 -47.85 -15.21 -33.84
N THR B 22 -48.54 -16.22 -34.37
CA THR B 22 -49.96 -16.03 -34.64
C THR B 22 -50.57 -16.23 -33.25
N THR B 23 -51.87 -15.99 -33.11
CA THR B 23 -52.47 -16.15 -31.80
C THR B 23 -52.51 -17.61 -31.39
N ASP B 24 -52.46 -18.53 -32.34
CA ASP B 24 -52.46 -19.93 -31.94
C ASP B 24 -51.11 -20.24 -31.34
N GLN B 25 -50.06 -19.76 -32.00
CA GLN B 25 -48.71 -20.02 -31.52
C GLN B 25 -48.56 -19.44 -30.14
N LEU B 26 -49.04 -18.21 -29.94
CA LEU B 26 -48.92 -17.58 -28.65
C LEU B 26 -49.60 -18.46 -27.62
N ALA B 27 -50.86 -18.81 -27.87
CA ALA B 27 -51.58 -19.67 -26.96
C ALA B 27 -50.83 -20.94 -26.65
N ARG B 28 -50.13 -21.48 -27.63
CA ARG B 28 -49.39 -22.71 -27.38
C ARG B 28 -48.25 -22.55 -26.40
N GLN B 29 -47.57 -21.40 -26.41
CA GLN B 29 -46.46 -21.16 -25.46
C GLN B 29 -47.04 -21.02 -24.04
N VAL B 30 -48.20 -20.39 -23.92
CA VAL B 30 -48.80 -20.26 -22.59
C VAL B 30 -49.21 -21.65 -22.11
N ASP B 31 -49.63 -22.53 -23.01
CA ASP B 31 -49.98 -23.89 -22.58
C ASP B 31 -48.76 -24.59 -22.05
N TYR B 32 -47.65 -24.42 -22.75
CA TYR B 32 -46.39 -25.03 -22.35
C TYR B 32 -46.03 -24.54 -20.96
N LEU B 33 -46.20 -23.25 -20.73
CA LEU B 33 -45.91 -22.63 -19.47
C LEU B 33 -46.76 -23.31 -18.38
N LEU B 34 -48.08 -23.33 -18.58
CA LEU B 34 -48.96 -23.95 -17.59
C LEU B 34 -48.75 -25.45 -17.42
N ASN B 35 -48.50 -26.17 -18.52
CA ASN B 35 -48.30 -27.61 -18.39
C ASN B 35 -47.13 -27.91 -17.54
N ASN B 36 -46.16 -27.02 -17.47
CA ASN B 36 -44.98 -27.31 -16.65
C ASN B 36 -45.18 -26.87 -15.24
N LYS B 37 -46.34 -26.32 -14.96
CA LYS B 37 -46.66 -25.87 -13.61
C LYS B 37 -45.90 -24.63 -13.16
N TRP B 38 -45.55 -23.76 -14.11
CA TRP B 38 -44.83 -22.53 -13.79
C TRP B 38 -45.91 -21.46 -13.65
N VAL B 39 -45.63 -20.41 -12.89
CA VAL B 39 -46.58 -19.32 -12.64
C VAL B 39 -46.45 -18.23 -13.67
N PRO B 40 -47.53 -17.89 -14.38
CA PRO B 40 -47.32 -16.83 -15.36
C PRO B 40 -47.42 -15.46 -14.75
N CYS B 41 -46.95 -14.45 -15.46
CA CYS B 41 -46.98 -13.07 -14.98
C CYS B 41 -46.71 -12.22 -16.21
N LEU B 42 -47.22 -11.01 -16.25
CA LEU B 42 -47.01 -10.12 -17.37
C LEU B 42 -46.23 -8.91 -16.89
N GLU B 43 -45.40 -8.32 -17.75
CA GLU B 43 -44.61 -7.14 -17.39
C GLU B 43 -44.73 -6.18 -18.56
N PHE B 44 -44.70 -4.88 -18.32
CA PHE B 44 -44.82 -3.92 -19.41
C PHE B 44 -43.84 -2.79 -19.20
N GLU B 45 -43.49 -2.07 -20.26
CA GLU B 45 -42.54 -0.98 -20.17
C GLU B 45 -42.84 -0.02 -21.31
N THR B 46 -42.90 1.27 -20.98
CA THR B 46 -43.19 2.30 -21.98
C THR B 46 -41.95 3.14 -22.30
N ASP B 47 -41.14 3.43 -21.28
CA ASP B 47 -39.97 4.26 -21.49
C ASP B 47 -38.71 3.67 -22.06
N HIS B 48 -38.16 2.63 -21.44
CA HIS B 48 -36.91 2.04 -21.94
C HIS B 48 -37.09 0.61 -22.38
N GLY B 49 -37.47 0.42 -23.64
CA GLY B 49 -37.68 -0.93 -24.13
C GLY B 49 -36.40 -1.74 -24.20
N PHE B 50 -35.24 -1.09 -24.11
CA PHE B 50 -34.00 -1.85 -24.22
C PHE B 50 -33.02 -1.51 -23.14
N VAL B 51 -32.15 -2.48 -22.89
CA VAL B 51 -31.11 -2.37 -21.88
C VAL B 51 -30.18 -1.17 -22.17
N TYR B 52 -29.69 -0.52 -21.14
CA TYR B 52 -28.78 0.62 -21.33
C TYR B 52 -27.97 0.78 -20.05
N ARG B 53 -27.02 1.71 -20.02
CA ARG B 53 -26.21 1.89 -18.82
C ARG B 53 -26.16 3.33 -18.41
N GLU B 54 -26.96 3.72 -17.45
CA GLU B 54 -26.92 5.09 -17.04
C GLU B 54 -26.33 5.29 -15.67
N HIS B 55 -26.60 4.37 -14.74
CA HIS B 55 -26.13 4.57 -13.36
C HIS B 55 -24.89 3.85 -12.91
N HIS B 56 -24.36 2.95 -13.73
CA HIS B 56 -23.17 2.26 -13.31
C HIS B 56 -22.62 1.52 -14.50
N ASN B 57 -21.33 1.18 -14.47
CA ASN B 57 -20.70 0.45 -15.57
C ASN B 57 -19.89 -0.73 -15.08
N SER B 58 -20.08 -1.16 -13.84
CA SER B 58 -19.29 -2.28 -13.33
C SER B 58 -19.80 -3.56 -13.94
N PRO B 59 -19.01 -4.64 -13.91
CA PRO B 59 -19.50 -5.89 -14.49
C PRO B 59 -20.84 -6.39 -13.98
N GLY B 60 -21.70 -6.77 -14.92
CA GLY B 60 -22.99 -7.30 -14.55
C GLY B 60 -24.07 -6.29 -14.28
N TYR B 61 -23.78 -5.00 -14.33
CA TYR B 61 -24.79 -3.99 -14.07
C TYR B 61 -25.31 -3.38 -15.37
N TYR B 62 -26.62 -3.34 -15.53
CA TYR B 62 -27.25 -2.75 -16.71
C TYR B 62 -28.55 -2.17 -16.22
N ASP B 63 -29.00 -1.10 -16.84
CA ASP B 63 -30.27 -0.50 -16.48
C ASP B 63 -31.25 -1.02 -17.53
N GLY B 64 -32.54 -1.03 -17.23
CA GLY B 64 -33.51 -1.48 -18.21
C GLY B 64 -33.88 -2.95 -18.20
N ARG B 65 -33.39 -3.70 -17.23
CA ARG B 65 -33.73 -5.11 -17.11
C ARG B 65 -35.06 -5.30 -16.39
N TYR B 66 -35.35 -4.45 -15.40
CA TYR B 66 -36.59 -4.54 -14.67
C TYR B 66 -37.68 -3.79 -15.43
N TRP B 67 -38.81 -4.44 -15.67
CA TRP B 67 -39.94 -3.77 -16.31
C TRP B 67 -40.95 -3.65 -15.18
N THR B 68 -42.13 -3.11 -15.44
CA THR B 68 -43.07 -3.01 -14.35
C THR B 68 -44.12 -4.12 -14.39
N MET B 69 -44.48 -4.61 -13.22
CA MET B 69 -45.39 -5.73 -13.07
C MET B 69 -46.85 -5.41 -13.33
N TRP B 70 -47.51 -6.24 -14.13
CA TRP B 70 -48.94 -6.04 -14.40
C TRP B 70 -49.69 -6.87 -13.37
N LYS B 71 -50.34 -6.21 -12.42
CA LYS B 71 -51.07 -6.90 -11.37
C LYS B 71 -50.18 -7.75 -10.48
N LEU B 72 -50.32 -9.07 -10.50
CA LEU B 72 -49.51 -9.96 -9.66
C LEU B 72 -49.29 -11.28 -10.38
N PRO B 73 -48.31 -12.09 -9.94
CA PRO B 73 -48.12 -13.36 -10.65
C PRO B 73 -49.43 -14.12 -10.46
N MET B 74 -49.87 -14.88 -11.47
CA MET B 74 -51.15 -15.58 -11.38
C MET B 74 -51.02 -16.94 -10.75
N PHE B 75 -50.71 -16.98 -9.46
CA PHE B 75 -50.54 -18.24 -8.74
C PHE B 75 -51.79 -19.09 -8.88
N GLY B 76 -51.60 -20.40 -9.00
CA GLY B 76 -52.74 -21.30 -9.15
C GLY B 76 -53.49 -21.22 -10.49
N CYS B 77 -53.10 -20.33 -11.40
CA CYS B 77 -53.78 -20.23 -12.68
C CYS B 77 -53.59 -21.56 -13.39
N THR B 78 -54.60 -22.01 -14.14
CA THR B 78 -54.53 -23.28 -14.88
C THR B 78 -55.18 -23.14 -16.24
N ASP B 79 -55.83 -22.01 -16.49
CA ASP B 79 -56.50 -21.81 -17.77
C ASP B 79 -55.80 -20.74 -18.61
N PRO B 80 -55.18 -21.15 -19.71
CA PRO B 80 -54.48 -20.22 -20.60
C PRO B 80 -55.33 -19.06 -21.06
N ALA B 81 -56.64 -19.21 -20.95
CA ALA B 81 -57.51 -18.12 -21.38
C ALA B 81 -57.34 -16.96 -20.41
N GLN B 82 -57.18 -17.31 -19.15
CA GLN B 82 -57.03 -16.31 -18.08
C GLN B 82 -55.82 -15.41 -18.39
N VAL B 83 -54.73 -16.03 -18.83
CA VAL B 83 -53.49 -15.33 -19.15
C VAL B 83 -53.68 -14.43 -20.34
N LEU B 84 -54.23 -14.99 -21.42
CA LEU B 84 -54.47 -14.23 -22.68
C LEU B 84 -55.46 -13.11 -22.46
N ASN B 85 -56.27 -13.28 -21.45
CA ASN B 85 -57.24 -12.29 -21.09
C ASN B 85 -56.52 -11.08 -20.52
N GLU B 86 -55.61 -11.33 -19.58
CA GLU B 86 -54.87 -10.24 -18.98
C GLU B 86 -54.10 -9.52 -20.05
N LEU B 87 -53.54 -10.28 -21.00
CA LEU B 87 -52.77 -9.64 -22.08
C LEU B 87 -53.62 -8.58 -22.77
N GLU B 88 -54.87 -8.94 -23.06
CA GLU B 88 -55.75 -7.99 -23.74
C GLU B 88 -56.04 -6.76 -22.88
N GLU B 89 -56.30 -7.00 -21.60
CA GLU B 89 -56.59 -5.89 -20.69
C GLU B 89 -55.39 -4.95 -20.59
N CYS B 90 -54.19 -5.52 -20.50
CA CYS B 90 -52.96 -4.72 -20.41
C CYS B 90 -52.76 -3.94 -21.71
N LYS B 91 -52.92 -4.61 -22.84
CA LYS B 91 -52.75 -3.95 -24.13
C LYS B 91 -53.63 -2.73 -24.26
N LYS B 92 -54.87 -2.85 -23.81
CA LYS B 92 -55.78 -1.73 -23.97
C LYS B 92 -55.46 -0.59 -23.01
N GLU B 93 -54.85 -0.93 -21.87
CA GLU B 93 -54.50 0.12 -20.93
C GLU B 93 -53.17 0.73 -21.30
N TYR B 94 -52.27 -0.07 -21.89
CA TYR B 94 -50.94 0.41 -22.27
C TYR B 94 -50.60 0.08 -23.71
N PRO B 95 -51.38 0.62 -24.64
CA PRO B 95 -51.16 0.37 -26.07
C PRO B 95 -49.78 0.84 -26.53
N ASN B 96 -49.18 1.70 -25.74
CA ASN B 96 -47.87 2.24 -26.07
C ASN B 96 -46.72 1.49 -25.40
N ALA B 97 -47.00 0.35 -24.80
CA ALA B 97 -45.93 -0.36 -24.11
C ALA B 97 -45.52 -1.67 -24.73
N PHE B 98 -44.31 -2.13 -24.40
CA PHE B 98 -43.87 -3.45 -24.86
C PHE B 98 -44.43 -4.28 -23.71
N ILE B 99 -44.94 -5.47 -23.96
CA ILE B 99 -45.49 -6.29 -22.89
C ILE B 99 -44.91 -7.68 -23.08
N ARG B 100 -44.57 -8.37 -21.99
CA ARG B 100 -44.02 -9.71 -22.14
C ARG B 100 -44.60 -10.63 -21.10
N ILE B 101 -44.59 -11.92 -21.40
CA ILE B 101 -45.14 -12.93 -20.52
C ILE B 101 -43.96 -13.70 -19.98
N ILE B 102 -43.89 -13.90 -18.66
CA ILE B 102 -42.79 -14.64 -18.06
C ILE B 102 -43.42 -15.74 -17.22
N GLY B 103 -42.67 -16.76 -16.85
CA GLY B 103 -43.23 -17.84 -16.05
C GLY B 103 -42.22 -18.27 -15.01
N PHE B 104 -42.60 -18.27 -13.75
CA PHE B 104 -41.69 -18.65 -12.68
C PHE B 104 -41.69 -20.10 -12.29
N ASP B 105 -40.52 -20.61 -11.95
CA ASP B 105 -40.42 -21.96 -11.44
C ASP B 105 -40.07 -21.65 -10.01
N SER B 106 -41.02 -21.70 -9.09
CA SER B 106 -40.73 -21.36 -7.70
C SER B 106 -39.73 -22.28 -7.02
N ASN B 107 -39.63 -23.50 -7.53
CA ASN B 107 -38.71 -24.43 -6.93
C ASN B 107 -37.28 -24.00 -7.12
N ARG B 108 -36.92 -23.63 -8.35
CA ARG B 108 -35.54 -23.19 -8.61
C ARG B 108 -35.43 -21.67 -8.52
N GLU B 109 -36.58 -21.01 -8.47
CA GLU B 109 -36.64 -19.55 -8.43
C GLU B 109 -35.88 -18.98 -9.60
N VAL B 110 -36.27 -19.42 -10.79
CA VAL B 110 -35.68 -18.97 -12.04
C VAL B 110 -36.84 -18.79 -13.00
N GLN B 111 -36.76 -17.84 -13.92
CA GLN B 111 -37.83 -17.66 -14.88
C GLN B 111 -37.55 -18.66 -16.00
N CYS B 112 -38.43 -19.62 -16.21
CA CYS B 112 -38.17 -20.60 -17.25
C CYS B 112 -38.76 -20.26 -18.59
N ILE B 113 -39.40 -19.10 -18.66
CA ILE B 113 -40.05 -18.66 -19.87
C ILE B 113 -40.07 -17.15 -19.85
N SER B 114 -39.84 -16.55 -21.01
CA SER B 114 -39.91 -15.10 -21.14
C SER B 114 -39.95 -14.74 -22.62
N PHE B 115 -41.03 -14.14 -23.09
CA PHE B 115 -41.10 -13.77 -24.51
C PHE B 115 -42.00 -12.58 -24.71
N ILE B 116 -41.66 -11.74 -25.67
CA ILE B 116 -42.43 -10.54 -25.94
C ILE B 116 -43.81 -10.91 -26.49
N ALA B 117 -44.88 -10.33 -25.97
CA ALA B 117 -46.21 -10.68 -26.47
C ALA B 117 -46.90 -9.55 -27.22
N TYR B 118 -46.38 -8.33 -27.11
CA TYR B 118 -46.98 -7.20 -27.79
C TYR B 118 -45.93 -6.07 -27.89
N LYS B 119 -45.93 -5.37 -29.02
CA LYS B 119 -44.97 -4.29 -29.24
C LYS B 119 -45.72 -3.08 -29.77
N PRO B 120 -45.28 -1.86 -29.43
CA PRO B 120 -46.00 -0.69 -29.92
C PRO B 120 -45.68 -0.55 -31.42
N ALA B 121 -46.52 0.20 -32.12
CA ALA B 121 -46.34 0.39 -33.57
C ALA B 121 -45.05 1.13 -33.73
N GLY B 122 -44.42 0.92 -34.88
CA GLY B 122 -43.16 1.57 -35.13
C GLY B 122 -42.11 0.52 -34.82
N TYR B 123 -42.51 -0.52 -34.08
CA TYR B 123 -41.62 -1.62 -33.71
C TYR B 123 -42.17 -2.92 -34.28
N ALA C 9 -2.08 -15.37 -53.87
CA ALA C 9 -2.88 -14.12 -53.59
C ALA C 9 -4.34 -14.52 -53.33
N SER C 10 -4.84 -14.09 -52.16
CA SER C 10 -6.21 -14.37 -51.69
C SER C 10 -6.96 -15.32 -52.60
N VAL C 11 -6.63 -16.61 -52.56
CA VAL C 11 -7.42 -17.53 -53.39
C VAL C 11 -8.84 -17.31 -52.80
N GLY C 12 -9.89 -17.57 -53.58
CA GLY C 12 -11.24 -17.38 -53.02
C GLY C 12 -11.54 -18.17 -51.76
N PHE C 13 -12.70 -17.90 -51.15
CA PHE C 13 -13.17 -18.59 -49.94
C PHE C 13 -14.28 -19.51 -50.45
N LYS C 14 -14.26 -20.75 -50.02
CA LYS C 14 -15.25 -21.70 -50.45
C LYS C 14 -15.62 -22.45 -49.19
N ALA C 15 -16.85 -22.26 -48.73
CA ALA C 15 -17.30 -22.91 -47.51
C ALA C 15 -17.27 -24.42 -47.66
N GLY C 16 -17.26 -25.16 -46.56
CA GLY C 16 -17.28 -26.59 -46.69
C GLY C 16 -16.12 -27.23 -45.97
N VAL C 17 -16.26 -28.50 -45.62
CA VAL C 17 -15.20 -29.17 -44.92
C VAL C 17 -14.29 -29.89 -45.90
N LYS C 18 -12.98 -29.83 -45.67
CA LYS C 18 -12.07 -30.54 -46.52
C LYS C 18 -11.03 -31.21 -45.67
N ASP C 19 -10.30 -32.16 -46.23
CA ASP C 19 -9.31 -32.92 -45.47
C ASP C 19 -8.26 -32.06 -44.84
N TYR C 20 -7.86 -32.40 -43.63
CA TYR C 20 -6.83 -31.65 -42.94
C TYR C 20 -5.52 -31.81 -43.68
N LYS C 21 -5.29 -32.96 -44.29
CA LYS C 21 -4.03 -33.19 -44.99
C LYS C 21 -3.72 -32.20 -46.10
N LEU C 22 -4.75 -31.61 -46.69
CA LEU C 22 -4.51 -30.65 -47.76
C LEU C 22 -3.71 -29.46 -47.29
N THR C 23 -3.86 -29.07 -46.03
CA THR C 23 -3.16 -27.89 -45.52
C THR C 23 -2.12 -28.16 -44.44
N TYR C 24 -2.33 -29.22 -43.67
CA TYR C 24 -1.47 -29.53 -42.56
C TYR C 24 -0.50 -30.69 -42.61
N TYR C 25 -0.44 -31.40 -43.73
CA TYR C 25 0.55 -32.49 -43.90
C TYR C 25 1.50 -31.82 -44.88
N THR C 26 2.75 -31.64 -44.45
CA THR C 26 3.73 -30.91 -45.23
C THR C 26 5.06 -31.66 -45.08
N PRO C 27 5.17 -32.82 -45.73
CA PRO C 27 6.37 -33.67 -45.67
C PRO C 27 7.63 -33.08 -46.22
N GLU C 28 7.51 -32.00 -46.97
CA GLU C 28 8.70 -31.38 -47.55
C GLU C 28 9.30 -30.30 -46.65
N TYR C 29 8.58 -29.90 -45.61
CA TYR C 29 9.02 -28.84 -44.70
C TYR C 29 10.34 -29.10 -44.02
N GLU C 30 11.18 -28.06 -43.97
CA GLU C 30 12.48 -28.11 -43.29
C GLU C 30 12.18 -27.32 -42.01
N THR C 31 12.44 -27.90 -40.84
CA THR C 31 12.11 -27.22 -39.61
C THR C 31 13.07 -26.07 -39.38
N LEU C 32 12.58 -24.99 -38.76
CA LEU C 32 13.37 -23.81 -38.45
C LEU C 32 13.94 -23.97 -37.06
N ASP C 33 15.01 -23.26 -36.72
CA ASP C 33 15.59 -23.40 -35.41
C ASP C 33 14.78 -22.74 -34.31
N THR C 34 13.73 -22.02 -34.70
CA THR C 34 12.87 -21.37 -33.73
C THR C 34 11.57 -22.12 -33.54
N ASP C 35 11.36 -23.21 -34.27
CA ASP C 35 10.15 -24.03 -34.19
C ASP C 35 10.12 -24.90 -32.95
N ILE C 36 8.93 -25.11 -32.37
CA ILE C 36 8.78 -26.02 -31.24
C ILE C 36 8.40 -27.28 -32.00
N LEU C 37 9.12 -28.38 -31.81
CA LEU C 37 8.82 -29.63 -32.51
C LEU C 37 8.22 -30.63 -31.55
N ALA C 38 7.29 -31.45 -32.02
CA ALA C 38 6.63 -32.42 -31.18
C ALA C 38 6.63 -33.81 -31.81
N ALA C 39 6.84 -34.83 -31.01
CA ALA C 39 6.80 -36.22 -31.47
C ALA C 39 5.60 -36.90 -30.81
N PHE C 40 4.55 -37.15 -31.59
CA PHE C 40 3.34 -37.80 -31.10
C PHE C 40 3.29 -39.26 -31.53
N ARG C 41 2.88 -40.16 -30.65
CA ARG C 41 2.70 -41.58 -30.99
C ARG C 41 1.20 -41.69 -31.28
N VAL C 42 0.81 -41.72 -32.54
CA VAL C 42 -0.60 -41.76 -32.94
C VAL C 42 -1.14 -43.15 -33.28
N SER C 43 -2.33 -43.49 -32.78
CA SER C 43 -3.02 -44.76 -33.06
C SER C 43 -4.35 -44.36 -33.70
N PRO C 44 -4.44 -44.32 -35.05
CA PRO C 44 -5.71 -43.93 -35.68
C PRO C 44 -6.80 -44.97 -35.63
N GLN C 45 -8.05 -44.51 -35.80
CA GLN C 45 -9.17 -45.44 -35.83
C GLN C 45 -9.08 -46.09 -37.20
N PRO C 46 -9.70 -47.27 -37.35
CA PRO C 46 -9.69 -47.94 -38.64
C PRO C 46 -10.29 -47.02 -39.68
N GLY C 47 -9.67 -46.97 -40.86
CA GLY C 47 -10.23 -46.12 -41.90
C GLY C 47 -9.73 -44.70 -41.96
N VAL C 48 -8.95 -44.28 -40.94
CA VAL C 48 -8.38 -42.95 -40.91
C VAL C 48 -6.91 -43.17 -41.16
N PRO C 49 -6.40 -42.65 -42.27
CA PRO C 49 -4.98 -42.81 -42.62
C PRO C 49 -4.01 -41.96 -41.84
N PRO C 50 -2.79 -42.46 -41.62
CA PRO C 50 -1.77 -41.72 -40.87
C PRO C 50 -1.71 -40.22 -41.21
N GLU C 51 -1.56 -39.89 -42.49
CA GLU C 51 -1.43 -38.50 -42.88
C GLU C 51 -2.55 -37.62 -42.42
N GLU C 52 -3.77 -38.16 -42.42
CA GLU C 52 -4.89 -37.35 -42.00
C GLU C 52 -4.92 -37.29 -40.48
N ALA C 53 -4.60 -38.40 -39.83
CA ALA C 53 -4.58 -38.42 -38.38
C ALA C 53 -3.54 -37.38 -37.95
N GLY C 54 -2.33 -37.46 -38.48
CA GLY C 54 -1.31 -36.48 -38.10
C GLY C 54 -1.68 -35.04 -38.46
N ALA C 55 -2.24 -34.83 -39.63
CA ALA C 55 -2.62 -33.50 -40.05
C ALA C 55 -3.69 -32.97 -39.11
N ALA C 56 -4.56 -33.84 -38.63
CA ALA C 56 -5.63 -33.39 -37.73
C ALA C 56 -5.08 -32.95 -36.37
N VAL C 57 -4.03 -33.62 -35.91
CA VAL C 57 -3.36 -33.27 -34.65
C VAL C 57 -2.69 -31.92 -34.82
N ALA C 58 -1.97 -31.75 -35.92
CA ALA C 58 -1.28 -30.50 -36.19
C ALA C 58 -2.27 -29.37 -36.37
N ALA C 59 -3.43 -29.66 -36.97
CA ALA C 59 -4.42 -28.62 -37.22
C ALA C 59 -5.11 -28.03 -36.00
N GLU C 60 -5.72 -28.88 -35.18
CA GLU C 60 -6.44 -28.42 -34.00
C GLU C 60 -5.51 -27.93 -32.87
N SER C 61 -4.22 -28.22 -32.94
CA SER C 61 -3.35 -27.76 -31.90
C SER C 61 -2.65 -26.46 -32.29
N SER C 62 -3.10 -25.88 -33.40
CA SER C 62 -2.50 -24.64 -33.82
C SER C 62 -3.47 -23.63 -34.39
N THR C 63 -3.81 -23.74 -35.66
CA THR C 63 -4.68 -22.73 -36.25
C THR C 63 -5.97 -23.15 -36.89
N GLY C 64 -6.18 -24.43 -37.12
CA GLY C 64 -7.39 -24.79 -37.84
C GLY C 64 -8.58 -25.37 -37.14
N THR C 65 -9.70 -25.44 -37.84
CA THR C 65 -10.91 -26.03 -37.26
C THR C 65 -11.50 -27.07 -38.22
N TRP C 66 -12.68 -27.60 -37.91
CA TRP C 66 -13.30 -28.65 -38.72
C TRP C 66 -13.88 -28.29 -40.08
N THR C 67 -14.03 -27.01 -40.42
CA THR C 67 -14.60 -26.61 -41.70
C THR C 67 -13.91 -25.34 -42.13
N THR C 68 -13.91 -25.00 -43.42
CA THR C 68 -13.22 -23.79 -43.89
C THR C 68 -13.86 -22.49 -43.41
N VAL C 69 -13.05 -21.59 -42.86
CA VAL C 69 -13.54 -20.31 -42.36
C VAL C 69 -12.96 -19.21 -43.22
N TRP C 70 -13.70 -18.13 -43.48
CA TRP C 70 -13.18 -17.08 -44.32
C TRP C 70 -12.05 -16.24 -43.75
N THR C 71 -11.96 -16.19 -42.43
CA THR C 71 -10.97 -15.36 -41.78
C THR C 71 -9.55 -15.78 -42.04
N ASP C 72 -9.33 -17.01 -42.48
CA ASP C 72 -7.95 -17.43 -42.74
C ASP C 72 -7.30 -16.47 -43.70
N GLY C 73 -8.11 -15.86 -44.55
CA GLY C 73 -7.58 -14.95 -45.54
C GLY C 73 -7.12 -13.61 -45.03
N LEU C 74 -7.47 -13.25 -43.80
CA LEU C 74 -7.04 -11.98 -43.24
C LEU C 74 -5.61 -12.08 -42.76
N THR C 75 -5.07 -13.29 -42.62
CA THR C 75 -3.67 -13.51 -42.19
C THR C 75 -2.91 -14.31 -43.23
N ASN C 76 -1.72 -14.74 -42.84
CA ASN C 76 -0.84 -15.52 -43.67
C ASN C 76 -0.72 -16.82 -42.93
N LEU C 77 -1.66 -17.72 -43.15
CA LEU C 77 -1.68 -18.99 -42.44
C LEU C 77 -0.41 -19.79 -42.62
N ASP C 78 0.24 -19.64 -43.76
CA ASP C 78 1.46 -20.38 -44.00
C ASP C 78 2.48 -20.12 -42.92
N ARG C 79 2.42 -18.95 -42.30
CA ARG C 79 3.42 -18.71 -41.27
C ARG C 79 3.03 -19.05 -39.87
N TYR C 80 1.76 -19.35 -39.63
CA TYR C 80 1.31 -19.68 -38.29
C TYR C 80 0.90 -21.11 -38.09
N LYS C 81 0.50 -21.78 -39.16
CA LYS C 81 0.04 -23.15 -39.04
C LYS C 81 1.05 -24.15 -38.53
N GLY C 82 0.58 -25.08 -37.72
CA GLY C 82 1.44 -26.12 -37.22
C GLY C 82 1.41 -27.12 -38.36
N ARG C 83 2.42 -27.95 -38.51
CA ARG C 83 2.40 -28.85 -39.63
C ARG C 83 3.06 -30.17 -39.39
N CYS C 84 2.40 -31.23 -39.85
CA CYS C 84 2.91 -32.59 -39.72
C CYS C 84 3.90 -32.76 -40.85
N TYR C 85 5.17 -32.79 -40.51
CA TYR C 85 6.21 -32.87 -41.51
C TYR C 85 6.89 -34.22 -41.67
N HIS C 86 6.52 -35.23 -40.89
CA HIS C 86 7.19 -36.50 -41.05
C HIS C 86 6.41 -37.54 -40.31
N ILE C 87 6.29 -38.73 -40.86
CA ILE C 87 5.54 -39.80 -40.21
C ILE C 87 6.41 -41.02 -40.24
N GLU C 88 6.53 -41.75 -39.15
CA GLU C 88 7.35 -42.94 -39.18
C GLU C 88 6.57 -44.03 -38.49
N PRO C 89 6.38 -45.17 -39.15
CA PRO C 89 5.61 -46.27 -38.54
C PRO C 89 6.35 -46.87 -37.35
N VAL C 90 5.57 -47.32 -36.37
CA VAL C 90 6.12 -47.93 -35.16
C VAL C 90 6.37 -49.43 -35.36
N ALA C 91 7.63 -49.82 -35.16
CA ALA C 91 8.02 -51.19 -35.35
C ALA C 91 7.31 -52.17 -34.46
N GLY C 92 6.74 -53.19 -35.07
CA GLY C 92 6.12 -54.21 -34.24
C GLY C 92 4.73 -53.84 -33.80
N GLU C 93 4.28 -52.67 -34.20
CA GLU C 93 2.94 -52.32 -33.83
C GLU C 93 2.25 -52.17 -35.12
N GLU C 94 0.96 -52.38 -35.05
CA GLU C 94 0.10 -52.31 -36.21
C GLU C 94 -0.72 -51.03 -36.06
N ASN C 95 -0.83 -50.26 -37.14
CA ASN C 95 -1.61 -49.06 -37.02
C ASN C 95 -1.20 -48.09 -35.91
N GLN C 96 0.10 -47.87 -35.74
CA GLN C 96 0.64 -46.93 -34.77
C GLN C 96 1.80 -46.24 -35.46
N TYR C 97 1.87 -44.91 -35.39
CA TYR C 97 2.94 -44.15 -36.05
C TYR C 97 3.48 -43.09 -35.12
N ILE C 98 4.64 -42.54 -35.43
CA ILE C 98 5.20 -41.44 -34.67
C ILE C 98 5.07 -40.31 -35.67
N CYS C 99 4.21 -39.33 -35.44
CA CYS C 99 4.05 -38.19 -36.32
C CYS C 99 4.78 -37.01 -35.69
N TYR C 100 5.59 -36.32 -36.48
CA TYR C 100 6.35 -35.17 -35.99
C TYR C 100 5.63 -33.91 -36.41
N VAL C 101 5.39 -33.00 -35.47
CA VAL C 101 4.71 -31.73 -35.79
C VAL C 101 5.59 -30.55 -35.40
N ALA C 102 5.62 -29.52 -36.24
CA ALA C 102 6.42 -28.32 -35.98
C ALA C 102 5.45 -27.17 -35.77
N TYR C 103 5.71 -26.36 -34.74
CA TYR C 103 4.86 -25.22 -34.41
C TYR C 103 5.76 -24.00 -34.43
N PRO C 104 5.40 -22.96 -35.17
CA PRO C 104 6.20 -21.73 -35.25
C PRO C 104 6.27 -20.98 -33.92
N LEU C 105 7.38 -20.30 -33.68
CA LEU C 105 7.58 -19.59 -32.42
C LEU C 105 6.53 -18.57 -32.06
N ASP C 106 5.87 -17.97 -33.05
CA ASP C 106 4.88 -16.94 -32.79
C ASP C 106 3.59 -17.43 -32.15
N LEU C 107 3.43 -18.72 -31.98
CA LEU C 107 2.21 -19.22 -31.41
C LEU C 107 2.20 -19.26 -29.91
N PHE C 108 3.35 -19.07 -29.29
CA PHE C 108 3.45 -19.19 -27.83
C PHE C 108 3.69 -17.90 -27.05
N GLU C 109 3.09 -17.81 -25.86
CA GLU C 109 3.31 -16.66 -25.03
C GLU C 109 4.63 -16.93 -24.34
N GLU C 110 5.46 -15.90 -24.29
CA GLU C 110 6.78 -15.99 -23.71
C GLU C 110 6.67 -16.34 -22.25
N GLY C 111 7.50 -17.26 -21.77
CA GLY C 111 7.50 -17.60 -20.35
C GLY C 111 6.33 -18.30 -19.70
N SER C 112 5.44 -18.81 -20.52
CA SER C 112 4.24 -19.49 -20.04
C SER C 112 4.13 -20.96 -20.42
N VAL C 113 4.56 -21.86 -19.54
CA VAL C 113 4.43 -23.28 -19.82
C VAL C 113 2.95 -23.60 -19.97
N THR C 114 2.08 -22.86 -19.30
CA THR C 114 0.64 -23.04 -19.39
C THR C 114 0.15 -22.85 -20.81
N ASN C 115 0.68 -21.88 -21.53
CA ASN C 115 0.25 -21.66 -22.89
C ASN C 115 0.82 -22.70 -23.83
N MET C 116 2.06 -23.11 -23.64
CA MET C 116 2.63 -24.13 -24.51
C MET C 116 1.74 -25.37 -24.47
N PHE C 117 1.41 -25.88 -23.29
CA PHE C 117 0.55 -27.05 -23.18
C PHE C 117 -0.86 -26.83 -23.66
N THR C 118 -1.44 -25.66 -23.48
CA THR C 118 -2.80 -25.48 -23.95
C THR C 118 -2.96 -25.67 -25.46
N SER C 119 -1.93 -25.34 -26.23
CA SER C 119 -1.98 -25.55 -27.68
C SER C 119 -1.65 -26.99 -28.08
N ILE C 120 -0.44 -27.43 -27.75
CA ILE C 120 0.03 -28.76 -28.11
C ILE C 120 -0.73 -29.94 -27.54
N VAL C 121 -1.34 -29.77 -26.38
CA VAL C 121 -1.99 -30.88 -25.69
C VAL C 121 -3.45 -30.57 -25.28
N GLY C 122 -3.97 -29.45 -25.76
CA GLY C 122 -5.29 -29.04 -25.39
C GLY C 122 -6.48 -29.86 -25.77
N ASN C 123 -6.66 -30.14 -27.04
CA ASN C 123 -7.83 -30.88 -27.48
C ASN C 123 -7.61 -32.13 -28.30
N VAL C 124 -6.47 -32.24 -28.96
CA VAL C 124 -6.19 -33.37 -29.83
C VAL C 124 -6.31 -34.80 -29.28
N PHE C 125 -6.09 -35.00 -27.99
CA PHE C 125 -6.17 -36.34 -27.44
C PHE C 125 -7.60 -36.85 -27.38
N GLY C 126 -8.58 -36.01 -27.67
CA GLY C 126 -9.95 -36.45 -27.57
C GLY C 126 -10.69 -36.60 -28.88
N PHE C 127 -9.96 -36.46 -30.00
CA PHE C 127 -10.54 -36.58 -31.34
C PHE C 127 -11.22 -37.94 -31.48
N LYS C 128 -12.43 -37.98 -32.06
CA LYS C 128 -13.13 -39.25 -32.27
C LYS C 128 -12.35 -40.12 -33.24
N ALA C 129 -11.65 -39.49 -34.18
CA ALA C 129 -10.88 -40.20 -35.18
C ALA C 129 -9.60 -40.86 -34.74
N LEU C 130 -9.22 -40.73 -33.47
CA LEU C 130 -7.99 -41.35 -32.97
C LEU C 130 -8.39 -42.33 -31.89
N ARG C 131 -7.62 -43.39 -31.67
CA ARG C 131 -7.93 -44.37 -30.63
C ARG C 131 -7.14 -44.02 -29.38
N ALA C 132 -5.91 -43.57 -29.57
CA ALA C 132 -5.05 -43.20 -28.47
C ALA C 132 -4.04 -42.24 -29.04
N LEU C 133 -3.41 -41.43 -28.19
CA LEU C 133 -2.43 -40.46 -28.62
C LEU C 133 -1.45 -40.25 -27.48
N ARG C 134 -0.14 -40.16 -27.74
CA ARG C 134 0.81 -39.93 -26.66
C ARG C 134 1.87 -38.95 -27.09
N LEU C 135 2.17 -37.94 -26.27
CA LEU C 135 3.22 -36.99 -26.63
C LEU C 135 4.48 -37.57 -26.02
N GLU C 136 5.48 -37.84 -26.85
CA GLU C 136 6.72 -38.44 -26.37
C GLU C 136 7.81 -37.45 -26.07
N ASP C 137 7.91 -36.40 -26.86
CA ASP C 137 8.97 -35.44 -26.63
C ASP C 137 8.69 -34.11 -27.32
N LEU C 138 9.38 -33.06 -26.89
CA LEU C 138 9.24 -31.71 -27.43
C LEU C 138 10.64 -31.15 -27.59
N ARG C 139 10.91 -30.46 -28.70
CA ARG C 139 12.22 -29.83 -28.87
C ARG C 139 11.90 -28.37 -28.60
N ILE C 140 12.36 -27.84 -27.48
CA ILE C 140 12.10 -26.45 -27.15
C ILE C 140 13.28 -25.67 -27.67
N PRO C 141 13.05 -24.79 -28.64
CA PRO C 141 14.05 -23.96 -29.31
C PRO C 141 14.72 -23.00 -28.37
N VAL C 142 16.02 -22.75 -28.53
CA VAL C 142 16.68 -21.85 -27.61
C VAL C 142 16.10 -20.44 -27.53
N ALA C 143 15.47 -19.96 -28.60
CA ALA C 143 14.87 -18.64 -28.57
C ALA C 143 13.67 -18.60 -27.62
N TYR C 144 13.01 -19.75 -27.40
CA TYR C 144 11.89 -19.80 -26.49
C TYR C 144 12.39 -20.09 -25.08
N VAL C 145 13.46 -20.86 -24.94
CA VAL C 145 14.04 -21.17 -23.63
C VAL C 145 14.44 -19.92 -22.86
N LYS C 146 14.93 -18.89 -23.55
CA LYS C 146 15.39 -17.65 -22.94
C LYS C 146 14.31 -16.76 -22.39
N THR C 147 13.06 -17.04 -22.72
CA THR C 147 11.97 -16.26 -22.20
C THR C 147 11.53 -16.81 -20.83
N PHE C 148 12.23 -17.78 -20.28
CA PHE C 148 11.88 -18.40 -19.01
C PHE C 148 12.96 -18.14 -17.97
N GLN C 149 12.59 -18.13 -16.72
CA GLN C 149 13.60 -17.92 -15.70
C GLN C 149 14.33 -19.23 -15.43
N GLY C 150 13.60 -20.34 -15.44
CA GLY C 150 14.23 -21.61 -15.17
C GLY C 150 14.34 -21.82 -13.69
N PRO C 151 15.15 -22.74 -13.23
CA PRO C 151 15.30 -22.98 -11.80
C PRO C 151 15.63 -21.74 -10.99
N PRO C 152 15.07 -21.60 -9.78
CA PRO C 152 15.44 -20.41 -9.01
C PRO C 152 16.94 -20.36 -8.74
N HIS C 153 17.59 -21.50 -8.58
CA HIS C 153 19.02 -21.54 -8.28
C HIS C 153 19.80 -22.55 -9.12
N GLY C 154 19.41 -23.83 -9.06
CA GLY C 154 20.10 -24.84 -9.83
C GLY C 154 21.18 -25.54 -9.04
N ILE C 155 21.69 -26.65 -9.58
CA ILE C 155 22.70 -27.46 -8.93
C ILE C 155 23.92 -26.75 -8.38
N GLN C 156 24.63 -25.98 -9.18
CA GLN C 156 25.84 -25.30 -8.73
C GLN C 156 25.57 -24.38 -7.57
N VAL C 157 24.61 -23.48 -7.73
CA VAL C 157 24.31 -22.54 -6.67
C VAL C 157 23.84 -23.22 -5.40
N GLU C 158 23.03 -24.27 -5.52
CA GLU C 158 22.57 -24.97 -4.34
C GLU C 158 23.69 -25.61 -3.55
N ARG C 159 24.64 -26.25 -4.20
CA ARG C 159 25.74 -26.87 -3.49
C ARG C 159 26.57 -25.79 -2.81
N ASP C 160 26.71 -24.66 -3.49
CA ASP C 160 27.47 -23.53 -2.97
C ASP C 160 26.88 -22.88 -1.72
N LYS C 161 25.55 -22.81 -1.68
CA LYS C 161 24.86 -22.24 -0.54
C LYS C 161 24.84 -23.16 0.65
N LEU C 162 24.63 -24.45 0.42
CA LEU C 162 24.59 -25.43 1.50
C LEU C 162 25.96 -25.93 1.91
N ASN C 163 26.98 -25.66 1.08
CA ASN C 163 28.36 -26.06 1.33
C ASN C 163 28.48 -27.59 1.27
N LYS C 164 27.83 -28.21 0.30
CA LYS C 164 27.84 -29.67 0.16
C LYS C 164 28.37 -30.09 -1.20
N TYR C 165 29.46 -30.85 -1.17
CA TYR C 165 30.13 -31.28 -2.40
C TYR C 165 30.62 -32.70 -2.31
N GLY C 166 30.75 -33.35 -3.45
CA GLY C 166 31.30 -34.69 -3.46
C GLY C 166 30.49 -35.91 -3.15
N ARG C 167 29.17 -35.82 -3.10
CA ARG C 167 28.37 -36.99 -2.79
C ARG C 167 26.93 -36.62 -2.97
N PRO C 168 26.04 -37.60 -3.16
CA PRO C 168 24.62 -37.27 -3.31
C PRO C 168 24.13 -36.65 -2.00
N LEU C 169 22.99 -35.98 -2.01
CA LEU C 169 22.46 -35.38 -0.81
C LEU C 169 21.45 -36.40 -0.25
N LEU C 170 21.33 -36.50 1.08
CA LEU C 170 20.44 -37.45 1.72
C LEU C 170 19.24 -36.77 2.34
N GLY C 171 18.04 -37.28 2.14
CA GLY C 171 16.87 -36.68 2.74
C GLY C 171 15.94 -37.73 3.33
N CYS C 172 14.84 -37.33 3.97
CA CYS C 172 13.94 -38.31 4.56
C CYS C 172 12.53 -37.77 4.72
N THR C 173 11.50 -38.50 4.32
CA THR C 173 10.11 -38.05 4.45
C THR C 173 9.53 -38.52 5.77
N ILE C 174 8.99 -37.62 6.58
CA ILE C 174 8.43 -37.99 7.88
C ILE C 174 7.18 -38.83 7.66
N LYS C 175 6.96 -39.83 8.52
CA LYS C 175 5.81 -40.74 8.39
C LYS C 175 5.15 -40.90 9.75
N PRO C 176 3.85 -41.26 9.79
CA PRO C 176 2.92 -41.54 8.71
C PRO C 176 2.66 -40.30 7.91
N LYS C 177 2.25 -40.45 6.67
CA LYS C 177 1.99 -39.31 5.80
C LYS C 177 1.19 -38.23 6.48
N LEU C 178 0.03 -38.59 6.99
CA LEU C 178 -0.86 -37.65 7.67
C LEU C 178 -1.17 -38.18 9.05
N GLY C 179 -1.54 -37.32 9.97
CA GLY C 179 -1.85 -37.81 11.29
C GLY C 179 -0.97 -37.35 12.42
N LEU C 180 0.27 -36.99 12.16
CA LEU C 180 1.12 -36.54 13.25
C LEU C 180 0.79 -35.08 13.63
N SER C 181 1.03 -34.71 14.90
CA SER C 181 0.77 -33.35 15.35
C SER C 181 2.02 -32.54 15.04
N ALA C 182 1.93 -31.21 15.16
CA ALA C 182 3.07 -30.35 14.88
C ALA C 182 4.27 -30.58 15.80
N LYS C 183 4.06 -30.75 17.11
CA LYS C 183 5.21 -30.98 17.97
C LYS C 183 5.84 -32.33 17.66
N ASN C 184 5.02 -33.34 17.33
CA ASN C 184 5.59 -34.65 17.01
C ASN C 184 6.33 -34.65 15.70
N TYR C 185 5.87 -33.85 14.74
CA TYR C 185 6.56 -33.74 13.46
C TYR C 185 7.96 -33.17 13.72
N GLY C 186 8.07 -32.10 14.49
CA GLY C 186 9.36 -31.53 14.78
C GLY C 186 10.29 -32.44 15.54
N ARG C 187 9.76 -33.30 16.40
CA ARG C 187 10.56 -34.23 17.18
C ARG C 187 11.20 -35.28 16.27
N ALA C 188 10.41 -35.76 15.31
CA ALA C 188 10.89 -36.75 14.37
C ALA C 188 11.92 -36.13 13.44
N VAL C 189 11.79 -34.83 13.16
CA VAL C 189 12.69 -34.07 12.27
C VAL C 189 14.04 -33.86 12.93
N TYR C 190 14.05 -33.45 14.18
CA TYR C 190 15.29 -33.22 14.88
C TYR C 190 16.09 -34.52 14.94
N GLU C 191 15.44 -35.63 15.28
CA GLU C 191 16.15 -36.91 15.39
C GLU C 191 16.72 -37.39 14.07
N CYS C 192 16.02 -37.25 12.95
CA CYS C 192 16.57 -37.68 11.66
C CYS C 192 17.75 -36.82 11.27
N LEU C 193 17.63 -35.51 11.43
CA LEU C 193 18.69 -34.60 11.05
C LEU C 193 19.96 -34.77 11.85
N ARG C 194 19.86 -34.99 13.14
CA ARG C 194 21.09 -35.13 13.91
C ARG C 194 21.87 -36.39 13.60
N GLY C 195 21.24 -37.34 12.92
CA GLY C 195 21.91 -38.58 12.57
C GLY C 195 22.71 -38.53 11.29
N GLY C 196 22.69 -37.41 10.57
CA GLY C 196 23.49 -37.35 9.37
C GLY C 196 22.76 -37.09 8.07
N LEU C 197 21.44 -37.01 8.07
CA LEU C 197 20.72 -36.74 6.82
C LEU C 197 20.80 -35.23 6.62
N ASP C 198 20.83 -34.79 5.37
CA ASP C 198 20.92 -33.36 5.07
C ASP C 198 19.56 -32.68 5.17
N PHE C 199 18.50 -33.36 4.73
CA PHE C 199 17.14 -32.82 4.72
C PHE C 199 16.09 -33.79 5.23
N THR C 200 14.98 -33.24 5.73
CA THR C 200 13.80 -34.01 6.10
C THR C 200 12.73 -33.26 5.31
N LYS C 201 11.55 -33.83 5.13
CA LYS C 201 10.55 -33.11 4.36
C LYS C 201 9.13 -33.43 4.72
N ASP C 202 8.24 -32.51 4.38
CA ASP C 202 6.83 -32.71 4.62
C ASP C 202 6.50 -33.72 3.54
N ASP C 203 5.53 -34.59 3.73
CA ASP C 203 5.18 -35.50 2.66
C ASP C 203 4.36 -34.63 1.72
N GLU C 204 4.15 -35.05 0.48
CA GLU C 204 3.45 -34.21 -0.48
C GLU C 204 2.06 -33.78 -0.14
N ASN C 205 1.36 -34.55 0.67
CA ASN C 205 -0.02 -34.20 1.02
C ASN C 205 -0.18 -33.49 2.34
N VAL C 206 0.93 -33.18 2.99
CA VAL C 206 0.89 -32.45 4.25
C VAL C 206 0.85 -30.97 3.87
N ASN C 207 -0.31 -30.33 4.03
CA ASN C 207 -0.45 -28.91 3.73
C ASN C 207 -0.87 -28.27 5.04
N SER C 208 -2.16 -28.13 5.27
CA SER C 208 -2.68 -27.59 6.53
C SER C 208 -3.94 -28.38 6.73
N GLN C 209 -4.05 -29.12 7.83
CA GLN C 209 -5.21 -29.95 8.07
C GLN C 209 -5.59 -29.94 9.53
N PRO C 210 -6.81 -30.40 9.87
CA PRO C 210 -7.22 -30.41 11.27
C PRO C 210 -6.20 -30.96 12.26
N PHE C 211 -5.48 -32.01 11.90
CA PHE C 211 -4.51 -32.59 12.83
C PHE C 211 -3.23 -31.81 13.04
N MET C 212 -2.89 -30.96 12.08
CA MET C 212 -1.67 -30.19 12.14
C MET C 212 -1.81 -29.04 11.18
N ARG C 213 -1.85 -27.81 11.71
CA ARG C 213 -1.98 -26.63 10.87
C ARG C 213 -0.61 -26.19 10.41
N TRP C 214 -0.52 -25.64 9.21
CA TRP C 214 0.79 -25.28 8.66
C TRP C 214 1.69 -24.39 9.49
N ARG C 215 1.18 -23.30 10.03
CA ARG C 215 2.03 -22.41 10.78
C ARG C 215 2.64 -23.04 12.02
N ASP C 216 1.91 -23.94 12.67
CA ASP C 216 2.46 -24.62 13.84
C ASP C 216 3.54 -25.56 13.37
N ARG C 217 3.35 -26.20 12.22
CA ARG C 217 4.36 -27.12 11.70
C ARG C 217 5.64 -26.40 11.34
N PHE C 218 5.54 -25.34 10.53
CA PHE C 218 6.70 -24.55 10.12
C PHE C 218 7.51 -24.10 11.32
N LEU C 219 6.83 -23.63 12.36
CA LEU C 219 7.47 -23.14 13.55
C LEU C 219 8.26 -24.19 14.34
N PHE C 220 7.64 -25.36 14.58
CA PHE C 220 8.29 -26.45 15.30
C PHE C 220 9.39 -27.07 14.48
N CYS C 221 9.22 -27.16 13.17
CA CYS C 221 10.26 -27.72 12.32
C CYS C 221 11.47 -26.80 12.28
N ALA C 222 11.26 -25.50 12.40
CA ALA C 222 12.39 -24.60 12.41
C ALA C 222 13.20 -24.80 13.69
N GLU C 223 12.53 -24.96 14.82
CA GLU C 223 13.26 -25.17 16.07
C GLU C 223 14.04 -26.46 15.96
N ALA C 224 13.41 -27.51 15.48
CA ALA C 224 14.10 -28.79 15.33
C ALA C 224 15.27 -28.74 14.36
N LEU C 225 15.11 -28.15 13.19
CA LEU C 225 16.23 -28.10 12.26
C LEU C 225 17.40 -27.29 12.79
N TYR C 226 17.13 -26.20 13.49
CA TYR C 226 18.19 -25.39 14.04
C TYR C 226 18.93 -26.11 15.15
N LYS C 227 18.25 -27.01 15.86
CA LYS C 227 18.88 -27.75 16.93
C LYS C 227 19.83 -28.79 16.36
N ALA C 228 19.37 -29.52 15.35
CA ALA C 228 20.21 -30.52 14.73
C ALA C 228 21.42 -29.85 14.06
N GLN C 229 21.25 -28.68 13.49
CA GLN C 229 22.36 -27.99 12.85
C GLN C 229 23.41 -27.59 13.86
N ALA C 230 23.00 -27.15 15.04
CA ALA C 230 23.96 -26.75 16.05
C ALA C 230 24.70 -27.94 16.61
N GLU C 231 24.03 -29.09 16.67
CA GLU C 231 24.63 -30.29 17.21
C GLU C 231 25.66 -30.90 16.29
N THR C 232 25.38 -30.90 14.99
CA THR C 232 26.27 -31.53 14.03
C THR C 232 27.31 -30.69 13.33
N GLY C 233 27.02 -29.41 13.11
CA GLY C 233 27.98 -28.60 12.42
C GLY C 233 27.82 -28.63 10.91
N GLU C 234 26.76 -29.27 10.42
CA GLU C 234 26.50 -29.35 8.99
C GLU C 234 25.20 -28.60 8.72
N ILE C 235 25.11 -27.88 7.60
CA ILE C 235 23.90 -27.16 7.30
C ILE C 235 22.75 -28.13 7.08
N LYS C 236 21.59 -27.90 7.70
CA LYS C 236 20.43 -28.77 7.57
C LYS C 236 19.28 -28.01 6.95
N GLY C 237 18.30 -28.71 6.40
CA GLY C 237 17.16 -28.07 5.80
C GLY C 237 15.95 -28.98 5.98
N HIS C 238 14.74 -28.44 5.96
CA HIS C 238 13.53 -29.24 6.06
C HIS C 238 12.60 -28.64 5.04
N TYR C 239 12.16 -29.39 4.03
CA TYR C 239 11.29 -28.78 3.03
C TYR C 239 9.92 -28.47 3.59
N LEU C 240 9.55 -27.20 3.66
CA LEU C 240 8.25 -26.80 4.17
C LEU C 240 7.30 -26.70 2.98
N ASN C 241 6.19 -27.41 3.03
CA ASN C 241 5.27 -27.42 1.91
C ASN C 241 4.41 -26.18 1.80
N ALA C 242 4.51 -25.49 0.68
CA ALA C 242 3.74 -24.29 0.43
C ALA C 242 2.53 -24.54 -0.44
N THR C 243 2.33 -25.78 -0.90
CA THR C 243 1.20 -26.12 -1.77
C THR C 243 -0.06 -25.70 -1.04
N ALA C 244 -1.01 -25.09 -1.73
CA ALA C 244 -2.20 -24.65 -1.04
C ALA C 244 -3.33 -24.50 -2.00
N GLY C 245 -4.47 -24.07 -1.51
CA GLY C 245 -5.61 -23.95 -2.38
C GLY C 245 -5.72 -22.78 -3.30
N THR C 246 -5.13 -21.66 -2.94
CA THR C 246 -5.17 -20.42 -3.72
C THR C 246 -3.77 -19.87 -3.83
N CYS C 247 -3.53 -18.97 -4.78
CA CYS C 247 -2.19 -18.39 -4.92
C CYS C 247 -1.88 -17.63 -3.66
N GLU C 248 -2.90 -17.00 -3.09
CA GLU C 248 -2.76 -16.19 -1.89
C GLU C 248 -2.27 -16.99 -0.70
N ASP C 249 -2.84 -18.16 -0.48
CA ASP C 249 -2.42 -18.99 0.61
C ASP C 249 -1.05 -19.54 0.38
N MET C 250 -0.72 -19.88 -0.85
CA MET C 250 0.62 -20.40 -1.18
C MET C 250 1.66 -19.34 -0.83
N MET C 251 1.43 -18.10 -1.21
CA MET C 251 2.39 -17.04 -0.91
C MET C 251 2.54 -16.78 0.58
N LYS C 252 1.47 -16.92 1.34
CA LYS C 252 1.52 -16.73 2.79
C LYS C 252 2.50 -17.68 3.44
N ARG C 253 2.49 -18.92 2.99
CA ARG C 253 3.35 -19.94 3.52
C ARG C 253 4.77 -19.70 3.11
N ALA C 254 5.01 -19.29 1.88
CA ALA C 254 6.37 -19.02 1.42
C ALA C 254 6.93 -17.86 2.20
N VAL C 255 6.12 -16.83 2.45
CA VAL C 255 6.55 -15.67 3.21
C VAL C 255 6.97 -16.00 4.66
N PHE C 256 6.28 -16.92 5.33
CA PHE C 256 6.67 -17.27 6.70
C PHE C 256 7.97 -18.07 6.66
N ALA C 257 8.18 -18.87 5.63
CA ALA C 257 9.42 -19.64 5.50
C ALA C 257 10.57 -18.65 5.34
N ARG C 258 10.35 -17.59 4.59
CA ARG C 258 11.37 -16.57 4.43
C ARG C 258 11.66 -15.90 5.76
N GLU C 259 10.62 -15.61 6.55
CA GLU C 259 10.76 -14.96 7.85
C GLU C 259 11.49 -15.80 8.87
N LEU C 260 11.40 -17.12 8.75
CA LEU C 260 12.08 -18.03 9.66
C LEU C 260 13.54 -18.22 9.29
N GLY C 261 13.90 -17.87 8.06
CA GLY C 261 15.27 -17.98 7.59
C GLY C 261 15.71 -19.37 7.16
N VAL C 262 14.76 -20.26 6.91
CA VAL C 262 15.04 -21.64 6.51
C VAL C 262 15.47 -21.65 5.06
N PRO C 263 16.24 -22.67 4.63
CA PRO C 263 16.65 -22.64 3.24
C PRO C 263 15.82 -23.19 2.13
N ILE C 264 14.80 -23.99 2.40
CA ILE C 264 14.07 -24.62 1.32
C ILE C 264 12.56 -24.81 1.51
N VAL C 265 11.77 -24.56 0.44
CA VAL C 265 10.33 -24.76 0.45
C VAL C 265 10.03 -25.82 -0.61
N MET C 266 8.78 -26.23 -0.73
CA MET C 266 8.40 -27.32 -1.61
C MET C 266 7.04 -27.04 -2.26
N HIS C 267 6.80 -27.57 -3.45
CA HIS C 267 5.55 -27.35 -4.15
C HIS C 267 5.20 -28.57 -5.00
N ASP C 268 3.92 -28.90 -5.09
CA ASP C 268 3.42 -30.00 -5.91
C ASP C 268 3.00 -29.30 -7.20
N TYR C 269 3.89 -29.25 -8.19
CA TYR C 269 3.60 -28.53 -9.41
C TYR C 269 2.47 -28.94 -10.32
N LEU C 270 2.08 -30.20 -10.30
CA LEU C 270 0.99 -30.65 -11.15
C LEU C 270 -0.37 -30.52 -10.49
N THR C 271 -0.45 -30.78 -9.18
CA THR C 271 -1.73 -30.63 -8.49
C THR C 271 -1.94 -29.15 -8.17
N GLY C 272 -0.86 -28.43 -7.91
CA GLY C 272 -0.95 -27.00 -7.69
C GLY C 272 -1.19 -26.32 -9.03
N GLY C 273 -0.37 -26.62 -10.02
CA GLY C 273 -0.55 -26.08 -11.35
C GLY C 273 0.66 -25.33 -11.83
N PHE C 274 0.81 -25.17 -13.14
CA PHE C 274 1.95 -24.45 -13.68
C PHE C 274 1.85 -22.96 -13.40
N THR C 275 0.66 -22.38 -13.46
CA THR C 275 0.49 -20.98 -13.16
C THR C 275 0.94 -20.68 -11.73
N ALA C 276 0.49 -21.45 -10.74
CA ALA C 276 0.94 -21.19 -9.39
C ALA C 276 2.42 -21.53 -9.22
N ASN C 277 2.92 -22.56 -9.88
CA ASN C 277 4.33 -22.92 -9.74
C ASN C 277 5.27 -21.83 -10.25
N THR C 278 4.98 -21.23 -11.39
CA THR C 278 5.81 -20.17 -11.92
C THR C 278 5.86 -18.98 -10.96
N THR C 279 4.76 -18.65 -10.30
CA THR C 279 4.73 -17.57 -9.32
C THR C 279 5.64 -17.86 -8.14
N LEU C 280 5.62 -19.09 -7.61
CA LEU C 280 6.47 -19.47 -6.48
C LEU C 280 7.94 -19.51 -6.87
N SER C 281 8.22 -20.01 -8.06
CA SER C 281 9.58 -20.08 -8.56
C SER C 281 10.19 -18.67 -8.64
N HIS C 282 9.43 -17.70 -9.13
CA HIS C 282 9.93 -16.36 -9.22
C HIS C 282 10.14 -15.81 -7.82
N TYR C 283 9.22 -16.09 -6.91
CA TYR C 283 9.35 -15.63 -5.54
C TYR C 283 10.58 -16.22 -4.90
N CYS C 284 10.87 -17.48 -5.16
CA CYS C 284 12.02 -18.14 -4.60
C CYS C 284 13.32 -17.55 -5.12
N ARG C 285 13.35 -17.18 -6.39
CA ARG C 285 14.54 -16.57 -6.96
C ARG C 285 14.76 -15.25 -6.27
N ASP C 286 13.70 -14.48 -6.08
CA ASP C 286 13.79 -13.17 -5.43
C ASP C 286 14.11 -13.16 -3.96
N ASN C 287 13.86 -14.26 -3.27
CA ASN C 287 14.09 -14.34 -1.84
C ASN C 287 15.07 -15.37 -1.34
N GLY C 288 15.84 -15.95 -2.25
CA GLY C 288 16.86 -16.91 -1.86
C GLY C 288 16.42 -18.25 -1.34
N LEU C 289 15.23 -18.70 -1.70
CA LEU C 289 14.75 -19.98 -1.21
C LEU C 289 14.93 -21.06 -2.23
N LEU C 290 15.39 -22.23 -1.82
CA LEU C 290 15.56 -23.34 -2.74
C LEU C 290 14.17 -23.94 -2.89
N LEU C 291 13.82 -24.41 -4.07
CA LEU C 291 12.49 -24.97 -4.32
C LEU C 291 12.52 -26.45 -4.71
N HIS C 292 11.94 -27.32 -3.89
CA HIS C 292 11.87 -28.75 -4.15
C HIS C 292 10.54 -29.06 -4.82
N ILE C 293 10.53 -29.78 -5.94
CA ILE C 293 9.29 -30.07 -6.64
C ILE C 293 8.83 -31.53 -6.59
N HIS C 294 7.56 -31.77 -6.31
CA HIS C 294 6.96 -33.11 -6.26
C HIS C 294 6.15 -33.31 -7.51
N ARG C 295 6.15 -34.51 -8.04
CA ARG C 295 5.39 -34.75 -9.25
C ARG C 295 4.09 -35.50 -8.98
N ALA C 296 3.52 -35.31 -7.80
CA ALA C 296 2.27 -35.94 -7.43
C ALA C 296 1.32 -35.82 -8.59
N MET C 297 0.68 -36.93 -8.93
CA MET C 297 -0.29 -37.04 -10.02
C MET C 297 0.31 -37.32 -11.39
N HIS C 298 1.63 -37.44 -11.50
CA HIS C 298 2.21 -37.66 -12.81
C HIS C 298 1.85 -39.00 -13.43
N ALA C 299 1.79 -40.07 -12.65
CA ALA C 299 1.50 -41.38 -13.24
C ALA C 299 0.10 -41.53 -13.78
N VAL C 300 -0.77 -40.58 -13.48
CA VAL C 300 -2.13 -40.62 -14.00
C VAL C 300 -2.03 -40.24 -15.46
N ILE C 301 -0.96 -39.55 -15.85
CA ILE C 301 -0.75 -39.04 -17.20
C ILE C 301 0.33 -39.78 -17.98
N ASP C 302 1.37 -40.23 -17.30
CA ASP C 302 2.50 -40.83 -17.98
C ASP C 302 2.81 -42.30 -17.90
N ARG C 303 1.96 -43.09 -17.25
CA ARG C 303 2.24 -44.51 -17.07
C ARG C 303 2.16 -45.41 -18.31
N GLN C 304 1.04 -45.31 -19.03
CA GLN C 304 0.79 -46.15 -20.18
C GLN C 304 1.47 -45.69 -21.43
N LYS C 305 1.97 -46.65 -22.19
CA LYS C 305 2.69 -46.37 -23.40
C LYS C 305 1.86 -45.94 -24.58
N ASN C 306 0.56 -46.14 -24.54
CA ASN C 306 -0.24 -45.76 -25.70
C ASN C 306 -0.97 -44.46 -25.64
N HIS C 307 -1.16 -43.88 -24.46
CA HIS C 307 -1.91 -42.63 -24.31
C HIS C 307 -1.37 -41.81 -23.15
N GLY C 308 -1.25 -40.50 -23.32
CA GLY C 308 -0.75 -39.65 -22.26
C GLY C 308 0.37 -38.75 -22.71
N MET C 309 1.29 -38.43 -21.80
CA MET C 309 2.44 -37.59 -22.08
C MET C 309 3.53 -38.26 -21.31
N HIS C 310 4.69 -38.44 -21.89
CA HIS C 310 5.75 -39.08 -21.17
C HIS C 310 6.33 -38.15 -20.13
N PHE C 311 6.94 -38.71 -19.09
CA PHE C 311 7.52 -37.88 -18.07
C PHE C 311 8.58 -36.94 -18.56
N ARG C 312 9.33 -37.28 -19.59
CA ARG C 312 10.40 -36.38 -20.05
C ARG C 312 9.85 -35.04 -20.51
N VAL C 313 8.60 -35.01 -20.97
CA VAL C 313 7.99 -33.77 -21.40
C VAL C 313 7.62 -32.94 -20.18
N LEU C 314 7.13 -33.61 -19.13
CA LEU C 314 6.75 -32.95 -17.91
C LEU C 314 8.01 -32.50 -17.16
N ALA C 315 9.14 -33.16 -17.38
CA ALA C 315 10.40 -32.78 -16.73
C ALA C 315 10.95 -31.54 -17.40
N LYS C 316 10.82 -31.46 -18.72
CA LYS C 316 11.29 -30.30 -19.45
C LYS C 316 10.47 -29.09 -19.04
N ALA C 317 9.15 -29.26 -18.96
CA ALA C 317 8.24 -28.19 -18.56
C ALA C 317 8.57 -27.62 -17.16
N LEU C 318 9.02 -28.47 -16.25
CA LEU C 318 9.40 -28.04 -14.91
C LEU C 318 10.72 -27.29 -14.93
N ARG C 319 11.71 -27.72 -15.71
CA ARG C 319 12.96 -27.00 -15.74
C ARG C 319 12.73 -25.56 -16.25
N LEU C 320 11.74 -25.39 -17.11
CA LEU C 320 11.39 -24.07 -17.65
C LEU C 320 10.62 -23.23 -16.62
N SER C 321 9.51 -23.76 -16.08
CA SER C 321 8.71 -23.08 -15.09
C SER C 321 9.55 -22.80 -13.86
N GLY C 322 10.29 -23.79 -13.38
CA GLY C 322 11.17 -23.57 -12.25
C GLY C 322 11.12 -24.47 -11.06
N GLY C 323 12.28 -25.01 -10.69
CA GLY C 323 12.38 -25.86 -9.54
C GLY C 323 13.82 -26.22 -9.36
N ASP C 324 14.29 -26.38 -8.14
CA ASP C 324 15.68 -26.75 -7.90
C ASP C 324 15.90 -28.26 -7.77
N HIS C 325 14.86 -28.99 -7.37
CA HIS C 325 14.88 -30.44 -7.23
C HIS C 325 13.61 -30.91 -7.93
N ILE C 326 13.60 -32.13 -8.44
CA ILE C 326 12.37 -32.70 -8.98
C ILE C 326 12.45 -34.21 -8.78
N HIS C 327 11.38 -34.81 -8.29
CA HIS C 327 11.35 -36.24 -8.10
C HIS C 327 11.51 -36.92 -9.45
N SER C 328 12.38 -37.89 -9.57
CA SER C 328 12.58 -38.52 -10.87
C SER C 328 12.52 -40.02 -10.87
N GLY C 329 12.10 -40.62 -9.76
CA GLY C 329 12.01 -42.08 -9.69
C GLY C 329 13.24 -42.71 -9.09
N THR C 330 13.17 -44.00 -8.82
CA THR C 330 14.30 -44.72 -8.23
C THR C 330 14.80 -45.87 -9.11
N VAL C 331 13.99 -46.31 -10.07
CA VAL C 331 14.33 -47.45 -10.93
C VAL C 331 14.15 -48.75 -10.12
N VAL C 332 14.91 -48.87 -9.04
CA VAL C 332 14.87 -50.05 -8.18
C VAL C 332 13.84 -50.08 -7.04
N GLY C 333 13.05 -49.03 -6.87
CA GLY C 333 12.10 -48.99 -5.76
C GLY C 333 10.69 -49.44 -6.01
N LYS C 334 9.74 -48.94 -5.21
CA LYS C 334 8.35 -49.38 -5.32
C LYS C 334 7.51 -48.81 -6.46
N LEU C 335 8.01 -47.79 -7.16
CA LEU C 335 7.24 -47.16 -8.23
C LEU C 335 7.94 -47.31 -9.55
N GLU C 336 7.17 -47.38 -10.64
CA GLU C 336 7.75 -47.59 -11.95
C GLU C 336 8.83 -46.61 -12.40
N GLY C 337 9.80 -47.14 -13.16
CA GLY C 337 10.88 -46.32 -13.70
C GLY C 337 11.98 -47.20 -14.28
N GLU C 338 12.04 -47.34 -15.61
CA GLU C 338 13.07 -48.15 -16.27
C GLU C 338 14.41 -47.42 -16.33
N ARG C 339 15.50 -48.16 -16.20
CA ARG C 339 16.82 -47.54 -16.17
C ARG C 339 17.23 -46.64 -17.31
N ASP C 340 17.13 -47.12 -18.54
CA ASP C 340 17.54 -46.32 -19.71
C ASP C 340 16.70 -45.08 -19.95
N ILE C 341 15.39 -45.22 -19.86
CA ILE C 341 14.52 -44.08 -20.05
C ILE C 341 14.77 -43.07 -18.95
N THR C 342 15.02 -43.56 -17.74
CA THR C 342 15.28 -42.68 -16.61
C THR C 342 16.58 -41.96 -16.83
N LEU C 343 17.64 -42.66 -17.16
CA LEU C 343 18.91 -41.96 -17.39
C LEU C 343 18.74 -40.94 -18.49
N GLY C 344 17.79 -41.18 -19.39
CA GLY C 344 17.56 -40.24 -20.48
C GLY C 344 16.99 -38.93 -20.02
N PHE C 345 15.93 -38.94 -19.22
CA PHE C 345 15.40 -37.67 -18.74
C PHE C 345 16.20 -37.07 -17.59
N VAL C 346 17.03 -37.85 -16.91
CA VAL C 346 17.88 -37.29 -15.87
C VAL C 346 18.88 -36.38 -16.57
N ASP C 347 19.35 -36.76 -17.77
CA ASP C 347 20.30 -35.94 -18.53
C ASP C 347 19.61 -34.69 -19.03
N LEU C 348 18.36 -34.80 -19.44
CA LEU C 348 17.63 -33.64 -19.91
C LEU C 348 17.39 -32.62 -18.79
N LEU C 349 17.39 -33.09 -17.55
CA LEU C 349 17.18 -32.25 -16.39
C LEU C 349 18.46 -31.57 -15.89
N ARG C 350 19.60 -32.26 -15.93
CA ARG C 350 20.85 -31.71 -15.44
C ARG C 350 21.82 -31.06 -16.40
N ASP C 351 21.87 -31.53 -17.64
CA ASP C 351 22.85 -31.04 -18.62
C ASP C 351 22.43 -29.86 -19.48
N ASP C 352 23.41 -29.26 -20.14
CA ASP C 352 23.17 -28.13 -21.00
C ASP C 352 22.84 -28.49 -22.43
N TYR C 353 23.16 -29.72 -22.81
CA TYR C 353 22.93 -30.19 -24.17
C TYR C 353 22.82 -31.70 -24.13
N THR C 354 21.79 -32.24 -24.78
CA THR C 354 21.58 -33.68 -24.83
C THR C 354 21.22 -33.99 -26.26
N GLU C 355 21.97 -34.92 -26.84
CA GLU C 355 21.77 -35.27 -28.22
C GLU C 355 20.72 -36.33 -28.41
N LYS C 356 20.03 -36.27 -29.54
CA LYS C 356 18.98 -37.22 -29.90
C LYS C 356 19.47 -38.63 -29.66
N ASP C 357 18.63 -39.51 -29.13
CA ASP C 357 19.09 -40.87 -28.84
C ASP C 357 17.91 -41.75 -28.58
N ARG C 358 17.32 -42.33 -29.62
CA ARG C 358 16.16 -43.15 -29.44
C ARG C 358 16.28 -44.33 -28.49
N SER C 359 17.49 -44.78 -28.21
CA SER C 359 17.59 -45.93 -27.32
C SER C 359 17.14 -45.57 -25.92
N ARG C 360 17.18 -44.28 -25.59
CA ARG C 360 16.76 -43.76 -24.31
C ARG C 360 15.47 -42.99 -24.42
N GLY C 361 14.84 -43.01 -25.56
CA GLY C 361 13.58 -42.30 -25.73
C GLY C 361 13.69 -40.81 -25.95
N ILE C 362 14.87 -40.33 -26.32
CA ILE C 362 15.07 -38.91 -26.57
C ILE C 362 14.93 -38.69 -28.06
N TYR C 363 13.81 -38.14 -28.49
CA TYR C 363 13.56 -37.92 -29.89
C TYR C 363 14.20 -36.72 -30.56
N PHE C 364 14.59 -35.71 -29.79
CA PHE C 364 15.14 -34.50 -30.39
C PHE C 364 16.35 -34.06 -29.62
N THR C 365 17.26 -33.37 -30.27
CA THR C 365 18.44 -32.86 -29.58
C THR C 365 17.95 -31.60 -28.85
N GLN C 366 18.31 -31.44 -27.58
CA GLN C 366 17.88 -30.30 -26.80
C GLN C 366 19.02 -29.51 -26.21
N SER C 367 19.00 -28.19 -26.38
CA SER C 367 19.99 -27.28 -25.82
C SER C 367 19.28 -26.42 -24.80
N TRP C 368 19.98 -26.01 -23.74
CA TRP C 368 19.39 -25.21 -22.69
C TRP C 368 19.92 -23.80 -22.48
N VAL C 369 20.85 -23.37 -23.32
CA VAL C 369 21.46 -22.04 -23.23
C VAL C 369 21.71 -21.57 -21.82
N SER C 370 22.36 -22.40 -21.05
CA SER C 370 22.70 -22.12 -19.68
C SER C 370 21.61 -22.01 -18.62
N THR C 371 20.41 -22.49 -18.93
CA THR C 371 19.34 -22.53 -17.95
C THR C 371 19.93 -23.49 -16.92
N PRO C 372 19.97 -23.15 -15.63
CA PRO C 372 20.54 -24.07 -14.64
C PRO C 372 19.94 -25.46 -14.63
N GLY C 373 20.68 -26.42 -14.11
CA GLY C 373 20.18 -27.78 -14.04
C GLY C 373 19.37 -28.05 -12.79
N VAL C 374 18.51 -29.05 -12.85
CA VAL C 374 17.66 -29.43 -11.74
C VAL C 374 18.20 -30.70 -11.10
N LEU C 375 18.21 -30.78 -9.79
CA LEU C 375 18.73 -31.94 -9.10
C LEU C 375 17.65 -33.04 -9.08
N PRO C 376 17.92 -34.26 -9.61
CA PRO C 376 16.89 -35.31 -9.59
C PRO C 376 16.83 -35.94 -8.21
N VAL C 377 15.64 -36.28 -7.74
CA VAL C 377 15.43 -36.86 -6.41
C VAL C 377 14.89 -38.29 -6.50
N ALA C 378 15.67 -39.26 -6.00
CA ALA C 378 15.26 -40.65 -6.03
C ALA C 378 14.56 -40.89 -4.71
N SER C 379 13.28 -41.28 -4.73
CA SER C 379 12.56 -41.49 -3.49
C SER C 379 11.45 -42.49 -3.69
N GLY C 380 11.23 -43.38 -2.74
CA GLY C 380 10.15 -44.34 -2.87
C GLY C 380 10.46 -45.82 -2.72
N GLY C 381 10.46 -46.32 -1.50
CA GLY C 381 10.72 -47.74 -1.32
C GLY C 381 12.15 -48.16 -1.40
N ILE C 382 13.08 -47.26 -1.16
CA ILE C 382 14.49 -47.63 -1.23
C ILE C 382 15.09 -47.80 0.17
N HIS C 383 16.14 -48.60 0.29
CA HIS C 383 16.78 -48.85 1.58
C HIS C 383 18.28 -49.06 1.42
N VAL C 384 19.01 -49.21 2.52
CA VAL C 384 20.46 -49.37 2.50
C VAL C 384 21.06 -50.30 1.47
N TRP C 385 20.43 -51.43 1.18
CA TRP C 385 21.00 -52.33 0.17
C TRP C 385 20.92 -51.75 -1.25
N HIS C 386 20.06 -50.75 -1.46
CA HIS C 386 19.95 -50.16 -2.79
C HIS C 386 21.00 -49.08 -3.00
N MET C 387 21.67 -48.68 -1.93
CA MET C 387 22.64 -47.60 -2.02
C MET C 387 23.67 -47.71 -3.13
N PRO C 388 24.26 -48.89 -3.34
CA PRO C 388 25.24 -48.90 -4.44
C PRO C 388 24.62 -48.69 -5.81
N ALA C 389 23.44 -49.24 -6.03
CA ALA C 389 22.79 -49.07 -7.34
C ALA C 389 22.43 -47.62 -7.56
N LEU C 390 21.91 -46.97 -6.52
CA LEU C 390 21.50 -45.58 -6.58
C LEU C 390 22.70 -44.67 -6.85
N THR C 391 23.80 -44.87 -6.15
CA THR C 391 24.97 -44.03 -6.37
C THR C 391 25.51 -44.23 -7.76
N GLU C 392 25.35 -45.43 -8.29
CA GLU C 392 25.84 -45.76 -9.63
C GLU C 392 24.95 -45.23 -10.74
N ILE C 393 23.63 -45.34 -10.60
CA ILE C 393 22.75 -44.83 -11.64
C ILE C 393 22.74 -43.30 -11.69
N PHE C 394 22.62 -42.66 -10.54
CA PHE C 394 22.53 -41.20 -10.47
C PHE C 394 23.80 -40.37 -10.31
N GLY C 395 24.80 -40.87 -9.61
CA GLY C 395 26.00 -40.08 -9.47
C GLY C 395 25.89 -39.09 -8.34
N ASP C 396 26.87 -38.23 -8.21
CA ASP C 396 26.87 -37.25 -7.15
C ASP C 396 25.72 -36.26 -7.18
N ASP C 397 25.29 -35.84 -8.36
CA ASP C 397 24.25 -34.84 -8.40
C ASP C 397 22.85 -35.35 -8.35
N SER C 398 22.44 -35.72 -7.15
CA SER C 398 21.11 -36.24 -6.90
C SER C 398 20.81 -36.14 -5.41
N VAL C 399 19.55 -36.32 -5.05
CA VAL C 399 19.14 -36.32 -3.65
C VAL C 399 18.47 -37.67 -3.49
N LEU C 400 18.94 -38.49 -2.55
CA LEU C 400 18.37 -39.82 -2.31
C LEU C 400 17.54 -39.72 -1.04
N GLN C 401 16.25 -40.03 -1.12
CA GLN C 401 15.37 -39.93 0.05
C GLN C 401 14.84 -41.23 0.59
N PHE C 402 14.90 -41.36 1.91
CA PHE C 402 14.49 -42.57 2.58
C PHE C 402 13.49 -42.27 3.66
N GLY C 403 12.21 -42.44 3.40
CA GLY C 403 11.18 -42.21 4.41
C GLY C 403 11.00 -43.42 5.30
N GLY C 404 10.40 -44.47 4.76
CA GLY C 404 10.24 -45.69 5.54
C GLY C 404 11.62 -46.21 5.89
N GLY C 405 12.60 -45.99 5.01
CA GLY C 405 13.96 -46.43 5.22
C GLY C 405 14.73 -45.78 6.35
N THR C 406 14.14 -44.80 7.00
CA THR C 406 14.80 -44.15 8.12
C THR C 406 13.90 -44.36 9.32
N LEU C 407 12.63 -44.01 9.17
CA LEU C 407 11.70 -44.17 10.29
C LEU C 407 11.32 -45.62 10.56
N GLY C 408 11.79 -46.53 9.72
CA GLY C 408 11.53 -47.94 9.93
C GLY C 408 12.72 -48.66 10.56
N HIS C 409 13.81 -47.95 10.83
CA HIS C 409 14.97 -48.60 11.42
C HIS C 409 14.56 -49.04 12.81
N PRO C 410 15.00 -50.22 13.26
CA PRO C 410 14.63 -50.70 14.59
C PRO C 410 15.01 -49.86 15.81
N TRP C 411 16.06 -49.05 15.71
CA TRP C 411 16.50 -48.22 16.83
C TRP C 411 16.02 -46.76 16.82
N GLY C 412 15.19 -46.38 15.87
CA GLY C 412 14.70 -45.02 15.81
C GLY C 412 15.28 -44.21 14.68
N ASN C 413 14.96 -42.91 14.65
CA ASN C 413 15.41 -42.01 13.60
C ASN C 413 16.87 -41.66 13.51
N ALA C 414 17.50 -41.27 14.62
CA ALA C 414 18.90 -40.91 14.57
C ALA C 414 19.73 -42.09 14.06
N PRO C 415 19.58 -43.28 14.67
CA PRO C 415 20.36 -44.41 14.18
C PRO C 415 19.96 -44.74 12.74
N GLY C 416 18.72 -44.48 12.39
CA GLY C 416 18.26 -44.76 11.04
C GLY C 416 18.96 -43.88 10.05
N ALA C 417 19.21 -42.64 10.42
CA ALA C 417 19.89 -41.69 9.55
C ALA C 417 21.34 -42.09 9.43
N VAL C 418 21.98 -42.43 10.54
CA VAL C 418 23.39 -42.83 10.51
C VAL C 418 23.58 -44.00 9.56
N ALA C 419 22.65 -44.93 9.57
CA ALA C 419 22.70 -46.10 8.69
C ALA C 419 22.79 -45.64 7.25
N ASN C 420 21.89 -44.75 6.81
CA ASN C 420 21.91 -44.28 5.44
C ASN C 420 23.12 -43.42 5.08
N ARG C 421 23.56 -42.57 6.00
CA ARG C 421 24.72 -41.73 5.76
C ARG C 421 25.98 -42.58 5.68
N VAL C 422 26.10 -43.60 6.54
CA VAL C 422 27.28 -44.49 6.49
C VAL C 422 27.27 -45.36 5.20
N ALA C 423 26.13 -45.94 4.87
CA ALA C 423 26.04 -46.73 3.65
C ALA C 423 26.46 -45.91 2.43
N LEU C 424 26.03 -44.64 2.34
CA LEU C 424 26.38 -43.76 1.22
C LEU C 424 27.84 -43.35 1.18
N GLU C 425 28.41 -42.91 2.30
CA GLU C 425 29.80 -42.54 2.27
C GLU C 425 30.67 -43.77 1.95
N ALA C 426 30.21 -44.96 2.33
CA ALA C 426 30.95 -46.19 2.04
C ALA C 426 31.01 -46.41 0.53
N CYS C 427 29.89 -46.20 -0.16
CA CYS C 427 29.83 -46.34 -1.60
C CYS C 427 30.64 -45.28 -2.33
N VAL C 428 30.60 -44.05 -1.83
CA VAL C 428 31.35 -42.94 -2.42
C VAL C 428 32.83 -43.25 -2.26
N GLN C 429 33.27 -43.63 -1.06
CA GLN C 429 34.69 -43.96 -0.89
C GLN C 429 35.11 -45.11 -1.83
N ALA C 430 34.34 -46.20 -1.86
CA ALA C 430 34.63 -47.35 -2.72
C ALA C 430 34.71 -46.95 -4.18
N ARG C 431 33.70 -46.23 -4.66
CA ARG C 431 33.71 -45.80 -6.05
C ARG C 431 34.95 -44.96 -6.35
N ASN C 432 35.22 -43.99 -5.48
CA ASN C 432 36.34 -43.09 -5.64
C ASN C 432 37.65 -43.86 -5.63
N GLU C 433 37.64 -45.00 -4.96
CA GLU C 433 38.87 -45.82 -4.91
C GLU C 433 39.01 -46.72 -6.13
N GLY C 434 38.01 -46.77 -6.99
CA GLY C 434 38.13 -47.60 -8.17
C GLY C 434 37.24 -48.82 -8.19
N ARG C 435 36.60 -49.16 -7.06
CA ARG C 435 35.76 -50.33 -7.00
C ARG C 435 34.54 -50.20 -7.87
N ASP C 436 34.01 -51.33 -8.32
CA ASP C 436 32.86 -51.34 -9.19
C ASP C 436 31.58 -51.55 -8.39
N LEU C 437 30.82 -50.47 -8.18
CA LEU C 437 29.60 -50.53 -7.38
C LEU C 437 28.59 -51.54 -7.88
N ALA C 438 28.59 -51.79 -9.17
CA ALA C 438 27.66 -52.78 -9.74
C ALA C 438 28.03 -54.18 -9.30
N ARG C 439 29.32 -54.50 -9.31
CA ARG C 439 29.71 -55.84 -8.93
C ARG C 439 29.98 -55.97 -7.45
N GLU C 440 30.66 -55.00 -6.86
CA GLU C 440 30.97 -55.06 -5.44
C GLU C 440 29.95 -54.40 -4.53
N GLY C 441 28.78 -54.07 -5.06
CA GLY C 441 27.75 -53.43 -4.26
C GLY C 441 27.52 -54.06 -2.90
N ASN C 442 27.11 -55.32 -2.86
CA ASN C 442 26.87 -55.95 -1.59
C ASN C 442 28.09 -56.16 -0.72
N THR C 443 29.26 -56.26 -1.32
CA THR C 443 30.45 -56.46 -0.51
C THR C 443 30.74 -55.18 0.23
N ILE C 444 30.59 -54.05 -0.46
CA ILE C 444 30.86 -52.75 0.17
C ILE C 444 29.96 -52.50 1.39
N ILE C 445 28.67 -52.79 1.23
CA ILE C 445 27.71 -52.62 2.31
C ILE C 445 28.03 -53.58 3.45
N ARG C 446 28.25 -54.84 3.11
CA ARG C 446 28.58 -55.89 4.09
C ARG C 446 29.84 -55.51 4.87
N GLU C 447 30.84 -54.97 4.18
CA GLU C 447 32.08 -54.58 4.86
C GLU C 447 31.79 -53.50 5.88
N ALA C 448 30.93 -52.55 5.52
CA ALA C 448 30.60 -51.44 6.43
C ALA C 448 29.88 -51.92 7.67
N THR C 449 29.05 -52.96 7.53
CA THR C 449 28.34 -53.48 8.68
C THR C 449 29.32 -53.94 9.73
N LYS C 450 30.58 -54.14 9.38
CA LYS C 450 31.50 -54.61 10.41
C LYS C 450 31.88 -53.53 11.40
N TRP C 451 31.74 -52.27 11.02
CA TRP C 451 32.13 -51.26 12.00
C TRP C 451 31.02 -50.26 12.31
N SER C 452 29.85 -50.51 11.74
CA SER C 452 28.70 -49.65 11.98
C SER C 452 27.53 -50.47 12.53
N PRO C 453 27.37 -50.51 13.85
CA PRO C 453 26.27 -51.28 14.43
C PRO C 453 24.96 -50.75 13.86
N GLU C 454 24.90 -49.44 13.61
CA GLU C 454 23.68 -48.86 13.05
C GLU C 454 23.37 -49.41 11.67
N LEU C 455 24.35 -49.47 10.79
CA LEU C 455 24.12 -49.99 9.44
C LEU C 455 23.72 -51.45 9.54
N ALA C 456 24.44 -52.16 10.39
CA ALA C 456 24.22 -53.59 10.60
C ALA C 456 22.77 -53.93 10.88
N ALA C 457 22.15 -53.23 11.81
CA ALA C 457 20.78 -53.52 12.18
C ALA C 457 19.82 -53.25 11.03
N ALA C 458 20.12 -52.26 10.22
CA ALA C 458 19.23 -51.95 9.09
C ALA C 458 19.37 -53.03 8.06
N CYS C 459 20.60 -53.50 7.85
CA CYS C 459 20.81 -54.55 6.85
C CYS C 459 19.95 -55.77 7.15
N GLU C 460 19.91 -56.15 8.44
CA GLU C 460 19.12 -57.30 8.88
C GLU C 460 17.66 -57.12 8.50
N VAL C 461 17.09 -55.96 8.79
CA VAL C 461 15.68 -55.75 8.50
C VAL C 461 15.22 -55.85 7.04
N TRP C 462 16.01 -55.29 6.12
CA TRP C 462 15.61 -55.24 4.70
C TRP C 462 16.34 -56.12 3.71
N LYS C 463 17.16 -57.02 4.24
CA LYS C 463 17.91 -57.92 3.40
C LYS C 463 17.10 -58.50 2.24
N GLU C 464 15.87 -58.94 2.49
CA GLU C 464 15.14 -59.55 1.39
C GLU C 464 14.16 -58.70 0.61
N ILE C 465 14.17 -57.38 0.77
CA ILE C 465 13.18 -56.58 0.04
C ILE C 465 13.64 -56.06 -1.29
N LYS C 466 12.90 -56.46 -2.34
CA LYS C 466 13.17 -56.07 -3.72
C LYS C 466 11.83 -55.77 -4.35
N PHE C 467 11.80 -54.95 -5.40
CA PHE C 467 10.52 -54.65 -6.05
C PHE C 467 10.80 -54.90 -7.53
N GLU C 468 10.37 -56.05 -8.03
CA GLU C 468 10.62 -56.41 -9.42
C GLU C 468 9.35 -56.86 -10.12
N PHE C 469 8.89 -56.06 -11.09
CA PHE C 469 7.69 -56.39 -11.85
C PHE C 469 7.91 -55.95 -13.29
N PRO C 470 7.13 -56.48 -14.22
CA PRO C 470 7.39 -55.99 -15.59
C PRO C 470 6.98 -54.52 -15.69
N ALA C 471 7.67 -53.74 -16.53
CA ALA C 471 7.37 -52.31 -16.69
C ALA C 471 6.31 -52.09 -17.77
N MET C 472 5.49 -51.04 -17.61
CA MET C 472 4.42 -50.71 -18.57
C MET C 472 4.93 -49.76 -19.65
N ASP C 473 5.84 -48.88 -19.25
CA ASP C 473 6.40 -47.85 -20.13
C ASP C 473 7.85 -48.22 -20.45
N THR C 474 8.04 -48.67 -21.70
CA THR C 474 9.35 -49.11 -22.21
C THR C 474 9.61 -48.36 -23.50
N VAL C 475 10.88 -48.31 -23.90
CA VAL C 475 11.25 -47.59 -25.12
C VAL C 475 10.42 -48.05 -26.31
N MET D 1 19.88 -51.88 21.36
CA MET D 1 19.46 -50.56 20.79
C MET D 1 20.47 -49.59 21.31
N GLN D 2 21.23 -48.97 20.43
CA GLN D 2 22.26 -48.00 20.84
C GLN D 2 21.68 -46.61 20.67
N VAL D 3 22.05 -45.68 21.55
CA VAL D 3 21.55 -44.31 21.46
C VAL D 3 22.62 -43.46 20.79
N TRP D 4 22.28 -42.77 19.72
CA TRP D 4 23.30 -41.97 19.04
C TRP D 4 23.75 -40.79 19.88
N PRO D 5 25.05 -40.66 20.12
CA PRO D 5 25.67 -39.59 20.91
C PRO D 5 25.27 -38.18 20.54
N ILE D 6 25.36 -37.34 21.55
CA ILE D 6 24.99 -35.94 21.50
C ILE D 6 26.15 -34.96 21.68
N LEU D 7 27.11 -35.30 22.52
CA LEU D 7 28.23 -34.40 22.80
C LEU D 7 29.47 -34.70 21.99
N ASN D 8 30.24 -33.67 21.68
CA ASN D 8 31.44 -33.83 20.91
C ASN D 8 31.23 -34.70 19.71
N LEU D 9 30.19 -34.44 18.93
CA LEU D 9 29.98 -35.26 17.73
C LEU D 9 29.83 -34.39 16.48
N LYS D 10 30.63 -33.32 16.39
CA LYS D 10 30.58 -32.44 15.23
C LYS D 10 31.03 -33.26 14.04
N LYS D 11 30.50 -32.99 12.86
CA LYS D 11 30.90 -33.74 11.69
C LYS D 11 31.42 -32.76 10.63
N TYR D 12 32.03 -33.28 9.56
CA TYR D 12 32.63 -32.39 8.56
C TYR D 12 32.34 -32.70 7.10
N GLU D 13 31.08 -32.97 6.82
CA GLU D 13 30.62 -33.27 5.49
C GLU D 13 31.20 -34.56 4.92
N THR D 14 31.31 -34.65 3.60
CA THR D 14 31.74 -35.87 2.96
C THR D 14 32.89 -36.68 3.54
N LEU D 15 32.61 -37.95 3.84
CA LEU D 15 33.57 -38.90 4.42
C LEU D 15 33.75 -38.82 5.93
N SER D 16 33.18 -37.83 6.61
CA SER D 16 33.40 -37.78 8.05
C SER D 16 32.60 -38.75 8.88
N TYR D 17 31.76 -39.56 8.26
CA TYR D 17 31.02 -40.57 9.01
C TYR D 17 31.71 -41.93 8.95
N LEU D 18 32.80 -42.00 8.20
CA LEU D 18 33.59 -43.21 8.02
C LEU D 18 34.73 -43.20 9.01
N PRO D 19 35.35 -44.36 9.22
CA PRO D 19 36.47 -44.37 10.16
C PRO D 19 37.54 -43.43 9.58
N PRO D 20 38.40 -42.89 10.43
CA PRO D 20 39.45 -41.99 9.99
C PRO D 20 40.20 -42.55 8.79
N LEU D 21 40.58 -41.68 7.88
CA LEU D 21 41.28 -42.10 6.69
C LEU D 21 42.73 -42.41 6.99
N THR D 22 43.22 -43.55 6.53
CA THR D 22 44.64 -43.85 6.75
C THR D 22 45.29 -43.01 5.65
N THR D 23 46.63 -42.94 5.65
CA THR D 23 47.27 -42.14 4.62
C THR D 23 47.13 -42.76 3.25
N ASP D 24 46.87 -44.06 3.18
CA ASP D 24 46.70 -44.65 1.86
C ASP D 24 45.35 -44.18 1.33
N GLN D 25 44.35 -44.24 2.20
CA GLN D 25 43.01 -43.83 1.79
C GLN D 25 43.04 -42.39 1.35
N LEU D 26 43.70 -41.53 2.11
CA LEU D 26 43.78 -40.13 1.76
C LEU D 26 44.38 -40.02 0.37
N ALA D 27 45.54 -40.62 0.18
CA ALA D 27 46.20 -40.57 -1.12
C ALA D 27 45.28 -41.03 -2.23
N ARG D 28 44.43 -42.01 -1.95
CA ARG D 28 43.54 -42.50 -2.98
C ARG D 28 42.50 -41.48 -3.42
N GLN D 29 42.01 -40.66 -2.49
CA GLN D 29 41.01 -39.62 -2.84
C GLN D 29 41.70 -38.54 -3.69
N VAL D 30 42.95 -38.22 -3.39
CA VAL D 30 43.66 -37.23 -4.18
C VAL D 30 43.88 -37.79 -5.58
N ASP D 31 44.09 -39.10 -5.70
CA ASP D 31 44.27 -39.68 -7.03
C ASP D 31 42.99 -39.55 -7.83
N TYR D 32 41.87 -39.80 -7.15
CA TYR D 32 40.57 -39.71 -7.78
C TYR D 32 40.38 -38.28 -8.29
N LEU D 33 40.77 -37.32 -7.47
CA LEU D 33 40.64 -35.92 -7.80
C LEU D 33 41.46 -35.65 -9.07
N LEU D 34 42.74 -36.01 -9.07
CA LEU D 34 43.59 -35.78 -10.24
C LEU D 34 43.16 -36.57 -11.46
N ASN D 35 42.73 -37.82 -11.29
CA ASN D 35 42.33 -38.61 -12.44
C ASN D 35 41.18 -37.99 -13.15
N ASN D 36 40.37 -37.23 -12.44
CA ASN D 36 39.21 -36.61 -13.10
C ASN D 36 39.57 -35.29 -13.70
N LYS D 37 40.82 -34.90 -13.55
CA LYS D 37 41.29 -33.64 -14.10
C LYS D 37 40.74 -32.40 -13.40
N TRP D 38 40.47 -32.51 -12.11
CA TRP D 38 39.97 -31.40 -11.33
C TRP D 38 41.20 -30.77 -10.68
N VAL D 39 41.14 -29.48 -10.35
CA VAL D 39 42.26 -28.74 -9.77
C VAL D 39 42.22 -28.82 -8.25
N PRO D 40 43.29 -29.30 -7.61
CA PRO D 40 43.19 -29.34 -6.16
C PRO D 40 43.53 -28.01 -5.52
N CYS D 41 43.17 -27.85 -4.26
CA CYS D 41 43.44 -26.62 -3.52
C CYS D 41 43.21 -26.97 -2.07
N LEU D 42 43.90 -26.31 -1.17
CA LEU D 42 43.75 -26.57 0.25
C LEU D 42 43.20 -25.31 0.91
N GLU D 43 42.41 -25.47 1.98
CA GLU D 43 41.83 -24.33 2.70
C GLU D 43 42.02 -24.64 4.17
N PHE D 44 42.20 -23.61 5.00
CA PHE D 44 42.39 -23.85 6.43
C PHE D 44 41.60 -22.82 7.22
N GLU D 45 41.29 -23.13 8.47
CA GLU D 45 40.52 -22.23 9.32
C GLU D 45 40.90 -22.52 10.76
N THR D 46 41.17 -21.47 11.52
CA THR D 46 41.55 -21.62 12.93
C THR D 46 40.43 -21.15 13.86
N ASP D 47 39.74 -20.08 13.49
CA ASP D 47 38.70 -19.53 14.32
C ASP D 47 37.32 -20.14 14.35
N HIS D 48 36.67 -20.26 13.20
CA HIS D 48 35.32 -20.82 13.16
C HIS D 48 35.25 -22.10 12.36
N GLY D 49 35.51 -23.23 12.99
CA GLY D 49 35.47 -24.48 12.27
C GLY D 49 34.09 -24.86 11.79
N PHE D 50 33.06 -24.22 12.32
CA PHE D 50 31.71 -24.59 11.89
C PHE D 50 30.86 -23.41 11.52
N VAL D 51 29.87 -23.71 10.69
CA VAL D 51 28.94 -22.73 10.20
C VAL D 51 28.18 -22.05 11.37
N TYR D 52 27.85 -20.78 11.22
CA TYR D 52 27.12 -20.06 12.28
C TYR D 52 26.42 -18.88 11.64
N ARG D 53 25.63 -18.13 12.38
CA ARG D 53 24.94 -16.97 11.80
C ARG D 53 25.13 -15.75 12.63
N GLU D 54 26.03 -14.88 12.25
CA GLU D 54 26.24 -13.71 13.03
C GLU D 54 25.78 -12.45 12.33
N HIS D 55 25.97 -12.37 11.01
CA HIS D 55 25.63 -11.12 10.30
C HIS D 55 24.33 -11.06 9.55
N HIS D 56 23.62 -12.17 9.44
CA HIS D 56 22.36 -12.12 8.73
C HIS D 56 21.63 -13.41 8.98
N ASN D 57 20.31 -13.41 8.80
CA ASN D 57 19.51 -14.60 9.00
C ASN D 57 18.57 -14.87 7.85
N SER D 58 18.76 -14.23 6.70
CA SER D 58 17.85 -14.44 5.58
C SER D 58 18.13 -15.78 4.96
N PRO D 59 17.18 -16.33 4.18
CA PRO D 59 17.44 -17.63 3.59
C PRO D 59 18.72 -17.77 2.78
N GLY D 60 19.45 -18.84 3.03
CA GLY D 60 20.67 -19.09 2.30
C GLY D 60 21.91 -18.40 2.81
N TYR D 61 21.80 -17.58 3.85
CA TYR D 61 22.97 -16.90 4.37
C TYR D 61 23.49 -17.57 5.63
N TYR D 62 24.79 -17.86 5.67
CA TYR D 62 25.40 -18.47 6.84
C TYR D 62 26.81 -17.93 6.87
N ASP D 63 27.37 -17.78 8.06
CA ASP D 63 28.74 -17.32 8.18
C ASP D 63 29.56 -18.58 8.41
N GLY D 64 30.85 -18.56 8.10
CA GLY D 64 31.67 -19.74 8.32
C GLY D 64 31.83 -20.71 7.18
N ARG D 65 31.28 -20.37 6.01
CA ARG D 65 31.42 -21.23 4.84
C ARG D 65 32.75 -21.00 4.15
N TYR D 66 33.22 -19.76 4.12
CA TYR D 66 34.49 -19.44 3.49
C TYR D 66 35.63 -19.70 4.46
N TRP D 67 36.63 -20.46 4.05
CA TRP D 67 37.80 -20.69 4.89
C TRP D 67 38.88 -19.90 4.18
N THR D 68 40.12 -19.93 4.67
CA THR D 68 41.14 -19.18 3.97
C THR D 68 42.00 -20.07 3.09
N MET D 69 42.35 -19.55 1.92
CA MET D 69 43.09 -20.28 0.91
C MET D 69 44.56 -20.48 1.22
N TRP D 70 45.05 -21.72 1.06
CA TRP D 70 46.46 -22.01 1.28
C TRP D 70 47.14 -21.85 -0.07
N LYS D 71 47.95 -20.81 -0.23
CA LYS D 71 48.64 -20.57 -1.48
C LYS D 71 47.69 -20.30 -2.64
N LEU D 72 47.63 -21.17 -3.64
CA LEU D 72 46.75 -20.97 -4.80
C LEU D 72 46.28 -22.32 -5.32
N PRO D 73 45.23 -22.36 -6.14
CA PRO D 73 44.81 -23.67 -6.64
C PRO D 73 45.99 -24.22 -7.43
N MET D 74 46.24 -25.52 -7.39
CA MET D 74 47.40 -26.09 -8.07
C MET D 74 47.12 -26.45 -9.50
N PHE D 75 46.89 -25.45 -10.34
CA PHE D 75 46.59 -25.69 -11.75
C PHE D 75 47.68 -26.50 -12.40
N GLY D 76 47.28 -27.40 -13.29
CA GLY D 76 48.26 -28.26 -13.96
C GLY D 76 48.93 -29.33 -13.10
N CYS D 77 48.61 -29.40 -11.80
CA CYS D 77 49.21 -30.41 -10.93
C CYS D 77 48.78 -31.76 -11.47
N THR D 78 49.67 -32.76 -11.41
CA THR D 78 49.36 -34.12 -11.89
C THR D 78 49.93 -35.16 -10.95
N ASP D 79 50.72 -34.73 -9.97
CA ASP D 79 51.33 -35.68 -9.04
C ASP D 79 50.75 -35.53 -7.64
N PRO D 80 50.01 -36.53 -7.18
CA PRO D 80 49.39 -36.52 -5.85
C PRO D 80 50.37 -36.25 -4.74
N ALA D 81 51.65 -36.46 -5.02
CA ALA D 81 52.64 -36.22 -3.98
C ALA D 81 52.71 -34.73 -3.71
N GLN D 82 52.59 -33.96 -4.78
CA GLN D 82 52.65 -32.50 -4.71
C GLN D 82 51.57 -31.99 -3.74
N VAL D 83 50.38 -32.56 -3.84
CA VAL D 83 49.24 -32.17 -3.01
C VAL D 83 49.49 -32.53 -1.57
N LEU D 84 49.87 -33.78 -1.34
CA LEU D 84 50.15 -34.29 0.03
C LEU D 84 51.30 -33.56 0.67
N ASN D 85 52.15 -33.02 -0.18
CA ASN D 85 53.27 -32.27 0.28
C ASN D 85 52.78 -30.95 0.88
N GLU D 86 51.91 -30.27 0.15
CA GLU D 86 51.37 -29.02 0.65
C GLU D 86 50.65 -29.26 1.93
N LEU D 87 49.92 -30.38 2.02
CA LEU D 87 49.20 -30.68 3.25
C LEU D 87 50.14 -30.66 4.44
N GLU D 88 51.30 -31.28 4.26
CA GLU D 88 52.27 -31.33 5.36
C GLU D 88 52.80 -29.95 5.72
N GLU D 89 53.10 -29.17 4.69
CA GLU D 89 53.61 -27.81 4.92
C GLU D 89 52.58 -26.96 5.65
N CYS D 90 51.32 -27.08 5.25
CA CYS D 90 50.23 -26.32 5.89
C CYS D 90 50.07 -26.78 7.33
N LYS D 91 50.05 -28.09 7.54
CA LYS D 91 49.90 -28.63 8.89
C LYS D 91 50.93 -28.08 9.83
N LYS D 92 52.18 -27.99 9.37
CA LYS D 92 53.22 -27.53 10.25
C LYS D 92 53.14 -26.04 10.52
N GLU D 93 52.56 -25.31 9.58
CA GLU D 93 52.45 -23.88 9.79
C GLU D 93 51.20 -23.57 10.59
N TYR D 94 50.16 -24.39 10.42
CA TYR D 94 48.89 -24.18 11.12
C TYR D 94 48.42 -25.44 11.83
N PRO D 95 49.19 -25.92 12.79
CA PRO D 95 48.84 -27.13 13.55
C PRO D 95 47.53 -26.97 14.29
N ASN D 96 47.12 -25.73 14.48
CA ASN D 96 45.88 -25.46 15.21
C ASN D 96 44.68 -25.24 14.29
N ALA D 97 44.82 -25.57 13.01
CA ALA D 97 43.71 -25.33 12.10
C ALA D 97 43.06 -26.57 11.54
N PHE D 98 41.82 -26.44 11.05
CA PHE D 98 41.15 -27.56 10.39
C PHE D 98 41.67 -27.29 8.98
N ILE D 99 41.96 -28.31 8.20
CA ILE D 99 42.46 -28.11 6.84
C ILE D 99 41.67 -29.04 5.94
N ARG D 100 41.30 -28.60 4.75
CA ARG D 100 40.55 -29.48 3.86
C ARG D 100 41.04 -29.36 2.46
N ILE D 101 40.82 -30.41 1.67
CA ILE D 101 41.27 -30.46 0.30
C ILE D 101 40.03 -30.35 -0.55
N ILE D 102 40.02 -29.48 -1.55
CA ILE D 102 38.87 -29.33 -2.43
C ILE D 102 39.38 -29.48 -3.86
N GLY D 103 38.50 -29.74 -4.82
CA GLY D 103 38.95 -29.89 -6.18
C GLY D 103 37.96 -29.23 -7.10
N PHE D 104 38.42 -28.33 -7.97
CA PHE D 104 37.52 -27.62 -8.86
C PHE D 104 37.34 -28.25 -10.22
N ASP D 105 36.13 -28.15 -10.76
CA ASP D 105 35.86 -28.60 -12.10
C ASP D 105 35.65 -27.26 -12.76
N SER D 106 36.64 -26.74 -13.47
CA SER D 106 36.50 -25.42 -14.09
C SER D 106 35.43 -25.35 -15.15
N ASN D 107 35.11 -26.48 -15.74
CA ASN D 107 34.10 -26.48 -16.76
C ASN D 107 32.75 -26.15 -16.21
N ARG D 108 32.36 -26.79 -15.10
CA ARG D 108 31.05 -26.51 -14.50
C ARG D 108 31.18 -25.46 -13.41
N GLU D 109 32.41 -25.17 -13.01
CA GLU D 109 32.69 -24.23 -11.94
C GLU D 109 31.95 -24.64 -10.70
N VAL D 110 32.19 -25.88 -10.28
CA VAL D 110 31.59 -26.46 -9.10
C VAL D 110 32.71 -27.24 -8.42
N GLN D 111 32.71 -27.32 -7.10
CA GLN D 111 33.72 -28.10 -6.42
C GLN D 111 33.22 -29.55 -6.43
N CYS D 112 33.93 -30.44 -7.09
CA CYS D 112 33.46 -31.82 -7.13
C CYS D 112 34.01 -32.70 -6.05
N ILE D 113 34.81 -32.11 -5.18
CA ILE D 113 35.44 -32.84 -4.09
C ILE D 113 35.68 -31.88 -2.98
N SER D 114 35.48 -32.35 -1.75
CA SER D 114 35.75 -31.53 -0.57
C SER D 114 35.75 -32.44 0.66
N PHE D 115 36.88 -32.58 1.34
CA PHE D 115 36.90 -33.42 2.53
C PHE D 115 37.95 -32.96 3.51
N ILE D 116 37.69 -33.09 4.78
CA ILE D 116 38.60 -32.65 5.82
C ILE D 116 39.87 -33.51 5.79
N ALA D 117 41.05 -32.91 5.82
CA ALA D 117 42.28 -33.70 5.77
C ALA D 117 43.08 -33.65 7.07
N TYR D 118 42.75 -32.73 7.96
CA TYR D 118 43.47 -32.61 9.22
C TYR D 118 42.60 -31.83 10.21
N LYS D 119 42.63 -32.23 11.48
CA LYS D 119 41.82 -31.57 12.51
C LYS D 119 42.71 -31.32 13.72
N PRO D 120 42.50 -30.22 14.44
CA PRO D 120 43.34 -29.96 15.61
C PRO D 120 42.95 -30.96 16.71
N ALA D 121 43.85 -31.14 17.67
CA ALA D 121 43.59 -32.08 18.76
C ALA D 121 42.43 -31.55 19.52
N GLY D 122 41.70 -32.47 20.15
CA GLY D 122 40.53 -32.06 20.90
C GLY D 122 39.36 -32.35 19.99
N TYR D 123 39.65 -32.49 18.69
CA TYR D 123 38.63 -32.78 17.67
C TYR D 123 38.94 -34.11 17.02
N ALA E 9 43.86 -28.95 -19.76
CA ALA E 9 43.66 -29.14 -18.27
C ALA E 9 44.55 -28.14 -17.53
N SER E 10 43.90 -27.35 -16.66
CA SER E 10 44.54 -26.31 -15.84
C SER E 10 46.00 -26.10 -16.20
N VAL E 11 46.30 -25.48 -17.32
CA VAL E 11 47.72 -25.22 -17.60
C VAL E 11 48.11 -24.35 -16.39
N GLY E 12 49.38 -24.34 -15.99
CA GLY E 12 49.77 -23.51 -14.85
C GLY E 12 49.42 -22.03 -14.98
N PHE E 13 49.62 -21.29 -13.88
CA PHE E 13 49.39 -19.83 -13.83
C PHE E 13 50.78 -19.22 -13.83
N LYS E 14 50.98 -18.22 -14.65
CA LYS E 14 52.27 -17.58 -14.73
C LYS E 14 51.95 -16.10 -14.79
N ALA E 15 52.32 -15.39 -13.73
CA ALA E 15 52.05 -13.96 -13.67
C ALA E 15 52.74 -13.22 -14.79
N GLY E 16 52.29 -12.01 -15.11
CA GLY E 16 52.97 -11.28 -16.15
C GLY E 16 52.03 -10.87 -17.24
N VAL E 17 52.40 -9.83 -17.99
CA VAL E 17 51.54 -9.38 -19.05
C VAL E 17 51.93 -10.03 -20.36
N LYS E 18 50.95 -10.43 -21.15
CA LYS E 18 51.25 -11.01 -22.44
C LYS E 18 50.30 -10.43 -23.46
N ASP E 19 50.61 -10.59 -24.74
CA ASP E 19 49.80 -10.01 -25.80
C ASP E 19 48.37 -10.48 -25.77
N TYR E 20 47.46 -9.57 -26.07
CA TYR E 20 46.05 -9.93 -26.10
C TYR E 20 45.79 -10.89 -27.23
N LYS E 21 46.54 -10.77 -28.32
CA LYS E 21 46.32 -11.64 -29.47
C LYS E 21 46.48 -13.13 -29.19
N LEU E 22 47.27 -13.47 -28.17
CA LEU E 22 47.46 -14.88 -27.85
C LEU E 22 46.16 -15.55 -27.46
N THR E 23 45.25 -14.81 -26.84
CA THR E 23 43.99 -15.40 -26.38
C THR E 23 42.72 -14.89 -27.08
N TYR E 24 42.78 -13.66 -27.54
CA TYR E 24 41.62 -13.02 -28.12
C TYR E 24 41.53 -12.80 -29.62
N TYR E 25 42.53 -13.22 -30.39
CA TYR E 25 42.47 -13.11 -31.85
C TYR E 25 42.28 -14.57 -32.21
N THR E 26 41.15 -14.88 -32.84
CA THR E 26 40.76 -16.25 -33.14
C THR E 26 40.15 -16.25 -34.53
N PRO E 27 40.99 -16.10 -35.55
CA PRO E 27 40.56 -16.04 -36.95
C PRO E 27 39.91 -17.29 -37.50
N GLU E 28 40.05 -18.39 -36.79
CA GLU E 28 39.44 -19.64 -37.26
C GLU E 28 38.04 -19.86 -36.73
N TYR E 29 37.61 -19.05 -35.76
CA TYR E 29 36.30 -19.18 -35.13
C TYR E 29 35.13 -19.09 -36.08
N GLU E 30 34.16 -19.99 -35.89
CA GLU E 30 32.93 -19.99 -36.67
C GLU E 30 31.92 -19.42 -35.67
N THR E 31 31.21 -18.35 -36.03
CA THR E 31 30.31 -17.73 -35.09
C THR E 31 29.09 -18.60 -34.88
N LEU E 32 28.54 -18.59 -33.66
CA LEU E 32 27.36 -19.36 -33.29
C LEU E 32 26.13 -18.49 -33.53
N ASP E 33 24.96 -19.09 -33.68
CA ASP E 33 23.77 -18.31 -33.92
C ASP E 33 23.28 -17.58 -32.71
N THR E 34 23.88 -17.84 -31.56
CA THR E 34 23.49 -17.17 -30.33
C THR E 34 24.48 -16.07 -29.94
N ASP E 35 25.54 -15.89 -30.72
CA ASP E 35 26.57 -14.89 -30.48
C ASP E 35 26.12 -13.49 -30.84
N ILE E 36 26.53 -12.48 -30.07
CA ILE E 36 26.24 -11.09 -30.41
C ILE E 36 27.49 -10.76 -31.19
N LEU E 37 27.36 -10.28 -32.42
CA LEU E 37 28.53 -9.95 -33.25
C LEU E 37 28.66 -8.44 -33.37
N ALA E 38 29.88 -7.94 -33.42
CA ALA E 38 30.12 -6.51 -33.52
C ALA E 38 31.11 -6.18 -34.61
N ALA E 39 30.86 -5.10 -35.35
CA ALA E 39 31.76 -4.62 -36.39
C ALA E 39 32.33 -3.28 -35.94
N PHE E 40 33.61 -3.27 -35.55
CA PHE E 40 34.29 -2.06 -35.11
C PHE E 40 35.20 -1.50 -36.20
N ARG E 41 35.23 -0.20 -36.39
CA ARG E 41 36.15 0.43 -37.35
C ARG E 41 37.29 0.90 -36.47
N VAL E 42 38.41 0.18 -36.47
CA VAL E 42 39.57 0.48 -35.61
C VAL E 42 40.69 1.24 -36.31
N SER E 43 41.24 2.27 -35.65
CA SER E 43 42.36 3.08 -36.15
C SER E 43 43.45 2.94 -35.09
N PRO E 44 44.39 1.99 -35.25
CA PRO E 44 45.44 1.82 -34.24
C PRO E 44 46.51 2.90 -34.22
N GLN E 45 47.21 3.01 -33.10
CA GLN E 45 48.29 3.98 -33.00
C GLN E 45 49.44 3.34 -33.79
N PRO E 46 50.39 4.15 -34.23
CA PRO E 46 51.53 3.62 -34.98
C PRO E 46 52.22 2.58 -34.11
N GLY E 47 52.62 1.47 -34.71
CA GLY E 47 53.32 0.46 -33.93
C GLY E 47 52.47 -0.60 -33.25
N VAL E 48 51.14 -0.43 -33.30
CA VAL E 48 50.22 -1.40 -32.72
C VAL E 48 49.57 -2.03 -33.92
N PRO E 49 49.79 -3.33 -34.11
CA PRO E 49 49.22 -4.07 -35.25
C PRO E 49 47.74 -4.38 -35.14
N PRO E 50 47.05 -4.44 -36.28
CA PRO E 50 45.61 -4.73 -36.30
C PRO E 50 45.19 -5.86 -35.34
N GLU E 51 45.83 -7.03 -35.46
CA GLU E 51 45.46 -8.16 -34.62
C GLU E 51 45.48 -7.86 -33.14
N GLU E 52 46.45 -7.07 -32.71
CA GLU E 52 46.53 -6.78 -31.29
C GLU E 52 45.50 -5.72 -30.94
N ALA E 53 45.32 -4.75 -31.83
CA ALA E 53 44.34 -3.71 -31.58
C ALA E 53 42.98 -4.42 -31.45
N GLY E 54 42.61 -5.23 -32.43
CA GLY E 54 41.34 -5.93 -32.36
C GLY E 54 41.22 -6.87 -31.14
N ALA E 55 42.28 -7.60 -30.84
CA ALA E 55 42.24 -8.50 -29.71
C ALA E 55 42.06 -7.71 -28.43
N ALA E 56 42.63 -6.51 -28.37
CA ALA E 56 42.50 -5.70 -27.16
C ALA E 56 41.08 -5.20 -26.96
N VAL E 57 40.38 -4.91 -28.07
CA VAL E 57 38.98 -4.47 -28.02
C VAL E 57 38.13 -5.64 -27.55
N ALA E 58 38.36 -6.82 -28.12
CA ALA E 58 37.60 -8.00 -27.74
C ALA E 58 37.88 -8.38 -26.31
N ALA E 59 39.11 -8.17 -25.84
CA ALA E 59 39.47 -8.54 -24.48
C ALA E 59 38.83 -7.73 -23.37
N GLU E 60 39.02 -6.41 -23.40
CA GLU E 60 38.47 -5.55 -22.36
C GLU E 60 36.93 -5.39 -22.42
N SER E 61 36.31 -5.80 -23.51
CA SER E 61 34.88 -5.67 -23.59
C SER E 61 34.19 -6.98 -23.20
N SER E 62 34.97 -7.91 -22.70
CA SER E 62 34.38 -9.16 -22.30
C SER E 62 34.95 -9.75 -21.03
N THR E 63 36.06 -10.47 -21.11
CA THR E 63 36.60 -11.12 -19.92
C THR E 63 37.99 -10.81 -19.47
N GLY E 64 38.79 -10.16 -20.28
CA GLY E 64 40.17 -9.98 -19.86
C GLY E 64 40.67 -8.67 -19.33
N THR E 65 41.87 -8.68 -18.75
CA THR E 65 42.46 -7.44 -18.26
C THR E 65 43.90 -7.29 -18.79
N TRP E 66 44.62 -6.30 -18.30
CA TRP E 66 45.98 -6.02 -18.79
C TRP E 66 47.11 -6.96 -18.41
N THR E 67 46.91 -7.86 -17.45
CA THR E 67 47.96 -8.78 -17.03
C THR E 67 47.30 -10.11 -16.66
N THR E 68 48.04 -11.22 -16.67
CA THR E 68 47.44 -12.52 -16.37
C THR E 68 46.98 -12.66 -14.91
N VAL E 69 45.75 -13.11 -14.71
CA VAL E 69 45.20 -13.29 -13.37
C VAL E 69 44.97 -14.76 -13.14
N TRP E 70 45.16 -15.25 -11.92
CA TRP E 70 44.99 -16.69 -11.68
C TRP E 70 43.56 -17.20 -11.73
N THR E 71 42.60 -16.33 -11.51
CA THR E 71 41.21 -16.75 -11.46
C THR E 71 40.67 -17.26 -12.77
N ASP E 72 41.33 -16.96 -13.88
CA ASP E 72 40.83 -17.45 -15.16
C ASP E 72 40.68 -18.95 -15.10
N GLY E 73 41.51 -19.59 -14.28
CA GLY E 73 41.48 -21.02 -14.17
C GLY E 73 40.31 -21.62 -13.43
N LEU E 74 39.55 -20.79 -12.71
CA LEU E 74 38.40 -21.30 -11.99
C LEU E 74 37.23 -21.47 -12.93
N THR E 75 37.29 -20.90 -14.14
CA THR E 75 36.23 -21.04 -15.15
C THR E 75 36.78 -21.63 -16.43
N ASN E 76 35.96 -21.58 -17.47
CA ASN E 76 36.28 -22.09 -18.78
C ASN E 76 36.24 -20.86 -19.64
N LEU E 77 37.34 -20.12 -19.69
CA LEU E 77 37.39 -18.89 -20.45
C LEU E 77 37.05 -19.06 -21.90
N ASP E 78 37.35 -20.22 -22.45
CA ASP E 78 37.06 -20.48 -23.86
C ASP E 78 35.60 -20.27 -24.15
N ARG E 79 34.74 -20.46 -23.16
CA ARG E 79 33.33 -20.27 -23.47
C ARG E 79 32.76 -18.91 -23.19
N TYR E 80 33.51 -18.06 -22.49
CA TYR E 80 33.02 -16.73 -22.17
C TYR E 80 33.73 -15.61 -22.88
N LYS E 81 34.96 -15.83 -23.29
CA LYS E 81 35.72 -14.77 -23.93
C LYS E 81 35.16 -14.25 -25.23
N GLY E 82 35.29 -12.94 -25.43
CA GLY E 82 34.84 -12.34 -26.66
C GLY E 82 36.03 -12.58 -27.56
N ARG E 83 35.85 -12.61 -28.86
CA ARG E 83 36.98 -12.88 -29.70
C ARG E 83 36.95 -12.23 -31.04
N CYS E 84 38.10 -11.69 -31.43
CA CYS E 84 38.24 -11.02 -32.72
C CYS E 84 38.46 -12.13 -33.73
N TYR E 85 37.46 -12.39 -34.55
CA TYR E 85 37.53 -13.47 -35.51
C TYR E 85 37.76 -13.09 -36.95
N HIS E 86 37.86 -11.81 -37.27
CA HIS E 86 38.08 -11.46 -38.66
C HIS E 86 38.48 -10.03 -38.74
N ILE E 87 39.41 -9.69 -39.61
CA ILE E 87 39.86 -8.31 -39.75
C ILE E 87 39.85 -7.99 -41.21
N GLU E 88 39.34 -6.84 -41.60
CA GLU E 88 39.34 -6.52 -43.00
C GLU E 88 39.81 -5.08 -43.12
N PRO E 89 40.82 -4.82 -43.94
CA PRO E 89 41.33 -3.45 -44.08
C PRO E 89 40.33 -2.56 -44.79
N VAL E 90 40.32 -1.28 -44.40
CA VAL E 90 39.42 -0.30 -44.98
C VAL E 90 40.00 0.33 -46.25
N ALA E 91 39.25 0.19 -47.33
CA ALA E 91 39.70 0.67 -48.62
C ALA E 91 39.94 2.14 -48.67
N GLY E 92 41.12 2.53 -49.13
CA GLY E 92 41.35 3.95 -49.27
C GLY E 92 41.76 4.62 -47.99
N GLU E 93 41.83 3.85 -46.93
CA GLU E 93 42.26 4.45 -45.71
C GLU E 93 43.50 3.73 -45.37
N GLU E 94 44.34 4.41 -44.64
CA GLU E 94 45.62 3.89 -44.23
C GLU E 94 45.50 3.59 -42.74
N ASN E 95 45.99 2.44 -42.32
CA ASN E 95 45.90 2.15 -40.91
C ASN E 95 44.50 2.22 -40.28
N GLN E 96 43.50 1.69 -40.98
CA GLN E 96 42.13 1.63 -40.49
C GLN E 96 41.60 0.27 -40.91
N TYR E 97 40.97 -0.47 -40.00
CA TYR E 97 40.44 -1.80 -40.30
C TYR E 97 39.05 -1.96 -39.73
N ILE E 98 38.33 -2.97 -40.18
CA ILE E 98 37.01 -3.28 -39.63
C ILE E 98 37.31 -4.59 -38.93
N CYS E 99 37.29 -4.63 -37.60
CA CYS E 99 37.53 -5.85 -36.85
C CYS E 99 36.17 -6.37 -36.39
N TYR E 100 35.91 -7.65 -36.59
CA TYR E 100 34.65 -8.27 -36.19
C TYR E 100 34.87 -8.99 -34.88
N VAL E 101 34.01 -8.75 -33.89
CA VAL E 101 34.13 -9.42 -32.59
C VAL E 101 32.85 -10.18 -32.27
N ALA E 102 32.97 -11.38 -31.71
CA ALA E 102 31.83 -12.20 -31.35
C ALA E 102 31.81 -12.32 -29.85
N TYR E 103 30.64 -12.15 -29.24
CA TYR E 103 30.46 -12.23 -27.79
C TYR E 103 29.42 -13.31 -27.53
N PRO E 104 29.73 -14.28 -26.69
CA PRO E 104 28.79 -15.35 -26.36
C PRO E 104 27.55 -14.88 -25.63
N LEU E 105 26.42 -15.53 -25.85
CA LEU E 105 25.16 -15.13 -25.24
C LEU E 105 25.17 -15.02 -23.73
N ASP E 106 25.99 -15.81 -23.04
CA ASP E 106 26.00 -15.81 -21.59
C ASP E 106 26.56 -14.56 -20.95
N LEU E 107 27.07 -13.63 -21.74
CA LEU E 107 27.66 -12.44 -21.16
C LEU E 107 26.66 -11.34 -20.90
N PHE E 108 25.46 -11.47 -21.42
CA PHE E 108 24.47 -10.41 -21.29
C PHE E 108 23.26 -10.67 -20.39
N GLU E 109 22.80 -9.63 -19.70
CA GLU E 109 21.63 -9.79 -18.86
C GLU E 109 20.47 -9.68 -19.81
N GLU E 110 19.50 -10.56 -19.64
CA GLU E 110 18.33 -10.63 -20.48
C GLU E 110 17.55 -9.35 -20.38
N GLY E 111 17.09 -8.81 -21.49
CA GLY E 111 16.27 -7.61 -21.48
C GLY E 111 16.84 -6.27 -21.06
N SER E 112 18.16 -6.20 -20.97
CA SER E 112 18.84 -4.98 -20.56
C SER E 112 19.77 -4.37 -21.61
N VAL E 113 19.28 -3.40 -22.38
CA VAL E 113 20.11 -2.74 -23.35
C VAL E 113 21.25 -2.07 -22.61
N THR E 114 21.04 -1.66 -21.37
CA THR E 114 22.07 -1.04 -20.55
C THR E 114 23.25 -1.97 -20.35
N ASN E 115 23.02 -3.24 -20.14
CA ASN E 115 24.11 -4.17 -19.96
C ASN E 115 24.82 -4.48 -21.26
N MET E 116 24.09 -4.62 -22.36
CA MET E 116 24.73 -4.87 -23.64
C MET E 116 25.76 -3.79 -23.92
N PHE E 117 25.37 -2.52 -23.82
CA PHE E 117 26.30 -1.42 -24.06
C PHE E 117 27.41 -1.31 -23.04
N THR E 118 27.18 -1.63 -21.79
CA THR E 118 28.26 -1.51 -20.82
C THR E 118 29.45 -2.42 -21.14
N SER E 119 29.20 -3.57 -21.74
CA SER E 119 30.30 -4.47 -22.13
C SER E 119 30.93 -4.06 -23.46
N ILE E 120 30.16 -4.06 -24.52
CA ILE E 120 30.65 -3.76 -25.85
C ILE E 120 31.22 -2.38 -26.09
N VAL E 121 30.75 -1.38 -25.34
CA VAL E 121 31.13 0.00 -25.55
C VAL E 121 31.62 0.70 -24.27
N GLY E 122 31.81 -0.06 -23.21
CA GLY E 122 32.21 0.50 -21.95
C GLY E 122 33.54 1.18 -21.80
N ASN E 123 34.63 0.49 -22.12
CA ASN E 123 35.93 1.08 -21.95
C ASN E 123 36.86 1.13 -23.14
N VAL E 124 36.65 0.26 -24.13
CA VAL E 124 37.52 0.17 -25.28
C VAL E 124 37.80 1.41 -26.11
N PHE E 125 36.87 2.37 -26.15
CA PHE E 125 37.11 3.56 -26.95
C PHE E 125 38.15 4.47 -26.34
N GLY E 126 38.61 4.17 -25.14
CA GLY E 126 39.57 5.06 -24.50
C GLY E 126 40.96 4.49 -24.36
N PHE E 127 41.22 3.33 -24.97
CA PHE E 127 42.53 2.67 -24.90
C PHE E 127 43.60 3.62 -25.46
N LYS E 128 44.73 3.72 -24.78
CA LYS E 128 45.83 4.58 -25.25
C LYS E 128 46.36 4.07 -26.57
N ALA E 129 46.31 2.76 -26.78
CA ALA E 129 46.79 2.14 -28.00
C ALA E 129 45.96 2.31 -29.24
N LEU E 130 44.82 3.00 -29.17
CA LEU E 130 43.99 3.21 -30.35
C LEU E 130 43.90 4.70 -30.56
N ARG E 131 43.71 5.16 -31.80
CA ARG E 131 43.59 6.59 -32.11
C ARG E 131 42.12 6.96 -32.14
N ALA E 132 41.31 6.07 -32.69
CA ALA E 132 39.89 6.30 -32.80
C ALA E 132 39.26 4.93 -32.90
N LEU E 133 37.97 4.82 -32.60
CA LEU E 133 37.26 3.55 -32.65
C LEU E 133 35.80 3.86 -32.95
N ARG E 134 35.13 3.10 -33.80
CA ARG E 134 33.73 3.35 -34.09
C ARG E 134 32.96 2.06 -34.18
N LEU E 135 31.81 1.94 -33.50
CA LEU E 135 31.01 0.73 -33.60
C LEU E 135 30.07 0.98 -34.77
N GLU E 136 30.11 0.14 -35.78
CA GLU E 136 29.27 0.32 -36.94
C GLU E 136 28.00 -0.47 -36.93
N ASP E 137 28.03 -1.68 -36.39
CA ASP E 137 26.83 -2.49 -36.38
C ASP E 137 26.94 -3.62 -35.37
N LEU E 138 25.79 -4.19 -35.01
CA LEU E 138 25.70 -5.30 -34.06
C LEU E 138 24.71 -6.30 -34.63
N ARG E 139 25.01 -7.59 -34.53
CA ARG E 139 24.07 -8.61 -35.00
C ARG E 139 23.49 -9.12 -33.69
N ILE E 140 22.23 -8.80 -33.41
CA ILE E 140 21.60 -9.26 -32.18
C ILE E 140 20.91 -10.55 -32.53
N PRO E 141 21.35 -11.66 -31.92
CA PRO E 141 20.84 -13.01 -32.13
C PRO E 141 19.40 -13.16 -31.72
N VAL E 142 18.61 -13.95 -32.44
CA VAL E 142 17.21 -14.07 -32.08
C VAL E 142 16.96 -14.58 -30.67
N ALA E 143 17.86 -15.36 -30.11
CA ALA E 143 17.67 -15.85 -28.75
C ALA E 143 17.77 -14.71 -27.74
N TYR E 144 18.49 -13.64 -28.07
CA TYR E 144 18.59 -12.50 -27.17
C TYR E 144 17.45 -11.54 -27.45
N VAL E 145 17.01 -11.43 -28.69
CA VAL E 145 15.91 -10.54 -29.05
C VAL E 145 14.61 -10.87 -28.29
N LYS E 146 14.37 -12.15 -28.02
CA LYS E 146 13.17 -12.61 -27.32
C LYS E 146 13.11 -12.28 -25.86
N THR E 147 14.21 -11.86 -25.29
CA THR E 147 14.22 -11.49 -23.89
C THR E 147 13.80 -10.01 -23.73
N PHE E 148 13.38 -9.35 -24.79
CA PHE E 148 12.99 -7.95 -24.75
C PHE E 148 11.53 -7.80 -25.10
N GLN E 149 10.89 -6.77 -24.61
CA GLN E 149 9.51 -6.56 -24.95
C GLN E 149 9.41 -5.92 -26.31
N GLY E 150 10.30 -4.99 -26.62
CA GLY E 150 10.26 -4.32 -27.90
C GLY E 150 9.28 -3.19 -27.84
N PRO E 151 8.84 -2.67 -28.97
CA PRO E 151 7.89 -1.57 -28.96
C PRO E 151 6.63 -1.82 -28.15
N PRO E 152 6.10 -0.82 -27.44
CA PRO E 152 4.89 -1.10 -26.69
C PRO E 152 3.74 -1.54 -27.62
N HIS E 153 3.69 -1.03 -28.85
CA HIS E 153 2.63 -1.37 -29.79
C HIS E 153 3.12 -1.71 -31.20
N GLY E 154 3.84 -0.79 -31.82
CA GLY E 154 4.35 -1.03 -33.16
C GLY E 154 3.44 -0.51 -34.24
N ILE E 155 3.93 -0.47 -35.47
CA ILE E 155 3.19 0.05 -36.61
C ILE E 155 1.78 -0.45 -36.83
N GLN E 156 1.58 -1.75 -36.91
CA GLN E 156 0.25 -2.30 -37.15
C GLN E 156 -0.74 -1.89 -36.09
N VAL E 157 -0.41 -2.13 -34.84
CA VAL E 157 -1.32 -1.79 -33.76
C VAL E 157 -1.61 -0.30 -33.70
N GLU E 158 -0.60 0.53 -33.92
CA GLU E 158 -0.81 1.97 -33.88
C GLU E 158 -1.79 2.45 -34.94
N ARG E 159 -1.68 1.95 -36.16
CA ARG E 159 -2.59 2.38 -37.21
C ARG E 159 -3.98 1.92 -36.87
N ASP E 160 -4.08 0.73 -36.30
CA ASP E 160 -5.36 0.14 -35.90
C ASP E 160 -6.10 0.92 -34.80
N LYS E 161 -5.34 1.42 -33.84
CA LYS E 161 -5.91 2.19 -32.77
C LYS E 161 -6.33 3.58 -33.18
N LEU E 162 -5.52 4.24 -34.00
CA LEU E 162 -5.82 5.59 -34.47
C LEU E 162 -6.75 5.61 -35.68
N ASN E 163 -6.91 4.45 -36.31
CA ASN E 163 -7.78 4.30 -37.49
C ASN E 163 -7.20 5.08 -38.68
N LYS E 164 -5.88 5.01 -38.87
CA LYS E 164 -5.20 5.74 -39.93
C LYS E 164 -4.45 4.80 -40.86
N TYR E 165 -4.82 4.80 -42.12
CA TYR E 165 -4.24 3.91 -43.10
C TYR E 165 -4.03 4.58 -44.44
N GLY E 166 -3.07 4.09 -45.21
CA GLY E 166 -2.87 4.63 -46.53
C GLY E 166 -2.08 5.88 -46.81
N ARG E 167 -1.34 6.39 -45.84
CA ARG E 167 -0.57 7.61 -46.07
C ARG E 167 0.29 7.84 -44.87
N PRO E 168 1.36 8.63 -45.00
CA PRO E 168 2.20 8.90 -43.84
C PRO E 168 1.37 9.69 -42.82
N LEU E 169 1.82 9.75 -41.57
CA LEU E 169 1.09 10.49 -40.56
C LEU E 169 1.75 11.88 -40.50
N LEU E 170 0.97 12.93 -40.25
CA LEU E 170 1.48 14.30 -40.19
C LEU E 170 1.52 14.82 -38.79
N GLY E 171 2.60 15.47 -38.38
CA GLY E 171 2.68 16.02 -37.04
C GLY E 171 3.28 17.42 -37.05
N CYS E 172 3.38 18.08 -35.91
CA CYS E 172 3.92 19.44 -35.88
C CYS E 172 4.45 19.81 -34.51
N THR E 173 5.67 20.36 -34.42
CA THR E 173 6.25 20.75 -33.14
C THR E 173 5.92 22.20 -32.83
N ILE E 174 5.34 22.48 -31.66
CA ILE E 174 4.96 23.84 -31.31
C ILE E 174 6.22 24.68 -31.10
N LYS E 175 6.19 25.94 -31.50
CA LYS E 175 7.35 26.83 -31.40
C LYS E 175 6.91 28.17 -30.80
N PRO E 176 7.83 28.93 -30.18
CA PRO E 176 9.25 28.70 -29.96
C PRO E 176 9.44 27.51 -29.05
N LYS E 177 10.60 26.88 -29.12
CA LYS E 177 10.88 25.71 -28.30
C LYS E 177 10.47 25.90 -26.85
N LEU E 178 10.99 26.94 -26.23
CA LEU E 178 10.70 27.25 -24.83
C LEU E 178 10.19 28.66 -24.75
N GLY E 179 9.43 28.98 -23.71
CA GLY E 179 8.94 30.32 -23.59
C GLY E 179 7.44 30.52 -23.65
N LEU E 180 6.70 29.62 -24.27
CA LEU E 180 5.26 29.80 -24.32
C LEU E 180 4.62 29.38 -22.99
N SER E 181 3.47 29.97 -22.64
CA SER E 181 2.77 29.62 -21.41
C SER E 181 1.89 28.43 -21.73
N ALA E 182 1.31 27.79 -20.71
CA ALA E 182 0.45 26.64 -20.92
C ALA E 182 -0.82 26.95 -21.71
N LYS E 183 -1.50 28.06 -21.45
CA LYS E 183 -2.70 28.34 -22.22
C LYS E 183 -2.32 28.64 -23.68
N ASN E 184 -1.19 29.32 -23.91
CA ASN E 184 -0.79 29.61 -25.29
C ASN E 184 -0.37 28.37 -26.02
N TYR E 185 0.24 27.41 -25.33
CA TYR E 185 0.63 26.16 -25.95
C TYR E 185 -0.64 25.46 -26.45
N GLY E 186 -1.66 25.34 -25.61
CA GLY E 186 -2.89 24.71 -26.03
C GLY E 186 -3.60 25.40 -27.16
N ARG E 187 -3.51 26.71 -27.24
CA ARG E 187 -4.15 27.49 -28.31
C ARG E 187 -3.50 27.17 -29.65
N ALA E 188 -2.17 27.08 -29.65
CA ALA E 188 -1.43 26.78 -30.86
C ALA E 188 -1.70 25.34 -31.28
N VAL E 189 -1.96 24.45 -30.32
CA VAL E 189 -2.22 23.02 -30.56
C VAL E 189 -3.58 22.83 -31.20
N TYR E 190 -4.60 23.48 -30.66
CA TYR E 190 -5.92 23.35 -31.22
C TYR E 190 -5.93 23.82 -32.67
N GLU E 191 -5.32 24.95 -32.95
CA GLU E 191 -5.30 25.48 -34.32
C GLU E 191 -4.56 24.58 -35.31
N CYS E 192 -3.44 23.98 -34.95
CA CYS E 192 -2.74 23.09 -35.86
C CYS E 192 -3.55 21.82 -36.12
N LEU E 193 -4.12 21.25 -35.07
CA LEU E 193 -4.89 20.02 -35.21
C LEU E 193 -6.14 20.18 -36.05
N ARG E 194 -6.86 21.27 -35.90
CA ARG E 194 -8.08 21.41 -36.67
C ARG E 194 -7.84 21.59 -38.15
N GLY E 195 -6.61 21.89 -38.54
CA GLY E 195 -6.30 22.10 -39.94
C GLY E 195 -5.94 20.81 -40.69
N GLY E 196 -5.89 19.68 -40.01
CA GLY E 196 -5.60 18.47 -40.73
C GLY E 196 -4.38 17.68 -40.31
N LEU E 197 -3.60 18.17 -39.35
CA LEU E 197 -2.43 17.42 -38.91
C LEU E 197 -2.95 16.38 -37.93
N ASP E 198 -2.30 15.22 -37.87
CA ASP E 198 -2.74 14.16 -36.97
C ASP E 198 -2.25 14.39 -35.55
N PHE E 199 -1.02 14.88 -35.41
CA PHE E 199 -0.39 15.11 -34.10
C PHE E 199 0.31 16.45 -33.98
N THR E 200 0.44 16.95 -32.75
CA THR E 200 1.22 18.14 -32.44
C THR E 200 2.11 17.57 -31.33
N LYS E 201 3.20 18.24 -30.96
CA LYS E 201 4.04 17.69 -29.93
C LYS E 201 4.80 18.69 -29.12
N ASP E 202 5.21 18.29 -27.93
CA ASP E 202 6.00 19.15 -27.09
C ASP E 202 7.35 19.08 -27.78
N ASP E 203 8.17 20.11 -27.71
CA ASP E 203 9.48 20.01 -28.33
C ASP E 203 10.26 19.17 -27.33
N GLU E 204 11.39 18.60 -27.72
CA GLU E 204 12.14 17.73 -26.83
C GLU E 204 12.58 18.27 -25.52
N ASN E 205 12.78 19.58 -25.44
CA ASN E 205 13.26 20.19 -24.20
C ASN E 205 12.18 20.79 -23.33
N VAL E 206 10.93 20.64 -23.73
CA VAL E 206 9.82 21.13 -22.95
C VAL E 206 9.49 20.03 -21.95
N ASN E 207 9.83 20.24 -20.67
CA ASN E 207 9.55 19.27 -19.62
C ASN E 207 8.66 20.01 -18.64
N SER E 208 9.25 20.63 -17.62
CA SER E 208 8.51 21.42 -16.65
C SER E 208 9.48 22.53 -16.32
N GLN E 209 9.11 23.76 -16.56
CA GLN E 209 9.99 24.89 -16.34
C GLN E 209 9.24 26.09 -15.79
N PRO E 210 9.94 27.08 -15.23
CA PRO E 210 9.27 28.25 -14.69
C PRO E 210 8.19 28.86 -15.59
N PHE E 211 8.41 28.92 -16.89
CA PHE E 211 7.43 29.52 -17.78
C PHE E 211 6.18 28.70 -18.05
N MET E 212 6.27 27.40 -17.86
CA MET E 212 5.16 26.50 -18.12
C MET E 212 5.42 25.21 -17.39
N ARG E 213 4.59 24.91 -16.39
CA ARG E 213 4.76 23.69 -15.60
C ARG E 213 4.06 22.55 -16.31
N TRP E 214 4.57 21.34 -16.21
CA TRP E 214 4.00 20.22 -16.94
C TRP E 214 2.53 19.94 -16.76
N ARG E 215 2.03 19.91 -15.54
CA ARG E 215 0.63 19.59 -15.34
C ARG E 215 -0.31 20.59 -15.96
N ASP E 216 0.05 21.87 -15.98
CA ASP E 216 -0.80 22.87 -16.61
C ASP E 216 -0.76 22.64 -18.11
N ARG E 217 0.39 22.26 -18.65
CA ARG E 217 0.49 22.01 -20.08
C ARG E 217 -0.35 20.82 -20.51
N PHE E 218 -0.18 19.67 -19.83
CA PHE E 218 -0.94 18.46 -20.13
C PHE E 218 -2.43 18.74 -20.12
N LEU E 219 -2.90 19.48 -19.14
CA LEU E 219 -4.30 19.79 -19.00
C LEU E 219 -4.88 20.64 -20.13
N PHE E 220 -4.20 21.73 -20.50
CA PHE E 220 -4.64 22.61 -21.58
C PHE E 220 -4.50 21.94 -22.93
N CYS E 221 -3.48 21.12 -23.11
CA CYS E 221 -3.33 20.41 -24.38
C CYS E 221 -4.42 19.37 -24.54
N ALA E 222 -4.90 18.79 -23.45
CA ALA E 222 -5.98 17.83 -23.57
C ALA E 222 -7.24 18.53 -24.02
N GLU E 223 -7.54 19.70 -23.46
CA GLU E 223 -8.74 20.42 -23.87
C GLU E 223 -8.63 20.77 -25.35
N ALA E 224 -7.48 21.28 -25.77
CA ALA E 224 -7.29 21.62 -27.16
C ALA E 224 -7.40 20.42 -28.10
N LEU E 225 -6.74 19.31 -27.79
CA LEU E 225 -6.83 18.17 -28.70
C LEU E 225 -8.24 17.62 -28.80
N TYR E 226 -8.98 17.60 -27.70
CA TYR E 226 -10.34 17.09 -27.75
C TYR E 226 -11.25 18.01 -28.56
N LYS E 227 -10.94 19.29 -28.60
CA LYS E 227 -11.75 20.24 -29.35
C LYS E 227 -11.52 20.04 -30.84
N ALA E 228 -10.27 19.93 -31.25
CA ALA E 228 -9.96 19.72 -32.64
C ALA E 228 -10.53 18.38 -33.11
N GLN E 229 -10.52 17.36 -32.26
CA GLN E 229 -11.05 16.06 -32.64
C GLN E 229 -12.55 16.13 -32.88
N ALA E 230 -13.26 16.88 -32.06
CA ALA E 230 -14.70 16.99 -32.23
C ALA E 230 -15.05 17.77 -33.47
N GLU E 231 -14.21 18.74 -33.82
CA GLU E 231 -14.46 19.56 -34.98
C GLU E 231 -14.22 18.84 -36.29
N THR E 232 -13.18 18.03 -36.35
CA THR E 232 -12.83 17.35 -37.59
C THR E 232 -13.32 15.95 -37.81
N GLY E 233 -13.53 15.18 -36.76
CA GLY E 233 -13.99 13.83 -36.96
C GLY E 233 -12.85 12.84 -37.15
N GLU E 234 -11.62 13.29 -36.98
CA GLU E 234 -10.45 12.41 -37.13
C GLU E 234 -9.78 12.30 -35.78
N ILE E 235 -9.26 11.14 -35.42
CA ILE E 235 -8.60 11.00 -34.13
C ILE E 235 -7.34 11.86 -34.10
N LYS E 236 -7.14 12.64 -33.03
CA LYS E 236 -5.97 13.52 -32.89
C LYS E 236 -5.16 13.10 -31.69
N GLY E 237 -3.90 13.50 -31.65
CA GLY E 237 -3.05 13.17 -30.52
C GLY E 237 -2.06 14.29 -30.32
N HIS E 238 -1.53 14.46 -29.13
CA HIS E 238 -0.52 15.49 -28.86
C HIS E 238 0.50 14.79 -27.99
N TYR E 239 1.75 14.68 -28.42
CA TYR E 239 2.72 13.96 -27.59
C TYR E 239 3.06 14.74 -26.34
N LEU E 240 2.73 14.22 -25.16
CA LEU E 240 3.02 14.88 -23.90
C LEU E 240 4.37 14.35 -23.42
N ASN E 241 5.31 15.23 -23.16
CA ASN E 241 6.64 14.82 -22.76
C ASN E 241 6.74 14.38 -21.32
N ALA E 242 7.16 13.14 -21.11
CA ALA E 242 7.32 12.58 -19.78
C ALA E 242 8.75 12.60 -19.30
N THR E 243 9.68 13.05 -20.14
CA THR E 243 11.11 13.09 -19.78
C THR E 243 11.22 13.87 -18.50
N ALA E 244 12.02 13.41 -17.55
CA ALA E 244 12.12 14.14 -16.31
C ALA E 244 13.40 13.82 -15.62
N GLY E 245 13.60 14.38 -14.44
CA GLY E 245 14.84 14.16 -13.76
C GLY E 245 15.06 12.89 -13.02
N THR E 246 13.98 12.25 -12.55
CA THR E 246 14.04 11.02 -11.80
C THR E 246 13.02 10.04 -12.36
N CYS E 247 13.15 8.76 -12.06
CA CYS E 247 12.19 7.79 -12.57
C CYS E 247 10.83 8.12 -12.01
N GLU E 248 10.82 8.58 -10.77
CA GLU E 248 9.60 8.93 -10.06
C GLU E 248 8.83 10.03 -10.74
N ASP E 249 9.50 11.09 -11.14
CA ASP E 249 8.85 12.17 -11.81
C ASP E 249 8.37 11.77 -13.17
N MET E 250 9.14 10.95 -13.87
CA MET E 250 8.73 10.48 -15.19
C MET E 250 7.43 9.69 -15.09
N MET E 251 7.32 8.81 -14.12
CA MET E 251 6.11 8.03 -13.95
C MET E 251 4.90 8.88 -13.59
N LYS E 252 5.10 9.95 -12.82
CA LYS E 252 4.03 10.84 -12.45
C LYS E 252 3.37 11.45 -13.66
N ARG E 253 4.18 11.84 -14.62
CA ARG E 253 3.70 12.47 -15.83
C ARG E 253 3.00 11.46 -16.70
N ALA E 254 3.53 10.25 -16.81
CA ALA E 254 2.89 9.22 -17.61
C ALA E 254 1.53 8.89 -17.01
N VAL E 255 1.45 8.80 -15.69
CA VAL E 255 0.20 8.50 -15.01
C VAL E 255 -0.89 9.57 -15.25
N PHE E 256 -0.55 10.84 -15.31
CA PHE E 256 -1.57 11.87 -15.57
C PHE E 256 -2.02 11.78 -17.02
N ALA E 257 -1.13 11.41 -17.94
CA ALA E 257 -1.51 11.25 -19.35
C ALA E 257 -2.50 10.12 -19.44
N ARG E 258 -2.29 9.06 -18.68
CA ARG E 258 -3.23 7.95 -18.68
C ARG E 258 -4.57 8.40 -18.14
N GLU E 259 -4.57 9.23 -17.08
CA GLU E 259 -5.80 9.72 -16.46
C GLU E 259 -6.61 10.64 -17.36
N LEU E 260 -5.93 11.35 -18.27
CA LEU E 260 -6.61 12.23 -19.19
C LEU E 260 -7.17 11.49 -20.40
N GLY E 261 -6.70 10.26 -20.61
CA GLY E 261 -7.19 9.45 -21.71
C GLY E 261 -6.62 9.75 -23.07
N VAL E 262 -5.48 10.47 -23.12
CA VAL E 262 -4.84 10.85 -24.36
C VAL E 262 -4.12 9.65 -24.94
N PRO E 263 -3.90 9.62 -26.27
CA PRO E 263 -3.22 8.44 -26.79
C PRO E 263 -1.74 8.30 -26.84
N ILE E 264 -0.97 9.36 -26.66
CA ILE E 264 0.47 9.24 -26.82
C ILE E 264 1.35 10.09 -25.91
N VAL E 265 2.45 9.51 -25.40
CA VAL E 265 3.42 10.20 -24.56
C VAL E 265 4.75 10.18 -25.30
N MET E 266 5.77 10.83 -24.78
CA MET E 266 7.04 10.97 -25.47
C MET E 266 8.20 10.90 -24.48
N HIS E 267 9.37 10.46 -24.92
CA HIS E 267 10.52 10.34 -24.04
C HIS E 267 11.80 10.57 -24.85
N ASP E 268 12.79 11.21 -24.24
CA ASP E 268 14.09 11.45 -24.84
C ASP E 268 14.95 10.30 -24.30
N TYR E 269 15.05 9.20 -25.05
CA TYR E 269 15.75 8.03 -24.58
C TYR E 269 17.22 8.08 -24.27
N LEU E 270 17.97 8.98 -24.91
CA LEU E 270 19.40 9.06 -24.66
C LEU E 270 19.73 10.01 -23.52
N THR E 271 19.01 11.12 -23.39
CA THR E 271 19.27 12.04 -22.29
C THR E 271 18.58 11.52 -21.04
N GLY E 272 17.45 10.85 -21.21
CA GLY E 272 16.77 10.23 -20.08
C GLY E 272 17.55 8.98 -19.69
N GLY E 273 17.84 8.10 -20.65
CA GLY E 273 18.62 6.92 -20.40
C GLY E 273 17.90 5.66 -20.76
N PHE E 274 18.62 4.58 -21.00
CA PHE E 274 18.00 3.31 -21.35
C PHE E 274 17.25 2.71 -20.17
N THR E 275 17.79 2.82 -18.96
CA THR E 275 17.13 2.29 -17.80
C THR E 275 15.77 2.97 -17.62
N ALA E 276 15.70 4.29 -17.67
CA ALA E 276 14.40 4.93 -17.54
C ALA E 276 13.51 4.64 -18.74
N ASN E 277 14.07 4.56 -19.95
CA ASN E 277 13.25 4.29 -21.13
C ASN E 277 12.57 2.92 -21.08
N THR E 278 13.28 1.89 -20.67
CA THR E 278 12.68 0.57 -20.58
C THR E 278 11.52 0.56 -19.58
N THR E 279 11.63 1.29 -18.48
CA THR E 279 10.54 1.38 -17.50
C THR E 279 9.30 2.02 -18.11
N LEU E 280 9.46 3.10 -18.86
CA LEU E 280 8.33 3.79 -19.49
C LEU E 280 7.70 2.94 -20.59
N SER E 281 8.53 2.25 -21.36
CA SER E 281 8.05 1.39 -22.42
C SER E 281 7.16 0.28 -21.85
N HIS E 282 7.57 -0.31 -20.74
CA HIS E 282 6.78 -1.34 -20.13
C HIS E 282 5.48 -0.74 -19.61
N TYR E 283 5.54 0.44 -19.02
CA TYR E 283 4.36 1.10 -18.51
C TYR E 283 3.39 1.40 -19.65
N CYS E 284 3.92 1.82 -20.80
CA CYS E 284 3.08 2.14 -21.94
C CYS E 284 2.40 0.90 -22.49
N ARG E 285 3.09 -0.23 -22.50
CA ARG E 285 2.49 -1.47 -22.97
C ARG E 285 1.35 -1.82 -22.04
N ASP E 286 1.56 -1.69 -20.74
CA ASP E 286 0.54 -2.01 -19.75
C ASP E 286 -0.65 -1.10 -19.67
N ASN E 287 -0.51 0.13 -20.15
CA ASN E 287 -1.59 1.11 -20.11
C ASN E 287 -2.11 1.65 -21.40
N GLY E 288 -1.75 1.02 -22.51
CA GLY E 288 -2.24 1.43 -23.81
C GLY E 288 -1.77 2.75 -24.37
N LEU E 289 -0.62 3.24 -23.95
CA LEU E 289 -0.12 4.51 -24.44
C LEU E 289 0.88 4.31 -25.53
N LEU E 290 0.79 5.10 -26.61
CA LEU E 290 1.77 5.01 -27.69
C LEU E 290 2.96 5.80 -27.20
N LEU E 291 4.17 5.38 -27.52
CA LEU E 291 5.39 6.04 -27.07
C LEU E 291 6.23 6.61 -28.21
N HIS E 292 6.39 7.92 -28.29
CA HIS E 292 7.19 8.58 -29.32
C HIS E 292 8.59 8.81 -28.76
N ILE E 293 9.63 8.44 -29.49
CA ILE E 293 11.00 8.61 -28.98
C ILE E 293 11.84 9.66 -29.71
N HIS E 294 12.54 10.50 -28.97
CA HIS E 294 13.41 11.55 -29.51
C HIS E 294 14.83 11.09 -29.34
N ARG E 295 15.68 11.40 -30.29
CA ARG E 295 17.07 10.99 -30.18
C ARG E 295 17.99 12.13 -29.79
N ALA E 296 17.47 13.08 -29.04
CA ALA E 296 18.24 14.22 -28.58
C ALA E 296 19.57 13.71 -28.07
N MET E 297 20.65 14.36 -28.50
CA MET E 297 22.02 14.04 -28.13
C MET E 297 22.68 12.96 -28.99
N HIS E 298 21.99 12.43 -29.98
CA HIS E 298 22.61 11.38 -30.78
C HIS E 298 23.78 11.84 -31.61
N ALA E 299 23.74 13.05 -32.19
CA ALA E 299 24.83 13.49 -33.03
C ALA E 299 26.13 13.77 -32.30
N VAL E 300 26.08 13.78 -30.98
CA VAL E 300 27.27 13.97 -30.19
C VAL E 300 28.06 12.67 -30.27
N ILE E 301 27.38 11.57 -30.57
CA ILE E 301 27.95 10.23 -30.61
C ILE E 301 28.11 9.66 -32.01
N ASP E 302 27.18 9.98 -32.90
CA ASP E 302 27.20 9.38 -34.22
C ASP E 302 27.55 10.16 -35.46
N ARG E 303 27.96 11.42 -35.32
CA ARG E 303 28.24 12.25 -36.51
C ARG E 303 29.49 11.91 -37.32
N GLN E 304 30.62 11.79 -36.62
CA GLN E 304 31.89 11.55 -37.27
C GLN E 304 32.13 10.11 -37.65
N LYS E 305 32.73 9.92 -38.81
CA LYS E 305 32.98 8.60 -39.32
C LYS E 305 34.11 7.85 -38.68
N ASN E 306 34.97 8.52 -37.94
CA ASN E 306 36.09 7.79 -37.35
C ASN E 306 35.98 7.39 -35.92
N HIS E 307 35.06 7.98 -35.15
CA HIS E 307 34.92 7.67 -33.71
C HIS E 307 33.47 7.82 -33.28
N GLY E 308 32.98 6.89 -32.46
CA GLY E 308 31.60 6.97 -32.00
C GLY E 308 30.85 5.68 -32.20
N MET E 309 29.55 5.77 -32.41
CA MET E 309 28.69 4.63 -32.64
C MET E 309 27.76 5.13 -33.71
N HIS E 310 27.51 4.34 -34.73
CA HIS E 310 26.62 4.80 -35.77
C HIS E 310 25.19 4.77 -35.31
N PHE E 311 24.35 5.59 -35.92
CA PHE E 311 22.96 5.60 -35.52
C PHE E 311 22.25 4.30 -35.66
N ARG E 312 22.62 3.45 -36.60
CA ARG E 312 21.92 2.18 -36.77
C ARG E 312 22.01 1.31 -35.52
N VAL E 313 23.08 1.46 -34.75
CA VAL E 313 23.24 0.68 -33.54
C VAL E 313 22.31 1.25 -32.47
N LEU E 314 22.19 2.57 -32.42
CA LEU E 314 21.31 3.22 -31.45
C LEU E 314 19.86 2.99 -31.85
N ALA E 315 19.57 2.75 -33.12
CA ALA E 315 18.20 2.49 -33.57
C ALA E 315 17.81 1.07 -33.19
N LYS E 316 18.75 0.14 -33.30
CA LYS E 316 18.48 -1.24 -32.92
C LYS E 316 18.22 -1.29 -31.43
N ALA E 317 19.06 -0.61 -30.65
CA ALA E 317 18.91 -0.57 -29.19
C ALA E 317 17.54 -0.03 -28.74
N LEU E 318 16.98 0.93 -29.49
CA LEU E 318 15.67 1.49 -29.18
C LEU E 318 14.57 0.50 -29.54
N ARG E 319 14.65 -0.20 -30.65
CA ARG E 319 13.60 -1.14 -30.99
C ARG E 319 13.52 -2.23 -29.91
N LEU E 320 14.64 -2.55 -29.28
CA LEU E 320 14.67 -3.54 -28.21
C LEU E 320 14.12 -2.98 -26.89
N SER E 321 14.66 -1.85 -26.43
CA SER E 321 14.21 -1.21 -25.21
C SER E 321 12.75 -0.82 -25.35
N GLY E 322 12.37 -0.21 -26.46
CA GLY E 322 10.98 0.11 -26.69
C GLY E 322 10.56 1.50 -27.07
N GLY E 323 9.82 1.61 -28.16
CA GLY E 323 9.32 2.87 -28.62
C GLY E 323 8.46 2.63 -29.82
N ASP E 324 7.42 3.40 -30.02
CA ASP E 324 6.55 3.22 -31.16
C ASP E 324 6.94 4.09 -32.36
N HIS E 325 7.61 5.21 -32.11
CA HIS E 325 8.10 6.14 -33.13
C HIS E 325 9.52 6.42 -32.74
N ILE E 326 10.38 6.75 -33.70
CA ILE E 326 11.74 7.19 -33.39
C ILE E 326 12.16 8.16 -34.47
N HIS E 327 12.75 9.28 -34.09
CA HIS E 327 13.21 10.26 -35.06
C HIS E 327 14.31 9.60 -35.89
N SER E 328 14.24 9.73 -37.21
CA SER E 328 15.24 9.07 -38.03
C SER E 328 15.89 9.96 -39.06
N GLY E 329 15.65 11.26 -39.01
CA GLY E 329 16.25 12.18 -39.96
C GLY E 329 15.34 12.46 -41.13
N THR E 330 15.73 13.44 -41.96
CA THR E 330 14.93 13.82 -43.11
C THR E 330 15.67 13.63 -44.44
N VAL E 331 17.01 13.54 -44.39
CA VAL E 331 17.83 13.42 -45.60
C VAL E 331 17.92 14.82 -46.24
N VAL E 332 16.78 15.36 -46.64
CA VAL E 332 16.69 16.66 -47.29
C VAL E 332 16.57 17.91 -46.41
N GLY E 333 16.53 17.76 -45.09
CA GLY E 333 16.35 18.90 -44.21
C GLY E 333 17.57 19.56 -43.62
N LYS E 334 17.41 20.22 -42.48
CA LYS E 334 18.52 20.95 -41.87
C LYS E 334 19.58 20.16 -41.11
N LEU E 335 19.32 18.87 -40.86
CA LEU E 335 20.27 18.06 -40.08
C LEU E 335 20.79 16.91 -40.92
N GLU E 336 22.03 16.50 -40.65
CA GLU E 336 22.63 15.45 -41.45
C GLU E 336 21.88 14.12 -41.56
N GLY E 337 22.00 13.49 -42.73
CA GLY E 337 21.37 12.21 -42.99
C GLY E 337 21.43 11.85 -44.45
N GLU E 338 22.35 10.95 -44.85
CA GLU E 338 22.49 10.52 -46.25
C GLU E 338 21.40 9.53 -46.65
N ARG E 339 20.94 9.60 -47.89
CA ARG E 339 19.86 8.73 -48.33
C ARG E 339 20.01 7.24 -48.18
N ASP E 340 21.09 6.68 -48.69
CA ASP E 340 21.30 5.22 -48.61
C ASP E 340 21.47 4.68 -47.21
N ILE E 341 22.28 5.35 -46.41
CA ILE E 341 22.48 4.91 -45.05
C ILE E 341 21.18 5.03 -44.28
N THR E 342 20.40 6.06 -44.58
CA THR E 342 19.13 6.27 -43.92
C THR E 342 18.19 5.18 -44.31
N LEU E 343 18.04 4.90 -45.60
CA LEU E 343 17.12 3.84 -45.99
C LEU E 343 17.55 2.53 -45.35
N GLY E 344 18.84 2.41 -45.06
CA GLY E 344 19.34 1.19 -44.44
C GLY E 344 18.84 0.99 -43.04
N PHE E 345 18.97 2.01 -42.18
CA PHE E 345 18.47 1.83 -40.82
C PHE E 345 16.94 1.98 -40.71
N VAL E 346 16.30 2.58 -41.71
CA VAL E 346 14.84 2.66 -41.67
C VAL E 346 14.32 1.24 -41.85
N ASP E 347 14.99 0.42 -42.65
CA ASP E 347 14.60 -0.98 -42.85
C ASP E 347 14.84 -1.78 -41.59
N LEU E 348 15.95 -1.50 -40.90
CA LEU E 348 16.24 -2.21 -39.67
C LEU E 348 15.21 -1.89 -38.58
N LEU E 349 14.57 -0.73 -38.68
CA LEU E 349 13.58 -0.31 -37.71
C LEU E 349 12.18 -0.86 -38.00
N ARG E 350 11.79 -0.95 -39.26
CA ARG E 350 10.44 -1.42 -39.62
C ARG E 350 10.24 -2.87 -40.00
N ASP E 351 11.23 -3.50 -40.60
CA ASP E 351 11.09 -4.87 -41.09
C ASP E 351 11.43 -6.00 -40.14
N ASP E 352 11.05 -7.21 -40.50
CA ASP E 352 11.31 -8.38 -39.68
C ASP E 352 12.62 -9.05 -39.99
N TYR E 353 13.19 -8.76 -41.15
CA TYR E 353 14.43 -9.37 -41.59
C TYR E 353 15.08 -8.43 -42.59
N THR E 354 16.38 -8.17 -42.41
CA THR E 354 17.13 -7.29 -43.29
C THR E 354 18.43 -8.00 -43.55
N GLU E 355 18.74 -8.18 -44.81
CA GLU E 355 19.94 -8.88 -45.21
C GLU E 355 21.15 -7.99 -45.28
N LYS E 356 22.31 -8.55 -44.98
CA LYS E 356 23.57 -7.84 -45.03
C LYS E 356 23.69 -7.06 -46.31
N ASP E 357 24.21 -5.84 -46.27
CA ASP E 357 24.28 -5.05 -47.49
C ASP E 357 25.19 -3.88 -47.27
N ARG E 358 26.49 -4.06 -47.50
CA ARG E 358 27.42 -2.98 -47.25
C ARG E 358 27.18 -1.69 -48.01
N SER E 359 26.43 -1.72 -49.09
CA SER E 359 26.24 -0.46 -49.81
C SER E 359 25.42 0.52 -48.98
N ARG E 360 24.66 -0.01 -48.03
CA ARG E 360 23.83 0.79 -47.14
C ARG E 360 24.39 0.78 -45.73
N GLY E 361 25.57 0.23 -45.54
CA GLY E 361 26.17 0.21 -44.22
C GLY E 361 25.65 -0.84 -43.27
N ILE E 362 24.96 -1.85 -43.79
CA ILE E 362 24.43 -2.91 -42.96
C ILE E 362 25.44 -4.05 -42.99
N TYR E 363 26.20 -4.22 -41.92
CA TYR E 363 27.21 -5.26 -41.87
C TYR E 363 26.77 -6.67 -41.57
N PHE E 364 25.62 -6.86 -40.96
CA PHE E 364 25.18 -8.20 -40.59
C PHE E 364 23.74 -8.39 -40.94
N THR E 365 23.32 -9.62 -41.19
CA THR E 365 21.93 -9.89 -41.48
C THR E 365 21.23 -9.89 -40.12
N GLN E 366 20.09 -9.22 -40.02
CA GLN E 366 19.37 -9.14 -38.76
C GLN E 366 17.94 -9.64 -38.86
N SER E 367 17.54 -10.49 -37.93
CA SER E 367 16.17 -11.02 -37.84
C SER E 367 15.57 -10.48 -36.56
N TRP E 368 14.26 -10.26 -36.55
CA TRP E 368 13.59 -9.72 -35.37
C TRP E 368 12.56 -10.60 -34.69
N VAL E 369 12.38 -11.82 -35.17
CA VAL E 369 11.40 -12.75 -34.62
C VAL E 369 10.10 -12.13 -34.17
N SER E 370 9.51 -11.35 -35.07
CA SER E 370 8.27 -10.68 -34.83
C SER E 370 8.19 -9.55 -33.83
N THR E 371 9.33 -9.01 -33.41
CA THR E 371 9.35 -7.86 -32.53
C THR E 371 8.68 -6.80 -33.43
N PRO E 372 7.65 -6.09 -32.96
CA PRO E 372 7.00 -5.10 -33.81
C PRO E 372 7.92 -4.05 -34.39
N GLY E 373 7.52 -3.42 -35.49
CA GLY E 373 8.33 -2.39 -36.10
C GLY E 373 8.10 -1.02 -35.51
N VAL E 374 9.08 -0.14 -35.66
CA VAL E 374 8.99 1.21 -35.14
C VAL E 374 8.75 2.17 -36.30
N LEU E 375 7.88 3.16 -36.10
CA LEU E 375 7.59 4.10 -37.16
C LEU E 375 8.68 5.18 -37.21
N PRO E 376 9.38 5.39 -38.36
CA PRO E 376 10.41 6.43 -38.42
C PRO E 376 9.78 7.79 -38.56
N VAL E 377 10.33 8.80 -37.90
CA VAL E 377 9.81 10.16 -37.94
C VAL E 377 10.78 11.13 -38.61
N ALA E 378 10.36 11.72 -39.71
CA ALA E 378 11.19 12.67 -40.44
C ALA E 378 10.84 14.04 -39.89
N SER E 379 11.79 14.75 -39.32
CA SER E 379 11.49 16.06 -38.75
C SER E 379 12.73 16.93 -38.74
N GLY E 380 12.57 18.21 -39.06
CA GLY E 380 13.72 19.09 -39.03
C GLY E 380 14.03 19.93 -40.26
N GLY E 381 13.41 21.08 -40.39
CA GLY E 381 13.70 21.92 -41.54
C GLY E 381 13.05 21.52 -42.83
N ILE E 382 11.94 20.80 -42.77
CA ILE E 382 11.27 20.41 -44.00
C ILE E 382 10.03 21.26 -44.26
N HIS E 383 9.61 21.37 -45.52
CA HIS E 383 8.46 22.18 -45.88
C HIS E 383 7.72 21.58 -47.08
N VAL E 384 6.59 22.17 -47.46
CA VAL E 384 5.77 21.65 -48.56
C VAL E 384 6.47 21.20 -49.82
N TRP E 385 7.52 21.89 -50.26
CA TRP E 385 8.22 21.47 -51.47
C TRP E 385 8.99 20.15 -51.27
N HIS E 386 9.25 19.77 -50.02
CA HIS E 386 9.98 18.53 -49.78
C HIS E 386 9.02 17.34 -49.75
N MET E 387 7.72 17.61 -49.72
CA MET E 387 6.75 16.53 -49.63
C MET E 387 6.91 15.39 -50.61
N PRO E 388 7.17 15.67 -51.89
CA PRO E 388 7.30 14.50 -52.77
C PRO E 388 8.52 13.65 -52.45
N ALA E 389 9.63 14.27 -52.09
CA ALA E 389 10.84 13.52 -51.78
C ALA E 389 10.63 12.68 -50.54
N LEU E 390 9.98 13.26 -49.54
CA LEU E 390 9.71 12.57 -48.28
C LEU E 390 8.80 11.39 -48.49
N THR E 391 7.70 11.56 -49.24
CA THR E 391 6.80 10.44 -49.47
C THR E 391 7.48 9.35 -50.25
N GLU E 392 8.43 9.72 -51.09
CA GLU E 392 9.16 8.76 -51.91
C GLU E 392 10.25 8.02 -51.14
N ILE E 393 11.01 8.70 -50.31
CA ILE E 393 12.05 8.03 -49.54
C ILE E 393 11.46 7.13 -48.46
N PHE E 394 10.49 7.63 -47.70
CA PHE E 394 9.91 6.88 -46.58
C PHE E 394 8.69 6.01 -46.82
N GLY E 395 7.79 6.39 -47.71
CA GLY E 395 6.64 5.55 -47.94
C GLY E 395 5.56 5.84 -46.95
N ASP E 396 4.50 5.05 -46.97
CA ASP E 396 3.40 5.24 -46.08
C ASP E 396 3.73 5.12 -44.60
N ASP E 397 4.61 4.21 -44.23
CA ASP E 397 4.88 4.03 -42.82
C ASP E 397 5.92 4.93 -42.23
N SER E 398 5.51 6.16 -41.99
CA SER E 398 6.37 7.17 -41.41
C SER E 398 5.52 8.30 -40.85
N VAL E 399 6.13 9.16 -40.07
CA VAL E 399 5.44 10.32 -39.53
C VAL E 399 6.30 11.48 -40.01
N LEU E 400 5.69 12.44 -40.73
CA LEU E 400 6.42 13.59 -41.25
C LEU E 400 6.04 14.78 -40.38
N GLN E 401 7.02 15.43 -39.74
CA GLN E 401 6.74 16.56 -38.85
C GLN E 401 7.23 17.91 -39.32
N PHE E 402 6.36 18.90 -39.21
CA PHE E 402 6.65 20.23 -39.67
C PHE E 402 6.41 21.24 -38.57
N GLY E 403 7.46 21.66 -37.88
CA GLY E 403 7.31 22.66 -36.83
C GLY E 403 7.32 24.06 -37.40
N GLY E 404 8.48 24.53 -37.85
CA GLY E 404 8.54 25.84 -38.46
C GLY E 404 7.67 25.84 -39.70
N GLY E 405 7.56 24.68 -40.36
CA GLY E 405 6.76 24.55 -41.56
C GLY E 405 5.26 24.67 -41.41
N THR E 406 4.79 24.80 -40.17
CA THR E 406 3.36 24.96 -39.95
C THR E 406 3.20 26.30 -39.27
N LEU E 407 3.94 26.52 -38.19
CA LEU E 407 3.83 27.78 -37.46
C LEU E 407 4.47 28.96 -38.19
N GLY E 408 5.11 28.69 -39.32
CA GLY E 408 5.71 29.76 -40.11
C GLY E 408 4.83 30.13 -41.30
N HIS E 409 3.69 29.47 -41.48
CA HIS E 409 2.84 29.79 -42.62
C HIS E 409 2.34 31.21 -42.38
N PRO E 410 2.24 32.02 -43.45
CA PRO E 410 1.77 33.40 -43.29
C PRO E 410 0.38 33.64 -42.72
N TRP E 411 -0.53 32.68 -42.86
CA TRP E 411 -1.89 32.82 -42.36
C TRP E 411 -2.19 32.19 -41.00
N GLY E 412 -1.18 31.62 -40.34
CA GLY E 412 -1.40 31.00 -39.05
C GLY E 412 -1.33 29.49 -39.07
N ASN E 413 -1.64 28.85 -37.94
CA ASN E 413 -1.57 27.40 -37.80
C ASN E 413 -2.55 26.55 -38.56
N ALA E 414 -3.84 26.88 -38.49
CA ALA E 414 -4.83 26.07 -39.19
C ALA E 414 -4.51 26.04 -40.69
N PRO E 415 -4.36 27.23 -41.32
CA PRO E 415 -4.05 27.20 -42.75
C PRO E 415 -2.70 26.53 -42.99
N GLY E 416 -1.80 26.62 -42.03
CA GLY E 416 -0.49 26.01 -42.18
C GLY E 416 -0.61 24.51 -42.21
N ALA E 417 -1.52 23.97 -41.42
CA ALA E 417 -1.74 22.54 -41.36
C ALA E 417 -2.39 22.09 -42.65
N VAL E 418 -3.40 22.82 -43.11
CA VAL E 418 -4.08 22.45 -44.37
C VAL E 418 -3.08 22.36 -45.50
N ALA E 419 -2.14 23.29 -45.53
CA ALA E 419 -1.10 23.29 -46.56
C ALA E 419 -0.38 21.97 -46.58
N ASN E 420 0.11 21.51 -45.42
CA ASN E 420 0.84 20.25 -45.35
C ASN E 420 -0.02 19.03 -45.63
N ARG E 421 -1.26 19.01 -45.13
CA ARG E 421 -2.16 17.89 -45.37
C ARG E 421 -2.54 17.82 -46.85
N VAL E 422 -2.78 18.96 -47.50
CA VAL E 422 -3.11 18.95 -48.94
C VAL E 422 -1.88 18.54 -49.79
N ALA E 423 -0.71 19.09 -49.49
CA ALA E 423 0.49 18.70 -50.22
C ALA E 423 0.71 17.19 -50.16
N LEU E 424 0.53 16.59 -48.99
CA LEU E 424 0.71 15.13 -48.80
C LEU E 424 -0.34 14.28 -49.50
N GLU E 425 -1.61 14.61 -49.35
CA GLU E 425 -2.61 13.81 -50.04
C GLU E 425 -2.42 13.94 -51.56
N ALA E 426 -1.92 15.09 -52.02
CA ALA E 426 -1.68 15.27 -53.47
C ALA E 426 -0.62 14.29 -53.94
N CYS E 427 0.45 14.13 -53.17
CA CYS E 427 1.53 13.20 -53.50
C CYS E 427 1.08 11.75 -53.43
N VAL E 428 0.27 11.42 -52.43
CA VAL E 428 -0.24 10.07 -52.26
C VAL E 428 -1.13 9.77 -53.45
N GLN E 429 -2.07 10.65 -53.80
CA GLN E 429 -2.93 10.39 -54.95
C GLN E 429 -2.08 10.20 -56.24
N ALA E 430 -1.14 11.12 -56.49
CA ALA E 430 -0.28 11.05 -57.68
C ALA E 430 0.49 9.74 -57.72
N ARG E 431 1.15 9.40 -56.61
CA ARG E 431 1.91 8.16 -56.57
C ARG E 431 0.99 6.97 -56.87
N ASN E 432 -0.15 6.92 -56.19
CA ASN E 432 -1.10 5.83 -56.35
C ASN E 432 -1.59 5.75 -57.77
N GLU E 433 -1.59 6.89 -58.46
CA GLU E 433 -2.04 6.90 -59.85
C GLU E 433 -0.94 6.48 -60.83
N GLY E 434 0.28 6.31 -60.35
CA GLY E 434 1.34 5.89 -61.25
C GLY E 434 2.39 6.94 -61.52
N ARG E 435 2.16 8.18 -61.11
CA ARG E 435 3.12 9.24 -61.38
C ARG E 435 4.40 9.04 -60.62
N ASP E 436 5.49 9.57 -61.15
CA ASP E 436 6.80 9.42 -60.54
C ASP E 436 7.12 10.63 -59.68
N LEU E 437 7.02 10.47 -58.37
CA LEU E 437 7.26 11.56 -57.42
C LEU E 437 8.63 12.20 -57.56
N ALA E 438 9.61 11.41 -57.99
CA ALA E 438 10.96 11.95 -58.16
C ALA E 438 11.00 12.91 -59.33
N ARG E 439 10.34 12.57 -60.43
CA ARG E 439 10.39 13.46 -61.58
C ARG E 439 9.28 14.47 -61.58
N GLU E 440 8.07 14.06 -61.23
CA GLU E 440 6.95 14.99 -61.22
C GLU E 440 6.69 15.68 -59.88
N GLY E 441 7.64 15.58 -58.96
CA GLY E 441 7.48 16.19 -57.66
C GLY E 441 6.96 17.62 -57.69
N ASN E 442 7.69 18.53 -58.31
CA ASN E 442 7.24 19.91 -58.34
C ASN E 442 5.99 20.15 -59.15
N THR E 443 5.71 19.31 -60.14
CA THR E 443 4.51 19.51 -60.93
C THR E 443 3.31 19.20 -60.07
N ILE E 444 3.41 18.12 -59.29
CA ILE E 444 2.29 17.72 -58.43
C ILE E 444 1.93 18.81 -57.42
N ILE E 445 2.95 19.38 -56.78
CA ILE E 445 2.75 20.44 -55.80
C ILE E 445 2.17 21.68 -56.49
N ARG E 446 2.77 22.08 -57.60
CA ARG E 446 2.34 23.23 -58.38
C ARG E 446 0.88 23.07 -58.82
N GLU E 447 0.50 21.87 -59.24
CA GLU E 447 -0.88 21.62 -59.67
C GLU E 447 -1.82 21.85 -58.52
N ALA E 448 -1.43 21.41 -57.32
CA ALA E 448 -2.30 21.54 -56.14
C ALA E 448 -2.49 23.00 -55.76
N THR E 449 -1.46 23.82 -55.97
CA THR E 449 -1.58 25.23 -55.63
C THR E 449 -2.71 25.85 -56.43
N LYS E 450 -3.16 25.21 -57.49
CA LYS E 450 -4.24 25.85 -58.26
C LYS E 450 -5.58 25.77 -57.56
N TRP E 451 -5.76 24.85 -56.63
CA TRP E 451 -7.06 24.81 -55.99
C TRP E 451 -7.00 24.91 -54.48
N SER E 452 -5.78 25.11 -53.96
CA SER E 452 -5.59 25.25 -52.53
C SER E 452 -4.90 26.59 -52.23
N PRO E 453 -5.67 27.63 -51.89
CA PRO E 453 -5.07 28.92 -51.58
C PRO E 453 -4.10 28.73 -50.43
N GLU E 454 -4.42 27.83 -49.51
CA GLU E 454 -3.53 27.60 -48.38
C GLU E 454 -2.18 27.05 -48.81
N LEU E 455 -2.17 26.06 -49.69
CA LEU E 455 -0.91 25.49 -50.15
C LEU E 455 -0.13 26.56 -50.91
N ALA E 456 -0.86 27.27 -51.75
CA ALA E 456 -0.29 28.32 -52.57
C ALA E 456 0.56 29.32 -51.79
N ALA E 457 0.02 29.84 -50.69
CA ALA E 457 0.75 30.81 -49.89
C ALA E 457 2.00 30.22 -49.28
N ALA E 458 1.96 28.95 -48.93
CA ALA E 458 3.13 28.33 -48.32
C ALA E 458 4.19 28.15 -49.38
N CYS E 459 3.76 27.78 -50.60
CA CYS E 459 4.73 27.58 -51.67
C CYS E 459 5.55 28.84 -51.90
N GLU E 460 4.87 29.99 -51.90
CA GLU E 460 5.52 31.28 -52.10
C GLU E 460 6.61 31.49 -51.06
N VAL E 461 6.30 31.28 -49.80
CA VAL E 461 7.29 31.52 -48.75
C VAL E 461 8.58 30.71 -48.78
N TRP E 462 8.49 29.42 -49.10
CA TRP E 462 9.67 28.55 -49.05
C TRP E 462 10.24 28.03 -50.37
N LYS E 463 9.74 28.60 -51.46
CA LYS E 463 10.23 28.21 -52.77
C LYS E 463 11.74 28.05 -52.86
N GLU E 464 12.49 28.96 -52.30
CA GLU E 464 13.94 28.83 -52.45
C GLU E 464 14.73 28.18 -51.31
N ILE E 465 14.08 27.53 -50.36
CA ILE E 465 14.85 26.95 -49.24
C ILE E 465 15.26 25.52 -49.45
N LYS E 466 16.58 25.30 -49.43
CA LYS E 466 17.18 23.98 -49.60
C LYS E 466 18.32 23.89 -48.60
N PHE E 467 18.71 22.70 -48.19
CA PHE E 467 19.82 22.56 -47.24
C PHE E 467 20.74 21.54 -47.89
N GLU E 468 21.81 22.02 -48.51
CA GLU E 468 22.72 21.14 -49.19
C GLU E 468 24.17 21.40 -48.78
N PHE E 469 24.79 20.43 -48.10
CA PHE E 469 26.18 20.57 -47.66
C PHE E 469 26.83 19.19 -47.76
N PRO E 470 28.16 19.15 -47.80
CA PRO E 470 28.73 17.79 -47.88
C PRO E 470 28.44 17.03 -46.57
N ALA E 471 28.27 15.71 -46.64
CA ALA E 471 27.98 14.91 -45.44
C ALA E 471 29.27 14.43 -44.77
N MET E 472 29.25 14.27 -43.45
CA MET E 472 30.42 13.83 -42.67
C MET E 472 30.45 12.32 -42.54
N ASP E 473 29.25 11.73 -42.45
CA ASP E 473 29.09 10.29 -42.26
C ASP E 473 28.56 9.69 -43.57
N THR E 474 29.46 8.97 -44.26
CA THR E 474 29.18 8.34 -45.55
C THR E 474 29.57 6.87 -45.43
N VAL E 475 29.05 6.05 -46.33
CA VAL E 475 29.34 4.62 -46.30
C VAL E 475 30.84 4.37 -46.29
N MET F 1 -5.56 36.80 -46.39
CA MET F 1 -5.45 35.81 -45.28
C MET F 1 -6.82 35.22 -45.16
N GLN F 2 -6.95 33.92 -45.42
CA GLN F 2 -8.24 33.25 -45.33
C GLN F 2 -8.34 32.56 -43.97
N VAL F 3 -9.54 32.51 -43.40
CA VAL F 3 -9.72 31.86 -42.09
C VAL F 3 -10.28 30.47 -42.35
N TRP F 4 -9.63 29.44 -41.82
CA TRP F 4 -10.13 28.09 -42.08
C TRP F 4 -11.45 27.83 -41.37
N PRO F 5 -12.47 27.40 -42.11
CA PRO F 5 -13.81 27.11 -41.62
C PRO F 5 -13.89 26.21 -40.42
N ILE F 6 -14.98 26.41 -39.68
CA ILE F 6 -15.27 25.72 -38.45
C ILE F 6 -16.51 24.82 -38.49
N LEU F 7 -17.54 25.23 -39.24
CA LEU F 7 -18.78 24.47 -39.29
C LEU F 7 -18.87 23.55 -40.50
N ASN F 8 -19.56 22.43 -40.33
CA ASN F 8 -19.71 21.48 -41.41
C ASN F 8 -18.42 21.22 -42.12
N LEU F 9 -17.36 20.92 -41.38
CA LEU F 9 -16.09 20.63 -42.04
C LEU F 9 -15.52 19.29 -41.55
N LYS F 10 -16.37 18.30 -41.36
CA LYS F 10 -15.92 16.99 -40.91
C LYS F 10 -15.07 16.43 -42.03
N LYS F 11 -14.05 15.63 -41.70
CA LYS F 11 -13.22 15.07 -42.73
C LYS F 11 -13.21 13.55 -42.59
N TYR F 12 -12.65 12.83 -43.56
CA TYR F 12 -12.71 11.36 -43.53
C TYR F 12 -11.43 10.61 -43.82
N GLU F 13 -10.35 11.08 -43.22
CA GLU F 13 -9.05 10.48 -43.38
C GLU F 13 -8.50 10.58 -44.79
N THR F 14 -7.65 9.64 -45.18
CA THR F 14 -6.97 9.71 -46.47
C THR F 14 -7.75 10.13 -47.71
N LEU F 15 -7.27 11.17 -48.36
CA LEU F 15 -7.86 11.75 -49.58
C LEU F 15 -9.03 12.71 -49.36
N SER F 16 -9.53 12.85 -48.14
CA SER F 16 -10.67 13.77 -47.99
C SER F 16 -10.33 15.24 -47.98
N TYR F 17 -9.06 15.60 -48.10
CA TYR F 17 -8.70 17.02 -48.18
C TYR F 17 -8.55 17.47 -49.63
N LEU F 18 -8.67 16.53 -50.56
CA LEU F 18 -8.55 16.78 -51.98
C LEU F 18 -9.93 17.01 -52.56
N PRO F 19 -9.98 17.58 -53.76
CA PRO F 19 -11.31 17.81 -54.36
C PRO F 19 -11.95 16.43 -54.51
N PRO F 20 -13.28 16.38 -54.56
CA PRO F 20 -13.99 15.12 -54.70
C PRO F 20 -13.43 14.28 -55.84
N LEU F 21 -13.39 12.97 -55.64
CA LEU F 21 -12.86 12.09 -56.63
C LEU F 21 -13.83 11.90 -57.78
N THR F 22 -13.35 12.01 -59.02
CA THR F 22 -14.25 11.77 -60.13
C THR F 22 -14.26 10.25 -60.20
N THR F 23 -15.11 9.67 -61.05
CA THR F 23 -15.15 8.22 -61.10
C THR F 23 -13.88 7.64 -61.71
N ASP F 24 -13.15 8.44 -62.47
CA ASP F 24 -11.91 7.91 -63.03
C ASP F 24 -10.92 7.81 -61.88
N GLN F 25 -10.86 8.85 -61.08
CA GLN F 25 -9.92 8.88 -59.97
C GLN F 25 -10.22 7.72 -59.05
N LEU F 26 -11.50 7.52 -58.74
CA LEU F 26 -11.88 6.43 -57.85
C LEU F 26 -11.36 5.13 -58.44
N ALA F 27 -11.71 4.87 -59.69
CA ALA F 27 -11.26 3.65 -60.35
C ALA F 27 -9.75 3.49 -60.26
N ARG F 28 -9.02 4.59 -60.35
CA ARG F 28 -7.57 4.49 -60.28
C ARG F 28 -7.06 4.02 -58.93
N GLN F 29 -7.71 4.41 -57.84
CA GLN F 29 -7.28 3.97 -56.50
C GLN F 29 -7.56 2.46 -56.34
N VAL F 30 -8.66 2.00 -56.91
CA VAL F 30 -8.98 0.58 -56.82
C VAL F 30 -7.94 -0.20 -57.64
N ASP F 31 -7.46 0.39 -58.74
CA ASP F 31 -6.44 -0.31 -59.53
C ASP F 31 -5.17 -0.43 -58.72
N TYR F 32 -4.84 0.65 -58.03
CA TYR F 32 -3.64 0.66 -57.19
C TYR F 32 -3.75 -0.43 -56.14
N LEU F 33 -4.94 -0.55 -55.56
CA LEU F 33 -5.21 -1.55 -54.54
C LEU F 33 -4.97 -2.94 -55.14
N LEU F 34 -5.62 -3.24 -56.26
CA LEU F 34 -5.44 -4.55 -56.89
C LEU F 34 -4.03 -4.80 -57.40
N ASN F 35 -3.38 -3.79 -57.98
CA ASN F 35 -2.03 -4.00 -58.48
C ASN F 35 -1.10 -4.40 -57.40
N ASN F 36 -1.39 -4.00 -56.16
CA ASN F 36 -0.47 -4.36 -55.08
C ASN F 36 -0.82 -5.68 -54.48
N LYS F 37 -1.87 -6.30 -55.03
CA LYS F 37 -2.29 -7.61 -54.54
C LYS F 37 -2.93 -7.60 -53.16
N TRP F 38 -3.59 -6.50 -52.82
CA TRP F 38 -4.26 -6.37 -51.53
C TRP F 38 -5.71 -6.77 -51.79
N VAL F 39 -6.41 -7.25 -50.76
CA VAL F 39 -7.79 -7.70 -50.89
C VAL F 39 -8.75 -6.57 -50.63
N PRO F 40 -9.66 -6.26 -51.57
CA PRO F 40 -10.57 -5.15 -51.26
C PRO F 40 -11.74 -5.61 -50.42
N CYS F 41 -12.43 -4.65 -49.82
CA CYS F 41 -13.60 -4.93 -48.99
C CYS F 41 -14.28 -3.60 -48.81
N LEU F 42 -15.60 -3.61 -48.63
CA LEU F 42 -16.35 -2.39 -48.45
C LEU F 42 -16.97 -2.41 -47.06
N GLU F 43 -17.13 -1.25 -46.43
CA GLU F 43 -17.72 -1.14 -45.10
C GLU F 43 -18.71 0.00 -45.16
N PHE F 44 -19.79 -0.05 -44.40
CA PHE F 44 -20.77 1.03 -44.43
C PHE F 44 -21.24 1.33 -43.01
N GLU F 45 -21.77 2.51 -42.79
CA GLU F 45 -22.23 2.91 -41.46
C GLU F 45 -23.31 3.96 -41.65
N THR F 46 -24.42 3.79 -40.94
CA THR F 46 -25.54 4.73 -41.04
C THR F 46 -25.67 5.58 -39.77
N ASP F 47 -25.42 4.98 -38.61
CA ASP F 47 -25.57 5.68 -37.36
C ASP F 47 -24.49 6.61 -36.87
N HIS F 48 -23.26 6.12 -36.71
CA HIS F 48 -22.17 6.96 -36.22
C HIS F 48 -21.07 7.13 -37.23
N GLY F 49 -21.20 8.13 -38.09
CA GLY F 49 -20.18 8.34 -39.10
C GLY F 49 -18.86 8.78 -38.53
N PHE F 50 -18.83 9.20 -37.27
CA PHE F 50 -17.56 9.67 -36.71
C PHE F 50 -17.26 9.06 -35.38
N VAL F 51 -15.98 9.04 -35.07
CA VAL F 51 -15.46 8.51 -33.82
C VAL F 51 -16.05 9.26 -32.61
N TYR F 52 -16.27 8.56 -31.51
CA TYR F 52 -16.82 9.20 -30.31
C TYR F 52 -16.44 8.34 -29.12
N ARG F 53 -16.76 8.76 -27.91
CA ARG F 53 -16.41 7.97 -26.73
C ARG F 53 -17.58 7.79 -25.83
N GLU F 54 -18.24 6.65 -25.89
CA GLU F 54 -19.36 6.45 -25.04
C GLU F 54 -19.11 5.43 -23.96
N HIS F 55 -18.38 4.36 -24.28
CA HIS F 55 -18.20 3.28 -23.31
C HIS F 55 -16.92 3.23 -22.52
N HIS F 56 -15.95 4.07 -22.85
CA HIS F 56 -14.72 4.05 -22.10
C HIS F 56 -13.91 5.25 -22.48
N ASN F 57 -12.97 5.66 -21.62
CA ASN F 57 -12.13 6.81 -21.90
C ASN F 57 -10.67 6.52 -21.67
N SER F 58 -10.27 5.25 -21.56
CA SER F 58 -8.88 4.93 -21.30
C SER F 58 -8.08 5.16 -22.57
N PRO F 59 -6.75 5.29 -22.47
CA PRO F 59 -5.98 5.50 -23.69
C PRO F 59 -6.17 4.48 -24.81
N GLY F 60 -6.35 4.99 -26.01
CA GLY F 60 -6.52 4.12 -27.15
C GLY F 60 -7.90 3.59 -27.40
N TYR F 61 -8.86 3.90 -26.54
CA TYR F 61 -10.22 3.41 -26.75
C TYR F 61 -11.11 4.49 -27.34
N TYR F 62 -11.83 4.16 -28.41
CA TYR F 62 -12.74 5.09 -29.05
C TYR F 62 -13.85 4.23 -29.60
N ASP F 63 -15.06 4.77 -29.65
CA ASP F 63 -16.18 4.05 -30.22
C ASP F 63 -16.32 4.60 -31.63
N GLY F 64 -16.92 3.84 -32.55
CA GLY F 64 -17.10 4.34 -33.89
C GLY F 64 -16.03 4.03 -34.91
N ARG F 65 -15.04 3.21 -34.53
CA ARG F 65 -13.99 2.82 -35.45
C ARG F 65 -14.44 1.65 -36.31
N TYR F 66 -15.22 0.73 -35.76
CA TYR F 66 -15.71 -0.41 -36.51
C TYR F 66 -16.96 -0.02 -37.27
N TRP F 67 -16.99 -0.30 -38.56
CA TRP F 67 -18.19 -0.03 -39.36
C TRP F 67 -18.70 -1.43 -39.67
N THR F 68 -19.78 -1.55 -40.43
CA THR F 68 -20.24 -2.90 -40.71
C THR F 68 -19.82 -3.37 -42.09
N MET F 69 -19.47 -4.64 -42.18
CA MET F 69 -18.95 -5.24 -43.40
C MET F 69 -19.97 -5.50 -44.47
N TRP F 70 -19.66 -5.10 -45.71
CA TRP F 70 -20.57 -5.35 -46.83
C TRP F 70 -20.15 -6.68 -47.44
N LYS F 71 -20.95 -7.72 -47.26
CA LYS F 71 -20.63 -9.03 -47.79
C LYS F 71 -19.38 -9.63 -47.19
N LEU F 72 -18.32 -9.82 -47.95
CA LEU F 72 -17.07 -10.40 -47.44
C LEU F 72 -15.89 -9.82 -48.19
N PRO F 73 -14.67 -9.95 -47.65
CA PRO F 73 -13.53 -9.39 -48.40
C PRO F 73 -13.52 -10.13 -49.73
N MET F 74 -13.17 -9.45 -50.83
CA MET F 74 -13.20 -10.08 -52.15
C MET F 74 -11.91 -10.78 -52.49
N PHE F 75 -11.61 -11.86 -51.78
CA PHE F 75 -10.38 -12.62 -52.00
C PHE F 75 -10.27 -13.04 -53.44
N GLY F 76 -9.07 -13.01 -54.00
CA GLY F 76 -8.88 -13.40 -55.39
C GLY F 76 -9.43 -12.43 -56.44
N CYS F 77 -10.08 -11.34 -56.03
CA CYS F 77 -10.63 -10.39 -57.00
C CYS F 77 -9.45 -9.83 -57.78
N THR F 78 -9.64 -9.57 -59.07
CA THR F 78 -8.56 -9.01 -59.91
C THR F 78 -9.13 -7.98 -60.87
N ASP F 79 -10.46 -7.84 -60.91
CA ASP F 79 -11.07 -6.88 -61.82
C ASP F 79 -11.72 -5.73 -61.05
N PRO F 80 -11.15 -4.53 -61.18
CA PRO F 80 -11.67 -3.34 -60.50
C PRO F 80 -13.14 -3.09 -60.77
N ALA F 81 -13.65 -3.69 -61.83
CA ALA F 81 -15.06 -3.48 -62.13
C ALA F 81 -15.90 -4.17 -61.07
N GLN F 82 -15.41 -5.32 -60.64
CA GLN F 82 -16.10 -6.13 -59.63
C GLN F 82 -16.29 -5.30 -58.35
N VAL F 83 -15.26 -4.56 -57.97
CA VAL F 83 -15.27 -3.73 -56.77
C VAL F 83 -16.25 -2.60 -56.92
N LEU F 84 -16.13 -1.86 -58.03
CA LEU F 84 -17.01 -0.71 -58.31
C LEU F 84 -18.46 -1.13 -58.45
N ASN F 85 -18.62 -2.40 -58.80
CA ASN F 85 -19.93 -2.96 -58.94
C ASN F 85 -20.57 -3.08 -57.55
N GLU F 86 -19.81 -3.63 -56.61
CA GLU F 86 -20.33 -3.79 -55.26
C GLU F 86 -20.65 -2.43 -54.71
N LEU F 87 -19.80 -1.44 -55.00
CA LEU F 87 -20.06 -0.10 -54.49
C LEU F 87 -21.46 0.36 -54.89
N GLU F 88 -21.80 0.13 -56.15
CA GLU F 88 -23.12 0.55 -56.63
C GLU F 88 -24.25 -0.20 -55.94
N GLU F 89 -24.06 -1.51 -55.77
CA GLU F 89 -25.08 -2.32 -55.11
C GLU F 89 -25.29 -1.88 -53.68
N CYS F 90 -24.18 -1.58 -52.98
CA CYS F 90 -24.25 -1.12 -51.59
C CYS F 90 -24.93 0.24 -51.52
N LYS F 91 -24.53 1.15 -52.41
CA LYS F 91 -25.13 2.49 -52.44
C LYS F 91 -26.63 2.43 -52.56
N LYS F 92 -27.11 1.54 -53.43
CA LYS F 92 -28.55 1.49 -53.64
C LYS F 92 -29.28 0.85 -52.48
N GLU F 93 -28.59 -0.01 -51.74
CA GLU F 93 -29.23 -0.63 -50.60
C GLU F 93 -29.13 0.28 -49.38
N TYR F 94 -28.04 1.06 -49.30
CA TYR F 94 -27.82 1.94 -48.16
C TYR F 94 -27.49 3.36 -48.60
N PRO F 95 -28.43 4.00 -49.28
CA PRO F 95 -28.23 5.38 -49.77
C PRO F 95 -27.98 6.35 -48.63
N ASN F 96 -28.35 5.94 -47.43
CA ASN F 96 -28.19 6.79 -46.27
C ASN F 96 -26.91 6.51 -45.48
N ALA F 97 -26.00 5.72 -46.04
CA ALA F 97 -24.81 5.39 -45.30
C ALA F 97 -23.53 5.96 -45.85
N PHE F 98 -22.49 6.03 -45.01
CA PHE F 98 -21.18 6.47 -45.48
C PHE F 98 -20.65 5.10 -45.90
N ILE F 99 -19.90 5.01 -46.99
CA ILE F 99 -19.37 3.72 -47.42
C ILE F 99 -17.90 3.93 -47.73
N ARG F 100 -17.05 2.97 -47.40
CA ARG F 100 -15.63 3.15 -47.68
C ARG F 100 -15.04 1.88 -48.20
N ILE F 101 -13.94 2.00 -48.94
CA ILE F 101 -13.27 0.87 -49.54
C ILE F 101 -11.97 0.70 -48.78
N ILE F 102 -11.65 -0.51 -48.35
CA ILE F 102 -10.41 -0.75 -47.62
C ILE F 102 -9.70 -1.90 -48.35
N GLY F 103 -8.41 -2.09 -48.12
CA GLY F 103 -7.70 -3.15 -48.79
C GLY F 103 -6.74 -3.78 -47.83
N PHE F 104 -6.81 -5.10 -47.66
CA PHE F 104 -5.94 -5.79 -46.72
C PHE F 104 -4.65 -6.32 -47.30
N ASP F 105 -3.59 -6.27 -46.51
CA ASP F 105 -2.34 -6.87 -46.91
C ASP F 105 -2.31 -8.02 -45.93
N SER F 106 -2.65 -9.23 -46.37
CA SER F 106 -2.68 -10.37 -45.45
C SER F 106 -1.32 -10.74 -44.88
N ASN F 107 -0.28 -10.38 -45.58
CA ASN F 107 1.03 -10.70 -45.10
C ASN F 107 1.37 -9.95 -43.84
N ARG F 108 1.12 -8.63 -43.82
CA ARG F 108 1.41 -7.84 -42.62
C ARG F 108 0.17 -7.70 -41.76
N GLU F 109 -0.98 -8.09 -42.31
CA GLU F 109 -2.25 -7.98 -41.62
C GLU F 109 -2.47 -6.55 -41.18
N VAL F 110 -2.39 -5.65 -42.15
CA VAL F 110 -2.59 -4.22 -41.93
C VAL F 110 -3.42 -3.74 -43.11
N GLN F 111 -4.28 -2.75 -42.91
CA GLN F 111 -5.04 -2.23 -44.03
C GLN F 111 -4.13 -1.21 -44.73
N CYS F 112 -3.77 -1.46 -45.97
CA CYS F 112 -2.89 -0.52 -46.64
C CYS F 112 -3.60 0.55 -47.43
N ILE F 113 -4.93 0.51 -47.39
CA ILE F 113 -5.74 1.45 -48.14
C ILE F 113 -7.03 1.60 -47.39
N SER F 114 -7.55 2.82 -47.37
CA SER F 114 -8.84 3.09 -46.75
C SER F 114 -9.29 4.48 -47.16
N PHE F 115 -10.41 4.60 -47.88
CA PHE F 115 -10.88 5.92 -48.28
C PHE F 115 -12.38 5.93 -48.48
N ILE F 116 -13.02 7.03 -48.15
CA ILE F 116 -14.45 7.14 -48.26
C ILE F 116 -14.86 7.11 -49.73
N ALA F 117 -15.85 6.30 -50.10
CA ALA F 117 -16.26 6.23 -51.50
C ALA F 117 -17.65 6.80 -51.75
N TYR F 118 -18.43 7.04 -50.71
CA TYR F 118 -19.77 7.58 -50.86
C TYR F 118 -20.21 8.19 -49.54
N LYS F 119 -20.92 9.32 -49.60
CA LYS F 119 -21.39 10.01 -48.40
C LYS F 119 -22.85 10.37 -48.59
N PRO F 120 -23.65 10.34 -47.52
CA PRO F 120 -25.06 10.70 -47.68
C PRO F 120 -25.16 12.20 -47.93
N ALA F 121 -26.29 12.63 -48.48
CA ALA F 121 -26.49 14.05 -48.78
C ALA F 121 -26.50 14.76 -47.46
N GLY F 122 -26.10 16.03 -47.51
CA GLY F 122 -26.04 16.80 -46.29
C GLY F 122 -24.58 16.78 -45.87
N TYR F 123 -23.83 15.82 -46.42
CA TYR F 123 -22.40 15.68 -46.13
C TYR F 123 -21.61 15.84 -47.41
N ALA G 9 7.59 47.12 -29.49
CA ALA G 9 6.14 46.73 -29.39
C ALA G 9 5.78 45.91 -30.64
N SER G 10 5.25 44.70 -30.38
CA SER G 10 4.83 43.74 -31.42
C SER G 10 5.21 44.18 -32.81
N VAL G 11 6.48 44.10 -33.18
CA VAL G 11 6.80 44.48 -34.57
C VAL G 11 5.95 43.44 -35.35
N GLY G 12 5.57 43.74 -36.59
CA GLY G 12 4.77 42.77 -37.34
C GLY G 12 5.42 41.39 -37.50
N PHE G 13 4.64 40.44 -38.05
CA PHE G 13 5.11 39.07 -38.31
C PHE G 13 5.29 39.02 -39.82
N LYS G 14 6.41 38.48 -40.26
CA LYS G 14 6.68 38.40 -41.67
C LYS G 14 7.25 37.01 -41.87
N ALA G 15 6.51 36.17 -42.55
CA ALA G 15 6.95 34.79 -42.78
C ALA G 15 8.25 34.76 -43.55
N GLY G 16 8.98 33.66 -43.49
CA GLY G 16 10.19 33.59 -44.28
C GLY G 16 11.39 33.27 -43.41
N VAL G 17 12.43 32.74 -44.03
CA VAL G 17 13.60 32.40 -43.26
C VAL G 17 14.60 33.54 -43.27
N LYS G 18 15.22 33.81 -42.13
CA LYS G 18 16.22 34.86 -42.09
C LYS G 18 17.40 34.36 -41.28
N ASP G 19 18.53 35.03 -41.40
CA ASP G 19 19.75 34.60 -40.72
C ASP G 19 19.58 34.50 -39.23
N TYR G 20 20.20 33.49 -38.64
CA TYR G 20 20.12 33.32 -37.20
C TYR G 20 20.86 34.46 -36.53
N LYS G 21 21.91 34.97 -37.15
CA LYS G 21 22.68 36.04 -36.53
C LYS G 21 21.89 37.30 -36.22
N LEU G 22 20.81 37.54 -36.96
CA LEU G 22 20.02 38.73 -36.69
C LEU G 22 19.45 38.73 -35.30
N THR G 23 19.14 37.56 -34.75
CA THR G 23 18.52 37.49 -33.42
C THR G 23 19.38 36.85 -32.33
N TYR G 24 20.24 35.93 -32.74
CA TYR G 24 21.03 35.17 -31.80
C TYR G 24 22.51 35.44 -31.64
N TYR G 25 23.06 36.40 -32.37
CA TYR G 25 24.48 36.78 -32.20
C TYR G 25 24.31 38.11 -31.48
N THR G 26 24.81 38.19 -30.26
CA THR G 26 24.62 39.36 -29.41
C THR G 26 25.94 39.62 -28.69
N PRO G 27 26.94 40.12 -29.43
CA PRO G 27 28.28 40.39 -28.89
C PRO G 27 28.36 41.44 -27.81
N GLU G 28 27.31 42.22 -27.65
CA GLU G 28 27.32 43.26 -26.63
C GLU G 28 26.78 42.79 -25.28
N TYR G 29 26.16 41.60 -25.26
CA TYR G 29 25.55 41.05 -24.05
C TYR G 29 26.50 40.87 -22.88
N GLU G 30 26.03 41.27 -21.70
CA GLU G 30 26.78 41.10 -20.46
C GLU G 30 26.06 39.91 -19.81
N THR G 31 26.77 38.86 -19.46
CA THR G 31 26.14 37.68 -18.92
C THR G 31 25.66 37.95 -17.51
N LEU G 32 24.53 37.34 -17.12
CA LEU G 32 23.95 37.48 -15.80
C LEU G 32 24.49 36.38 -14.90
N ASP G 33 24.44 36.55 -13.60
CA ASP G 33 24.97 35.53 -12.72
C ASP G 33 24.09 34.31 -12.62
N THR G 34 22.91 34.36 -13.22
CA THR G 34 22.00 33.25 -13.21
C THR G 34 22.00 32.49 -14.54
N ASP G 35 22.77 32.96 -15.52
CA ASP G 35 22.87 32.35 -16.84
C ASP G 35 23.72 31.09 -16.83
N ILE G 36 23.33 30.09 -17.64
CA ILE G 36 24.15 28.89 -17.79
C ILE G 36 24.97 29.29 -19.00
N LEU G 37 26.29 29.24 -18.91
CA LEU G 37 27.16 29.63 -20.03
C LEU G 37 27.79 28.39 -20.64
N ALA G 38 27.99 28.40 -21.94
CA ALA G 38 28.58 27.26 -22.63
C ALA G 38 29.70 27.68 -23.56
N ALA G 39 30.77 26.89 -23.59
CA ALA G 39 31.89 27.12 -24.49
C ALA G 39 31.92 26.00 -25.53
N PHE G 40 31.55 26.30 -26.76
CA PHE G 40 31.54 25.33 -27.85
C PHE G 40 32.73 25.53 -28.78
N ARG G 41 33.38 24.46 -29.22
CA ARG G 41 34.47 24.54 -30.18
C ARG G 41 33.79 24.24 -31.51
N VAL G 42 33.51 25.26 -32.32
CA VAL G 42 32.79 25.11 -33.59
C VAL G 42 33.69 25.07 -34.82
N SER G 43 33.42 24.13 -35.74
CA SER G 43 34.15 23.98 -37.02
C SER G 43 33.08 24.13 -38.10
N PRO G 44 32.89 25.34 -38.65
CA PRO G 44 31.86 25.53 -39.69
C PRO G 44 32.21 24.95 -41.04
N GLN G 45 31.17 24.70 -41.85
CA GLN G 45 31.40 24.21 -43.20
C GLN G 45 31.88 25.43 -43.98
N PRO G 46 32.57 25.20 -45.10
CA PRO G 46 33.06 26.31 -45.91
C PRO G 46 31.87 27.17 -46.31
N GLY G 47 32.04 28.49 -46.25
CA GLY G 47 30.94 29.35 -46.66
C GLY G 47 29.96 29.75 -45.57
N VAL G 48 30.09 29.16 -44.38
CA VAL G 48 29.23 29.49 -43.26
C VAL G 48 30.14 30.23 -42.31
N PRO G 49 29.85 31.51 -42.06
CA PRO G 49 30.68 32.33 -41.17
C PRO G 49 30.50 32.07 -39.69
N PRO G 50 31.57 32.24 -38.90
CA PRO G 50 31.51 32.01 -37.46
C PRO G 50 30.22 32.54 -36.79
N GLU G 51 29.90 33.81 -36.98
CA GLU G 51 28.73 34.40 -36.35
C GLU G 51 27.46 33.66 -36.61
N GLU G 52 27.30 33.16 -37.83
CA GLU G 52 26.08 32.45 -38.16
C GLU G 52 26.14 31.05 -37.57
N ALA G 53 27.31 30.43 -37.64
CA ALA G 53 27.46 29.10 -37.09
C ALA G 53 27.13 29.20 -35.60
N GLY G 54 27.76 30.12 -34.88
CA GLY G 54 27.47 30.27 -33.46
C GLY G 54 26.01 30.64 -33.16
N ALA G 55 25.45 31.55 -33.94
CA ALA G 55 24.08 31.95 -33.74
C ALA G 55 23.16 30.76 -33.95
N ALA G 56 23.51 29.89 -34.90
CA ALA G 56 22.67 28.73 -35.16
C ALA G 56 22.67 27.73 -34.01
N VAL G 57 23.83 27.60 -33.35
CA VAL G 57 23.97 26.72 -32.18
C VAL G 57 23.13 27.30 -31.04
N ALA G 58 23.26 28.59 -30.81
CA ALA G 58 22.50 29.25 -29.75
C ALA G 58 21.02 29.19 -30.03
N ALA G 59 20.63 29.28 -31.31
CA ALA G 59 19.23 29.28 -31.66
C ALA G 59 18.46 27.96 -31.44
N GLU G 60 18.96 26.89 -32.04
CA GLU G 60 18.30 25.60 -31.93
C GLU G 60 18.44 24.95 -30.55
N SER G 61 19.33 25.45 -29.71
CA SER G 61 19.48 24.86 -28.39
C SER G 61 18.67 25.64 -27.36
N SER G 62 17.85 26.56 -27.83
CA SER G 62 17.05 27.33 -26.91
C SER G 62 15.65 27.62 -27.38
N THR G 63 15.45 28.66 -28.18
CA THR G 63 14.11 29.01 -28.58
C THR G 63 13.76 29.08 -30.04
N GLY G 64 14.74 29.06 -30.93
CA GLY G 64 14.38 29.25 -32.32
C GLY G 64 14.33 28.09 -33.28
N THR G 65 13.77 28.32 -34.46
CA THR G 65 13.72 27.28 -35.47
C THR G 65 14.24 27.82 -36.82
N TRP G 66 14.11 27.04 -37.88
CA TRP G 66 14.64 27.43 -39.20
C TRP G 66 13.93 28.53 -39.99
N THR G 67 12.72 28.93 -39.59
CA THR G 67 11.98 29.95 -40.32
C THR G 67 11.20 30.77 -39.30
N THR G 68 10.80 31.99 -39.63
CA THR G 68 10.07 32.83 -38.66
C THR G 68 8.68 32.31 -38.33
N VAL G 69 8.35 32.21 -37.05
CA VAL G 69 7.05 31.73 -36.62
C VAL G 69 6.31 32.86 -35.93
N TRP G 70 5.00 32.96 -36.08
CA TRP G 70 4.28 34.06 -35.46
C TRP G 70 4.18 34.05 -33.94
N THR G 71 4.29 32.87 -33.35
CA THR G 71 4.12 32.74 -31.92
C THR G 71 5.19 33.43 -31.11
N ASP G 72 6.32 33.77 -31.71
CA ASP G 72 7.35 34.46 -30.95
C ASP G 72 6.77 35.70 -30.32
N GLY G 73 5.77 36.27 -30.97
CA GLY G 73 5.17 37.48 -30.47
C GLY G 73 4.29 37.34 -29.25
N LEU G 74 3.92 36.12 -28.89
CA LEU G 74 3.09 35.93 -27.72
C LEU G 74 3.94 35.99 -26.46
N THR G 75 5.26 35.91 -26.60
CA THR G 75 6.19 35.99 -25.45
C THR G 75 7.17 37.13 -25.63
N ASN G 76 8.18 37.15 -24.77
CA ASN G 76 9.22 38.15 -24.77
C ASN G 76 10.46 37.34 -25.04
N LEU G 77 10.74 37.09 -26.31
CA LEU G 77 11.88 36.28 -26.70
C LEU G 77 13.19 36.80 -26.17
N ASP G 78 13.29 38.11 -26.00
CA ASP G 78 14.53 38.70 -25.50
C ASP G 78 14.90 38.11 -24.18
N ARG G 79 13.93 37.64 -23.41
CA ARG G 79 14.30 37.09 -22.12
C ARG G 79 14.53 35.61 -22.07
N TYR G 80 14.16 34.89 -23.12
CA TYR G 80 14.33 33.45 -23.13
C TYR G 80 15.37 32.94 -24.09
N LYS G 81 15.66 33.71 -25.14
CA LYS G 81 16.60 33.26 -26.14
C LYS G 81 18.02 33.03 -25.65
N GLY G 82 18.65 31.99 -26.18
CA GLY G 82 20.03 31.72 -25.84
C GLY G 82 20.76 32.65 -26.78
N ARG G 83 21.97 33.04 -26.46
CA ARG G 83 22.64 33.96 -27.34
C ARG G 83 24.13 33.81 -27.39
N CYS G 84 24.67 33.88 -28.60
CA CYS G 84 26.11 33.77 -28.83
C CYS G 84 26.66 35.15 -28.56
N TYR G 85 27.36 35.30 -27.45
CA TYR G 85 27.87 36.59 -27.06
C TYR G 85 29.36 36.83 -27.24
N HIS G 86 30.10 35.85 -27.74
CA HIS G 86 31.51 36.08 -27.91
C HIS G 86 32.08 34.98 -28.77
N ILE G 87 33.00 35.30 -29.65
CA ILE G 87 33.60 34.29 -30.52
C ILE G 87 35.08 34.50 -30.47
N GLU G 88 35.86 33.44 -30.32
CA GLU G 88 37.29 33.63 -30.28
C GLU G 88 37.89 32.57 -31.18
N PRO G 89 38.73 32.97 -32.14
CA PRO G 89 39.33 31.99 -33.05
C PRO G 89 40.32 31.10 -32.34
N VAL G 90 40.41 29.85 -32.79
CA VAL G 90 41.31 28.86 -32.21
C VAL G 90 42.70 28.94 -32.84
N ALA G 91 43.69 29.17 -31.97
CA ALA G 91 45.05 29.32 -32.42
C ALA G 91 45.61 28.13 -33.13
N GLY G 92 46.14 28.35 -34.31
CA GLY G 92 46.77 27.24 -34.99
C GLY G 92 45.79 26.38 -35.73
N GLU G 93 44.53 26.72 -35.65
CA GLU G 93 43.59 25.93 -36.39
C GLU G 93 42.99 26.89 -37.34
N GLU G 94 42.53 26.33 -38.43
CA GLU G 94 41.93 27.10 -39.50
C GLU G 94 40.44 26.82 -39.44
N ASN G 95 39.64 27.86 -39.56
CA ASN G 95 38.22 27.62 -39.53
C ASN G 95 37.68 26.86 -38.31
N GLN G 96 38.17 27.21 -37.12
CA GLN G 96 37.72 26.63 -35.87
C GLN G 96 37.64 27.76 -34.87
N TYR G 97 36.54 27.89 -34.13
CA TYR G 97 36.38 28.98 -33.16
C TYR G 97 35.81 28.44 -31.87
N ILE G 98 35.89 29.22 -30.81
CA ILE G 98 35.29 28.85 -29.53
C ILE G 98 34.18 29.89 -29.45
N CYS G 99 32.92 29.46 -29.55
CA CYS G 99 31.78 30.37 -29.44
C CYS G 99 31.20 30.20 -28.05
N TYR G 100 30.94 31.30 -27.36
CA TYR G 100 30.38 31.27 -26.02
C TYR G 100 28.90 31.54 -26.11
N VAL G 101 28.06 30.70 -25.50
CA VAL G 101 26.61 30.90 -25.52
C VAL G 101 26.07 31.01 -24.09
N ALA G 102 25.14 31.92 -23.88
CA ALA G 102 24.52 32.12 -22.57
C ALA G 102 23.07 31.72 -22.67
N TYR G 103 22.58 30.95 -21.69
CA TYR G 103 21.22 30.49 -21.65
C TYR G 103 20.61 30.97 -20.34
N PRO G 104 19.47 31.66 -20.39
CA PRO G 104 18.81 32.17 -19.20
C PRO G 104 18.32 31.07 -18.26
N LEU G 105 18.32 31.33 -16.96
CA LEU G 105 17.91 30.33 -15.99
C LEU G 105 16.53 29.74 -16.18
N ASP G 106 15.60 30.48 -16.75
CA ASP G 106 14.24 30.01 -16.93
C ASP G 106 14.07 28.89 -17.93
N LEU G 107 15.11 28.52 -18.63
CA LEU G 107 14.98 27.48 -19.64
C LEU G 107 15.14 26.08 -19.09
N PHE G 108 15.60 25.96 -17.86
CA PHE G 108 15.87 24.64 -17.31
C PHE G 108 14.96 24.16 -16.19
N GLU G 109 14.68 22.85 -16.17
CA GLU G 109 13.86 22.30 -15.11
C GLU G 109 14.81 22.12 -13.95
N GLU G 110 14.37 22.50 -12.77
CA GLU G 110 15.14 22.43 -11.57
C GLU G 110 15.52 21.01 -11.28
N GLY G 111 16.76 20.74 -10.91
CA GLY G 111 17.19 19.40 -10.54
C GLY G 111 17.25 18.29 -11.56
N SER G 112 17.18 18.65 -12.83
CA SER G 112 17.18 17.69 -13.91
C SER G 112 18.37 17.82 -14.88
N VAL G 113 19.43 17.06 -14.66
CA VAL G 113 20.56 17.09 -15.55
C VAL G 113 20.08 16.65 -16.94
N THR G 114 19.06 15.81 -16.99
CA THR G 114 18.48 15.35 -18.25
C THR G 114 17.96 16.50 -19.08
N ASN G 115 17.33 17.47 -18.44
CA ASN G 115 16.80 18.60 -19.19
C ASN G 115 17.89 19.55 -19.61
N MET G 116 18.90 19.78 -18.77
CA MET G 116 19.99 20.66 -19.15
C MET G 116 20.61 20.16 -20.44
N PHE G 117 20.98 18.88 -20.52
CA PHE G 117 21.56 18.32 -21.73
C PHE G 117 20.62 18.28 -22.90
N THR G 118 19.34 18.05 -22.72
CA THR G 118 18.45 18.01 -23.87
C THR G 118 18.41 19.31 -24.64
N SER G 119 18.59 20.45 -23.96
CA SER G 119 18.61 21.74 -24.66
C SER G 119 19.99 22.05 -25.25
N ILE G 120 21.00 22.13 -24.41
CA ILE G 120 22.34 22.48 -24.84
C ILE G 120 23.03 21.53 -25.81
N VAL G 121 22.69 20.26 -25.77
CA VAL G 121 23.36 19.24 -26.56
C VAL G 121 22.39 18.37 -27.40
N GLY G 122 21.14 18.77 -27.43
CA GLY G 122 20.14 17.99 -28.12
C GLY G 122 20.21 17.81 -29.61
N ASN G 123 20.25 18.89 -30.37
CA ASN G 123 20.27 18.77 -31.81
C ASN G 123 21.38 19.46 -32.56
N VAL G 124 22.00 20.46 -31.97
CA VAL G 124 23.04 21.23 -32.64
C VAL G 124 24.25 20.51 -33.23
N PHE G 125 24.64 19.37 -32.68
CA PHE G 125 25.80 18.67 -33.21
C PHE G 125 25.52 18.03 -34.55
N GLY G 126 24.28 18.05 -35.01
CA GLY G 126 23.98 17.40 -36.27
C GLY G 126 23.62 18.33 -37.41
N PHE G 127 23.77 19.64 -37.20
CA PHE G 127 23.47 20.64 -38.21
C PHE G 127 24.29 20.38 -39.47
N LYS G 128 23.66 20.46 -40.64
CA LYS G 128 24.38 20.24 -41.90
C LYS G 128 25.44 21.31 -42.10
N ALA G 129 25.18 22.51 -41.58
CA ALA G 129 26.10 23.63 -41.71
C ALA G 129 27.34 23.61 -40.86
N LEU G 130 27.52 22.59 -40.02
CA LEU G 130 28.72 22.51 -39.19
C LEU G 130 29.45 21.23 -39.58
N ARG G 131 30.76 21.18 -39.42
CA ARG G 131 31.56 20.00 -39.75
C ARG G 131 31.74 19.17 -38.50
N ALA G 132 31.97 19.85 -37.38
CA ALA G 132 32.17 19.19 -36.12
C ALA G 132 31.81 20.20 -35.06
N LEU G 133 31.51 19.74 -33.85
CA LEU G 133 31.13 20.62 -32.76
C LEU G 133 31.54 19.95 -31.46
N ARG G 134 32.09 20.67 -30.49
CA ARG G 134 32.47 20.05 -29.22
C ARG G 134 32.12 20.95 -28.07
N LEU G 135 31.48 20.44 -27.02
CA LEU G 135 31.17 21.25 -25.86
C LEU G 135 32.35 21.09 -24.93
N GLU G 136 33.02 22.18 -24.60
CA GLU G 136 34.19 22.11 -23.75
C GLU G 136 33.93 22.36 -22.29
N ASP G 137 33.00 23.25 -21.98
CA ASP G 137 32.73 23.55 -20.59
C ASP G 137 31.38 24.24 -20.41
N LEU G 138 30.86 24.22 -19.19
CA LEU G 138 29.59 24.85 -18.84
C LEU G 138 29.79 25.56 -17.52
N ARG G 139 29.25 26.76 -17.37
CA ARG G 139 29.35 27.48 -16.10
C ARG G 139 27.96 27.30 -15.54
N ILE G 140 27.82 26.49 -14.49
CA ILE G 140 26.53 26.26 -13.88
C ILE G 140 26.41 27.27 -12.76
N PRO G 141 25.46 28.20 -12.87
CA PRO G 141 25.19 29.27 -11.92
C PRO G 141 24.78 28.76 -10.56
N VAL G 142 25.21 29.42 -9.48
CA VAL G 142 24.85 28.92 -8.16
C VAL G 142 23.36 28.81 -7.91
N ALA G 143 22.54 29.63 -8.55
CA ALA G 143 21.09 29.53 -8.36
C ALA G 143 20.55 28.23 -8.92
N TYR G 144 21.21 27.65 -9.92
CA TYR G 144 20.76 26.38 -10.49
C TYR G 144 21.38 25.24 -9.72
N VAL G 145 22.60 25.41 -9.21
CA VAL G 145 23.27 24.36 -8.43
C VAL G 145 22.46 23.95 -7.20
N LYS G 146 21.76 24.90 -6.56
CA LYS G 146 20.98 24.66 -5.35
C LYS G 146 19.72 23.86 -5.56
N THR G 147 19.31 23.67 -6.80
CA THR G 147 18.13 22.89 -7.07
C THR G 147 18.49 21.40 -7.18
N PHE G 148 19.73 21.02 -6.89
CA PHE G 148 20.19 19.65 -7.00
C PHE G 148 20.61 19.13 -5.64
N GLN G 149 20.50 17.83 -5.45
CA GLN G 149 20.92 17.28 -4.18
C GLN G 149 22.43 17.14 -4.16
N GLY G 150 23.02 16.74 -5.28
CA GLY G 150 24.46 16.58 -5.33
C GLY G 150 24.81 15.22 -4.79
N PRO G 151 26.06 14.98 -4.44
CA PRO G 151 26.46 13.68 -3.91
C PRO G 151 25.64 13.20 -2.72
N PRO G 152 25.33 11.90 -2.63
CA PRO G 152 24.56 11.47 -1.48
C PRO G 152 25.30 11.77 -0.16
N HIS G 153 26.62 11.72 -0.16
CA HIS G 153 27.41 11.96 1.05
C HIS G 153 28.60 12.89 0.84
N GLY G 154 29.49 12.54 -0.07
CA GLY G 154 30.65 13.39 -0.32
C GLY G 154 31.86 12.96 0.47
N ILE G 155 33.03 13.51 0.11
CA ILE G 155 34.29 13.18 0.76
C ILE G 155 34.35 13.20 2.27
N GLN G 156 33.97 14.30 2.90
CA GLN G 156 34.03 14.40 4.36
C GLN G 156 33.20 13.34 5.03
N VAL G 157 31.93 13.25 4.67
CA VAL G 157 31.06 12.28 5.30
C VAL G 157 31.53 10.85 5.07
N GLU G 158 32.00 10.54 3.88
CA GLU G 158 32.47 9.20 3.59
C GLU G 158 33.65 8.79 4.46
N ARG G 159 34.62 9.67 4.65
CA ARG G 159 35.77 9.33 5.46
C ARG G 159 35.32 9.13 6.90
N ASP G 160 34.37 9.96 7.32
CA ASP G 160 33.82 9.89 8.67
C ASP G 160 33.07 8.59 9.00
N LYS G 161 32.34 8.09 8.01
CA LYS G 161 31.61 6.86 8.17
C LYS G 161 32.49 5.63 8.16
N LEU G 162 33.47 5.61 7.26
CA LEU G 162 34.38 4.48 7.15
C LEU G 162 35.54 4.55 8.13
N ASN G 163 35.74 5.71 8.74
CA ASN G 163 36.81 5.94 9.72
C ASN G 163 38.18 5.85 9.04
N LYS G 164 38.30 6.43 7.86
CA LYS G 164 39.54 6.38 7.07
C LYS G 164 40.06 7.78 6.78
N TYR G 165 41.26 8.07 7.27
CA TYR G 165 41.86 9.37 7.12
C TYR G 165 43.34 9.30 6.84
N GLY G 166 43.87 10.33 6.19
CA GLY G 166 45.30 10.36 5.96
C GLY G 166 45.97 9.64 4.83
N ARG G 167 45.23 9.13 3.86
CA ARG G 167 45.86 8.41 2.77
C ARG G 167 44.79 8.09 1.75
N PRO G 168 45.18 7.82 0.49
CA PRO G 168 44.17 7.49 -0.51
C PRO G 168 43.49 6.17 -0.09
N LEU G 169 42.34 5.85 -0.66
CA LEU G 169 41.67 4.61 -0.33
C LEU G 169 42.07 3.61 -1.41
N LEU G 170 42.22 2.34 -1.06
CA LEU G 170 42.63 1.30 -1.99
C LEU G 170 41.50 0.37 -2.35
N GLY G 171 41.32 0.06 -3.62
CA GLY G 171 40.26 -0.85 -4.02
C GLY G 171 40.75 -1.86 -5.04
N CYS G 172 39.91 -2.80 -5.47
CA CYS G 172 40.34 -3.80 -6.44
C CYS G 172 39.17 -4.40 -7.21
N THR G 173 39.26 -4.49 -8.54
CA THR G 173 38.18 -5.06 -9.34
C THR G 173 38.41 -6.54 -9.55
N ILE G 174 37.43 -7.38 -9.22
CA ILE G 174 37.56 -8.83 -9.36
C ILE G 174 37.64 -9.19 -10.83
N LYS G 175 38.46 -10.18 -11.18
CA LYS G 175 38.65 -10.60 -12.58
C LYS G 175 38.57 -12.10 -12.67
N PRO G 176 38.24 -12.67 -13.84
CA PRO G 176 37.92 -12.03 -15.12
C PRO G 176 36.65 -11.24 -15.00
N LYS G 177 36.47 -10.26 -15.87
CA LYS G 177 35.29 -9.41 -15.84
C LYS G 177 34.01 -10.20 -15.66
N LEU G 178 33.77 -11.14 -16.56
CA LEU G 178 32.58 -11.97 -16.54
C LEU G 178 33.01 -13.42 -16.53
N GLY G 179 32.15 -14.30 -16.05
CA GLY G 179 32.52 -15.69 -16.04
C GLY G 179 32.68 -16.37 -14.70
N LEU G 180 32.96 -15.62 -13.64
CA LEU G 180 33.10 -16.26 -12.34
C LEU G 180 31.72 -16.57 -11.75
N SER G 181 31.61 -17.59 -10.90
CA SER G 181 30.35 -17.94 -10.26
C SER G 181 30.25 -17.10 -8.99
N ALA G 182 29.09 -17.09 -8.35
CA ALA G 182 28.90 -16.31 -7.13
C ALA G 182 29.78 -16.75 -5.97
N LYS G 183 29.92 -18.05 -5.73
CA LYS G 183 30.78 -18.46 -4.61
C LYS G 183 32.23 -18.11 -4.91
N ASN G 184 32.66 -18.22 -6.17
CA ASN G 184 34.05 -17.89 -6.50
C ASN G 184 34.29 -16.39 -6.41
N TYR G 185 33.30 -15.59 -6.73
CA TYR G 185 33.45 -14.14 -6.62
C TYR G 185 33.68 -13.81 -5.14
N GLY G 186 32.88 -14.34 -4.24
CA GLY G 186 33.08 -14.07 -2.83
C GLY G 186 34.40 -14.54 -2.27
N ARG G 187 34.93 -15.63 -2.79
CA ARG G 187 36.20 -16.18 -2.34
C ARG G 187 37.34 -15.24 -2.70
N ALA G 188 37.28 -14.70 -3.91
CA ALA G 188 38.29 -13.77 -4.38
C ALA G 188 38.19 -12.46 -3.61
N VAL G 189 36.99 -12.09 -3.18
CA VAL G 189 36.73 -10.85 -2.43
C VAL G 189 37.28 -10.94 -1.02
N TYR G 190 37.03 -12.05 -0.35
CA TYR G 190 37.52 -12.21 1.00
C TYR G 190 39.04 -12.13 1.02
N GLU G 191 39.70 -12.83 0.09
CA GLU G 191 41.16 -12.82 0.03
C GLU G 191 41.76 -11.45 -0.25
N CYS G 192 41.20 -10.65 -1.15
CA CYS G 192 41.73 -9.32 -1.41
C CYS G 192 41.55 -8.42 -0.20
N LEU G 193 40.37 -8.45 0.41
CA LEU G 193 40.09 -7.60 1.55
C LEU G 193 40.95 -7.89 2.75
N ARG G 194 41.21 -9.16 3.06
CA ARG G 194 42.00 -9.44 4.24
C ARG G 194 43.45 -9.01 4.11
N GLY G 195 43.89 -8.73 2.90
CA GLY G 195 45.26 -8.33 2.68
C GLY G 195 45.52 -6.84 2.85
N GLY G 196 44.49 -6.04 3.11
CA GLY G 196 44.73 -4.64 3.31
C GLY G 196 44.05 -3.67 2.39
N LEU G 197 43.30 -4.15 1.39
CA LEU G 197 42.59 -3.23 0.50
C LEU G 197 41.33 -2.82 1.22
N ASP G 198 40.85 -1.60 1.00
CA ASP G 198 39.65 -1.13 1.67
C ASP G 198 38.39 -1.63 0.98
N PHE G 199 38.40 -1.68 -0.34
CA PHE G 199 37.25 -2.10 -1.14
C PHE G 199 37.59 -3.07 -2.26
N THR G 200 36.61 -3.87 -2.67
CA THR G 200 36.71 -4.74 -3.84
C THR G 200 35.46 -4.32 -4.60
N LYS G 201 35.34 -4.64 -5.87
CA LYS G 201 34.15 -4.21 -6.59
C LYS G 201 33.73 -5.09 -7.73
N ASP G 202 32.47 -5.00 -8.09
CA ASP G 202 31.96 -5.76 -9.21
C ASP G 202 32.56 -4.99 -10.36
N ASP G 203 32.84 -5.64 -11.49
CA ASP G 203 33.35 -4.89 -12.63
C ASP G 203 32.11 -4.21 -13.18
N GLU G 204 32.26 -3.19 -14.02
CA GLU G 204 31.10 -2.46 -14.51
C GLU G 204 30.05 -3.23 -15.26
N ASN G 205 30.43 -4.33 -15.88
CA ASN G 205 29.47 -5.10 -16.66
C ASN G 205 28.89 -6.29 -15.94
N VAL G 206 29.24 -6.46 -14.67
CA VAL G 206 28.71 -7.54 -13.88
C VAL G 206 27.39 -7.03 -13.31
N ASN G 207 26.27 -7.52 -13.84
CA ASN G 207 24.94 -7.12 -13.36
C ASN G 207 24.29 -8.40 -12.87
N SER G 208 23.54 -9.08 -13.73
CA SER G 208 22.93 -10.35 -13.41
C SER G 208 22.98 -11.09 -14.71
N GLN G 209 23.65 -12.23 -14.74
CA GLN G 209 23.81 -12.98 -15.98
C GLN G 209 23.73 -14.48 -15.72
N PRO G 210 23.54 -15.28 -16.78
CA PRO G 210 23.45 -16.73 -16.58
C PRO G 210 24.54 -17.34 -15.69
N PHE G 211 25.77 -16.87 -15.78
CA PHE G 211 26.82 -17.45 -14.96
C PHE G 211 26.82 -17.07 -13.50
N MET G 212 26.18 -15.96 -13.16
CA MET G 212 26.14 -15.49 -11.79
C MET G 212 24.99 -14.51 -11.69
N ARG G 213 23.96 -14.86 -10.93
CA ARG G 213 22.81 -13.99 -10.76
C ARG G 213 23.08 -13.00 -9.63
N TRP G 214 22.56 -11.80 -9.73
CA TRP G 214 22.86 -10.78 -8.75
C TRP G 214 22.62 -11.10 -7.30
N ARG G 215 21.48 -11.66 -6.94
CA ARG G 215 21.20 -11.93 -5.54
C ARG G 215 22.16 -12.93 -4.93
N ASP G 216 22.62 -13.92 -5.69
CA ASP G 216 23.57 -14.87 -5.16
C ASP G 216 24.89 -14.16 -4.96
N ARG G 217 25.25 -13.24 -5.86
CA ARG G 217 26.50 -12.51 -5.72
C ARG G 217 26.50 -11.62 -4.49
N PHE G 218 25.47 -10.78 -4.34
CA PHE G 218 25.34 -9.88 -3.20
C PHE G 218 25.46 -10.65 -1.89
N LEU G 219 24.80 -11.78 -1.81
CA LEU G 219 24.81 -12.59 -0.61
C LEU G 219 26.17 -13.17 -0.22
N PHE G 220 26.88 -13.76 -1.19
CA PHE G 220 28.21 -14.32 -0.96
C PHE G 220 29.24 -13.23 -0.72
N CYS G 221 29.11 -12.10 -1.38
CA CYS G 221 30.05 -11.01 -1.16
C CYS G 221 29.85 -10.42 0.22
N ALA G 222 28.64 -10.44 0.76
CA ALA G 222 28.44 -9.93 2.09
C ALA G 222 29.13 -10.84 3.09
N GLU G 223 29.03 -12.15 2.92
CA GLU G 223 29.68 -13.07 3.85
C GLU G 223 31.17 -12.84 3.79
N ALA G 224 31.72 -12.74 2.59
CA ALA G 224 33.15 -12.51 2.44
C ALA G 224 33.62 -11.18 3.03
N LEU G 225 32.93 -10.09 2.75
CA LEU G 225 33.38 -8.82 3.30
C LEU G 225 33.31 -8.79 4.83
N TYR G 226 32.30 -9.40 5.41
CA TYR G 226 32.18 -9.42 6.86
C TYR G 226 33.27 -10.26 7.49
N LYS G 227 33.76 -11.27 6.78
CA LYS G 227 34.80 -12.12 7.31
C LYS G 227 36.13 -11.38 7.32
N ALA G 228 36.45 -10.71 6.21
CA ALA G 228 37.68 -9.95 6.14
C ALA G 228 37.65 -8.81 7.18
N GLN G 229 36.50 -8.21 7.41
CA GLN G 229 36.42 -7.12 8.38
C GLN G 229 36.69 -7.62 9.78
N ALA G 230 36.21 -8.81 10.11
CA ALA G 230 36.43 -9.35 11.44
C ALA G 230 37.87 -9.74 11.65
N GLU G 231 38.53 -10.17 10.58
CA GLU G 231 39.91 -10.60 10.65
C GLU G 231 40.87 -9.45 10.81
N THR G 232 40.62 -8.35 10.11
CA THR G 232 41.53 -7.22 10.13
C THR G 232 41.27 -6.09 11.09
N GLY G 233 40.02 -5.84 11.42
CA GLY G 233 39.74 -4.75 12.32
C GLY G 233 39.56 -3.43 11.61
N GLU G 234 39.53 -3.44 10.29
CA GLU G 234 39.34 -2.22 9.50
C GLU G 234 38.03 -2.35 8.76
N ILE G 235 37.27 -1.27 8.63
CA ILE G 235 36.01 -1.34 7.92
C ILE G 235 36.24 -1.67 6.45
N LYS G 236 35.52 -2.63 5.90
CA LYS G 236 35.67 -3.05 4.49
C LYS G 236 34.38 -2.79 3.74
N GLY G 237 34.45 -2.73 2.43
CA GLY G 237 33.27 -2.52 1.62
C GLY G 237 33.46 -3.22 0.30
N HIS G 238 32.39 -3.59 -0.39
CA HIS G 238 32.47 -4.22 -1.70
C HIS G 238 31.40 -3.55 -2.51
N TYR G 239 31.73 -2.86 -3.60
CA TYR G 239 30.69 -2.19 -4.36
C TYR G 239 29.78 -3.16 -5.07
N LEU G 240 28.51 -3.22 -4.70
CA LEU G 240 27.54 -4.10 -5.32
C LEU G 240 26.88 -3.34 -6.47
N ASN G 241 26.93 -3.87 -7.67
CA ASN G 241 26.38 -3.17 -8.82
C ASN G 241 24.88 -3.23 -8.91
N ALA G 242 24.24 -2.07 -8.92
CA ALA G 242 22.80 -1.98 -9.02
C ALA G 242 22.33 -1.65 -10.42
N THR G 243 23.26 -1.44 -11.35
CA THR G 243 22.90 -1.10 -12.75
C THR G 243 21.97 -2.18 -13.25
N ALA G 244 20.90 -1.81 -13.94
CA ALA G 244 20.00 -2.83 -14.40
C ALA G 244 19.22 -2.34 -15.57
N GLY G 245 18.31 -3.14 -16.07
CA GLY G 245 17.56 -2.75 -17.23
C GLY G 245 16.42 -1.80 -17.08
N THR G 246 15.78 -1.78 -15.92
CA THR G 246 14.64 -0.93 -15.64
C THR G 246 14.85 -0.24 -14.31
N CYS G 247 14.12 0.83 -14.03
CA CYS G 247 14.29 1.52 -12.75
C CYS G 247 13.89 0.57 -11.64
N GLU G 248 12.89 -0.25 -11.92
CA GLU G 248 12.38 -1.22 -10.96
C GLU G 248 13.40 -2.23 -10.53
N ASP G 249 14.13 -2.79 -11.48
CA ASP G 249 15.16 -3.75 -11.15
C ASP G 249 16.29 -3.10 -10.43
N MET G 250 16.66 -1.88 -10.81
CA MET G 250 17.73 -1.16 -10.13
C MET G 250 17.40 -0.96 -8.66
N MET G 251 16.18 -0.55 -8.37
CA MET G 251 15.78 -0.34 -6.98
C MET G 251 15.76 -1.63 -6.18
N LYS G 252 15.40 -2.75 -6.80
CA LYS G 252 15.38 -4.04 -6.13
C LYS G 252 16.74 -4.39 -5.60
N ARG G 253 17.76 -4.13 -6.37
CA ARG G 253 19.13 -4.44 -6.01
C ARG G 253 19.61 -3.52 -4.93
N ALA G 254 19.27 -2.24 -5.00
CA ALA G 254 19.68 -1.30 -3.98
C ALA G 254 19.03 -1.67 -2.66
N VAL G 255 17.76 -2.06 -2.69
CA VAL G 255 17.04 -2.47 -1.49
C VAL G 255 17.66 -3.69 -0.79
N PHE G 256 18.15 -4.68 -1.53
CA PHE G 256 18.77 -5.85 -0.89
C PHE G 256 20.11 -5.44 -0.29
N ALA G 257 20.83 -4.50 -0.91
CA ALA G 257 22.10 -4.02 -0.36
C ALA G 257 21.81 -3.33 0.96
N ARG G 258 20.73 -2.60 1.04
CA ARG G 258 20.36 -1.94 2.28
C ARG G 258 20.03 -2.99 3.34
N GLU G 259 19.33 -4.07 2.96
CA GLU G 259 18.95 -5.13 3.88
C GLU G 259 20.13 -5.92 4.42
N LEU G 260 21.20 -6.00 3.65
CA LEU G 260 22.40 -6.71 4.09
C LEU G 260 23.27 -5.85 4.99
N GLY G 261 23.04 -4.54 4.98
CA GLY G 261 23.79 -3.62 5.82
C GLY G 261 25.17 -3.23 5.32
N VAL G 262 25.44 -3.46 4.03
CA VAL G 262 26.73 -3.16 3.43
C VAL G 262 26.84 -1.66 3.21
N PRO G 263 28.06 -1.12 3.15
CA PRO G 263 28.13 0.33 2.97
C PRO G 263 28.10 0.99 1.63
N ILE G 264 28.28 0.26 0.53
CA ILE G 264 28.36 0.91 -0.76
C ILE G 264 27.79 0.18 -1.96
N VAL G 265 27.08 0.90 -2.85
CA VAL G 265 26.52 0.34 -4.08
C VAL G 265 27.19 1.08 -5.24
N MET G 266 26.91 0.69 -6.47
CA MET G 266 27.59 1.23 -7.64
C MET G 266 26.61 1.37 -8.80
N HIS G 267 26.83 2.31 -9.70
CA HIS G 267 25.95 2.53 -10.85
C HIS G 267 26.75 3.04 -12.03
N ASP G 268 26.39 2.61 -13.23
CA ASP G 268 27.01 3.06 -14.48
C ASP G 268 26.09 4.19 -14.95
N TYR G 269 26.40 5.42 -14.60
CA TYR G 269 25.54 6.54 -14.92
C TYR G 269 25.24 6.90 -16.34
N LEU G 270 26.14 6.60 -17.28
CA LEU G 270 25.90 6.94 -18.66
C LEU G 270 25.17 5.84 -19.42
N THR G 271 25.44 4.57 -19.12
CA THR G 271 24.73 3.49 -19.79
C THR G 271 23.40 3.29 -19.10
N GLY G 272 23.33 3.55 -17.80
CA GLY G 272 22.08 3.48 -17.07
C GLY G 272 21.26 4.71 -17.43
N GLY G 273 21.85 5.89 -17.31
CA GLY G 273 21.19 7.12 -17.68
C GLY G 273 21.10 8.09 -16.54
N PHE G 274 20.94 9.37 -16.83
CA PHE G 274 20.84 10.38 -15.79
C PHE G 274 19.54 10.26 -15.02
N THR G 275 18.43 9.96 -15.69
CA THR G 275 17.16 9.80 -15.01
C THR G 275 17.26 8.66 -13.98
N ALA G 276 17.78 7.51 -14.34
CA ALA G 276 17.90 6.45 -13.35
C ALA G 276 18.94 6.79 -12.30
N ASN G 277 20.02 7.45 -12.67
CA ASN G 277 21.05 7.80 -11.69
C ASN G 277 20.56 8.75 -10.60
N THR G 278 19.79 9.76 -10.96
CA THR G 278 19.25 10.69 -9.98
C THR G 278 18.34 9.96 -8.99
N THR G 279 17.56 8.99 -9.44
CA THR G 279 16.69 8.20 -8.56
C THR G 279 17.52 7.41 -7.55
N LEU G 280 18.60 6.77 -7.97
CA LEU G 280 19.45 5.99 -7.08
C LEU G 280 20.20 6.88 -6.10
N SER G 281 20.66 8.02 -6.56
CA SER G 281 21.35 8.96 -5.72
C SER G 281 20.46 9.43 -4.58
N HIS G 282 19.21 9.73 -4.88
CA HIS G 282 18.29 10.16 -3.86
C HIS G 282 18.03 9.01 -2.89
N TYR G 283 17.89 7.80 -3.41
CA TYR G 283 17.67 6.64 -2.57
C TYR G 283 18.86 6.42 -1.65
N CYS G 284 20.07 6.61 -2.16
CA CYS G 284 21.26 6.43 -1.36
C CYS G 284 21.37 7.45 -0.24
N ARG G 285 20.96 8.69 -0.52
CA ARG G 285 20.98 9.72 0.50
C ARG G 285 20.01 9.32 1.59
N ASP G 286 18.84 8.85 1.21
CA ASP G 286 17.81 8.45 2.18
C ASP G 286 18.08 7.21 2.98
N ASN G 287 18.97 6.34 2.49
CA ASN G 287 19.27 5.10 3.17
C ASN G 287 20.69 4.87 3.61
N GLY G 288 21.51 5.92 3.60
CA GLY G 288 22.87 5.81 4.05
C GLY G 288 23.85 5.00 3.24
N LEU G 289 23.60 4.85 1.95
CA LEU G 289 24.50 4.06 1.12
C LEU G 289 25.44 4.95 0.35
N LEU G 290 26.71 4.59 0.29
CA LEU G 290 27.67 5.36 -0.48
C LEU G 290 27.47 4.92 -1.92
N LEU G 291 27.60 5.83 -2.88
CA LEU G 291 27.40 5.51 -4.29
C LEU G 291 28.65 5.69 -5.14
N HIS G 292 29.18 4.62 -5.72
CA HIS G 292 30.35 4.66 -6.59
C HIS G 292 29.88 4.76 -8.03
N ILE G 293 30.41 5.70 -8.81
CA ILE G 293 29.97 5.85 -10.19
C ILE G 293 31.00 5.47 -11.26
N HIS G 294 30.58 4.73 -12.27
CA HIS G 294 31.43 4.29 -13.38
C HIS G 294 31.09 5.12 -14.57
N ARG G 295 32.08 5.47 -15.37
CA ARG G 295 31.80 6.28 -16.55
C ARG G 295 31.81 5.47 -17.84
N ALA G 296 31.46 4.20 -17.74
CA ALA G 296 31.40 3.33 -18.89
C ALA G 296 30.73 4.06 -20.02
N MET G 297 31.33 4.00 -21.20
CA MET G 297 30.85 4.63 -22.43
C MET G 297 31.26 6.09 -22.60
N HIS G 298 32.02 6.66 -21.67
CA HIS G 298 32.40 8.06 -21.82
C HIS G 298 33.31 8.33 -22.98
N ALA G 299 34.27 7.45 -23.27
CA ALA G 299 35.19 7.73 -24.37
C ALA G 299 34.58 7.69 -25.74
N VAL G 300 33.35 7.22 -25.85
CA VAL G 300 32.65 7.21 -27.12
C VAL G 300 32.26 8.64 -27.41
N ILE G 301 32.17 9.47 -26.37
CA ILE G 301 31.72 10.86 -26.46
C ILE G 301 32.83 11.88 -26.28
N ASP G 302 33.80 11.58 -25.42
CA ASP G 302 34.83 12.55 -25.09
C ASP G 302 36.26 12.40 -25.55
N ARG G 303 36.56 11.40 -26.37
CA ARG G 303 37.95 11.16 -26.79
C ARG G 303 38.57 12.16 -27.76
N GLN G 304 37.86 12.43 -28.85
CA GLN G 304 38.36 13.29 -29.90
C GLN G 304 38.21 14.77 -29.60
N LYS G 305 39.21 15.53 -29.98
CA LYS G 305 39.24 16.93 -29.72
C LYS G 305 38.34 17.78 -30.60
N ASN G 306 37.87 17.24 -31.71
CA ASN G 306 37.05 18.08 -32.58
C ASN G 306 35.55 17.91 -32.48
N HIS G 307 35.07 16.81 -31.91
CA HIS G 307 33.61 16.56 -31.82
C HIS G 307 33.28 15.78 -30.55
N GLY G 308 32.20 16.16 -29.87
CA GLY G 308 31.82 15.45 -28.66
C GLY G 308 31.58 16.39 -27.50
N MET G 309 31.83 15.92 -26.29
CA MET G 309 31.67 16.71 -25.08
C MET G 309 32.86 16.29 -24.27
N HIS G 310 33.55 17.24 -23.65
CA HIS G 310 34.69 16.88 -22.88
C HIS G 310 34.29 16.25 -21.57
N PHE G 311 35.16 15.45 -20.99
CA PHE G 311 34.81 14.82 -19.73
C PHE G 311 34.50 15.77 -18.61
N ARG G 312 35.09 16.95 -18.59
CA ARG G 312 34.81 17.88 -17.48
C ARG G 312 33.34 18.25 -17.41
N VAL G 313 32.65 18.24 -18.54
CA VAL G 313 31.24 18.57 -18.57
C VAL G 313 30.45 17.40 -17.99
N LEU G 314 30.87 16.17 -18.33
CA LEU G 314 30.20 14.98 -17.82
C LEU G 314 30.51 14.81 -16.34
N ALA G 315 31.64 15.34 -15.86
CA ALA G 315 32.00 15.25 -14.45
C ALA G 315 31.16 16.22 -13.65
N LYS G 316 30.91 17.41 -14.20
CA LYS G 316 30.08 18.39 -13.53
C LYS G 316 28.67 17.86 -13.43
N ALA G 317 28.15 17.28 -14.51
CA ALA G 317 26.81 16.71 -14.54
C ALA G 317 26.61 15.62 -13.49
N LEU G 318 27.64 14.83 -13.21
CA LEU G 318 27.58 13.79 -12.20
C LEU G 318 27.59 14.37 -10.79
N ARG G 319 28.39 15.39 -10.52
CA ARG G 319 28.40 15.98 -9.20
C ARG G 319 27.01 16.54 -8.86
N LEU G 320 26.29 17.00 -9.87
CA LEU G 320 24.93 17.52 -9.69
C LEU G 320 23.89 16.39 -9.49
N SER G 321 23.86 15.44 -10.42
CA SER G 321 22.94 14.30 -10.34
C SER G 321 23.23 13.51 -9.07
N GLY G 322 24.51 13.22 -8.82
CA GLY G 322 24.85 12.53 -7.58
C GLY G 322 25.71 11.29 -7.62
N GLY G 323 26.78 11.31 -6.86
CA GLY G 323 27.66 10.17 -6.76
C GLY G 323 28.72 10.49 -5.74
N ASP G 324 29.19 9.52 -5.00
CA ASP G 324 30.22 9.76 -4.01
C ASP G 324 31.64 9.53 -4.53
N HIS G 325 31.77 8.69 -5.56
CA HIS G 325 33.05 8.39 -6.23
C HIS G 325 32.75 8.52 -7.70
N ILE G 326 33.75 8.84 -8.51
CA ILE G 326 33.59 8.81 -9.96
C ILE G 326 34.93 8.48 -10.58
N HIS G 327 34.96 7.56 -11.53
CA HIS G 327 36.20 7.20 -12.18
C HIS G 327 36.72 8.44 -12.90
N SER G 328 38.00 8.74 -12.75
CA SER G 328 38.52 9.93 -13.39
C SER G 328 39.79 9.72 -14.18
N GLY G 329 40.19 8.48 -14.39
CA GLY G 329 41.39 8.20 -15.16
C GLY G 329 42.60 8.02 -14.28
N THR G 330 43.71 7.58 -14.88
CA THR G 330 44.95 7.37 -14.14
C THR G 330 46.12 8.22 -14.64
N VAL G 331 46.00 8.75 -15.86
CA VAL G 331 47.09 9.53 -16.47
C VAL G 331 48.17 8.57 -16.95
N VAL G 332 48.75 7.82 -16.01
CA VAL G 332 49.82 6.87 -16.30
C VAL G 332 49.43 5.44 -16.70
N GLY G 333 48.14 5.12 -16.74
CA GLY G 333 47.72 3.75 -17.05
C GLY G 333 47.38 3.41 -18.48
N LYS G 334 46.54 2.40 -18.66
CA LYS G 334 46.20 1.94 -20.00
C LYS G 334 45.19 2.75 -20.81
N LEU G 335 44.51 3.70 -20.18
CA LEU G 335 43.48 4.49 -20.87
C LEU G 335 43.86 5.95 -20.89
N GLU G 336 43.44 6.66 -21.94
CA GLU G 336 43.80 8.05 -22.08
C GLU G 336 43.46 8.98 -20.92
N GLY G 337 44.34 9.98 -20.70
CA GLY G 337 44.14 10.97 -19.66
C GLY G 337 45.39 11.80 -19.44
N GLU G 338 45.43 13.02 -19.97
CA GLU G 338 46.60 13.92 -19.81
C GLU G 338 46.65 14.55 -18.42
N ARG G 339 47.84 14.74 -17.88
CA ARG G 339 47.96 15.26 -16.54
C ARG G 339 47.31 16.59 -16.20
N ASP G 340 47.56 17.61 -16.97
CA ASP G 340 46.99 18.94 -16.69
C ASP G 340 45.47 19.00 -16.82
N ILE G 341 44.94 18.43 -17.88
CA ILE G 341 43.51 18.44 -18.06
C ILE G 341 42.86 17.62 -16.97
N THR G 342 43.51 16.55 -16.55
CA THR G 342 42.99 15.71 -15.49
C THR G 342 43.00 16.46 -14.20
N LEU G 343 44.11 17.07 -13.83
CA LEU G 343 44.12 17.83 -12.58
C LEU G 343 43.06 18.91 -12.62
N GLY G 344 42.72 19.37 -13.82
CA GLY G 344 41.71 20.40 -13.94
C GLY G 344 40.33 19.93 -13.56
N PHE G 345 39.87 18.81 -14.10
CA PHE G 345 38.55 18.33 -13.71
C PHE G 345 38.54 17.63 -12.34
N VAL G 346 39.69 17.22 -11.84
CA VAL G 346 39.72 16.62 -10.50
C VAL G 346 39.38 17.75 -9.52
N ASP G 347 39.84 18.97 -9.80
CA ASP G 347 39.55 20.13 -8.94
C ASP G 347 38.09 20.49 -9.04
N LEU G 348 37.52 20.40 -10.23
CA LEU G 348 36.10 20.72 -10.40
C LEU G 348 35.22 19.71 -9.66
N LEU G 349 35.73 18.51 -9.44
CA LEU G 349 34.99 17.46 -8.74
C LEU G 349 35.09 17.56 -7.22
N ARG G 350 36.25 17.92 -6.69
CA ARG G 350 36.46 17.99 -5.24
C ARG G 350 36.31 19.32 -4.52
N ASP G 351 36.63 20.42 -5.18
CA ASP G 351 36.61 21.74 -4.54
C ASP G 351 35.32 22.53 -4.60
N ASP G 352 35.24 23.57 -3.79
CA ASP G 352 34.07 24.41 -3.73
C ASP G 352 34.10 25.56 -4.70
N TYR G 353 35.28 25.88 -5.21
CA TYR G 353 35.45 27.00 -6.13
C TYR G 353 36.70 26.74 -6.95
N THR G 354 36.59 26.89 -8.27
CA THR G 354 37.72 26.69 -9.18
C THR G 354 37.68 27.85 -10.13
N GLU G 355 38.80 28.53 -10.23
CA GLU G 355 38.90 29.70 -11.08
C GLU G 355 39.26 29.35 -12.50
N LYS G 356 38.76 30.15 -13.43
CA LYS G 356 39.03 29.99 -14.86
C LYS G 356 40.50 29.77 -15.09
N ASP G 357 40.88 28.87 -15.98
CA ASP G 357 42.30 28.60 -16.19
C ASP G 357 42.48 27.82 -17.45
N ARG G 358 42.60 28.50 -18.58
CA ARG G 358 42.74 27.80 -19.84
C ARG G 358 43.89 26.84 -19.97
N SER G 359 44.92 26.96 -19.14
CA SER G 359 46.03 26.04 -19.30
C SER G 359 45.62 24.62 -18.96
N ARG G 360 44.54 24.50 -18.16
CA ARG G 360 44.01 23.21 -17.74
C ARG G 360 42.68 22.94 -18.41
N GLY G 361 42.28 23.78 -19.35
CA GLY G 361 41.02 23.55 -20.04
C GLY G 361 39.78 23.98 -19.30
N ILE G 362 39.93 24.81 -18.28
CA ILE G 362 38.79 25.28 -17.51
C ILE G 362 38.40 26.63 -18.07
N TYR G 363 37.33 26.69 -18.84
CA TYR G 363 36.90 27.93 -19.44
C TYR G 363 36.14 28.92 -18.60
N PHE G 364 35.52 28.48 -17.51
CA PHE G 364 34.72 29.37 -16.70
C PHE G 364 35.01 29.17 -15.26
N THR G 365 34.81 30.18 -14.43
CA THR G 365 35.02 30.03 -13.01
C THR G 365 33.76 29.34 -12.49
N GLN G 366 33.92 28.32 -11.65
CA GLN G 366 32.78 27.57 -11.13
C GLN G 366 32.73 27.55 -9.61
N SER G 367 31.57 27.85 -9.05
CA SER G 367 31.34 27.80 -7.61
C SER G 367 30.33 26.70 -7.35
N TRP G 368 30.42 26.04 -6.20
CA TRP G 368 29.51 24.95 -5.88
C TRP G 368 28.59 25.13 -4.68
N VAL G 369 28.62 26.30 -4.05
CA VAL G 369 27.79 26.60 -2.89
C VAL G 369 27.62 25.45 -1.93
N SER G 370 28.74 24.86 -1.55
CA SER G 370 28.78 23.76 -0.63
C SER G 370 28.23 22.40 -1.04
N THR G 371 28.01 22.18 -2.32
CA THR G 371 27.59 20.89 -2.81
C THR G 371 28.81 20.04 -2.44
N PRO G 372 28.64 18.90 -1.77
CA PRO G 372 29.80 18.08 -1.39
C PRO G 372 30.69 17.67 -2.55
N GLY G 373 31.94 17.35 -2.26
CA GLY G 373 32.85 16.94 -3.30
C GLY G 373 32.78 15.46 -3.60
N VAL G 374 33.21 15.07 -4.79
CA VAL G 374 33.19 13.70 -5.22
C VAL G 374 34.62 13.15 -5.19
N LEU G 375 34.80 11.93 -4.74
CA LEU G 375 36.12 11.34 -4.65
C LEU G 375 36.53 10.79 -6.03
N PRO G 376 37.66 11.24 -6.62
CA PRO G 376 38.05 10.71 -7.94
C PRO G 376 38.69 9.33 -7.79
N VAL G 377 38.40 8.43 -8.71
CA VAL G 377 38.92 7.06 -8.66
C VAL G 377 39.87 6.77 -9.83
N ALA G 378 41.13 6.47 -9.52
CA ALA G 378 42.11 6.18 -10.53
C ALA G 378 42.09 4.67 -10.71
N SER G 379 41.78 4.18 -11.90
CA SER G 379 41.70 2.74 -12.11
C SER G 379 41.98 2.41 -13.56
N GLY G 380 42.73 1.34 -13.81
CA GLY G 380 42.98 0.96 -15.18
C GLY G 380 44.43 0.74 -15.62
N GLY G 381 44.96 -0.45 -15.40
CA GLY G 381 46.31 -0.70 -15.85
C GLY G 381 47.41 -0.14 -14.96
N ILE G 382 47.12 0.08 -13.70
CA ILE G 382 48.15 0.60 -12.81
C ILE G 382 48.71 -0.48 -11.90
N HIS G 383 49.94 -0.30 -11.41
CA HIS G 383 50.58 -1.29 -10.56
C HIS G 383 51.51 -0.62 -9.55
N VAL G 384 52.09 -1.40 -8.64
CA VAL G 384 52.96 -0.87 -7.59
C VAL G 384 53.98 0.19 -7.97
N TRP G 385 54.60 0.09 -9.14
CA TRP G 385 55.57 1.11 -9.51
C TRP G 385 54.92 2.46 -9.82
N HIS G 386 53.61 2.47 -10.08
CA HIS G 386 52.93 3.72 -10.36
C HIS G 386 52.52 4.43 -9.08
N MET G 387 52.60 3.74 -7.96
CA MET G 387 52.15 4.30 -6.70
C MET G 387 52.68 5.70 -6.37
N PRO G 388 53.98 5.97 -6.56
CA PRO G 388 54.38 7.33 -6.21
C PRO G 388 53.76 8.40 -7.11
N ALA G 389 53.62 8.11 -8.39
CA ALA G 389 53.05 9.09 -9.30
C ALA G 389 51.60 9.34 -8.95
N LEU G 390 50.87 8.27 -8.65
CA LEU G 390 49.45 8.36 -8.30
C LEU G 390 49.26 9.14 -7.02
N THR G 391 50.04 8.88 -5.99
CA THR G 391 49.89 9.61 -4.73
C THR G 391 50.22 11.07 -4.93
N GLU G 392 51.12 11.35 -5.86
CA GLU G 392 51.54 12.72 -6.13
C GLU G 392 50.53 13.49 -6.98
N ILE G 393 49.99 12.88 -8.02
CA ILE G 393 49.01 13.57 -8.84
C ILE G 393 47.69 13.80 -8.12
N PHE G 394 47.17 12.77 -7.45
CA PHE G 394 45.87 12.85 -6.76
C PHE G 394 45.81 13.28 -5.31
N GLY G 395 46.81 12.92 -4.51
CA GLY G 395 46.76 13.33 -3.13
C GLY G 395 45.95 12.37 -2.31
N ASP G 396 45.71 12.71 -1.05
CA ASP G 396 44.96 11.85 -0.17
C ASP G 396 43.53 11.59 -0.59
N ASP G 397 42.85 12.57 -1.17
CA ASP G 397 41.45 12.35 -1.50
C ASP G 397 41.19 11.73 -2.83
N SER G 398 41.41 10.43 -2.89
CA SER G 398 41.20 9.65 -4.09
C SER G 398 41.10 8.17 -3.72
N VAL G 399 40.64 7.36 -4.67
CA VAL G 399 40.56 5.93 -4.46
C VAL G 399 41.40 5.37 -5.60
N LEU G 400 42.42 4.57 -5.28
CA LEU G 400 43.29 3.97 -6.29
C LEU G 400 42.89 2.52 -6.41
N GLN G 401 42.50 2.08 -7.61
CA GLN G 401 42.06 0.69 -7.81
C GLN G 401 42.98 -0.16 -8.67
N PHE G 402 43.23 -1.37 -8.20
CA PHE G 402 44.12 -2.29 -8.88
C PHE G 402 43.45 -3.63 -9.09
N GLY G 403 42.93 -3.85 -10.29
CA GLY G 403 42.29 -5.14 -10.60
C GLY G 403 43.32 -6.17 -11.00
N GLY G 404 43.87 -6.02 -12.19
CA GLY G 404 44.89 -6.95 -12.62
C GLY G 404 46.07 -6.84 -11.68
N GLY G 405 46.29 -5.64 -11.13
CA GLY G 405 47.39 -5.39 -10.22
C GLY G 405 47.32 -6.08 -8.86
N THR G 406 46.22 -6.78 -8.60
CA THR G 406 46.10 -7.48 -7.33
C THR G 406 45.92 -8.94 -7.68
N LEU G 407 44.98 -9.23 -8.58
CA LEU G 407 44.74 -10.62 -8.96
C LEU G 407 45.82 -11.19 -9.87
N GLY G 408 46.77 -10.36 -10.27
CA GLY G 408 47.86 -10.82 -11.10
C GLY G 408 49.13 -11.05 -10.29
N HIS G 409 49.09 -10.81 -8.98
CA HIS G 409 50.29 -11.01 -8.16
C HIS G 409 50.58 -12.51 -8.19
N PRO G 410 51.85 -12.89 -8.26
CA PRO G 410 52.20 -14.32 -8.30
C PRO G 410 51.77 -15.21 -7.13
N TRP G 411 51.58 -14.63 -5.94
CA TRP G 411 51.19 -15.40 -4.75
C TRP G 411 49.70 -15.40 -4.41
N GLY G 412 48.87 -14.77 -5.24
CA GLY G 412 47.45 -14.73 -4.97
C GLY G 412 46.94 -13.37 -4.52
N ASN G 413 45.66 -13.30 -4.14
CA ASN G 413 45.03 -12.05 -3.74
C ASN G 413 45.46 -11.40 -2.45
N ALA G 414 45.53 -12.15 -1.36
CA ALA G 414 45.94 -11.55 -0.10
C ALA G 414 47.31 -10.92 -0.22
N PRO G 415 48.31 -11.69 -0.69
CA PRO G 415 49.64 -11.09 -0.84
C PRO G 415 49.60 -9.95 -1.84
N GLY G 416 48.71 -10.04 -2.83
CA GLY G 416 48.62 -9.00 -3.83
C GLY G 416 48.13 -7.71 -3.22
N ALA G 417 47.22 -7.82 -2.26
CA ALA G 417 46.67 -6.65 -1.59
C ALA G 417 47.73 -6.06 -0.69
N VAL G 418 48.44 -6.90 0.06
CA VAL G 418 49.51 -6.40 0.94
C VAL G 418 50.51 -5.60 0.15
N ALA G 419 50.85 -6.06 -1.04
CA ALA G 419 51.80 -5.37 -1.90
C ALA G 419 51.33 -3.95 -2.13
N ASN G 420 50.08 -3.77 -2.57
CA ASN G 420 49.56 -2.43 -2.84
C ASN G 420 49.41 -1.56 -1.59
N ARG G 421 48.97 -2.14 -0.48
CA ARG G 421 48.81 -1.40 0.76
C ARG G 421 50.18 -0.97 1.29
N VAL G 422 51.19 -1.84 1.21
CA VAL G 422 52.54 -1.47 1.67
C VAL G 422 53.17 -0.40 0.75
N ALA G 423 53.07 -0.58 -0.57
CA ALA G 423 53.59 0.42 -1.48
C ALA G 423 53.00 1.81 -1.21
N LEU G 424 51.69 1.88 -0.94
CA LEU G 424 51.01 3.15 -0.66
C LEU G 424 51.39 3.77 0.69
N GLU G 425 51.39 2.99 1.76
CA GLU G 425 51.77 3.58 3.02
C GLU G 425 53.24 4.03 2.97
N ALA G 426 54.07 3.37 2.16
CA ALA G 426 55.47 3.76 2.03
C ALA G 426 55.57 5.15 1.40
N CYS G 427 54.76 5.40 0.38
CA CYS G 427 54.74 6.70 -0.29
C CYS G 427 54.16 7.79 0.61
N VAL G 428 53.12 7.47 1.37
CA VAL G 428 52.51 8.42 2.28
C VAL G 428 53.54 8.76 3.34
N GLN G 429 54.18 7.79 3.96
CA GLN G 429 55.19 8.10 4.97
C GLN G 429 56.32 8.99 4.37
N ALA G 430 56.86 8.60 3.22
CA ALA G 430 57.93 9.36 2.55
C ALA G 430 57.50 10.78 2.27
N ARG G 431 56.33 10.95 1.65
CA ARG G 431 55.83 12.28 1.36
C ARG G 431 55.72 13.11 2.63
N ASN G 432 55.09 12.53 3.65
CA ASN G 432 54.88 13.19 4.91
C ASN G 432 56.19 13.56 5.55
N GLU G 433 57.23 12.80 5.24
CA GLU G 433 58.56 13.10 5.81
C GLU G 433 59.30 14.17 5.02
N GLY G 434 58.77 14.59 3.88
CA GLY G 434 59.45 15.62 3.12
C GLY G 434 60.04 15.17 1.81
N ARG G 435 60.10 13.86 1.58
CA ARG G 435 60.69 13.35 0.35
C ARG G 435 59.90 13.72 -0.86
N ASP G 436 60.57 13.82 -2.00
CA ASP G 436 59.91 14.19 -3.24
C ASP G 436 59.52 12.97 -4.04
N LEU G 437 58.22 12.62 -4.02
CA LEU G 437 57.72 11.44 -4.72
C LEU G 437 58.04 11.40 -6.19
N ALA G 438 58.15 12.57 -6.80
CA ALA G 438 58.47 12.63 -8.23
C ALA G 438 59.91 12.19 -8.47
N ARG G 439 60.84 12.63 -7.63
CA ARG G 439 62.22 12.24 -7.84
C ARG G 439 62.59 10.98 -7.13
N GLU G 440 62.13 10.80 -5.90
CA GLU G 440 62.47 9.59 -5.16
C GLU G 440 61.47 8.45 -5.29
N GLY G 441 60.56 8.56 -6.24
CA GLY G 441 59.56 7.53 -6.43
C GLY G 441 60.10 6.11 -6.41
N ASN G 442 60.97 5.78 -7.34
CA ASN G 442 61.49 4.42 -7.37
C ASN G 442 62.37 4.04 -6.20
N THR G 443 62.99 5.01 -5.54
CA THR G 443 63.83 4.68 -4.41
C THR G 443 62.94 4.25 -3.27
N ILE G 444 61.84 4.96 -3.09
CA ILE G 444 60.90 4.65 -2.00
C ILE G 444 60.34 3.23 -2.12
N ILE G 445 59.93 2.87 -3.34
CA ILE G 445 59.39 1.55 -3.59
C ILE G 445 60.47 0.49 -3.40
N ARG G 446 61.65 0.72 -3.98
CA ARG G 446 62.79 -0.18 -3.87
C ARG G 446 63.16 -0.40 -2.40
N GLU G 447 63.15 0.67 -1.61
CA GLU G 447 63.49 0.54 -0.19
C GLU G 447 62.51 -0.38 0.50
N ALA G 448 61.22 -0.25 0.16
CA ALA G 448 60.19 -1.06 0.80
C ALA G 448 60.34 -2.53 0.46
N THR G 449 60.80 -2.82 -0.76
CA THR G 449 60.98 -4.20 -1.15
C THR G 449 61.97 -4.88 -0.22
N LYS G 450 62.74 -4.12 0.54
CA LYS G 450 63.71 -4.80 1.42
C LYS G 450 63.04 -5.44 2.62
N TRP G 451 61.86 -4.99 3.00
CA TRP G 451 61.27 -5.63 4.18
C TRP G 451 59.89 -6.19 3.91
N SER G 452 59.45 -6.13 2.65
CA SER G 452 58.15 -6.66 2.28
C SER G 452 58.32 -7.69 1.16
N PRO G 453 58.38 -8.98 1.50
CA PRO G 453 58.54 -10.01 0.47
C PRO G 453 57.37 -9.89 -0.49
N GLU G 454 56.19 -9.51 0.01
CA GLU G 454 55.04 -9.39 -0.86
C GLU G 454 55.23 -8.29 -1.90
N LEU G 455 55.72 -7.12 -1.48
CA LEU G 455 55.92 -6.03 -2.44
C LEU G 455 56.99 -6.44 -3.43
N ALA G 456 58.03 -7.05 -2.90
CA ALA G 456 59.17 -7.49 -3.70
C ALA G 456 58.76 -8.33 -4.92
N ALA G 457 57.92 -9.34 -4.69
CA ALA G 457 57.50 -10.20 -5.78
C ALA G 457 56.70 -9.46 -6.83
N ALA G 458 55.92 -8.47 -6.40
CA ALA G 458 55.12 -7.72 -7.37
C ALA G 458 56.03 -6.84 -8.18
N CYS G 459 57.04 -6.27 -7.53
CA CYS G 459 57.96 -5.39 -8.26
C CYS G 459 58.60 -6.14 -9.42
N GLU G 460 59.01 -7.39 -9.16
CA GLU G 460 59.64 -8.23 -10.19
C GLU G 460 58.72 -8.37 -11.38
N VAL G 461 57.46 -8.72 -11.15
CA VAL G 461 56.54 -8.94 -12.27
C VAL G 461 56.27 -7.76 -13.22
N TRP G 462 56.12 -6.56 -12.66
CA TRP G 462 55.74 -5.40 -13.48
C TRP G 462 56.79 -4.32 -13.71
N LYS G 463 58.02 -4.62 -13.32
CA LYS G 463 59.10 -3.68 -13.51
C LYS G 463 59.10 -2.98 -14.86
N GLU G 464 58.88 -3.71 -15.94
CA GLU G 464 58.94 -3.03 -17.23
C GLU G 464 57.64 -2.56 -17.87
N ILE G 465 56.52 -2.53 -17.14
CA ILE G 465 55.28 -2.15 -17.79
C ILE G 465 54.95 -0.67 -17.69
N LYS G 466 54.84 -0.03 -18.84
CA LYS G 466 54.52 1.40 -18.95
C LYS G 466 53.54 1.52 -20.10
N PHE G 467 52.74 2.58 -20.11
CA PHE G 467 51.77 2.76 -21.20
C PHE G 467 52.01 4.20 -21.65
N GLU G 468 52.73 4.36 -22.75
CA GLU G 468 53.04 5.68 -23.25
C GLU G 468 52.73 5.81 -24.73
N PHE G 469 51.73 6.65 -25.06
CA PHE G 469 51.34 6.87 -26.46
C PHE G 469 50.96 8.33 -26.60
N PRO G 470 50.93 8.84 -27.82
CA PRO G 470 50.53 10.26 -27.90
C PRO G 470 49.05 10.38 -27.51
N ALA G 471 48.65 11.51 -26.91
CA ALA G 471 47.26 11.72 -26.49
C ALA G 471 46.45 12.36 -27.61
N MET G 472 45.14 12.04 -27.68
CA MET G 472 44.25 12.58 -28.72
C MET G 472 43.59 13.88 -28.25
N ASP G 473 43.33 13.95 -26.94
CA ASP G 473 42.64 15.09 -26.33
C ASP G 473 43.67 15.87 -25.50
N THR G 474 44.06 17.03 -26.03
CA THR G 474 45.04 17.93 -25.42
C THR G 474 44.41 19.30 -25.32
N VAL G 475 44.99 20.14 -24.46
CA VAL G 475 44.45 21.49 -24.27
C VAL G 475 44.32 22.22 -25.59
N MET H 1 56.43 -18.81 -2.23
CA MET H 1 55.04 -18.27 -2.11
C MET H 1 54.75 -18.27 -0.64
N GLN H 2 54.53 -17.09 -0.07
CA GLN H 2 54.26 -16.98 1.36
C GLN H 2 52.74 -16.87 1.55
N VAL H 3 52.20 -17.43 2.63
CA VAL H 3 50.77 -17.37 2.87
C VAL H 3 50.53 -16.26 3.87
N TRP H 4 49.65 -15.30 3.56
CA TRP H 4 49.44 -14.20 4.50
C TRP H 4 48.71 -14.67 5.76
N PRO H 5 49.28 -14.40 6.94
CA PRO H 5 48.74 -14.78 8.24
C PRO H 5 47.30 -14.42 8.48
N ILE H 6 46.71 -15.21 9.36
CA ILE H 6 45.31 -15.13 9.73
C ILE H 6 45.07 -14.74 11.19
N LEU H 7 45.92 -15.22 12.10
CA LEU H 7 45.73 -14.96 13.53
C LEU H 7 46.55 -13.78 14.04
N ASN H 8 46.02 -13.10 15.04
CA ASN H 8 46.69 -11.96 15.62
C ASN H 8 47.24 -11.05 14.57
N LEU H 9 46.42 -10.67 13.59
CA LEU H 9 46.93 -9.75 12.57
C LEU H 9 45.98 -8.53 12.42
N LYS H 10 45.48 -8.04 13.54
CA LYS H 10 44.59 -6.87 13.50
C LYS H 10 45.42 -5.71 13.00
N LYS H 11 44.82 -4.78 12.27
CA LYS H 11 45.57 -3.64 11.78
C LYS H 11 44.91 -2.35 12.28
N TYR H 12 45.56 -1.21 12.10
CA TYR H 12 45.01 0.05 12.64
C TYR H 12 45.01 1.25 11.71
N GLU H 13 44.57 1.01 10.49
CA GLU H 13 44.50 2.04 9.48
C GLU H 13 45.84 2.61 9.07
N THR H 14 45.87 3.86 8.63
CA THR H 14 47.09 4.46 8.10
C THR H 14 48.40 4.25 8.83
N LEU H 15 49.38 3.71 8.09
CA LEU H 15 50.73 3.41 8.58
C LEU H 15 50.88 2.09 9.34
N SER H 16 49.81 1.38 9.64
CA SER H 16 49.99 0.13 10.38
C SER H 16 50.50 -1.05 9.58
N TYR H 17 50.71 -0.88 8.28
CA TYR H 17 51.26 -1.97 7.48
C TYR H 17 52.78 -1.83 7.33
N LEU H 18 53.33 -0.74 7.86
CA LEU H 18 54.74 -0.44 7.80
C LEU H 18 55.39 -0.93 9.08
N PRO H 19 56.72 -1.04 9.08
CA PRO H 19 57.38 -1.51 10.30
C PRO H 19 57.06 -0.47 11.38
N PRO H 20 57.11 -0.87 12.65
CA PRO H 20 56.82 0.03 13.74
C PRO H 20 57.58 1.33 13.61
N LEU H 21 56.94 2.42 13.99
CA LEU H 21 57.56 3.73 13.89
C LEU H 21 58.59 3.94 14.98
N THR H 22 59.77 4.42 14.63
CA THR H 22 60.76 4.69 15.67
C THR H 22 60.28 6.04 16.19
N THR H 23 60.89 6.54 17.26
CA THR H 23 60.44 7.81 17.79
C THR H 23 60.77 8.96 16.86
N ASP H 24 61.76 8.77 15.98
CA ASP H 24 62.07 9.85 15.05
C ASP H 24 60.94 9.90 14.04
N GLN H 25 60.55 8.73 13.56
CA GLN H 25 59.50 8.68 12.55
C GLN H 25 58.24 9.27 13.13
N LEU H 26 57.90 8.90 14.36
CA LEU H 26 56.70 9.43 14.98
C LEU H 26 56.80 10.94 14.99
N ALA H 27 57.88 11.47 15.54
CA ALA H 27 58.06 12.91 15.58
C ALA H 27 57.90 13.54 14.21
N ARG H 28 58.35 12.86 13.17
CA ARG H 28 58.23 13.43 11.84
C ARG H 28 56.78 13.59 11.37
N GLN H 29 55.91 12.64 11.74
CA GLN H 29 54.49 12.73 11.34
C GLN H 29 53.83 13.91 12.09
N VAL H 30 54.22 14.12 13.35
CA VAL H 30 53.64 15.23 14.10
C VAL H 30 54.12 16.53 13.46
N ASP H 31 55.34 16.56 12.94
CA ASP H 31 55.82 17.78 12.29
C ASP H 31 55.00 18.06 11.07
N TYR H 32 54.71 17.01 10.32
CA TYR H 32 53.91 17.13 9.10
C TYR H 32 52.55 17.70 9.46
N LEU H 33 51.99 17.19 10.56
CA LEU H 33 50.69 17.63 11.03
C LEU H 33 50.77 19.13 11.33
N LEU H 34 51.72 19.54 12.16
CA LEU H 34 51.86 20.97 12.49
C LEU H 34 52.22 21.85 11.31
N ASN H 35 53.09 21.38 10.42
CA ASN H 35 53.47 22.20 9.27
C ASN H 35 52.29 22.51 8.43
N ASN H 36 51.29 21.65 8.43
CA ASN H 36 50.13 21.92 7.57
C ASN H 36 49.12 22.77 8.29
N LYS H 37 49.42 23.13 9.52
CA LYS H 37 48.53 23.96 10.31
C LYS H 37 47.25 23.27 10.76
N TRP H 38 47.31 21.96 10.97
CA TRP H 38 46.17 21.19 11.43
C TRP H 38 46.31 21.12 12.95
N VAL H 39 45.19 20.95 13.66
CA VAL H 39 45.18 20.91 15.12
C VAL H 39 45.35 19.50 15.61
N PRO H 40 46.35 19.24 16.46
CA PRO H 40 46.46 17.85 16.91
C PRO H 40 45.54 17.55 18.07
N CYS H 41 45.32 16.27 18.34
CA CYS H 41 44.47 15.84 19.44
C CYS H 41 44.78 14.36 19.63
N LEU H 42 44.64 13.87 20.85
CA LEU H 42 44.91 12.47 21.12
C LEU H 42 43.61 11.81 21.56
N GLU H 43 43.43 10.53 21.26
CA GLU H 43 42.23 9.79 21.65
C GLU H 43 42.70 8.46 22.19
N PHE H 44 42.00 7.87 23.15
CA PHE H 44 42.40 6.60 23.72
C PHE H 44 41.20 5.71 23.91
N GLU H 45 41.41 4.41 23.98
CA GLU H 45 40.32 3.45 24.14
C GLU H 45 40.88 2.22 24.83
N THR H 46 40.18 1.75 25.86
CA THR H 46 40.62 0.57 26.59
C THR H 46 39.73 -0.64 26.30
N ASP H 47 38.42 -0.41 26.15
CA ASP H 47 37.50 -1.50 25.92
C ASP H 47 37.34 -2.10 24.55
N HIS H 48 37.01 -1.29 23.55
CA HIS H 48 36.81 -1.82 22.20
C HIS H 48 37.80 -1.25 21.21
N GLY H 49 38.97 -1.88 21.10
CA GLY H 49 39.96 -1.39 20.18
C GLY H 49 39.55 -1.50 18.73
N PHE H 50 38.52 -2.28 18.43
CA PHE H 50 38.13 -2.42 17.03
C PHE H 50 36.66 -2.24 16.81
N VAL H 51 36.34 -1.87 15.58
CA VAL H 51 34.98 -1.64 15.14
C VAL H 51 34.12 -2.91 15.32
N TYR H 52 32.85 -2.74 15.66
CA TYR H 52 31.95 -3.89 15.83
C TYR H 52 30.54 -3.40 15.63
N ARG H 53 29.54 -4.29 15.66
CA ARG H 53 28.16 -3.87 15.47
C ARG H 53 27.28 -4.41 16.54
N GLU H 54 26.96 -3.63 17.54
CA GLU H 54 26.10 -4.12 18.57
C GLU H 54 24.74 -3.50 18.57
N HIS H 55 24.65 -2.20 18.27
CA HIS H 55 23.35 -1.52 18.35
C HIS H 55 22.57 -1.29 17.09
N HIS H 56 23.16 -1.58 15.93
CA HIS H 56 22.42 -1.38 14.71
C HIS H 56 23.19 -2.02 13.59
N ASN H 57 22.50 -2.34 12.49
CA ASN H 57 23.15 -2.97 11.35
C ASN H 57 22.80 -2.29 10.04
N SER H 58 22.25 -1.07 10.09
CA SER H 58 21.87 -0.39 8.86
C SER H 58 23.13 0.11 8.17
N PRO H 59 23.06 0.41 6.86
CA PRO H 59 24.25 0.90 6.20
C PRO H 59 24.94 2.11 6.83
N GLY H 60 26.25 2.00 6.96
CA GLY H 60 27.03 3.10 7.52
C GLY H 60 27.10 3.15 9.02
N TYR H 61 26.42 2.26 9.73
CA TYR H 61 26.47 2.29 11.18
C TYR H 61 27.42 1.23 11.73
N TYR H 62 28.31 1.63 12.62
CA TYR H 62 29.26 0.71 13.24
C TYR H 62 29.51 1.26 14.62
N ASP H 63 29.76 0.39 15.57
CA ASP H 63 30.07 0.82 16.92
C ASP H 63 31.59 0.76 17.03
N GLY H 64 32.18 1.51 17.94
CA GLY H 64 33.63 1.46 18.08
C GLY H 64 34.45 2.45 17.28
N ARG H 65 33.79 3.38 16.59
CA ARG H 65 34.49 4.40 15.83
C ARG H 65 34.90 5.56 16.73
N TYR H 66 34.08 5.89 17.70
CA TYR H 66 34.39 6.99 18.62
C TYR H 66 35.26 6.46 19.75
N TRP H 67 36.38 7.12 19.99
CA TRP H 67 37.24 6.75 21.12
C TRP H 67 37.06 7.89 22.09
N THR H 68 37.74 7.88 23.22
CA THR H 68 37.55 8.99 24.13
C THR H 68 38.68 10.01 24.03
N MET H 69 38.31 11.28 24.14
CA MET H 69 39.23 12.39 23.97
C MET H 69 40.17 12.62 25.13
N TRP H 70 41.46 12.79 24.84
CA TRP H 70 42.43 13.06 25.89
C TRP H 70 42.54 14.58 26.00
N LYS H 71 42.03 15.15 27.08
CA LYS H 71 42.06 16.58 27.28
C LYS H 71 41.26 17.35 26.24
N LEU H 72 41.90 18.14 25.38
CA LEU H 72 41.18 18.91 24.36
C LEU H 72 42.07 19.06 23.12
N PRO H 73 41.49 19.42 21.97
CA PRO H 73 42.37 19.57 20.80
C PRO H 73 43.36 20.67 21.16
N MET H 74 44.61 20.56 20.73
CA MET H 74 45.63 21.54 21.10
C MET H 74 45.68 22.71 20.16
N PHE H 75 44.63 23.53 20.17
CA PHE H 75 44.56 24.70 19.29
C PHE H 75 45.75 25.59 19.49
N GLY H 76 46.26 26.16 18.40
CA GLY H 76 47.42 27.03 18.50
C GLY H 76 48.76 26.34 18.81
N CYS H 77 48.78 25.02 19.01
CA CYS H 77 50.02 24.32 19.30
C CYS H 77 50.92 24.50 18.09
N THR H 78 52.22 24.63 18.32
CA THR H 78 53.19 24.80 17.22
C THR H 78 54.45 24.02 17.50
N ASP H 79 54.57 23.45 18.71
CA ASP H 79 55.76 22.70 19.05
C ASP H 79 55.47 21.21 19.19
N PRO H 80 55.99 20.40 18.29
CA PRO H 80 55.78 18.94 18.31
C PRO H 80 56.14 18.31 19.63
N ALA H 81 56.94 19.01 20.43
CA ALA H 81 57.32 18.43 21.70
C ALA H 81 56.10 18.39 22.61
N GLN H 82 55.29 19.43 22.49
CA GLN H 82 54.08 19.56 23.29
C GLN H 82 53.18 18.34 23.07
N VAL H 83 53.05 17.93 21.81
CA VAL H 83 52.22 16.80 21.42
C VAL H 83 52.77 15.52 21.98
N LEU H 84 54.06 15.27 21.74
CA LEU H 84 54.75 14.05 22.21
C LEU H 84 54.76 13.97 23.73
N ASN H 85 54.65 15.14 24.33
CA ASN H 85 54.61 15.22 25.76
C ASN H 85 53.29 14.64 26.25
N GLU H 86 52.20 15.08 25.63
CA GLU H 86 50.88 14.59 26.03
C GLU H 86 50.84 13.10 25.82
N LEU H 87 51.44 12.62 24.73
CA LEU H 87 51.44 11.18 24.47
C LEU H 87 52.00 10.44 25.66
N GLU H 88 53.11 10.94 26.19
CA GLU H 88 53.73 10.27 27.34
C GLU H 88 52.84 10.31 28.58
N GLU H 89 52.23 11.47 28.81
CA GLU H 89 51.35 11.60 29.98
C GLU H 89 50.16 10.66 29.87
N CYS H 90 49.59 10.55 28.66
CA CYS H 90 48.44 9.66 28.44
C CYS H 90 48.87 8.21 28.62
N LYS H 91 50.00 7.85 28.02
CA LYS H 91 50.51 6.47 28.15
C LYS H 91 50.64 6.06 29.59
N LYS H 92 51.15 6.95 30.43
CA LYS H 92 51.36 6.57 31.81
C LYS H 92 50.06 6.48 32.58
N GLU H 93 49.06 7.22 32.14
CA GLU H 93 47.79 7.16 32.84
C GLU H 93 46.96 6.01 32.32
N TYR H 94 47.13 5.67 31.03
CA TYR H 94 46.37 4.59 30.41
C TYR H 94 47.27 3.61 29.67
N PRO H 95 48.15 2.96 30.40
CA PRO H 95 49.08 1.97 29.82
C PRO H 95 48.34 0.83 29.14
N ASN H 96 47.09 0.66 29.50
CA ASN H 96 46.29 -0.43 28.94
C ASN H 96 45.42 0.01 27.76
N ALA H 97 45.66 1.20 27.23
CA ALA H 97 44.83 1.67 26.14
C ALA H 97 45.51 1.80 24.81
N PHE H 98 44.74 1.80 23.73
CA PHE H 98 45.31 2.05 22.39
C PHE H 98 45.22 3.57 22.40
N ILE H 99 46.18 4.27 21.83
CA ILE H 99 46.13 5.73 21.82
C ILE H 99 46.46 6.15 20.40
N ARG H 100 45.80 7.18 19.89
CA ARG H 100 46.10 7.61 18.52
C ARG H 100 46.13 9.11 18.44
N ILE H 101 46.85 9.63 17.45
CA ILE H 101 47.00 11.05 17.27
C ILE H 101 46.21 11.40 16.03
N ILE H 102 45.38 12.42 16.08
CA ILE H 102 44.59 12.83 14.93
C ILE H 102 44.86 14.32 14.71
N GLY H 103 44.56 14.86 13.54
CA GLY H 103 44.80 16.26 13.30
C GLY H 103 43.65 16.83 12.51
N PHE H 104 43.03 17.90 12.99
CA PHE H 104 41.91 18.49 12.31
C PHE H 104 42.24 19.60 11.34
N ASP H 105 41.50 19.67 10.25
CA ASP H 105 41.63 20.75 9.31
C ASP H 105 40.31 21.45 9.57
N SER H 106 40.30 22.54 10.34
CA SER H 106 39.05 23.21 10.64
C SER H 106 38.36 23.82 9.44
N ASN H 107 39.12 24.10 8.41
CA ASN H 107 38.53 24.68 7.23
C ASN H 107 37.61 23.72 6.54
N ARG H 108 38.06 22.48 6.33
CA ARG H 108 37.20 21.49 5.68
C ARG H 108 36.47 20.64 6.71
N GLU H 109 36.87 20.77 7.96
CA GLU H 109 36.29 19.99 9.05
C GLU H 109 36.38 18.52 8.73
N VAL H 110 37.60 18.08 8.47
CA VAL H 110 37.89 16.68 8.15
C VAL H 110 39.18 16.37 8.89
N GLN H 111 39.36 15.14 9.34
CA GLN H 111 40.60 14.79 10.00
C GLN H 111 41.60 14.44 8.89
N CYS H 112 42.67 15.20 8.76
CA CYS H 112 43.61 14.90 7.69
C CYS H 112 44.74 13.99 8.09
N ILE H 113 44.71 13.54 9.34
CA ILE H 113 45.75 12.69 9.86
C ILE H 113 45.13 11.86 10.95
N SER H 114 45.53 10.60 11.02
CA SER H 114 45.08 9.71 12.08
C SER H 114 45.95 8.47 12.09
N PHE H 115 46.70 8.23 13.16
CA PHE H 115 47.54 7.03 13.21
C PHE H 115 47.76 6.57 14.63
N ILE H 116 47.84 5.28 14.84
CA ILE H 116 48.01 4.72 16.15
C ILE H 116 49.39 5.09 16.70
N ALA H 117 49.47 5.58 17.94
CA ALA H 117 50.76 5.96 18.50
C ALA H 117 51.23 5.07 19.63
N TYR H 118 50.35 4.24 20.18
CA TYR H 118 50.72 3.35 21.26
C TYR H 118 49.69 2.22 21.35
N LYS H 119 50.16 1.00 21.64
CA LYS H 119 49.27 -0.16 21.73
C LYS H 119 49.61 -0.92 23.00
N PRO H 120 48.62 -1.54 23.64
CA PRO H 120 48.92 -2.28 24.86
C PRO H 120 49.67 -3.55 24.48
N ALA H 121 50.36 -4.14 25.46
CA ALA H 121 51.13 -5.35 25.20
C ALA H 121 50.15 -6.41 24.84
N GLY H 122 50.63 -7.37 24.04
CA GLY H 122 49.76 -8.44 23.61
C GLY H 122 49.33 -8.05 22.21
N TYR H 123 49.49 -6.76 21.88
CA TYR H 123 49.14 -6.23 20.55
C TYR H 123 50.39 -5.69 19.89
N ALA I 9 45.18 30.82 12.33
CA ALA I 9 45.38 29.34 12.65
C ALA I 9 45.04 29.11 14.12
N SER I 10 44.11 28.16 14.33
CA SER I 10 43.61 27.78 15.66
C SER I 10 44.14 28.67 16.77
N VAL I 11 43.65 29.89 16.88
CA VAL I 11 44.13 30.70 18.01
C VAL I 11 43.69 29.84 19.22
N GLY I 12 44.35 29.95 20.36
CA GLY I 12 43.94 29.14 21.50
C GLY I 12 42.48 29.31 21.93
N PHE I 13 42.04 28.46 22.87
CA PHE I 13 40.68 28.50 23.42
C PHE I 13 40.86 29.09 24.81
N LYS I 14 40.03 30.05 25.16
CA LYS I 14 40.13 30.68 26.46
C LYS I 14 38.69 30.79 26.92
N ALA I 15 38.35 30.05 27.97
CA ALA I 15 37.00 30.05 28.49
C ALA I 15 36.62 31.44 28.97
N GLY I 16 35.33 31.72 29.10
CA GLY I 16 34.95 33.02 29.61
C GLY I 16 34.01 33.72 28.66
N VAL I 17 33.25 34.68 29.18
CA VAL I 17 32.34 35.39 28.34
C VAL I 17 32.98 36.66 27.82
N LYS I 18 32.75 36.98 26.56
CA LYS I 18 33.28 38.21 26.01
C LYS I 18 32.21 38.87 25.18
N ASP I 19 32.40 40.14 24.86
CA ASP I 19 31.39 40.90 24.11
C ASP I 19 31.08 40.29 22.78
N TYR I 20 29.81 40.32 22.40
CA TYR I 20 29.40 39.78 21.11
C TYR I 20 30.01 40.62 20.01
N LYS I 21 30.18 41.92 20.24
CA LYS I 21 30.72 42.78 19.19
C LYS I 21 32.09 42.41 18.69
N LEU I 22 32.89 41.72 19.52
CA LEU I 22 34.21 41.32 19.08
C LEU I 22 34.16 40.40 17.89
N THR I 23 33.11 39.58 17.78
CA THR I 23 33.04 38.62 16.67
C THR I 23 31.90 38.85 15.68
N TYR I 24 30.82 39.46 16.16
CA TYR I 24 29.64 39.64 15.35
C TYR I 24 29.28 41.01 14.82
N TYR I 25 30.07 42.04 15.11
CA TYR I 25 29.82 43.38 14.56
C TYR I 25 30.94 43.46 13.55
N THR I 26 30.57 43.58 12.28
CA THR I 26 31.53 43.54 11.17
C THR I 26 31.10 44.61 10.17
N PRO I 27 31.30 45.88 10.51
CA PRO I 27 30.92 47.02 9.67
C PRO I 27 31.61 47.13 8.34
N GLU I 28 32.69 46.39 8.17
CA GLU I 28 33.41 46.45 6.90
C GLU I 28 32.94 45.41 5.89
N TYR I 29 32.12 44.46 6.34
CA TYR I 29 31.62 43.38 5.48
C TYR I 29 30.85 43.82 4.26
N GLU I 30 31.16 43.20 3.13
CA GLU I 30 30.47 43.45 1.86
C GLU I 30 29.56 42.23 1.75
N THR I 31 28.25 42.42 1.59
CA THR I 31 27.34 41.31 1.55
C THR I 31 27.49 40.55 0.24
N LEU I 32 27.31 39.23 0.28
CA LEU I 32 27.41 38.36 -0.87
C LEU I 32 26.03 38.24 -1.50
N ASP I 33 25.94 37.88 -2.77
CA ASP I 33 24.64 37.74 -3.39
C ASP I 33 23.87 36.53 -2.96
N THR I 34 24.50 35.67 -2.18
CA THR I 34 23.84 34.47 -1.68
C THR I 34 23.44 34.62 -0.22
N ASP I 35 23.75 35.75 0.41
CA ASP I 35 23.42 36.02 1.80
C ASP I 35 21.96 36.37 2.00
N ILE I 36 21.37 35.93 3.12
CA ILE I 36 20.00 36.30 3.46
C ILE I 36 20.28 37.53 4.31
N LEU I 37 19.70 38.67 3.98
CA LEU I 37 19.93 39.90 4.74
C LEU I 37 18.69 40.25 5.54
N ALA I 38 18.88 40.81 6.73
CA ALA I 38 17.77 41.16 7.59
C ALA I 38 17.88 42.58 8.12
N ALA I 39 16.76 43.29 8.17
CA ALA I 39 16.71 44.64 8.72
C ALA I 39 15.90 44.61 10.01
N PHE I 40 16.56 44.72 11.15
CA PHE I 40 15.90 44.71 12.45
C PHE I 40 15.80 46.12 13.04
N ARG I 41 14.67 46.47 13.63
CA ARG I 41 14.50 47.77 14.29
C ARG I 41 14.76 47.44 15.76
N VAL I 42 15.95 47.76 16.28
CA VAL I 42 16.36 47.44 17.64
C VAL I 42 16.20 48.59 18.64
N SER I 43 15.65 48.30 19.82
CA SER I 43 15.48 49.28 20.92
C SER I 43 16.25 48.69 22.10
N PRO I 44 17.52 49.07 22.30
CA PRO I 44 18.30 48.51 23.42
C PRO I 44 17.92 49.02 24.79
N GLN I 45 18.26 48.25 25.82
CA GLN I 45 18.00 48.68 27.19
C GLN I 45 19.05 49.75 27.46
N PRO I 46 18.80 50.61 28.44
CA PRO I 46 19.76 51.65 28.77
C PRO I 46 21.09 50.98 29.14
N GLY I 47 22.19 51.54 28.66
CA GLY I 47 23.47 50.96 29.01
C GLY I 47 24.01 49.89 28.06
N VAL I 48 23.18 49.46 27.09
CA VAL I 48 23.60 48.48 26.11
C VAL I 48 23.72 49.27 24.83
N PRO I 49 24.92 49.35 24.29
CA PRO I 49 25.16 50.11 23.05
C PRO I 49 24.70 49.42 21.77
N PRO I 50 24.29 50.22 20.78
CA PRO I 50 23.82 49.66 19.50
C PRO I 50 24.67 48.49 18.98
N GLU I 51 25.98 48.68 18.84
CA GLU I 51 26.83 47.63 18.32
C GLU I 51 26.71 46.32 19.04
N GLU I 52 26.57 46.38 20.34
CA GLU I 52 26.48 45.14 21.09
C GLU I 52 25.08 44.56 20.95
N ALA I 53 24.08 45.43 20.95
CA ALA I 53 22.71 44.97 20.80
C ALA I 53 22.65 44.26 19.43
N GLY I 54 23.07 44.93 18.38
CA GLY I 54 23.05 44.30 17.06
C GLY I 54 23.89 43.02 16.97
N ALA I 55 25.08 43.05 17.54
CA ALA I 55 25.94 41.89 17.49
C ALA I 55 25.27 40.73 18.23
N ALA I 56 24.54 41.04 19.30
CA ALA I 56 23.88 39.97 20.05
C ALA I 56 22.75 39.32 19.27
N VAL I 57 22.06 40.12 18.45
CA VAL I 57 20.97 39.63 17.59
C VAL I 57 21.60 38.73 16.52
N ALA I 58 22.67 39.20 15.90
CA ALA I 58 23.33 38.43 14.87
C ALA I 58 23.92 37.15 15.45
N ALA I 59 24.41 37.21 16.67
CA ALA I 59 25.04 36.04 17.29
C ALA I 59 24.11 34.87 17.62
N GLU I 60 23.06 35.14 18.40
CA GLU I 60 22.14 34.09 18.80
C GLU I 60 21.23 33.59 17.66
N SER I 61 21.17 34.32 16.55
CA SER I 61 20.33 33.87 15.47
C SER I 61 21.13 33.10 14.43
N SER I 62 22.38 32.81 14.78
CA SER I 62 23.18 32.07 13.83
C SER I 62 24.09 31.04 14.47
N THR I 63 25.26 31.44 14.95
CA THR I 63 26.19 30.47 15.49
C THR I 63 26.68 30.59 16.90
N GLY I 64 26.45 31.73 17.55
CA GLY I 64 27.03 31.87 18.87
C GLY I 64 26.20 31.72 20.10
N THR I 65 26.86 31.64 21.26
CA THR I 65 26.15 31.55 22.53
C THR I 65 26.70 32.59 23.52
N TRP I 66 26.26 32.53 24.77
CA TRP I 66 26.66 33.51 25.78
C TRP I 66 28.07 33.45 26.34
N THR I 67 28.83 32.39 26.09
CA THR I 67 30.19 32.27 26.62
C THR I 67 31.03 31.54 25.58
N THR I 68 32.35 31.68 25.60
CA THR I 68 33.20 31.02 24.60
C THR I 68 33.21 29.50 24.72
N VAL I 69 32.99 28.80 23.60
CA VAL I 69 32.98 27.34 23.60
C VAL I 69 34.16 26.86 22.77
N TRP I 70 34.79 25.75 23.14
CA TRP I 70 35.94 25.29 22.38
C TRP I 70 35.66 24.74 20.99
N THR I 71 34.45 24.29 20.76
CA THR I 71 34.11 23.69 19.48
C THR I 71 34.15 24.63 18.32
N ASP I 72 34.14 25.93 18.56
CA ASP I 72 34.19 26.87 17.44
C ASP I 72 35.41 26.57 16.60
N GLY I 73 36.45 26.05 17.24
CA GLY I 73 37.68 25.76 16.54
C GLY I 73 37.66 24.57 15.61
N LEU I 74 36.63 23.73 15.70
CA LEU I 74 36.54 22.58 14.83
C LEU I 74 36.01 23.00 13.47
N THR I 75 35.46 24.19 13.35
CA THR I 75 34.94 24.72 12.07
C THR I 75 35.62 26.03 11.71
N ASN I 76 35.06 26.68 10.71
CA ASN I 76 35.55 27.96 10.21
C ASN I 76 34.40 28.89 10.46
N LEU I 77 34.32 29.42 11.67
CA LEU I 77 33.21 30.29 12.03
C LEU I 77 33.07 31.49 11.13
N ASP I 78 34.17 31.96 10.58
CA ASP I 78 34.11 33.12 9.70
C ASP I 78 33.17 32.88 8.55
N ARG I 79 32.98 31.62 8.16
CA ARG I 79 32.08 31.41 7.05
C ARG I 79 30.66 31.11 7.38
N TYR I 80 30.37 30.85 8.65
CA TYR I 80 29.01 30.53 9.06
C TYR I 80 28.33 31.58 9.90
N LYS I 81 29.11 32.39 10.59
CA LYS I 81 28.54 33.39 11.47
C LYS I 81 27.68 34.44 10.81
N GLY I 82 26.61 34.82 11.48
CA GLY I 82 25.76 35.88 10.96
C GLY I 82 26.48 37.11 11.44
N ARG I 83 26.30 38.24 10.78
CA ARG I 83 27.03 39.40 11.21
C ARG I 83 26.33 40.71 11.00
N CYS I 84 26.42 41.56 12.02
CA CYS I 84 25.81 42.88 11.97
C CYS I 84 26.78 43.76 11.21
N TYR I 85 26.42 44.11 9.99
CA TYR I 85 27.30 44.87 9.15
C TYR I 85 26.96 46.35 8.96
N HIS I 86 25.90 46.83 9.57
CA HIS I 86 25.58 48.22 9.38
C HIS I 86 24.55 48.63 10.38
N ILE I 87 24.65 49.82 10.95
CA ILE I 87 23.68 50.28 11.94
C ILE I 87 23.26 51.66 11.54
N GLU I 88 21.98 51.97 11.56
CA GLU I 88 21.59 53.31 11.19
C GLU I 88 20.58 53.75 12.22
N PRO I 89 20.80 54.92 12.83
CA PRO I 89 19.86 55.41 13.86
C PRO I 89 18.53 55.80 13.25
N VAL I 90 17.46 55.60 14.03
CA VAL I 90 16.11 55.92 13.59
C VAL I 90 15.76 57.38 13.88
N ALA I 91 15.40 58.08 12.82
CA ALA I 91 15.09 59.50 12.91
C ALA I 91 13.95 59.80 13.82
N GLY I 92 14.17 60.71 14.76
CA GLY I 92 13.06 61.10 15.59
C GLY I 92 12.81 60.15 16.73
N GLU I 93 13.61 59.11 16.80
CA GLU I 93 13.41 58.23 17.91
C GLU I 93 14.69 58.28 18.63
N GLU I 94 14.58 58.00 19.91
CA GLU I 94 15.72 58.02 20.81
C GLU I 94 16.05 56.57 21.12
N ASN I 95 17.32 56.23 21.09
CA ASN I 95 17.66 54.87 21.41
C ASN I 95 16.94 53.78 20.59
N GLN I 96 16.82 53.98 19.28
CA GLN I 96 16.23 53.02 18.37
C GLN I 96 17.09 53.04 17.12
N TYR I 97 17.49 51.88 16.61
CA TYR I 97 18.34 51.80 15.41
C TYR I 97 17.82 50.74 14.47
N ILE I 98 18.27 50.76 13.23
CA ILE I 98 17.93 49.73 12.26
C ILE I 98 19.27 49.04 12.10
N CYS I 99 19.40 47.81 12.57
CA CYS I 99 20.65 47.04 12.43
C CYS I 99 20.45 46.06 11.29
N TYR I 100 21.40 45.99 10.37
CA TYR I 100 21.32 45.09 9.24
C TYR I 100 22.17 43.86 9.53
N VAL I 101 21.62 42.67 9.37
CA VAL I 101 22.37 41.43 9.62
C VAL I 101 22.40 40.58 8.36
N ALA I 102 23.55 39.95 8.07
CA ALA I 102 23.71 39.10 6.90
C ALA I 102 23.94 37.69 7.40
N TYR I 103 23.24 36.72 6.81
CA TYR I 103 23.35 35.32 7.18
C TYR I 103 23.76 34.56 5.93
N PRO I 104 24.84 33.78 6.00
CA PRO I 104 25.32 33.00 4.86
C PRO I 104 24.34 31.92 4.40
N LEU I 105 24.31 31.62 3.11
CA LEU I 105 23.38 30.65 2.56
C LEU I 105 23.43 29.28 3.19
N ASP I 106 24.57 28.85 3.70
CA ASP I 106 24.71 27.52 4.26
C ASP I 106 23.99 27.28 5.56
N LEU I 107 23.37 28.31 6.13
CA LEU I 107 22.70 28.14 7.39
C LEU I 107 21.27 27.66 7.26
N PHE I 108 20.74 27.69 6.05
CA PHE I 108 19.33 27.34 5.87
C PHE I 108 19.03 26.03 5.14
N GLU I 109 17.97 25.34 5.55
CA GLU I 109 17.59 24.12 4.89
C GLU I 109 16.82 24.58 3.66
N GLU I 110 17.09 23.96 2.54
CA GLU I 110 16.49 24.29 1.28
C GLU I 110 15.01 24.07 1.35
N GLY I 111 14.21 24.99 0.84
CA GLY I 111 12.77 24.83 0.81
C GLY I 111 11.95 24.82 2.07
N SER I 112 12.55 25.24 3.17
CA SER I 112 11.90 25.25 4.46
C SER I 112 11.74 26.64 5.09
N VAL I 113 10.60 27.28 4.91
CA VAL I 113 10.36 28.57 5.52
C VAL I 113 10.43 28.39 7.03
N THR I 114 10.09 27.21 7.52
CA THR I 114 10.14 26.91 8.95
C THR I 114 11.56 27.06 9.48
N ASN I 115 12.55 26.63 8.73
CA ASN I 115 13.92 26.73 9.20
C ASN I 115 14.42 28.16 9.11
N MET I 116 14.07 28.89 8.06
CA MET I 116 14.51 30.27 7.94
C MET I 116 14.07 31.04 9.18
N PHE I 117 12.79 30.97 9.55
CA PHE I 117 12.30 31.66 10.73
C PHE I 117 12.86 31.15 12.03
N THR I 118 13.12 29.86 12.18
CA THR I 118 13.66 29.39 13.44
C THR I 118 15.01 30.02 13.79
N SER I 119 15.82 30.34 12.79
CA SER I 119 17.10 30.99 13.05
C SER I 119 16.97 32.50 13.26
N ILE I 120 16.47 33.19 12.24
CA ILE I 120 16.34 34.64 12.28
C ILE I 120 15.41 35.23 13.32
N VAL I 121 14.40 34.48 13.73
CA VAL I 121 13.38 34.99 14.64
C VAL I 121 13.14 34.07 15.86
N GLY I 122 13.99 33.08 16.02
CA GLY I 122 13.83 32.14 17.09
C GLY I 122 13.93 32.58 18.52
N ASN I 123 15.04 33.19 18.91
CA ASN I 123 15.20 33.58 20.29
C ASN I 123 15.54 35.02 20.59
N VAL I 124 16.08 35.74 19.61
CA VAL I 124 16.50 37.12 19.81
C VAL I 124 15.49 38.13 20.33
N PHE I 125 14.21 37.95 20.07
CA PHE I 125 13.23 38.93 20.55
C PHE I 125 13.02 38.86 22.04
N GLY I 126 13.62 37.88 22.71
CA GLY I 126 13.41 37.76 24.14
C GLY I 126 14.62 38.08 25.00
N PHE I 127 15.68 38.59 24.39
CA PHE I 127 16.91 38.93 25.11
C PHE I 127 16.59 39.95 26.20
N LYS I 128 17.14 39.75 27.39
CA LYS I 128 16.92 40.70 28.50
C LYS I 128 17.50 42.06 28.16
N ALA I 129 18.58 42.07 27.38
CA ALA I 129 19.26 43.29 27.00
C ALA I 129 18.58 44.15 25.96
N LEU I 130 17.43 43.75 25.44
CA LEU I 130 16.72 44.55 24.45
C LEU I 130 15.36 44.90 25.05
N ARG I 131 14.77 46.02 24.65
CA ARG I 131 13.45 46.44 25.15
C ARG I 131 12.39 45.97 24.19
N ALA I 132 12.70 46.07 22.91
CA ALA I 132 11.78 45.67 21.87
C ALA I 132 12.61 45.37 20.65
N LEU I 133 12.09 44.60 19.71
CA LEU I 133 12.80 44.22 18.51
C LEU I 133 11.77 44.00 17.40
N ARG I 134 12.02 44.45 16.18
CA ARG I 134 11.07 44.23 15.10
C ARG I 134 11.78 43.87 13.82
N LEU I 135 11.36 42.81 13.13
CA LEU I 135 11.99 42.45 11.86
C LEU I 135 11.20 43.21 10.81
N GLU I 136 11.85 44.06 10.04
CA GLU I 136 11.16 44.85 9.04
C GLU I 136 11.19 44.26 7.65
N ASP I 137 12.30 43.63 7.28
CA ASP I 137 12.39 43.08 5.95
C ASP I 137 13.51 42.05 5.85
N LEU I 138 13.45 41.22 4.80
CA LEU I 138 14.44 40.18 4.55
C LEU I 138 14.74 40.22 3.07
N ARG I 139 16.01 40.08 2.68
CA ARG I 139 16.37 40.03 1.27
C ARG I 139 16.63 38.56 1.06
N ILE I 140 15.75 37.86 0.34
CA ILE I 140 15.93 36.44 0.08
C ILE I 140 16.66 36.36 -1.23
N PRO I 141 17.89 35.83 -1.21
CA PRO I 141 18.77 35.66 -2.37
C PRO I 141 18.21 34.74 -3.40
N VAL I 142 18.42 35.01 -4.68
CA VAL I 142 17.85 34.14 -5.70
C VAL I 142 18.29 32.70 -5.62
N ALA I 143 19.46 32.41 -5.09
CA ALA I 143 19.90 31.04 -4.97
C ALA I 143 19.06 30.27 -3.94
N TYR I 144 18.48 30.97 -2.98
CA TYR I 144 17.63 30.33 -1.99
C TYR I 144 16.20 30.28 -2.49
N VAL I 145 15.78 31.28 -3.26
CA VAL I 145 14.43 31.31 -3.82
C VAL I 145 14.13 30.10 -4.69
N LYS I 146 15.13 29.59 -5.42
CA LYS I 146 14.98 28.46 -6.33
C LYS I 146 14.79 27.12 -5.65
N THR I 147 15.04 27.05 -4.36
CA THR I 147 14.84 25.81 -3.65
C THR I 147 13.39 25.68 -3.19
N PHE I 148 12.52 26.59 -3.58
CA PHE I 148 11.12 26.58 -3.18
C PHE I 148 10.21 26.39 -4.37
N GLN I 149 9.04 25.82 -4.16
CA GLN I 149 8.14 25.64 -5.26
C GLN I 149 7.42 26.95 -5.54
N GLY I 150 7.05 27.68 -4.49
CA GLY I 150 6.34 28.92 -4.68
C GLY I 150 4.88 28.65 -4.86
N PRO I 151 4.11 29.59 -5.37
CA PRO I 151 2.68 29.36 -5.55
C PRO I 151 2.34 28.11 -6.36
N PRO I 152 1.27 27.39 -6.02
CA PRO I 152 0.96 26.22 -6.81
C PRO I 152 0.68 26.60 -8.28
N HIS I 153 0.12 27.78 -8.51
CA HIS I 153 -0.22 28.21 -9.87
C HIS I 153 0.19 29.64 -10.19
N GLY I 154 -0.29 30.60 -9.41
CA GLY I 154 0.07 31.98 -9.64
C GLY I 154 -0.95 32.72 -10.50
N ILE I 155 -0.84 34.03 -10.56
CA ILE I 155 -1.76 34.88 -11.31
C ILE I 155 -2.07 34.50 -12.74
N GLN I 156 -1.05 34.33 -13.58
CA GLN I 156 -1.28 33.99 -14.98
C GLN I 156 -2.04 32.70 -15.15
N VAL I 157 -1.55 31.64 -14.53
CA VAL I 157 -2.21 30.36 -14.67
C VAL I 157 -3.63 30.38 -14.12
N GLU I 158 -3.85 31.05 -13.02
CA GLU I 158 -5.19 31.11 -12.45
C GLU I 158 -6.18 31.79 -13.37
N ARG I 159 -5.82 32.89 -13.99
CA ARG I 159 -6.74 33.58 -14.88
C ARG I 159 -7.01 32.70 -16.08
N ASP I 160 -5.98 31.98 -16.52
CA ASP I 160 -6.11 31.08 -17.67
C ASP I 160 -7.04 29.88 -17.44
N LYS I 161 -7.00 29.35 -16.23
CA LYS I 161 -7.86 28.24 -15.88
C LYS I 161 -9.30 28.63 -15.68
N LEU I 162 -9.53 29.77 -15.03
CA LEU I 162 -10.88 30.25 -14.77
C LEU I 162 -11.47 31.02 -15.93
N ASN I 163 -10.62 31.41 -16.88
CA ASN I 163 -11.02 32.16 -18.07
C ASN I 163 -11.51 33.56 -17.69
N LYS I 164 -10.81 34.22 -16.77
CA LYS I 164 -11.18 35.54 -16.27
C LYS I 164 -10.07 36.55 -16.51
N TYR I 165 -10.38 37.58 -17.29
CA TYR I 165 -9.40 38.58 -17.64
C TYR I 165 -10.00 39.98 -17.65
N GLY I 166 -9.16 40.98 -17.43
CA GLY I 166 -9.63 42.34 -17.51
C GLY I 166 -10.32 43.02 -16.38
N ARG I 167 -10.31 42.48 -15.18
CA ARG I 167 -10.98 43.13 -14.06
C ARG I 167 -10.65 42.36 -12.81
N PRO I 168 -10.79 42.99 -11.64
CA PRO I 168 -10.50 42.26 -10.41
C PRO I 168 -11.50 41.10 -10.28
N LEU I 169 -11.22 40.12 -9.43
CA LEU I 169 -12.13 39.01 -9.25
C LEU I 169 -12.98 39.38 -8.02
N LEU I 170 -14.26 38.98 -8.01
CA LEU I 170 -15.17 39.28 -6.90
C LEU I 170 -15.48 38.06 -6.07
N GLY I 171 -15.44 38.17 -4.76
CA GLY I 171 -15.76 37.03 -3.91
C GLY I 171 -16.65 37.44 -2.75
N CYS I 172 -17.08 36.50 -1.92
CA CYS I 172 -17.96 36.84 -0.80
C CYS I 172 -17.88 35.82 0.32
N THR I 173 -17.74 36.25 1.57
CA THR I 173 -17.66 35.34 2.71
C THR I 173 -19.05 35.10 3.29
N ILE I 174 -19.48 33.85 3.42
CA ILE I 174 -20.81 33.54 3.94
C ILE I 174 -20.87 33.93 5.41
N LYS I 175 -22.02 34.44 5.87
CA LYS I 175 -22.19 34.88 7.26
C LYS I 175 -23.49 34.34 7.80
N PRO I 176 -23.64 34.20 9.13
CA PRO I 176 -22.69 34.49 10.21
C PRO I 176 -21.50 33.58 10.11
N LYS I 177 -20.38 33.99 10.67
CA LYS I 177 -19.17 33.20 10.62
C LYS I 177 -19.40 31.74 10.94
N LEU I 178 -19.98 31.47 12.11
CA LEU I 178 -20.25 30.12 12.56
C LEU I 178 -21.72 30.03 12.89
N GLY I 179 -22.28 28.83 12.86
CA GLY I 179 -23.69 28.70 13.20
C GLY I 179 -24.61 28.24 12.10
N LEU I 180 -24.27 28.43 10.83
CA LEU I 180 -25.15 27.95 9.79
C LEU I 180 -25.00 26.44 9.58
N SER I 181 -26.05 25.77 9.11
CA SER I 181 -26.00 24.34 8.86
C SER I 181 -25.45 24.16 7.45
N ALA I 182 -25.11 22.92 7.07
CA ALA I 182 -24.58 22.66 5.74
C ALA I 182 -25.55 22.95 4.62
N LYS I 183 -26.82 22.59 4.74
CA LYS I 183 -27.75 22.91 3.65
C LYS I 183 -27.94 24.42 3.54
N ASN I 184 -27.96 25.13 4.66
CA ASN I 184 -28.13 26.59 4.61
C ASN I 184 -26.92 27.27 4.03
N TYR I 185 -25.74 26.73 4.30
CA TYR I 185 -24.51 27.30 3.73
C TYR I 185 -24.60 27.20 2.21
N GLY I 186 -24.94 26.04 1.68
CA GLY I 186 -25.06 25.90 0.25
C GLY I 186 -26.11 26.76 -0.40
N ARG I 187 -27.20 27.03 0.30
CA ARG I 187 -28.28 27.87 -0.21
C ARG I 187 -27.81 29.31 -0.37
N ALA I 188 -27.05 29.78 0.61
CA ALA I 188 -26.53 31.13 0.58
C ALA I 188 -25.46 31.26 -0.50
N VAL I 189 -24.74 30.17 -0.78
CA VAL I 189 -23.68 30.11 -1.78
C VAL I 189 -24.26 30.18 -3.19
N TYR I 190 -25.28 29.39 -3.45
CA TYR I 190 -25.89 29.39 -4.75
C TYR I 190 -26.41 30.77 -5.09
N GLU I 191 -27.11 31.41 -4.15
CA GLU I 191 -27.67 32.74 -4.39
C GLU I 191 -26.62 33.81 -4.64
N CYS I 192 -25.50 33.82 -3.92
CA CYS I 192 -24.46 34.82 -4.17
C CYS I 192 -23.82 34.60 -5.53
N LEU I 193 -23.51 33.35 -5.86
CA LEU I 193 -22.86 33.05 -7.12
C LEU I 193 -23.71 33.37 -8.33
N ARG I 194 -24.99 33.10 -8.30
CA ARG I 194 -25.79 33.38 -9.48
C ARG I 194 -25.96 34.86 -9.76
N GLY I 195 -25.63 35.71 -8.80
CA GLY I 195 -25.76 37.14 -8.98
C GLY I 195 -24.57 37.80 -9.63
N GLY I 196 -23.50 37.06 -9.90
CA GLY I 196 -22.37 37.68 -10.55
C GLY I 196 -21.05 37.64 -9.83
N LEU I 197 -20.98 37.11 -8.62
CA LEU I 197 -19.71 37.04 -7.90
C LEU I 197 -18.98 35.83 -8.46
N ASP I 198 -17.66 35.86 -8.51
CA ASP I 198 -16.90 34.74 -9.03
C ASP I 198 -16.71 33.64 -8.01
N PHE I 199 -16.50 34.02 -6.74
CA PHE I 199 -16.27 33.08 -5.65
C PHE I 199 -17.06 33.39 -4.39
N THR I 200 -17.31 32.37 -3.57
CA THR I 200 -17.91 32.51 -2.25
C THR I 200 -16.88 31.75 -1.41
N LYS I 201 -16.87 31.90 -0.10
CA LYS I 201 -15.87 31.19 0.67
C LYS I 201 -16.28 30.85 2.08
N ASP I 202 -15.62 29.85 2.64
CA ASP I 202 -15.89 29.47 4.01
C ASP I 202 -15.21 30.61 4.75
N ASP I 203 -15.67 30.96 5.94
CA ASP I 203 -14.98 32.00 6.67
C ASP I 203 -13.77 31.28 7.24
N GLU I 204 -12.75 31.99 7.70
CA GLU I 204 -11.54 31.33 8.17
C GLU I 204 -11.66 30.35 9.30
N ASN I 205 -12.68 30.51 10.14
CA ASN I 205 -12.85 29.62 11.28
C ASN I 205 -13.84 28.49 11.06
N VAL I 206 -14.38 28.39 9.86
CA VAL I 206 -15.29 27.31 9.53
C VAL I 206 -14.42 26.14 9.11
N ASN I 207 -14.32 25.12 9.96
CA ASN I 207 -13.53 23.92 9.67
C ASN I 207 -14.53 22.78 9.71
N SER I 208 -14.67 22.13 10.86
CA SER I 208 -15.64 21.07 11.05
C SER I 208 -16.06 21.25 12.48
N GLN I 209 -17.35 21.49 12.71
CA GLN I 209 -17.84 21.74 14.05
C GLN I 209 -19.21 21.11 14.27
N PRO I 210 -19.64 20.98 15.53
CA PRO I 210 -20.95 20.37 15.77
C PRO I 210 -22.10 20.88 14.91
N PHE I 211 -22.14 22.17 14.61
CA PHE I 211 -23.24 22.70 13.81
C PHE I 211 -23.19 22.39 12.33
N MET I 212 -22.00 22.08 11.82
CA MET I 212 -21.83 21.81 10.41
C MET I 212 -20.53 21.06 10.25
N ARG I 213 -20.59 19.80 9.83
CA ARG I 213 -19.39 19.00 9.65
C ARG I 213 -18.84 19.24 8.26
N TRP I 214 -17.53 19.19 8.11
CA TRP I 214 -16.92 19.51 6.82
C TRP I 214 -17.41 18.77 5.60
N ARG I 215 -17.52 17.45 5.67
CA ARG I 215 -17.94 16.71 4.48
C ARG I 215 -19.33 17.07 4.02
N ASP I 216 -20.25 17.37 4.93
CA ASP I 216 -21.59 17.76 4.53
C ASP I 216 -21.50 19.13 3.87
N ARG I 217 -20.64 20.01 4.38
CA ARG I 217 -20.51 21.33 3.78
C ARG I 217 -19.94 21.27 2.38
N PHE I 218 -18.82 20.58 2.20
CA PHE I 218 -18.19 20.43 0.88
C PHE I 218 -19.18 19.90 -0.14
N LEU I 219 -19.96 18.91 0.24
CA LEU I 219 -20.93 18.30 -0.64
C LEU I 219 -22.05 19.23 -1.10
N PHE I 220 -22.67 19.95 -0.16
CA PHE I 220 -23.75 20.90 -0.48
C PHE I 220 -23.21 22.10 -1.23
N CYS I 221 -22.02 22.56 -0.90
CA CYS I 221 -21.45 23.69 -1.62
C CYS I 221 -21.12 23.31 -3.05
N ALA I 222 -20.76 22.06 -3.30
CA ALA I 222 -20.49 21.65 -4.66
C ALA I 222 -21.78 21.68 -5.47
N GLU I 223 -22.89 21.21 -4.91
CA GLU I 223 -24.15 21.23 -5.64
C GLU I 223 -24.53 22.67 -5.94
N ALA I 224 -24.41 23.54 -4.96
CA ALA I 224 -24.74 24.94 -5.16
C ALA I 224 -23.84 25.61 -6.18
N LEU I 225 -22.54 25.44 -6.12
CA LEU I 225 -21.68 26.10 -7.09
C LEU I 225 -21.92 25.61 -8.52
N TYR I 226 -22.19 24.32 -8.68
CA TYR I 226 -22.45 23.79 -10.01
C TYR I 226 -23.76 24.32 -10.57
N LYS I 227 -24.71 24.63 -9.70
CA LYS I 227 -26.00 25.13 -10.15
C LYS I 227 -25.85 26.57 -10.63
N ALA I 228 -25.15 27.39 -9.87
CA ALA I 228 -24.94 28.76 -10.26
C ALA I 228 -24.12 28.83 -11.55
N GLN I 229 -23.16 27.92 -11.73
CA GLN I 229 -22.35 27.92 -12.94
C GLN I 229 -23.18 27.59 -14.15
N ALA I 230 -24.12 26.67 -14.02
CA ALA I 230 -24.95 26.30 -15.15
C ALA I 230 -25.91 27.42 -15.51
N GLU I 231 -26.35 28.17 -14.52
CA GLU I 231 -27.29 29.25 -14.73
C GLU I 231 -26.66 30.45 -15.41
N THR I 232 -25.45 30.79 -15.01
CA THR I 232 -24.79 31.97 -15.55
C THR I 232 -23.85 31.83 -16.72
N GLY I 233 -23.21 30.69 -16.86
CA GLY I 233 -22.30 30.53 -17.97
C GLY I 233 -20.89 31.02 -17.66
N GLU I 234 -20.64 31.37 -16.41
CA GLU I 234 -19.31 31.83 -15.99
C GLU I 234 -18.75 30.82 -14.99
N ILE I 235 -17.47 30.53 -15.04
CA ILE I 235 -16.89 29.58 -14.12
C ILE I 235 -17.00 30.11 -12.69
N LYS I 236 -17.47 29.29 -11.74
CA LYS I 236 -17.62 29.71 -10.35
C LYS I 236 -16.74 28.86 -9.46
N GLY I 237 -16.45 29.32 -8.25
CA GLY I 237 -15.64 28.56 -7.34
C GLY I 237 -16.08 28.88 -5.93
N HIS I 238 -15.85 28.00 -4.97
CA HIS I 238 -16.20 28.25 -3.58
C HIS I 238 -15.01 27.73 -2.80
N TYR I 239 -14.31 28.59 -2.04
CA TYR I 239 -13.14 28.09 -1.33
C TYR I 239 -13.53 27.17 -0.20
N LEU I 240 -13.14 25.90 -0.28
CA LEU I 240 -13.44 24.92 0.76
C LEU I 240 -12.27 24.91 1.73
N ASN I 241 -12.52 25.13 3.01
CA ASN I 241 -11.46 25.20 3.99
C ASN I 241 -10.90 23.85 4.39
N ALA I 242 -9.61 23.66 4.17
CA ALA I 242 -8.94 22.43 4.53
C ALA I 242 -8.18 22.52 5.83
N THR I 243 -8.17 23.69 6.47
CA THR I 243 -7.45 23.89 7.73
C THR I 243 -7.95 22.84 8.70
N ALA I 244 -7.07 22.21 9.45
CA ALA I 244 -7.54 21.19 10.36
C ALA I 244 -6.55 20.99 11.47
N GLY I 245 -6.83 20.05 12.35
CA GLY I 245 -5.95 19.85 13.46
C GLY I 245 -4.68 19.09 13.27
N THR I 246 -4.64 18.18 12.30
CA THR I 246 -3.48 17.36 12.02
C THR I 246 -3.22 17.39 10.52
N CYS I 247 -2.02 17.00 10.09
CA CYS I 247 -1.73 17.00 8.66
C CYS I 247 -2.64 16.02 7.98
N GLU I 248 -2.93 14.93 8.68
CA GLU I 248 -3.78 13.87 8.16
C GLU I 248 -5.19 14.33 7.86
N ASP I 249 -5.78 15.09 8.76
CA ASP I 249 -7.11 15.60 8.54
C ASP I 249 -7.12 16.62 7.45
N MET I 250 -6.09 17.46 7.37
CA MET I 250 -6.00 18.47 6.32
C MET I 250 -5.98 17.80 4.94
N MET I 251 -5.19 16.75 4.80
CA MET I 251 -5.12 16.06 3.52
C MET I 251 -6.43 15.38 3.14
N LYS I 252 -7.17 14.88 4.12
CA LYS I 252 -8.46 14.25 3.88
C LYS I 252 -9.42 15.19 3.21
N ARG I 253 -9.43 16.43 3.66
CA ARG I 253 -10.31 17.43 3.14
C ARG I 253 -9.88 17.87 1.77
N ALA I 254 -8.59 17.99 1.53
CA ALA I 254 -8.10 18.37 0.22
C ALA I 254 -8.45 17.29 -0.78
N VAL I 255 -8.29 16.03 -0.38
CA VAL I 255 -8.61 14.90 -1.24
C VAL I 255 -10.10 14.85 -1.67
N PHE I 256 -11.03 15.18 -0.78
CA PHE I 256 -12.44 15.17 -1.16
C PHE I 256 -12.72 16.33 -2.11
N ALA I 257 -12.03 17.46 -1.95
CA ALA I 257 -12.22 18.60 -2.85
C ALA I 257 -11.75 18.19 -4.24
N ARG I 258 -10.68 17.42 -4.31
CA ARG I 258 -10.19 16.95 -5.59
C ARG I 258 -11.22 16.01 -6.21
N GLU I 259 -11.82 15.14 -5.40
CA GLU I 259 -12.82 14.18 -5.88
C GLU I 259 -14.10 14.82 -6.38
N LEU I 260 -14.43 15.99 -5.85
CA LEU I 260 -15.63 16.71 -6.29
C LEU I 260 -15.38 17.51 -7.55
N GLY I 261 -14.11 17.73 -7.88
CA GLY I 261 -13.75 18.47 -9.07
C GLY I 261 -13.83 19.97 -9.00
N VAL I 262 -13.89 20.51 -7.78
CA VAL I 262 -14.00 21.94 -7.55
C VAL I 262 -12.67 22.60 -7.80
N PRO I 263 -12.64 23.89 -8.15
CA PRO I 263 -11.34 24.48 -8.41
C PRO I 263 -10.46 25.06 -7.34
N ILE I 264 -10.97 25.31 -6.15
CA ILE I 264 -10.15 25.98 -5.14
C ILE I 264 -10.36 25.56 -3.69
N VAL I 265 -9.25 25.43 -2.93
CA VAL I 265 -9.29 25.10 -1.51
C VAL I 265 -8.66 26.27 -0.77
N MET I 266 -8.67 26.25 0.55
CA MET I 266 -8.20 27.37 1.36
C MET I 266 -7.47 26.88 2.60
N HIS I 267 -6.52 27.65 3.12
CA HIS I 267 -5.77 27.26 4.30
C HIS I 267 -5.39 28.50 5.10
N ASP I 268 -5.39 28.38 6.42
CA ASP I 268 -4.98 29.45 7.33
C ASP I 268 -3.51 29.12 7.63
N TYR I 269 -2.59 29.72 6.87
CA TYR I 269 -1.19 29.40 7.02
C TYR I 269 -0.47 29.66 8.30
N LEU I 270 -0.91 30.63 9.09
CA LEU I 270 -0.23 30.94 10.34
C LEU I 270 -0.79 30.14 11.51
N THR I 271 -2.09 29.89 11.55
CA THR I 271 -2.64 29.09 12.63
C THR I 271 -2.45 27.61 12.30
N GLY I 272 -2.45 27.27 11.02
CA GLY I 272 -2.17 25.90 10.61
C GLY I 272 -0.66 25.68 10.75
N GLY I 273 0.14 26.56 10.17
CA GLY I 273 1.59 26.48 10.29
C GLY I 273 2.26 26.39 8.95
N PHE I 274 3.53 26.74 8.89
CA PHE I 274 4.28 26.68 7.64
C PHE I 274 4.53 25.25 7.21
N THR I 275 4.82 24.35 8.14
CA THR I 275 5.03 22.95 7.79
C THR I 275 3.77 22.38 7.15
N ALA I 276 2.61 22.56 7.73
CA ALA I 276 1.41 22.04 7.09
C ALA I 276 1.11 22.78 5.79
N ASN I 277 1.34 24.09 5.73
CA ASN I 277 1.05 24.84 4.50
C ASN I 277 1.89 24.39 3.32
N THR I 278 3.17 24.14 3.51
CA THR I 278 4.02 23.68 2.42
C THR I 278 3.54 22.32 1.88
N THR I 279 3.05 21.43 2.74
CA THR I 279 2.51 20.14 2.32
C THR I 279 1.28 20.32 1.44
N LEU I 280 0.36 21.21 1.82
CA LEU I 280 -0.85 21.46 1.05
C LEU I 280 -0.54 22.13 -0.29
N SER I 281 0.39 23.06 -0.28
CA SER I 281 0.80 23.76 -1.48
C SER I 281 1.35 22.77 -2.51
N HIS I 282 2.17 21.82 -2.06
CA HIS I 282 2.70 20.84 -2.97
C HIS I 282 1.58 19.96 -3.49
N TYR I 283 0.66 19.58 -2.62
CA TYR I 283 -0.47 18.76 -3.02
C TYR I 283 -1.32 19.49 -4.06
N CYS I 284 -1.51 20.79 -3.87
CA CYS I 284 -2.30 21.56 -4.80
C CYS I 284 -1.64 21.68 -6.16
N ARG I 285 -0.32 21.79 -6.19
CA ARG I 285 0.40 21.86 -7.45
C ARG I 285 0.20 20.54 -8.17
N ASP I 286 0.32 19.44 -7.44
CA ASP I 286 0.17 18.10 -8.03
C ASP I 286 -1.21 17.71 -8.47
N ASN I 287 -2.24 18.36 -7.93
CA ASN I 287 -3.61 18.03 -8.26
C ASN I 287 -4.47 19.10 -8.88
N GLY I 288 -3.85 20.18 -9.34
CA GLY I 288 -4.56 21.24 -10.00
C GLY I 288 -5.51 22.09 -9.20
N LEU I 289 -5.29 22.18 -7.90
CA LEU I 289 -6.18 22.98 -7.07
C LEU I 289 -5.60 24.34 -6.78
N LEU I 290 -6.41 25.39 -6.88
CA LEU I 290 -5.94 26.74 -6.57
C LEU I 290 -5.98 26.82 -5.05
N LEU I 291 -5.02 27.51 -4.45
CA LEU I 291 -4.95 27.63 -3.00
C LEU I 291 -5.10 29.07 -2.49
N HIS I 292 -6.16 29.35 -1.75
CA HIS I 292 -6.41 30.68 -1.17
C HIS I 292 -5.85 30.71 0.24
N ILE I 293 -5.07 31.72 0.59
CA ILE I 293 -4.48 31.78 1.92
C ILE I 293 -5.02 32.88 2.83
N HIS I 294 -5.33 32.56 4.08
CA HIS I 294 -5.82 33.51 5.08
C HIS I 294 -4.71 33.82 6.03
N ARG I 295 -4.63 35.06 6.48
CA ARG I 295 -3.56 35.42 7.39
C ARG I 295 -4.04 35.54 8.83
N ALA I 296 -5.06 34.76 9.19
CA ALA I 296 -5.58 34.77 10.53
C ALA I 296 -4.44 34.73 11.50
N MET I 297 -4.49 35.59 12.50
CA MET I 297 -3.49 35.72 13.56
C MET I 297 -2.32 36.63 13.21
N HIS I 298 -2.30 37.23 12.03
CA HIS I 298 -1.15 38.06 11.68
C HIS I 298 -1.03 39.32 12.52
N ALA I 299 -2.14 39.97 12.86
CA ALA I 299 -2.04 41.21 13.62
C ALA I 299 -1.55 41.05 15.04
N VAL I 300 -1.47 39.82 15.51
CA VAL I 300 -0.96 39.56 16.85
C VAL I 300 0.54 39.76 16.78
N ILE I 301 1.11 39.65 15.58
CA ILE I 301 2.56 39.73 15.35
C ILE I 301 3.00 41.01 14.66
N ASP I 302 2.18 41.53 13.76
CA ASP I 302 2.58 42.67 12.97
C ASP I 302 1.97 44.04 13.16
N ARG I 303 1.12 44.22 14.16
CA ARG I 303 0.45 45.51 14.34
C ARG I 303 1.30 46.68 14.84
N GLN I 304 2.03 46.45 15.92
CA GLN I 304 2.82 47.48 16.56
C GLN I 304 4.14 47.75 15.88
N LYS I 305 4.51 49.01 15.81
CA LYS I 305 5.72 49.42 15.15
C LYS I 305 6.99 49.15 15.91
N ASN I 306 6.92 48.87 17.19
CA ASN I 306 8.16 48.65 17.92
C ASN I 306 8.59 47.23 18.17
N HIS I 307 7.67 46.27 18.04
CA HIS I 307 8.00 44.86 18.32
C HIS I 307 7.17 43.93 17.43
N GLY I 308 7.80 42.88 16.90
CA GLY I 308 7.08 41.96 16.04
C GLY I 308 7.79 41.71 14.73
N MET I 309 7.02 41.44 13.68
CA MET I 309 7.55 41.19 12.36
C MET I 309 6.55 41.89 11.48
N HIS I 310 7.02 42.65 10.51
CA HIS I 310 6.08 43.33 9.65
C HIS I 310 5.42 42.37 8.69
N PHE I 311 4.24 42.73 8.21
CA PHE I 311 3.57 41.85 7.29
C PHE I 311 4.32 41.55 6.03
N ARG I 312 5.15 42.45 5.54
CA ARG I 312 5.87 42.19 4.29
C ARG I 312 6.77 40.97 4.40
N VAL I 313 7.25 40.67 5.60
CA VAL I 313 8.11 39.53 5.81
C VAL I 313 7.25 38.26 5.76
N LEU I 314 6.05 38.34 6.35
CA LEU I 314 5.15 37.19 6.36
C LEU I 314 4.57 36.99 4.95
N ALA I 315 4.52 38.03 4.14
CA ALA I 315 4.00 37.92 2.76
C ALA I 315 5.06 37.25 1.90
N LYS I 316 6.33 37.57 2.13
CA LYS I 316 7.40 36.97 1.37
C LYS I 316 7.46 35.48 1.70
N ALA I 317 7.36 35.16 2.99
CA ALA I 317 7.38 33.77 3.45
C ALA I 317 6.26 32.91 2.82
N LEU I 318 5.10 33.50 2.58
CA LEU I 318 3.99 32.81 1.95
C LEU I 318 4.23 32.61 0.47
N ARG I 319 4.77 33.59 -0.24
CA ARG I 319 5.03 33.40 -1.65
C ARG I 319 6.01 32.23 -1.86
N LEU I 320 6.92 32.02 -0.90
CA LEU I 320 7.88 30.93 -0.96
C LEU I 320 7.23 29.58 -0.62
N SER I 321 6.58 29.49 0.54
CA SER I 321 5.89 28.28 0.97
C SER I 321 4.82 27.91 -0.03
N GLY I 322 4.01 28.88 -0.44
CA GLY I 322 3.00 28.61 -1.46
C GLY I 322 1.57 28.98 -1.23
N GLY I 323 1.01 29.73 -2.17
CA GLY I 323 -0.38 30.12 -2.09
C GLY I 323 -0.70 30.88 -3.35
N ASP I 324 -1.92 30.76 -3.85
CA ASP I 324 -2.30 31.49 -5.05
C ASP I 324 -2.95 32.83 -4.76
N HIS I 325 -3.56 32.98 -3.60
CA HIS I 325 -4.19 34.22 -3.13
C HIS I 325 -3.67 34.42 -1.73
N ILE I 326 -3.61 35.66 -1.26
CA ILE I 326 -3.28 35.93 0.13
C ILE I 326 -3.99 37.21 0.55
N HIS I 327 -4.63 37.21 1.70
CA HIS I 327 -5.31 38.39 2.18
C HIS I 327 -4.27 39.48 2.38
N SER I 328 -4.53 40.69 1.90
CA SER I 328 -3.54 41.73 2.04
C SER I 328 -4.05 43.04 2.61
N GLY I 329 -5.30 43.05 3.08
CA GLY I 329 -5.86 44.26 3.65
C GLY I 329 -6.68 45.04 2.64
N THR I 330 -7.38 46.06 3.11
CA THR I 330 -8.22 46.89 2.24
C THR I 330 -7.80 48.35 2.23
N VAL I 331 -7.04 48.79 3.23
CA VAL I 331 -6.64 50.19 3.37
C VAL I 331 -7.84 50.99 3.89
N VAL I 332 -8.92 51.00 3.11
CA VAL I 332 -10.14 51.73 3.46
C VAL I 332 -11.19 51.03 4.31
N GLY I 333 -10.96 49.77 4.71
CA GLY I 333 -11.97 49.04 5.47
C GLY I 333 -11.85 49.03 6.98
N LYS I 334 -12.40 48.00 7.61
CA LYS I 334 -12.41 47.94 9.06
C LYS I 334 -11.13 47.53 9.78
N LEU I 335 -10.13 47.05 9.04
CA LEU I 335 -8.89 46.58 9.67
C LEU I 335 -7.71 47.41 9.18
N GLU I 336 -6.71 47.56 10.04
CA GLU I 336 -5.57 48.39 9.70
C GLU I 336 -4.83 48.05 8.40
N GLY I 337 -4.34 49.10 7.73
CA GLY I 337 -3.56 48.94 6.51
C GLY I 337 -3.35 50.28 5.82
N GLU I 338 -2.16 50.87 5.94
CA GLU I 338 -1.84 52.16 5.31
C GLU I 338 -1.58 52.00 3.81
N ARG I 339 -1.98 52.99 3.02
CA ARG I 339 -1.83 52.88 1.58
C ARG I 339 -0.45 52.62 1.01
N ASP I 340 0.53 53.42 1.38
CA ASP I 340 1.90 53.25 0.85
C ASP I 340 2.57 51.95 1.24
N ILE I 341 2.48 51.60 2.51
CA ILE I 341 3.08 50.37 2.96
C ILE I 341 2.38 49.19 2.30
N THR I 342 1.08 49.30 2.10
CA THR I 342 0.32 48.25 1.45
C THR I 342 0.73 48.13 0.02
N LEU I 343 0.78 49.23 -0.72
CA LEU I 343 1.21 49.12 -2.11
C LEU I 343 2.60 48.53 -2.19
N GLY I 344 3.38 48.72 -1.13
CA GLY I 344 4.73 48.18 -1.12
C GLY I 344 4.77 46.68 -1.07
N PHE I 345 4.05 46.06 -0.15
CA PHE I 345 4.06 44.61 -0.11
C PHE I 345 3.17 43.97 -1.17
N VAL I 346 2.24 44.72 -1.76
CA VAL I 346 1.44 44.15 -2.84
C VAL I 346 2.39 43.95 -4.01
N ASP I 347 3.36 44.85 -4.21
CA ASP I 347 4.34 44.71 -5.30
C ASP I 347 5.26 43.54 -5.02
N LEU I 348 5.64 43.34 -3.77
CA LEU I 348 6.51 42.23 -3.42
C LEU I 348 5.81 40.88 -3.65
N LEU I 349 4.49 40.88 -3.61
CA LEU I 349 3.70 39.68 -3.81
C LEU I 349 3.44 39.36 -5.27
N ARG I 350 3.21 40.37 -6.11
CA ARG I 350 2.90 40.15 -7.53
C ARG I 350 4.01 40.25 -8.56
N ASP I 351 5.00 41.09 -8.32
CA ASP I 351 6.06 41.32 -9.31
C ASP I 351 7.29 40.43 -9.23
N ASP I 352 8.10 40.47 -10.27
CA ASP I 352 9.30 39.68 -10.35
C ASP I 352 10.51 40.35 -9.79
N TYR I 353 10.44 41.67 -9.63
CA TYR I 353 11.56 42.46 -9.13
C TYR I 353 11.01 43.73 -8.53
N THR I 354 11.44 44.07 -7.32
CA THR I 354 11.00 45.27 -6.64
C THR I 354 12.24 45.91 -6.07
N GLU I 355 12.45 47.16 -6.40
CA GLU I 355 13.62 47.88 -5.96
C GLU I 355 13.45 48.51 -4.60
N LYS I 356 14.54 48.59 -3.87
CA LYS I 356 14.58 49.19 -2.54
C LYS I 356 13.84 50.51 -2.55
N ASP I 357 13.07 50.81 -1.52
CA ASP I 357 12.31 52.07 -1.53
C ASP I 357 11.79 52.34 -0.15
N ARG I 358 12.58 52.99 0.68
CA ARG I 358 12.16 53.26 2.04
C ARG I 358 10.86 54.01 2.21
N SER I 359 10.40 54.73 1.21
CA SER I 359 9.16 55.48 1.40
C SER I 359 7.98 54.54 1.58
N ARG I 360 8.13 53.31 1.08
CA ARG I 360 7.11 52.28 1.17
C ARG I 360 7.52 51.19 2.13
N GLY I 361 8.61 51.39 2.85
CA GLY I 361 9.04 50.39 3.80
C GLY I 361 9.77 49.19 3.23
N ILE I 362 10.25 49.29 2.00
CA ILE I 362 10.97 48.21 1.37
C ILE I 362 12.45 48.47 1.58
N TYR I 363 13.07 47.74 2.49
CA TYR I 363 14.47 47.93 2.78
C TYR I 363 15.49 47.32 1.85
N PHE I 364 15.12 46.32 1.08
CA PHE I 364 16.08 45.65 0.22
C PHE I 364 15.50 45.42 -1.14
N THR I 365 16.32 45.33 -2.16
CA THR I 365 15.81 45.07 -3.50
C THR I 365 15.59 43.55 -3.53
N GLN I 366 14.44 43.12 -4.05
CA GLN I 366 14.11 41.70 -4.10
C GLN I 366 13.81 41.20 -5.50
N SER I 367 14.43 40.09 -5.88
CA SER I 367 14.20 39.45 -7.17
C SER I 367 13.54 38.11 -6.89
N TRP I 368 12.68 37.64 -7.80
CA TRP I 368 11.99 36.38 -7.60
C TRP I 368 12.29 35.25 -8.59
N VAL I 369 13.20 35.49 -9.53
CA VAL I 369 13.56 34.50 -10.55
C VAL I 369 12.41 33.69 -11.07
N SER I 370 11.36 34.39 -11.48
CA SER I 370 10.17 33.80 -12.03
C SER I 370 9.25 32.97 -11.14
N THR I 371 9.40 33.08 -9.83
CA THR I 371 8.49 32.43 -8.90
C THR I 371 7.18 33.14 -9.25
N PRO I 372 6.09 32.40 -9.51
CA PRO I 372 4.83 33.07 -9.85
C PRO I 372 4.35 34.08 -8.83
N GLY I 373 3.51 35.01 -9.24
CA GLY I 373 2.98 36.00 -8.33
C GLY I 373 1.74 35.54 -7.60
N VAL I 374 1.46 36.14 -6.46
CA VAL I 374 0.31 35.81 -5.65
C VAL I 374 -0.74 36.89 -5.80
N LEU I 375 -2.00 36.52 -5.90
CA LEU I 375 -3.07 37.50 -6.08
C LEU I 375 -3.45 38.08 -4.70
N PRO I 376 -3.36 39.42 -4.49
CA PRO I 376 -3.74 39.98 -3.18
C PRO I 376 -5.25 40.05 -3.05
N VAL I 377 -5.77 39.77 -1.87
CA VAL I 377 -7.21 39.78 -1.62
C VAL I 377 -7.61 40.87 -0.63
N ALA I 378 -8.43 41.81 -1.08
CA ALA I 378 -8.88 42.90 -0.23
C ALA I 378 -10.19 42.43 0.38
N SER I 379 -10.27 42.34 1.70
CA SER I 379 -11.49 41.87 2.33
C SER I 379 -11.61 42.42 3.72
N GLY I 380 -12.82 42.81 4.13
CA GLY I 380 -12.99 43.32 5.47
C GLY I 380 -13.66 44.67 5.67
N GLY I 381 -14.98 44.71 5.70
CA GLY I 381 -15.66 45.97 5.92
C GLY I 381 -15.76 46.86 4.73
N ILE I 382 -15.70 46.32 3.52
CA ILE I 382 -15.80 47.15 2.33
C ILE I 382 -17.17 47.04 1.70
N HIS I 383 -17.59 48.06 0.95
CA HIS I 383 -18.90 48.07 0.32
C HIS I 383 -18.87 48.82 -1.02
N VAL I 384 -19.98 48.82 -1.74
CA VAL I 384 -20.06 49.48 -3.05
C VAL I 384 -19.42 50.85 -3.22
N TRP I 385 -19.52 51.72 -2.22
CA TRP I 385 -18.92 53.04 -2.35
C TRP I 385 -17.38 52.98 -2.33
N HIS I 386 -16.81 51.88 -1.84
CA HIS I 386 -15.36 51.76 -1.80
C HIS I 386 -14.81 51.26 -3.12
N MET I 387 -15.70 50.78 -3.99
CA MET I 387 -15.25 50.19 -5.25
C MET I 387 -14.27 51.02 -6.06
N PRO I 388 -14.51 52.34 -6.22
CA PRO I 388 -13.51 53.04 -7.02
C PRO I 388 -12.13 53.10 -6.37
N ALA I 389 -12.08 53.25 -5.06
CA ALA I 389 -10.80 53.32 -4.38
C ALA I 389 -10.06 52.00 -4.49
N LEU I 390 -10.81 50.90 -4.33
CA LEU I 390 -10.24 49.56 -4.40
C LEU I 390 -9.71 49.27 -5.79
N THR I 391 -10.47 49.58 -6.84
CA THR I 391 -10.00 49.32 -8.19
C THR I 391 -8.78 50.15 -8.50
N GLU I 392 -8.68 51.33 -7.89
CA GLU I 392 -7.57 52.24 -8.11
C GLU I 392 -6.31 51.84 -7.34
N ILE I 393 -6.45 51.44 -6.09
CA ILE I 393 -5.28 51.04 -5.33
C ILE I 393 -4.70 49.71 -5.81
N PHE I 394 -5.55 48.71 -6.04
CA PHE I 394 -5.11 47.38 -6.44
C PHE I 394 -4.99 47.04 -7.92
N GLY I 395 -5.85 47.57 -8.76
CA GLY I 395 -5.73 47.26 -10.17
C GLY I 395 -6.45 45.98 -10.49
N ASP I 396 -6.30 45.52 -11.72
CA ASP I 396 -6.95 44.31 -12.14
C ASP I 396 -6.54 43.05 -11.40
N ASP I 397 -5.29 42.93 -11.02
CA ASP I 397 -4.86 41.70 -10.37
C ASP I 397 -5.07 41.65 -8.89
N SER I 398 -6.30 41.44 -8.49
CA SER I 398 -6.68 41.35 -7.09
C SER I 398 -8.03 40.66 -6.99
N VAL I 399 -8.40 40.26 -5.78
CA VAL I 399 -9.70 39.65 -5.54
C VAL I 399 -10.31 40.55 -4.47
N LEU I 400 -11.48 41.11 -4.74
CA LEU I 400 -12.16 42.00 -3.79
C LEU I 400 -13.29 41.20 -3.17
N GLN I 401 -13.30 41.05 -1.85
CA GLN I 401 -14.33 40.27 -1.17
C GLN I 401 -15.28 41.04 -0.29
N PHE I 402 -16.56 40.74 -0.43
CA PHE I 402 -17.60 41.44 0.30
C PHE I 402 -18.49 40.47 1.02
N GLY I 403 -18.26 40.26 2.30
CA GLY I 403 -19.10 39.36 3.09
C GLY I 403 -20.36 40.07 3.58
N GLY I 404 -20.20 40.97 4.54
CA GLY I 404 -21.35 41.71 5.02
C GLY I 404 -21.90 42.53 3.86
N GLY I 405 -21.02 42.95 2.96
CA GLY I 405 -21.41 43.76 1.81
C GLY I 405 -22.27 43.07 0.76
N THR I 406 -22.51 41.78 0.92
CA THR I 406 -23.34 41.06 -0.02
C THR I 406 -24.52 40.54 0.76
N LEU I 407 -24.24 39.84 1.87
CA LEU I 407 -25.31 39.30 2.68
C LEU I 407 -26.07 40.35 3.50
N GLY I 408 -25.61 41.59 3.44
CA GLY I 408 -26.29 42.66 4.14
C GLY I 408 -27.15 43.49 3.19
N HIS I 409 -27.19 43.15 1.90
CA HIS I 409 -28.00 43.91 0.97
C HIS I 409 -29.44 43.70 1.37
N PRO I 410 -30.28 44.73 1.30
CA PRO I 410 -31.69 44.58 1.67
C PRO I 410 -32.55 43.58 0.93
N TRP I 411 -32.20 43.26 -0.31
CA TRP I 411 -32.97 42.30 -1.13
C TRP I 411 -32.45 40.85 -1.15
N GLY I 412 -31.39 40.56 -0.40
CA GLY I 412 -30.85 39.22 -0.39
C GLY I 412 -29.53 39.07 -1.10
N ASN I 413 -29.05 37.85 -1.22
CA ASN I 413 -27.74 37.56 -1.84
C ASN I 413 -27.59 37.79 -3.32
N ALA I 414 -28.50 37.29 -4.14
CA ALA I 414 -28.37 37.48 -5.58
C ALA I 414 -28.32 38.96 -5.91
N PRO I 415 -29.31 39.75 -5.43
CA PRO I 415 -29.26 41.18 -5.74
C PRO I 415 -28.02 41.82 -5.12
N GLY I 416 -27.57 41.27 -4.00
CA GLY I 416 -26.39 41.82 -3.36
C GLY I 416 -25.16 41.62 -4.20
N ALA I 417 -25.10 40.50 -4.89
CA ALA I 417 -23.97 40.18 -5.75
C ALA I 417 -24.04 41.08 -6.97
N VAL I 418 -25.21 41.22 -7.57
CA VAL I 418 -25.35 42.07 -8.75
C VAL I 418 -24.87 43.48 -8.44
N ALA I 419 -25.19 43.97 -7.26
CA ALA I 419 -24.76 45.30 -6.85
C ALA I 419 -23.26 45.42 -6.94
N ASN I 420 -22.52 44.48 -6.34
CA ASN I 420 -21.06 44.53 -6.38
C ASN I 420 -20.46 44.32 -7.78
N ARG I 421 -21.03 43.40 -8.56
CA ARG I 421 -20.55 43.15 -9.91
C ARG I 421 -20.81 44.36 -10.79
N VAL I 422 -21.97 45.01 -10.66
CA VAL I 422 -22.26 46.22 -11.47
C VAL I 422 -21.36 47.40 -11.04
N ALA I 423 -21.22 47.63 -9.74
CA ALA I 423 -20.34 48.69 -9.27
C ALA I 423 -18.92 48.54 -9.83
N LEU I 424 -18.39 47.31 -9.83
CA LEU I 424 -17.04 47.03 -10.34
C LEU I 424 -16.91 47.19 -11.85
N GLU I 425 -17.81 46.62 -12.63
CA GLU I 425 -17.69 46.78 -14.06
C GLU I 425 -17.84 48.27 -14.43
N ALA I 426 -18.61 49.03 -13.64
CA ALA I 426 -18.78 50.47 -13.91
C ALA I 426 -17.44 51.18 -13.75
N CYS I 427 -16.69 50.83 -12.70
CA CYS I 427 -15.38 51.43 -12.45
C CYS I 427 -14.36 51.01 -13.50
N VAL I 428 -14.40 49.75 -13.91
CA VAL I 428 -13.49 49.25 -14.92
C VAL I 428 -13.78 49.98 -16.22
N GLN I 429 -15.03 50.06 -16.63
CA GLN I 429 -15.35 50.78 -17.88
C GLN I 429 -14.88 52.25 -17.79
N ALA I 430 -15.22 52.94 -16.70
CA ALA I 430 -14.82 54.34 -16.51
C ALA I 430 -13.31 54.51 -16.58
N ARG I 431 -12.59 53.70 -15.83
CA ARG I 431 -11.14 53.78 -15.84
C ARG I 431 -10.60 53.57 -17.25
N ASN I 432 -11.07 52.52 -17.90
CA ASN I 432 -10.64 52.17 -19.24
C ASN I 432 -10.95 53.29 -20.21
N GLU I 433 -11.98 54.07 -19.90
CA GLU I 433 -12.34 55.20 -20.78
C GLU I 433 -11.52 56.44 -20.50
N GLY I 434 -10.70 56.44 -19.45
CA GLY I 434 -9.89 57.60 -19.18
C GLY I 434 -10.28 58.37 -17.93
N ARG I 435 -11.43 58.07 -17.34
CA ARG I 435 -11.88 58.79 -16.17
C ARG I 435 -10.99 58.54 -14.98
N ASP I 436 -10.95 59.50 -14.07
CA ASP I 436 -10.10 59.40 -12.89
C ASP I 436 -10.89 58.86 -11.71
N LEU I 437 -10.69 57.60 -11.37
CA LEU I 437 -11.43 56.96 -10.28
C LEU I 437 -11.29 57.67 -8.95
N ALA I 438 -10.16 58.32 -8.75
CA ALA I 438 -9.95 59.05 -7.49
C ALA I 438 -10.85 60.27 -7.42
N ARG I 439 -11.00 60.99 -8.52
CA ARG I 439 -11.84 62.18 -8.47
C ARG I 439 -13.27 61.89 -8.83
N GLU I 440 -13.49 61.07 -9.84
CA GLU I 440 -14.87 60.76 -10.25
C GLU I 440 -15.46 59.51 -9.61
N GLY I 441 -14.82 59.01 -8.56
CA GLY I 441 -15.32 57.82 -7.90
C GLY I 441 -16.81 57.84 -7.60
N ASN I 442 -17.27 58.79 -6.81
CA ASN I 442 -18.68 58.82 -6.48
C ASN I 442 -19.60 59.14 -7.64
N THR I 443 -19.10 59.83 -8.65
CA THR I 443 -19.96 60.15 -9.79
C THR I 443 -20.22 58.87 -10.56
N ILE I 444 -19.18 58.06 -10.72
CA ILE I 444 -19.31 56.81 -11.46
C ILE I 444 -20.34 55.87 -10.82
N ILE I 445 -20.27 55.73 -9.51
CA ILE I 445 -21.19 54.89 -8.76
C ILE I 445 -22.60 55.46 -8.85
N ARG I 446 -22.73 56.75 -8.61
CA ARG I 446 -24.03 57.45 -8.67
C ARG I 446 -24.65 57.30 -10.05
N GLU I 447 -23.84 57.40 -11.11
CA GLU I 447 -24.37 57.26 -12.46
C GLU I 447 -24.95 55.87 -12.65
N ALA I 448 -24.26 54.86 -12.12
CA ALA I 448 -24.72 53.46 -12.27
C ALA I 448 -26.03 53.22 -11.55
N THR I 449 -26.23 53.90 -10.42
CA THR I 449 -27.46 53.73 -9.69
C THR I 449 -28.64 54.11 -10.55
N LYS I 450 -28.41 54.84 -11.64
CA LYS I 450 -29.57 55.22 -12.45
C LYS I 450 -30.13 54.08 -13.26
N TRP I 451 -29.34 53.05 -13.52
CA TRP I 451 -29.90 51.97 -14.31
C TRP I 451 -29.83 50.62 -13.63
N SER I 452 -29.34 50.61 -12.39
CA SER I 452 -29.24 49.38 -11.62
C SER I 452 -30.01 49.52 -10.31
N PRO I 453 -31.26 49.05 -10.27
CA PRO I 453 -32.04 49.15 -9.04
C PRO I 453 -31.29 48.42 -7.93
N GLU I 454 -30.59 47.35 -8.28
CA GLU I 454 -29.84 46.60 -7.28
C GLU I 454 -28.73 47.43 -6.66
N LEU I 455 -27.96 48.12 -7.49
CA LEU I 455 -26.87 48.95 -6.96
C LEU I 455 -27.46 50.06 -6.11
N ALA I 456 -28.51 50.65 -6.64
CA ALA I 456 -29.20 51.76 -5.97
C ALA I 456 -29.55 51.47 -4.52
N ALA I 457 -30.17 50.32 -4.27
CA ALA I 457 -30.57 49.97 -2.92
C ALA I 457 -29.39 49.80 -2.00
N ALA I 458 -28.28 49.31 -2.53
CA ALA I 458 -27.10 49.10 -1.69
C ALA I 458 -26.50 50.45 -1.37
N CYS I 459 -26.50 51.36 -2.34
CA CYS I 459 -25.94 52.68 -2.09
C CYS I 459 -26.63 53.35 -0.91
N GLU I 460 -27.96 53.24 -0.87
CA GLU I 460 -28.76 53.83 0.21
C GLU I 460 -28.29 53.29 1.55
N VAL I 461 -28.15 51.98 1.68
CA VAL I 461 -27.77 51.41 2.97
C VAL I 461 -26.42 51.83 3.56
N TRP I 462 -25.39 51.93 2.72
CA TRP I 462 -24.04 52.21 3.24
C TRP I 462 -23.44 53.57 2.93
N LYS I 463 -24.26 54.47 2.41
CA LYS I 463 -23.81 55.79 2.09
C LYS I 463 -22.91 56.42 3.16
N GLU I 464 -23.26 56.30 4.42
CA GLU I 464 -22.43 56.95 5.41
C GLU I 464 -21.36 56.12 6.14
N ILE I 465 -21.05 54.92 5.67
CA ILE I 465 -20.08 54.12 6.40
C ILE I 465 -18.65 54.27 5.93
N LYS I 466 -17.79 54.71 6.86
CA LYS I 466 -16.36 54.93 6.60
C LYS I 466 -15.64 54.42 7.83
N PHE I 467 -14.38 54.04 7.69
CA PHE I 467 -13.62 53.56 8.86
C PHE I 467 -12.34 54.37 8.81
N GLU I 468 -12.26 55.39 9.65
CA GLU I 468 -11.09 56.26 9.67
C GLU I 468 -10.55 56.44 11.08
N PHE I 469 -9.35 55.92 11.34
CA PHE I 469 -8.72 56.05 12.65
C PHE I 469 -7.23 56.22 12.44
N PRO I 470 -6.51 56.72 13.44
CA PRO I 470 -5.08 56.85 13.18
C PRO I 470 -4.46 55.45 13.07
N ALA I 471 -3.41 55.29 12.25
CA ALA I 471 -2.75 53.98 12.08
C ALA I 471 -1.65 53.79 13.10
N MET I 472 -1.40 52.54 13.51
CA MET I 472 -0.36 52.20 14.50
C MET I 472 0.97 51.90 13.81
N ASP I 473 0.88 51.30 12.62
CA ASP I 473 2.04 50.89 11.84
C ASP I 473 2.18 51.83 10.63
N THR I 474 3.18 52.70 10.72
CA THR I 474 3.48 53.72 9.70
C THR I 474 4.94 53.57 9.32
N VAL I 475 5.31 54.11 8.16
CA VAL I 475 6.68 54.02 7.69
C VAL I 475 7.66 54.53 8.75
N MET J 1 -38.58 45.16 -3.52
CA MET J 1 -37.58 44.04 -3.51
C MET J 1 -37.76 43.36 -4.83
N GLN J 2 -36.73 43.39 -5.67
CA GLN J 2 -36.80 42.76 -6.99
C GLN J 2 -36.14 41.38 -6.89
N VAL J 3 -36.65 40.39 -7.63
CA VAL J 3 -36.08 39.06 -7.60
C VAL J 3 -35.19 38.91 -8.82
N TRP J 4 -33.92 38.54 -8.63
CA TRP J 4 -33.04 38.43 -9.79
C TRP J 4 -33.43 37.25 -10.68
N PRO J 5 -33.64 37.51 -11.98
CA PRO J 5 -34.03 36.52 -12.98
C PRO J 5 -33.18 35.27 -13.03
N ILE J 6 -33.83 34.23 -13.51
CA ILE J 6 -33.28 32.89 -13.61
C ILE J 6 -33.14 32.37 -15.04
N LEU J 7 -34.07 32.72 -15.92
CA LEU J 7 -34.06 32.22 -17.29
C LEU J 7 -33.42 33.19 -18.27
N ASN J 8 -32.79 32.65 -19.31
CA ASN J 8 -32.15 33.46 -20.31
C ASN J 8 -31.34 34.56 -19.70
N LEU J 9 -30.49 34.23 -18.74
CA LEU J 9 -29.65 35.28 -18.15
C LEU J 9 -28.16 34.88 -18.18
N LYS J 10 -27.74 34.26 -19.27
CA LYS J 10 -26.34 33.85 -19.40
C LYS J 10 -25.52 35.13 -19.45
N LYS J 11 -24.31 35.11 -18.92
CA LYS J 11 -23.48 36.29 -18.93
C LYS J 11 -22.16 35.97 -19.64
N TYR J 12 -21.35 37.00 -19.93
CA TYR J 12 -20.12 36.76 -20.71
C TYR J 12 -18.85 37.41 -20.18
N GLU J 13 -18.66 37.31 -18.88
CA GLU J 13 -17.50 37.87 -18.22
C GLU J 13 -17.43 39.37 -18.28
N THR J 14 -16.23 39.95 -18.23
CA THR J 14 -16.07 41.39 -18.16
C THR J 14 -16.92 42.29 -19.03
N LEU J 15 -17.63 43.21 -18.37
CA LEU J 15 -18.54 44.17 -19.01
C LEU J 15 -19.93 43.66 -19.36
N SER J 16 -20.21 42.36 -19.22
CA SER J 16 -21.55 41.91 -19.59
C SER J 16 -22.65 42.22 -18.59
N TYR J 17 -22.31 42.84 -17.47
CA TYR J 17 -23.36 43.21 -16.51
C TYR J 17 -23.80 44.67 -16.71
N LEU J 18 -23.13 45.36 -17.64
CA LEU J 18 -23.41 46.75 -17.95
C LEU J 18 -24.36 46.80 -19.12
N PRO J 19 -24.98 47.95 -19.35
CA PRO J 19 -25.89 48.05 -20.49
C PRO J 19 -25.06 47.79 -21.74
N PRO J 20 -25.69 47.33 -22.81
CA PRO J 20 -24.97 47.04 -24.05
C PRO J 20 -24.08 48.19 -24.46
N LEU J 21 -22.92 47.86 -25.00
CA LEU J 21 -21.98 48.87 -25.41
C LEU J 21 -22.40 49.55 -26.70
N THR J 22 -22.37 50.87 -26.74
CA THR J 22 -22.72 51.55 -27.98
C THR J 22 -21.42 51.41 -28.78
N THR J 23 -21.43 51.80 -30.04
CA THR J 23 -20.21 51.67 -30.82
C THR J 23 -19.13 52.62 -30.35
N ASP J 24 -19.51 53.70 -29.66
CA ASP J 24 -18.48 54.60 -29.18
C ASP J 24 -17.78 53.89 -28.02
N GLN J 25 -18.59 53.31 -27.15
CA GLN J 25 -18.03 52.63 -25.98
C GLN J 25 -17.11 51.53 -26.44
N LEU J 26 -17.55 50.75 -27.43
CA LEU J 26 -16.73 49.66 -27.93
C LEU J 26 -15.41 50.23 -28.39
N ALA J 27 -15.48 51.22 -29.27
CA ALA J 27 -14.25 51.85 -29.78
C ALA J 27 -13.35 52.30 -28.65
N ARG J 28 -13.94 52.78 -27.56
CA ARG J 28 -13.11 53.25 -26.46
C ARG J 28 -12.32 52.14 -25.78
N GLN J 29 -12.89 50.93 -25.68
CA GLN J 29 -12.18 49.81 -25.05
C GLN J 29 -11.01 49.38 -25.97
N VAL J 30 -11.22 49.43 -27.27
CA VAL J 30 -10.15 49.06 -28.20
C VAL J 30 -9.03 50.11 -28.07
N ASP J 31 -9.39 51.37 -27.83
CA ASP J 31 -8.35 52.39 -27.68
C ASP J 31 -7.53 52.10 -26.45
N TYR J 32 -8.23 51.71 -25.39
CA TYR J 32 -7.56 51.39 -24.13
C TYR J 32 -6.59 50.24 -24.37
N LEU J 33 -7.04 49.25 -25.13
CA LEU J 33 -6.23 48.10 -25.45
C LEU J 33 -4.96 48.57 -26.18
N LEU J 34 -5.13 49.32 -27.26
CA LEU J 34 -3.97 49.81 -28.02
C LEU J 34 -3.09 50.77 -27.24
N ASN J 35 -3.67 51.66 -26.44
CA ASN J 35 -2.87 52.60 -25.69
C ASN J 35 -1.95 51.90 -24.75
N ASN J 36 -2.33 50.70 -24.30
CA ASN J 36 -1.47 50.00 -23.36
C ASN J 36 -0.45 49.15 -24.07
N LYS J 37 -0.50 49.19 -25.39
CA LYS J 37 0.45 48.44 -26.20
C LYS J 37 0.24 46.93 -26.17
N TRP J 38 -1.00 46.50 -25.99
CA TRP J 38 -1.33 45.09 -25.98
C TRP J 38 -1.75 44.74 -27.40
N VAL J 39 -1.60 43.47 -27.80
CA VAL J 39 -1.93 43.02 -29.15
C VAL J 39 -3.36 42.57 -29.23
N PRO J 40 -4.17 43.14 -30.15
CA PRO J 40 -5.54 42.66 -30.18
C PRO J 40 -5.68 41.40 -31.00
N CYS J 41 -6.80 40.69 -30.83
CA CYS J 41 -7.07 39.47 -31.57
C CYS J 41 -8.55 39.22 -31.38
N LEU J 42 -9.17 38.56 -32.34
CA LEU J 42 -10.59 38.27 -32.25
C LEU J 42 -10.76 36.75 -32.21
N GLU J 43 -11.79 36.27 -31.52
CA GLU J 43 -12.06 34.83 -31.43
C GLU J 43 -13.55 34.66 -31.65
N PHE J 44 -13.98 33.55 -32.24
CA PHE J 44 -15.40 33.34 -32.47
C PHE J 44 -15.77 31.90 -32.15
N GLU J 45 -17.04 31.65 -31.88
CA GLU J 45 -17.50 30.31 -31.54
C GLU J 45 -18.96 30.20 -31.94
N THR J 46 -19.32 29.13 -32.62
CA THR J 46 -20.70 28.92 -33.06
C THR J 46 -21.37 27.80 -32.25
N ASP J 47 -20.63 26.75 -31.92
CA ASP J 47 -21.20 25.63 -31.21
C ASP J 47 -21.41 25.69 -29.72
N HIS J 48 -20.35 25.95 -28.95
CA HIS J 48 -20.47 26.00 -27.50
C HIS J 48 -20.16 27.36 -26.93
N GLY J 49 -21.16 28.23 -26.87
CA GLY J 49 -20.92 29.56 -26.35
C GLY J 49 -20.57 29.57 -24.88
N PHE J 50 -20.81 28.48 -24.16
CA PHE J 50 -20.51 28.49 -22.73
C PHE J 50 -19.73 27.28 -22.30
N VAL J 51 -19.02 27.47 -21.19
CA VAL J 51 -18.20 26.45 -20.59
C VAL J 51 -19.03 25.21 -20.22
N TYR J 52 -18.46 24.02 -20.32
CA TYR J 52 -19.17 22.80 -19.97
C TYR J 52 -18.14 21.73 -19.65
N ARG J 53 -18.55 20.55 -19.23
CA ARG J 53 -17.59 19.50 -18.90
C ARG J 53 -17.94 18.22 -19.57
N GLU J 54 -17.31 17.90 -20.66
CA GLU J 54 -17.63 16.67 -21.33
C GLU J 54 -16.53 15.65 -21.24
N HIS J 55 -15.27 16.08 -21.32
CA HIS J 55 -14.16 15.11 -21.34
C HIS J 55 -13.40 14.85 -20.07
N HIS J 56 -13.66 15.62 -19.02
CA HIS J 56 -12.95 15.38 -17.79
C HIS J 56 -13.61 16.18 -16.70
N ASN J 57 -13.42 15.78 -15.45
CA ASN J 57 -14.00 16.49 -14.33
C ASN J 57 -12.99 16.78 -13.23
N SER J 58 -11.70 16.68 -13.51
CA SER J 58 -10.70 16.91 -12.49
C SER J 58 -10.59 18.40 -12.23
N PRO J 59 -10.03 18.82 -11.09
CA PRO J 59 -9.94 20.25 -10.84
C PRO J 59 -9.25 21.08 -11.93
N GLY J 60 -9.89 22.19 -12.28
CA GLY J 60 -9.32 23.08 -13.27
C GLY J 60 -9.59 22.72 -14.71
N TYR J 61 -10.26 21.62 -14.98
CA TYR J 61 -10.54 21.24 -16.36
C TYR J 61 -11.97 21.60 -16.74
N TYR J 62 -12.15 22.27 -17.87
CA TYR J 62 -13.47 22.64 -18.36
C TYR J 62 -13.35 22.63 -19.86
N ASP J 63 -14.42 22.30 -20.56
CA ASP J 63 -14.42 22.33 -22.00
C ASP J 63 -15.08 23.64 -22.37
N GLY J 64 -14.82 24.17 -23.56
CA GLY J 64 -15.46 25.40 -23.97
C GLY J 64 -14.73 26.70 -23.68
N ARG J 65 -13.51 26.61 -23.17
CA ARG J 65 -12.71 27.80 -22.89
C ARG J 65 -12.01 28.29 -24.15
N TYR J 66 -11.57 27.37 -25.01
CA TYR J 66 -10.91 27.74 -26.25
C TYR J 66 -11.93 28.03 -27.32
N TRP J 67 -11.84 29.18 -27.96
CA TRP J 67 -12.74 29.50 -29.07
C TRP J 67 -11.83 29.43 -30.28
N THR J 68 -12.33 29.71 -31.47
CA THR J 68 -11.44 29.64 -32.60
C THR J 68 -10.94 31.01 -33.03
N MET J 69 -9.68 31.07 -33.44
CA MET J 69 -9.00 32.30 -33.79
C MET J 69 -9.40 32.89 -35.12
N TRP J 70 -9.69 34.18 -35.15
CA TRP J 70 -10.04 34.85 -36.40
C TRP J 70 -8.73 35.42 -36.96
N LYS J 71 -8.25 34.83 -38.05
CA LYS J 71 -7.00 35.27 -38.66
C LYS J 71 -5.80 35.10 -37.75
N LEU J 72 -5.16 36.17 -37.30
CA LEU J 72 -3.99 36.09 -36.42
C LEU J 72 -3.96 37.29 -35.49
N PRO J 73 -3.18 37.23 -34.40
CA PRO J 73 -3.15 38.41 -33.52
C PRO J 73 -2.63 39.55 -34.38
N MET J 74 -3.14 40.77 -34.19
CA MET J 74 -2.73 41.90 -35.02
C MET J 74 -1.50 42.60 -34.50
N PHE J 75 -0.36 41.92 -34.54
CA PHE J 75 0.90 42.50 -34.04
C PHE J 75 1.18 43.80 -34.72
N GLY J 76 1.72 44.76 -33.97
CA GLY J 76 2.01 46.07 -34.54
C GLY J 76 0.81 46.95 -34.89
N CYS J 77 -0.42 46.47 -34.70
CA CYS J 77 -1.59 47.28 -35.01
C CYS J 77 -1.54 48.49 -34.11
N THR J 78 -1.98 49.64 -34.61
CA THR J 78 -1.99 50.89 -33.82
C THR J 78 -3.25 51.69 -34.10
N ASP J 79 -4.04 51.26 -35.09
CA ASP J 79 -5.25 51.98 -35.43
C ASP J 79 -6.50 51.18 -35.07
N PRO J 80 -7.25 51.65 -34.09
CA PRO J 80 -8.48 50.98 -33.65
C PRO J 80 -9.45 50.72 -34.77
N ALA J 81 -9.30 51.43 -35.87
CA ALA J 81 -10.22 51.21 -36.97
C ALA J 81 -9.96 49.84 -37.57
N GLN J 82 -8.68 49.48 -37.60
CA GLN J 82 -8.24 48.21 -38.16
C GLN J 82 -8.95 47.05 -37.41
N VAL J 83 -9.02 47.18 -36.09
CA VAL J 83 -9.63 46.16 -35.23
C VAL J 83 -11.11 46.08 -35.48
N LEU J 84 -11.78 47.24 -35.45
CA LEU J 84 -13.24 47.32 -35.67
C LEU J 84 -13.62 46.87 -37.06
N ASN J 85 -12.66 46.96 -37.95
CA ASN J 85 -12.85 46.53 -39.30
C ASN J 85 -12.95 45.02 -39.33
N GLU J 86 -11.99 44.36 -38.66
CA GLU J 86 -12.01 42.91 -38.62
C GLU J 86 -13.29 42.45 -38.00
N LEU J 87 -13.73 43.14 -36.95
CA LEU J 87 -14.98 42.74 -36.29
C LEU J 87 -16.10 42.65 -37.29
N GLU J 88 -16.19 43.66 -38.16
CA GLU J 88 -17.26 43.67 -39.17
C GLU J 88 -17.12 42.52 -40.15
N GLU J 89 -15.89 42.28 -40.59
CA GLU J 89 -15.66 41.19 -41.55
C GLU J 89 -16.01 39.84 -40.94
N CYS J 90 -15.65 39.65 -39.67
CA CYS J 90 -15.96 38.40 -38.97
C CYS J 90 -17.46 38.26 -38.80
N LYS J 91 -18.11 39.32 -38.37
CA LYS J 91 -19.56 39.29 -38.18
C LYS J 91 -20.29 38.86 -39.42
N LYS J 92 -19.85 39.36 -40.56
CA LYS J 92 -20.55 39.02 -41.80
C LYS J 92 -20.27 37.61 -42.24
N GLU J 93 -19.12 37.07 -41.85
CA GLU J 93 -18.81 35.71 -42.23
C GLU J 93 -19.42 34.75 -41.24
N TYR J 94 -19.53 35.15 -39.97
CA TYR J 94 -20.08 34.30 -38.92
C TYR J 94 -21.17 35.00 -38.12
N PRO J 95 -22.26 35.36 -38.79
CA PRO J 95 -23.38 36.05 -38.14
C PRO J 95 -23.99 35.21 -37.04
N ASN J 96 -23.72 33.92 -37.06
CA ASN J 96 -24.27 33.01 -36.08
C ASN J 96 -23.31 32.72 -34.92
N ALA J 97 -22.23 33.48 -34.82
CA ALA J 97 -21.26 33.19 -33.77
C ALA J 97 -21.15 34.24 -32.70
N PHE J 98 -20.62 33.86 -31.54
CA PHE J 98 -20.38 34.84 -30.48
C PHE J 98 -18.97 35.25 -30.90
N ILE J 99 -18.60 36.51 -30.77
CA ILE J 99 -17.27 36.96 -31.17
C ILE J 99 -16.73 37.80 -30.03
N ARG J 100 -15.45 37.70 -29.72
CA ARG J 100 -14.91 38.50 -28.63
C ARG J 100 -13.57 39.04 -29.00
N ILE J 101 -13.19 40.15 -28.37
CA ILE J 101 -11.93 40.81 -28.64
C ILE J 101 -11.06 40.57 -27.42
N ILE J 102 -9.82 40.14 -27.61
CA ILE J 102 -8.91 39.90 -26.49
C ILE J 102 -7.65 40.69 -26.78
N GLY J 103 -6.82 40.94 -25.79
CA GLY J 103 -5.60 41.68 -26.01
C GLY J 103 -4.48 41.08 -25.21
N PHE J 104 -3.37 40.74 -25.85
CA PHE J 104 -2.26 40.11 -25.16
C PHE J 104 -1.21 41.04 -24.65
N ASP J 105 -0.63 40.72 -23.51
CA ASP J 105 0.47 41.48 -22.97
C ASP J 105 1.57 40.45 -23.16
N SER J 106 2.39 40.56 -24.19
CA SER J 106 3.43 39.57 -24.43
C SER J 106 4.48 39.50 -23.34
N ASN J 107 4.64 40.58 -22.62
CA ASN J 107 5.62 40.58 -21.57
C ASN J 107 5.26 39.64 -20.46
N ARG J 108 4.01 39.69 -19.98
CA ARG J 108 3.58 38.78 -18.91
C ARG J 108 2.92 37.55 -19.49
N GLU J 109 2.61 37.59 -20.78
CA GLU J 109 1.93 36.50 -21.46
C GLU J 109 0.64 36.19 -20.75
N VAL J 110 -0.18 37.21 -20.61
CA VAL J 110 -1.49 37.12 -19.97
C VAL J 110 -2.43 37.96 -20.81
N GLN J 111 -3.68 37.59 -20.92
CA GLN J 111 -4.62 38.39 -21.68
C GLN J 111 -5.10 39.49 -20.73
N CYS J 112 -4.82 40.74 -21.04
CA CYS J 112 -5.24 41.80 -20.13
C CYS J 112 -6.59 42.40 -20.46
N ILE J 113 -7.22 41.86 -21.50
CA ILE J 113 -8.49 42.37 -21.94
C ILE J 113 -9.22 41.23 -22.60
N SER J 114 -10.52 41.16 -22.37
CA SER J 114 -11.35 40.14 -23.01
C SER J 114 -12.81 40.52 -22.83
N PHE J 115 -13.53 40.80 -23.91
CA PHE J 115 -14.95 41.15 -23.77
C PHE J 115 -15.72 40.78 -25.01
N ILE J 116 -16.96 40.37 -24.84
CA ILE J 116 -17.80 39.95 -25.95
C ILE J 116 -18.11 41.16 -26.85
N ALA J 117 -17.95 41.03 -28.16
CA ALA J 117 -18.22 42.16 -29.04
C ALA J 117 -19.43 41.96 -29.92
N TYR J 118 -19.93 40.73 -30.03
CA TYR J 118 -21.10 40.46 -30.86
C TYR J 118 -21.72 39.14 -30.41
N LYS J 119 -23.05 39.08 -30.42
CA LYS J 119 -23.78 37.87 -29.99
C LYS J 119 -24.84 37.56 -31.02
N PRO J 120 -25.13 36.27 -31.25
CA PRO J 120 -26.16 35.95 -32.24
C PRO J 120 -27.52 36.32 -31.65
N ALA J 121 -28.52 36.47 -32.53
CA ALA J 121 -29.86 36.84 -32.08
C ALA J 121 -30.35 35.71 -31.24
N GLY J 122 -31.24 36.06 -30.32
CA GLY J 122 -31.78 35.05 -29.42
C GLY J 122 -30.98 35.19 -28.14
N TYR J 123 -29.82 35.86 -28.24
CA TYR J 123 -28.95 36.11 -27.08
C TYR J 123 -28.80 37.60 -26.87
N ALA K 9 -39.25 35.75 18.15
CA ALA K 9 -39.64 35.08 16.85
C ALA K 9 -39.21 36.00 15.69
N SER K 10 -38.43 35.42 14.78
CA SER K 10 -37.90 36.09 13.59
C SER K 10 -38.22 37.59 13.58
N VAL K 11 -37.53 38.38 14.39
CA VAL K 11 -37.80 39.82 14.31
C VAL K 11 -37.41 40.11 12.85
N GLY K 12 -37.97 41.15 12.22
CA GLY K 12 -37.59 41.43 10.84
C GLY K 12 -36.10 41.65 10.60
N PHE K 13 -35.72 41.75 9.32
CA PHE K 13 -34.33 42.00 8.91
C PHE K 13 -34.33 43.44 8.46
N LYS K 14 -33.33 44.19 8.90
CA LYS K 14 -33.25 45.59 8.54
C LYS K 14 -31.78 45.80 8.22
N ALA K 15 -31.48 46.06 6.97
CA ALA K 15 -30.11 46.26 6.55
C ALA K 15 -29.49 47.45 7.25
N GLY K 16 -28.17 47.52 7.30
CA GLY K 16 -27.57 48.68 7.92
C GLY K 16 -26.62 48.28 9.02
N VAL K 17 -25.69 49.17 9.36
CA VAL K 17 -24.74 48.84 10.38
C VAL K 17 -25.22 49.36 11.72
N LYS K 18 -25.04 48.57 12.77
CA LYS K 18 -25.43 49.02 14.09
C LYS K 18 -24.34 48.65 15.07
N ASP K 19 -24.36 49.25 16.25
CA ASP K 19 -23.32 49.01 17.24
C ASP K 19 -23.19 47.57 17.63
N TYR K 20 -21.96 47.12 17.82
CA TYR K 20 -21.73 45.74 18.22
C TYR K 20 -22.29 45.53 19.62
N LYS K 21 -22.25 46.55 20.46
CA LYS K 21 -22.73 46.39 21.83
C LYS K 21 -24.18 45.98 21.96
N LEU K 22 -24.99 46.29 20.95
CA LEU K 22 -26.39 45.90 21.01
C LEU K 22 -26.56 44.41 21.09
N THR K 23 -25.67 43.65 20.48
CA THR K 23 -25.80 42.19 20.46
C THR K 23 -24.73 41.42 21.22
N TYR K 24 -23.53 42.00 21.29
CA TYR K 24 -22.40 41.33 21.88
C TYR K 24 -21.89 41.75 23.24
N TYR K 25 -22.50 42.74 23.87
CA TYR K 25 -22.09 43.15 25.23
C TYR K 25 -23.26 42.59 26.03
N THR K 26 -22.98 41.66 26.91
CA THR K 26 -24.00 40.94 27.67
C THR K 26 -23.50 40.80 29.10
N PRO K 27 -23.49 41.90 29.86
CA PRO K 27 -23.00 41.92 31.24
C PRO K 27 -23.76 41.09 32.23
N GLU K 28 -24.96 40.66 31.85
CA GLU K 28 -25.76 39.84 32.77
C GLU K 28 -25.51 38.35 32.61
N TYR K 29 -24.81 37.95 31.54
CA TYR K 29 -24.53 36.55 31.26
C TYR K 29 -23.81 35.79 32.34
N GLU K 30 -24.28 34.58 32.63
CA GLU K 30 -23.66 33.68 33.59
C GLU K 30 -22.93 32.68 32.68
N THR K 31 -21.64 32.49 32.86
CA THR K 31 -20.90 31.61 31.98
C THR K 31 -21.26 30.17 32.26
N LEU K 32 -21.27 29.33 31.22
CA LEU K 32 -21.57 27.91 31.33
C LEU K 32 -20.27 27.15 31.55
N ASP K 33 -20.34 25.95 32.10
CA ASP K 33 -19.12 25.19 32.32
C ASP K 33 -18.50 24.63 31.07
N THR K 34 -19.20 24.77 29.95
CA THR K 34 -18.69 24.29 28.68
C THR K 34 -18.16 25.42 27.81
N ASP K 35 -18.25 26.66 28.28
CA ASP K 35 -17.79 27.84 27.56
C ASP K 35 -16.28 27.99 27.59
N ILE K 36 -15.68 28.47 26.50
CA ILE K 36 -14.25 28.76 26.47
C ILE K 36 -14.29 30.23 26.87
N LEU K 37 -13.57 30.62 27.91
CA LEU K 37 -13.57 32.02 28.36
C LEU K 37 -12.24 32.66 28.02
N ALA K 38 -12.25 33.94 27.69
CA ALA K 38 -11.04 34.65 27.32
C ALA K 38 -10.90 35.96 28.06
N ALA K 39 -9.69 36.30 28.49
CA ALA K 39 -9.41 37.56 29.15
C ALA K 39 -8.51 38.39 28.24
N PHE K 40 -9.07 39.42 27.62
CA PHE K 40 -8.33 40.31 26.72
C PHE K 40 -7.97 41.63 27.42
N ARG K 41 -6.77 42.14 27.22
CA ARG K 41 -6.37 43.43 27.75
C ARG K 41 -6.56 44.38 26.57
N VAL K 42 -7.65 45.14 26.55
CA VAL K 42 -7.99 46.03 25.44
C VAL K 42 -7.60 47.49 25.65
N SER K 43 -7.01 48.14 24.64
CA SER K 43 -6.63 49.55 24.66
C SER K 43 -7.38 50.19 23.48
N PRO K 44 -8.57 50.77 23.72
CA PRO K 44 -9.33 51.37 22.62
C PRO K 44 -8.78 52.68 22.09
N GLN K 45 -9.16 53.02 20.86
CA GLN K 45 -8.73 54.29 20.28
C GLN K 45 -9.60 55.33 20.98
N PRO K 46 -9.15 56.58 20.98
CA PRO K 46 -9.93 57.64 21.61
C PRO K 46 -11.30 57.69 20.95
N GLY K 47 -12.35 57.85 21.76
CA GLY K 47 -13.68 57.94 21.16
C GLY K 47 -14.43 56.63 21.01
N VAL K 48 -13.75 55.50 21.26
CA VAL K 48 -14.37 54.18 21.18
C VAL K 48 -14.47 53.74 22.62
N PRO K 49 -15.69 53.56 23.12
CA PRO K 49 -15.91 53.14 24.51
C PRO K 49 -15.64 51.67 24.79
N PRO K 50 -15.19 51.37 26.01
CA PRO K 50 -14.90 49.98 26.39
C PRO K 50 -15.94 48.96 25.90
N GLU K 51 -17.22 49.18 26.21
CA GLU K 51 -18.25 48.24 25.83
C GLU K 51 -18.28 47.93 24.35
N GLU K 52 -18.03 48.93 23.54
CA GLU K 52 -18.07 48.69 22.10
C GLU K 52 -16.78 48.01 21.67
N ALA K 53 -15.66 48.42 22.26
CA ALA K 53 -14.40 47.80 21.93
C ALA K 53 -14.53 46.32 22.27
N GLY K 54 -14.94 46.00 23.50
CA GLY K 54 -15.09 44.61 23.87
C GLY K 54 -16.12 43.85 23.02
N ALA K 55 -17.25 44.46 22.75
CA ALA K 55 -18.27 43.82 21.95
C ALA K 55 -17.73 43.54 20.56
N ALA K 56 -16.88 44.44 20.04
CA ALA K 56 -16.34 44.23 18.71
C ALA K 56 -15.37 43.05 18.65
N VAL K 57 -14.62 42.84 19.74
CA VAL K 57 -13.70 41.71 19.86
C VAL K 57 -14.52 40.43 19.91
N ALA K 58 -15.54 40.41 20.75
CA ALA K 58 -16.39 39.24 20.87
C ALA K 58 -17.12 38.96 19.58
N ALA K 59 -17.50 39.99 18.85
CA ALA K 59 -18.25 39.81 17.60
C ALA K 59 -17.47 39.17 16.44
N GLU K 60 -16.36 39.78 16.07
CA GLU K 60 -15.57 39.27 14.95
C GLU K 60 -14.82 37.96 15.26
N SER K 61 -14.74 37.57 16.53
CA SER K 61 -14.04 36.35 16.84
C SER K 61 -15.03 35.20 16.98
N SER K 62 -16.28 35.45 16.62
CA SER K 62 -17.25 34.39 16.72
C SER K 62 -18.25 34.36 15.59
N THR K 63 -19.31 35.14 15.66
CA THR K 63 -20.33 35.06 14.63
C THR K 63 -20.68 36.29 13.83
N GLY K 64 -20.25 37.47 14.26
CA GLY K 64 -20.70 38.64 13.54
C GLY K 64 -19.82 39.37 12.57
N THR K 65 -20.40 40.28 11.80
CA THR K 65 -19.61 41.07 10.87
C THR K 65 -19.94 42.57 11.03
N TRP K 66 -19.41 43.41 10.15
CA TRP K 66 -19.59 44.86 10.27
C TRP K 66 -20.96 45.46 9.95
N THR K 67 -21.88 44.71 9.35
CA THR K 67 -23.21 45.23 9.02
C THR K 67 -24.20 44.11 9.18
N THR K 68 -25.50 44.41 9.36
CA THR K 68 -26.50 43.35 9.57
C THR K 68 -26.73 42.48 8.33
N VAL K 69 -26.69 41.17 8.52
CA VAL K 69 -26.90 40.23 7.41
C VAL K 69 -28.19 39.47 7.66
N TRP K 70 -28.94 39.14 6.63
CA TRP K 70 -30.20 38.44 6.85
C TRP K 70 -30.11 37.00 7.32
N THR K 71 -29.00 36.35 7.04
CA THR K 71 -28.84 34.96 7.39
C THR K 71 -28.83 34.68 8.87
N ASP K 72 -28.61 35.69 9.70
CA ASP K 72 -28.61 35.45 11.14
C ASP K 72 -29.92 34.81 11.54
N GLY K 73 -30.97 35.12 10.80
CA GLY K 73 -32.27 34.58 11.11
C GLY K 73 -32.49 33.13 10.82
N LEU K 74 -31.59 32.50 10.05
CA LEU K 74 -31.74 31.09 9.74
C LEU K 74 -31.26 30.25 10.91
N THR K 75 -30.54 30.85 11.86
CA THR K 75 -30.05 30.13 13.06
C THR K 75 -30.55 30.80 14.32
N ASN K 76 -29.98 30.38 15.44
CA ASN K 76 -30.32 30.89 16.75
C ASN K 76 -29.02 31.49 17.23
N LEU K 77 -28.77 32.73 16.84
CA LEU K 77 -27.54 33.41 17.20
C LEU K 77 -27.28 33.46 18.67
N ASP K 78 -28.34 33.50 19.46
CA ASP K 78 -28.18 33.56 20.91
C ASP K 78 -27.36 32.41 21.41
N ARG K 79 -27.41 31.28 20.70
CA ARG K 79 -26.62 30.17 21.21
C ARG K 79 -25.24 30.02 20.67
N TYR K 80 -24.89 30.78 19.63
CA TYR K 80 -23.57 30.67 19.03
C TYR K 80 -22.69 31.87 19.24
N LYS K 81 -23.29 33.03 19.46
CA LYS K 81 -22.51 34.25 19.60
C LYS K 81 -21.56 34.28 20.78
N GLY K 82 -20.40 34.87 20.56
CA GLY K 82 -19.44 35.03 21.64
C GLY K 82 -19.94 36.28 22.32
N ARG K 83 -19.65 36.48 23.58
CA ARG K 83 -20.18 37.65 24.23
C ARG K 83 -19.31 38.22 25.30
N CYS K 84 -19.19 39.55 25.30
CA CYS K 84 -18.40 40.26 26.29
C CYS K 84 -19.28 40.39 27.51
N TYR K 85 -18.97 39.64 28.54
CA TYR K 85 -19.79 39.62 29.73
C TYR K 85 -19.25 40.37 30.94
N HIS K 86 -18.08 40.97 30.84
CA HIS K 86 -17.58 41.67 32.00
C HIS K 86 -16.42 42.53 31.59
N ILE K 87 -16.31 43.74 32.13
CA ILE K 87 -15.22 44.63 31.78
C ILE K 87 -14.64 45.15 33.05
N GLU K 88 -13.33 45.16 33.19
CA GLU K 88 -12.78 45.67 34.42
C GLU K 88 -11.64 46.59 34.02
N PRO K 89 -11.63 47.84 34.52
CA PRO K 89 -10.57 48.77 34.17
C PRO K 89 -9.24 48.37 34.77
N VAL K 90 -8.16 48.67 34.05
CA VAL K 90 -6.81 48.34 34.48
C VAL K 90 -6.23 49.43 35.37
N ALA K 91 -5.86 49.03 36.58
CA ALA K 91 -5.35 49.95 37.56
C ALA K 91 -4.10 50.66 37.14
N GLY K 92 -4.12 51.98 37.23
CA GLY K 92 -2.90 52.70 36.90
C GLY K 92 -2.72 52.91 35.44
N GLU K 93 -3.64 52.43 34.65
CA GLU K 93 -3.50 52.66 33.25
C GLU K 93 -4.70 53.44 32.89
N GLU K 94 -4.55 54.21 31.85
CA GLU K 94 -5.60 55.08 31.36
C GLU K 94 -6.11 54.45 30.07
N ASN K 95 -7.42 54.38 29.92
CA ASN K 95 -7.92 53.81 28.70
C ASN K 95 -7.43 52.39 28.35
N GLN K 96 -7.38 51.52 29.36
CA GLN K 96 -7.00 50.12 29.18
C GLN K 96 -7.95 49.32 30.07
N TYR K 97 -8.54 48.25 29.54
CA TYR K 97 -9.48 47.43 30.32
C TYR K 97 -9.19 45.96 30.10
N ILE K 98 -9.73 45.10 30.96
CA ILE K 98 -9.60 43.66 30.78
C ILE K 98 -11.04 43.31 30.44
N CYS K 99 -11.32 42.89 29.22
CA CYS K 99 -12.67 42.49 28.81
C CYS K 99 -12.70 40.96 28.79
N TYR K 100 -13.72 40.38 29.39
CA TYR K 100 -13.85 38.93 29.45
C TYR K 100 -14.85 38.50 28.39
N VAL K 101 -14.49 37.53 27.56
CA VAL K 101 -15.40 37.04 26.51
C VAL K 101 -15.64 35.55 26.67
N ALA K 102 -16.87 35.11 26.46
CA ALA K 102 -17.24 33.71 26.58
C ALA K 102 -17.64 33.22 25.21
N TYR K 103 -17.15 32.05 24.82
CA TYR K 103 -17.43 31.44 23.52
C TYR K 103 -18.04 30.08 23.79
N PRO K 104 -19.21 29.79 23.22
CA PRO K 104 -19.87 28.51 23.40
C PRO K 104 -19.10 27.33 22.83
N LEU K 105 -19.21 26.17 23.44
CA LEU K 105 -18.47 24.99 22.99
C LEU K 105 -18.67 24.59 21.55
N ASP K 106 -19.84 24.88 20.98
CA ASP K 106 -20.12 24.48 19.60
C ASP K 106 -19.34 25.21 18.54
N LEU K 107 -18.55 26.20 18.91
CA LEU K 107 -17.82 26.94 17.90
C LEU K 107 -16.48 26.33 17.55
N PHE K 108 -16.04 25.35 18.31
CA PHE K 108 -14.72 24.76 18.08
C PHE K 108 -14.67 23.34 17.54
N GLU K 109 -13.69 23.06 16.69
CA GLU K 109 -13.53 21.72 16.18
C GLU K 109 -12.80 20.98 17.27
N GLU K 110 -13.26 19.77 17.55
CA GLU K 110 -12.70 18.94 18.58
C GLU K 110 -11.26 18.63 18.27
N GLY K 111 -10.38 18.71 19.25
CA GLY K 111 -8.98 18.36 19.05
C GLY K 111 -8.07 19.19 18.17
N SER K 112 -8.53 20.37 17.81
CA SER K 112 -7.80 21.27 16.94
C SER K 112 -7.39 22.60 17.57
N VAL K 113 -6.19 22.70 18.10
CA VAL K 113 -5.72 23.94 18.67
C VAL K 113 -5.70 24.98 17.56
N THR K 114 -5.50 24.56 16.32
CA THR K 114 -5.49 25.45 15.17
C THR K 114 -6.83 26.17 15.01
N ASN K 115 -7.93 25.47 15.24
CA ASN K 115 -9.22 26.10 15.11
C ASN K 115 -9.52 27.01 16.28
N MET K 116 -9.14 26.62 17.50
CA MET K 116 -9.38 27.49 18.64
C MET K 116 -8.74 28.85 18.39
N PHE K 117 -7.47 28.88 18.01
CA PHE K 117 -6.79 30.15 17.74
C PHE K 117 -7.33 30.89 16.54
N THR K 118 -7.77 30.22 15.49
CA THR K 118 -8.28 30.95 14.35
C THR K 118 -9.49 31.81 14.67
N SER K 119 -10.32 31.40 15.62
CA SER K 119 -11.47 32.19 16.02
C SER K 119 -11.10 33.28 17.02
N ILE K 120 -10.58 32.90 18.18
CA ILE K 120 -10.25 33.82 19.25
C ILE K 120 -9.17 34.84 18.96
N VAL K 121 -8.24 34.53 18.06
CA VAL K 121 -7.09 35.38 17.79
C VAL K 121 -6.90 35.69 16.29
N GLY K 122 -7.88 35.31 15.48
CA GLY K 122 -7.76 35.49 14.06
C GLY K 122 -7.70 36.86 13.47
N ASN K 123 -8.68 37.72 13.75
CA ASN K 123 -8.69 39.04 13.17
C ASN K 123 -8.78 40.22 14.08
N VAL K 124 -9.29 40.03 15.30
CA VAL K 124 -9.49 41.12 16.23
C VAL K 124 -8.31 42.02 16.60
N PHE K 125 -7.08 41.51 16.55
CA PHE K 125 -5.94 42.33 16.91
C PHE K 125 -5.64 43.39 15.88
N GLY K 126 -6.32 43.37 14.74
CA GLY K 126 -6.03 44.34 13.70
C GLY K 126 -7.11 45.37 13.46
N PHE K 127 -8.13 45.39 14.31
CA PHE K 127 -9.23 46.34 14.19
C PHE K 127 -8.69 47.77 14.22
N LYS K 128 -9.18 48.63 13.33
CA LYS K 128 -8.74 50.03 13.32
C LYS K 128 -9.15 50.73 14.60
N ALA K 129 -10.26 50.31 15.18
CA ALA K 129 -10.78 50.89 16.40
C ALA K 129 -10.06 50.56 17.69
N LEU K 130 -9.02 49.74 17.65
CA LEU K 130 -8.27 49.39 18.85
C LEU K 130 -6.85 49.86 18.65
N ARG K 131 -6.13 50.20 19.72
CA ARG K 131 -4.73 50.64 19.62
C ARG K 131 -3.82 49.45 19.83
N ALA K 132 -4.20 48.59 20.75
CA ALA K 132 -3.42 47.42 21.07
C ALA K 132 -4.39 46.43 21.68
N LEU K 133 -4.04 45.14 21.68
CA LEU K 133 -4.90 44.10 22.23
C LEU K 133 -4.00 42.98 22.70
N ARG K 134 -4.26 42.37 23.86
CA ARG K 134 -3.43 41.28 24.32
C ARG K 134 -4.28 40.18 24.94
N LEU K 135 -4.08 38.93 24.57
CA LEU K 135 -4.83 37.84 25.15
C LEU K 135 -4.02 37.40 26.36
N GLU K 136 -4.60 37.46 27.54
CA GLU K 136 -3.88 37.10 28.75
C GLU K 136 -4.10 35.68 29.21
N ASP K 137 -5.31 35.17 29.05
CA ASP K 137 -5.58 33.82 29.49
C ASP K 137 -6.83 33.25 28.86
N LEU K 138 -6.97 31.93 28.90
CA LEU K 138 -8.12 31.22 28.35
C LEU K 138 -8.52 30.17 29.36
N ARG K 139 -9.82 29.99 29.59
CA ARG K 139 -10.28 28.94 30.49
C ARG K 139 -10.77 27.88 29.53
N ILE K 140 -10.05 26.76 29.42
CA ILE K 140 -10.46 25.69 28.52
C ILE K 140 -11.29 24.76 29.35
N PRO K 141 -12.57 24.61 29.02
CA PRO K 141 -13.55 23.77 29.69
C PRO K 141 -13.21 22.31 29.63
N VAL K 142 -13.48 21.55 30.69
CA VAL K 142 -13.11 20.14 30.66
C VAL K 142 -13.75 19.35 29.54
N ALA K 143 -14.92 19.74 29.06
CA ALA K 143 -15.54 19.03 27.97
C ALA K 143 -14.75 19.18 26.66
N TYR K 144 -14.01 20.28 26.53
CA TYR K 144 -13.18 20.49 25.34
C TYR K 144 -11.82 19.86 25.55
N VAL K 145 -11.31 19.84 26.77
CA VAL K 145 -10.01 19.25 27.07
C VAL K 145 -9.96 17.76 26.71
N LYS K 146 -11.06 17.04 26.87
CA LYS K 146 -11.15 15.61 26.59
C LYS K 146 -11.11 15.24 25.12
N THR K 147 -11.27 16.21 24.24
CA THR K 147 -11.21 15.93 22.83
C THR K 147 -9.76 15.99 22.33
N PHE K 148 -8.79 16.13 23.23
CA PHE K 148 -7.38 16.22 22.86
C PHE K 148 -6.61 15.06 23.44
N GLN K 149 -5.52 14.68 22.80
CA GLN K 149 -4.74 13.60 23.33
C GLN K 149 -3.85 14.12 24.45
N GLY K 150 -3.31 15.31 24.29
CA GLY K 150 -2.44 15.86 25.32
C GLY K 150 -1.05 15.32 25.12
N PRO K 151 -0.20 15.43 26.12
CA PRO K 151 1.17 14.93 25.98
C PRO K 151 1.26 13.47 25.54
N PRO K 152 2.24 13.12 24.70
CA PRO K 152 2.31 11.72 24.32
C PRO K 152 2.55 10.81 25.53
N HIS K 153 3.25 11.29 26.55
CA HIS K 153 3.55 10.49 27.73
C HIS K 153 3.33 11.23 29.05
N GLY K 154 3.99 12.35 29.24
CA GLY K 154 3.83 13.12 30.46
C GLY K 154 4.88 12.78 31.50
N ILE K 155 4.96 13.60 32.55
CA ILE K 155 5.93 13.43 33.62
C ILE K 155 6.07 12.05 34.24
N GLN K 156 4.99 11.46 34.73
CA GLN K 156 5.06 10.16 35.37
C GLN K 156 5.61 9.10 34.45
N VAL K 157 5.02 8.96 33.28
CA VAL K 157 5.47 7.95 32.35
C VAL K 157 6.91 8.15 31.92
N GLU K 158 7.32 9.39 31.70
CA GLU K 158 8.68 9.65 31.29
C GLU K 158 9.70 9.24 32.33
N ARG K 159 9.45 9.53 33.60
CA ARG K 159 10.39 9.15 34.64
C ARG K 159 10.44 7.64 34.73
N ASP K 160 9.30 7.00 34.56
CA ASP K 160 9.20 5.54 34.60
C ASP K 160 9.96 4.81 33.49
N LYS K 161 9.94 5.39 32.30
CA LYS K 161 10.65 4.82 31.17
C LYS K 161 12.15 5.01 31.25
N LEU K 162 12.58 6.20 31.67
CA LEU K 162 14.00 6.50 31.78
C LEU K 162 14.60 6.02 33.09
N ASN K 163 13.76 5.67 34.06
CA ASN K 163 14.19 5.18 35.37
C ASN K 163 14.90 6.30 36.15
N LYS K 164 14.36 7.51 36.09
CA LYS K 164 14.96 8.68 36.74
C LYS K 164 13.99 9.31 37.73
N TYR K 165 14.39 9.33 39.00
CA TYR K 165 13.56 9.85 40.06
C TYR K 165 14.34 10.64 41.07
N GLY K 166 13.67 11.57 41.74
CA GLY K 166 14.34 12.31 42.80
C GLY K 166 15.20 13.50 42.54
N ARG K 167 15.19 14.06 41.34
CA ARG K 167 16.03 15.21 41.06
C ARG K 167 15.68 15.72 39.69
N PRO K 168 16.00 16.98 39.39
CA PRO K 168 15.69 17.49 38.06
C PRO K 168 16.52 16.71 37.03
N LEU K 169 16.17 16.77 35.76
CA LEU K 169 16.92 16.07 34.74
C LEU K 169 17.90 17.09 34.16
N LEU K 170 19.10 16.66 33.77
CA LEU K 170 20.12 17.55 33.23
C LEU K 170 20.32 17.36 31.75
N GLY K 171 20.39 18.42 30.98
CA GLY K 171 20.60 18.29 29.55
C GLY K 171 21.62 19.29 29.04
N CYS K 172 21.97 19.26 27.75
CA CYS K 172 22.97 20.19 27.23
C CYS K 172 22.83 20.41 25.75
N THR K 173 22.84 21.64 25.26
CA THR K 173 22.71 21.93 23.83
C THR K 173 24.09 22.01 23.20
N ILE K 174 24.34 21.25 22.14
CA ILE K 174 25.65 21.25 21.48
C ILE K 174 25.87 22.59 20.81
N LYS K 175 27.11 23.09 20.82
CA LYS K 175 27.44 24.40 20.24
C LYS K 175 28.69 24.27 19.39
N PRO K 176 28.91 25.16 18.41
CA PRO K 176 28.10 26.31 17.99
C PRO K 176 26.78 25.82 17.44
N LYS K 177 25.78 26.68 17.47
CA LYS K 177 24.46 26.32 16.97
C LYS K 177 24.50 25.60 15.64
N LEU K 178 25.13 26.22 14.65
CA LEU K 178 25.24 25.67 13.31
C LEU K 178 26.69 25.63 12.94
N GLY K 179 27.07 24.77 12.02
CA GLY K 179 28.45 24.73 11.61
C GLY K 179 29.22 23.46 11.91
N LEU K 180 28.82 22.67 12.89
CA LEU K 180 29.54 21.45 13.17
C LEU K 180 29.16 20.36 12.16
N SER K 181 30.07 19.41 11.89
CA SER K 181 29.78 18.32 10.98
C SER K 181 29.12 17.22 11.79
N ALA K 182 28.58 16.21 11.12
CA ALA K 182 27.91 15.11 11.82
C ALA K 182 28.83 14.29 12.72
N LYS K 183 30.05 13.97 12.29
CA LYS K 183 30.92 13.21 13.18
C LYS K 183 31.32 14.06 14.38
N ASN K 184 31.53 15.36 14.19
CA ASN K 184 31.91 16.22 15.31
C ASN K 184 30.76 16.41 16.28
N TYR K 185 29.54 16.43 15.78
CA TYR K 185 28.38 16.56 16.65
C TYR K 185 28.34 15.33 17.57
N GLY K 186 28.46 14.14 17.00
CA GLY K 186 28.45 12.94 17.82
C GLY K 186 29.57 12.85 18.83
N ARG K 187 30.74 13.39 18.51
CA ARG K 187 31.88 13.37 19.41
C ARG K 187 31.62 14.24 20.63
N ALA K 188 31.01 15.40 20.39
CA ALA K 188 30.69 16.31 21.47
C ALA K 188 29.58 15.73 22.33
N VAL K 189 28.69 14.94 21.74
CA VAL K 189 27.56 14.29 22.42
C VAL K 189 28.03 13.19 23.34
N TYR K 190 28.91 12.34 22.85
CA TYR K 190 29.41 11.26 23.67
C TYR K 190 30.12 11.81 24.90
N GLU K 191 30.96 12.83 24.72
CA GLU K 191 31.69 13.41 25.85
C GLU K 191 30.79 14.06 26.89
N CYS K 192 29.75 14.77 26.49
CA CYS K 192 28.84 15.38 27.47
C CYS K 192 28.07 14.30 28.25
N LEU K 193 27.57 13.31 27.53
CA LEU K 193 26.79 12.26 28.16
C LEU K 193 27.58 11.42 29.14
N ARG K 194 28.82 11.08 28.84
CA ARG K 194 29.56 10.25 29.77
C ARG K 194 29.92 10.95 31.06
N GLY K 195 29.79 12.27 31.09
CA GLY K 195 30.12 13.02 32.29
C GLY K 195 28.98 13.13 33.28
N GLY K 196 27.81 12.62 32.97
CA GLY K 196 26.73 12.69 33.93
C GLY K 196 25.47 13.41 33.51
N LEU K 197 25.42 14.00 32.33
CA LEU K 197 24.21 14.68 31.90
C LEU K 197 23.28 13.60 31.38
N ASP K 198 21.97 13.78 31.53
CA ASP K 198 21.01 12.78 31.07
C ASP K 198 20.75 12.89 29.58
N PHE K 199 20.68 14.12 29.06
CA PHE K 199 20.40 14.39 27.65
C PHE K 199 21.32 15.42 27.02
N THR K 200 21.47 15.33 25.70
CA THR K 200 22.18 16.35 24.90
C THR K 200 21.12 16.64 23.85
N LYS K 201 21.22 17.73 23.11
CA LYS K 201 20.19 18.02 22.13
C LYS K 201 20.64 18.80 20.94
N ASP K 202 19.90 18.68 19.86
CA ASP K 202 20.19 19.44 18.67
C ASP K 202 19.75 20.83 19.08
N ASP K 203 20.34 21.88 18.55
CA ASP K 203 19.87 23.21 18.90
C ASP K 203 18.61 23.35 18.06
N GLU K 204 17.74 24.30 18.36
CA GLU K 204 16.49 24.43 17.63
C GLU K 204 16.55 24.64 16.16
N ASN K 205 17.63 25.22 15.67
CA ASN K 205 17.75 25.49 14.25
C ASN K 205 18.55 24.46 13.46
N VAL K 206 18.98 23.41 14.13
CA VAL K 206 19.70 22.34 13.48
C VAL K 206 18.65 21.39 12.92
N ASN K 207 18.45 21.41 11.59
CA ASN K 207 17.49 20.53 10.94
C ASN K 207 18.31 19.69 9.97
N SER K 208 18.43 20.12 8.73
CA SER K 208 19.25 19.44 7.73
C SER K 208 19.80 20.58 6.92
N GLN K 209 21.11 20.72 6.87
CA GLN K 209 21.74 21.81 6.16
C GLN K 209 23.01 21.37 5.46
N PRO K 210 23.51 22.17 4.50
CA PRO K 210 24.72 21.78 3.80
C PRO K 210 25.87 21.27 4.68
N PHE K 211 26.08 21.87 5.84
CA PHE K 211 27.19 21.43 6.69
C PHE K 211 26.98 20.12 7.42
N MET K 212 25.73 19.72 7.59
CA MET K 212 25.42 18.51 8.32
C MET K 212 24.01 18.11 7.94
N ARG K 213 23.86 16.98 7.25
CA ARG K 213 22.54 16.51 6.84
C ARG K 213 21.93 15.70 7.96
N TRP K 214 20.62 15.75 8.11
CA TRP K 214 19.97 15.07 9.22
C TRP K 214 20.26 13.60 9.43
N ARG K 215 20.18 12.79 8.39
CA ARG K 215 20.40 11.37 8.56
C ARG K 215 21.80 11.03 9.05
N ASP K 216 22.81 11.77 8.63
CA ASP K 216 24.16 11.52 9.10
C ASP K 216 24.23 11.91 10.57
N ARG K 217 23.54 12.98 10.96
CA ARG K 217 23.56 13.39 12.35
C ARG K 217 22.90 12.38 13.26
N PHE K 218 21.67 11.96 12.92
CA PHE K 218 20.93 10.98 13.69
C PHE K 218 21.75 9.70 13.91
N LEU K 219 22.40 9.25 12.86
CA LEU K 219 23.21 8.06 12.92
C LEU K 219 24.42 8.13 13.84
N PHE K 220 25.21 9.20 13.74
CA PHE K 220 26.37 9.41 14.59
C PHE K 220 25.98 9.69 16.02
N CYS K 221 24.88 10.40 16.24
CA CYS K 221 24.44 10.67 17.60
C CYS K 221 23.95 9.39 18.26
N ALA K 222 23.40 8.45 17.50
CA ALA K 222 22.98 7.22 18.08
C ALA K 222 24.19 6.43 18.56
N GLU K 223 25.25 6.38 17.76
CA GLU K 223 26.45 5.66 18.17
C GLU K 223 27.00 6.28 19.43
N ALA K 224 27.09 7.61 19.46
CA ALA K 224 27.60 8.30 20.63
C ALA K 224 26.75 8.08 21.87
N LEU K 225 25.43 8.23 21.77
CA LEU K 225 24.61 8.04 22.96
C LEU K 225 24.68 6.61 23.50
N TYR K 226 24.74 5.63 22.62
CA TYR K 226 24.82 4.24 23.07
C TYR K 226 26.15 3.96 23.74
N LYS K 227 27.20 4.66 23.34
CA LYS K 227 28.50 4.45 23.95
C LYS K 227 28.53 5.03 25.36
N ALA K 228 28.02 6.24 25.52
CA ALA K 228 27.98 6.85 26.83
C ALA K 228 27.09 6.03 27.77
N GLN K 229 26.00 5.46 27.25
CA GLN K 229 25.11 4.67 28.10
C GLN K 229 25.80 3.42 28.58
N ALA K 230 26.60 2.78 27.75
CA ALA K 230 27.28 1.57 28.15
C ALA K 230 28.37 1.87 29.17
N GLU K 231 28.99 3.04 29.06
CA GLU K 231 30.05 3.42 29.96
C GLU K 231 29.56 3.77 31.34
N THR K 232 28.44 4.46 31.42
CA THR K 232 27.92 4.91 32.71
C THR K 232 26.89 4.07 33.43
N GLY K 233 26.08 3.34 32.70
CA GLY K 233 25.07 2.53 33.35
C GLY K 233 23.78 3.29 33.60
N GLU K 234 23.68 4.51 33.08
CA GLU K 234 22.46 5.31 33.23
C GLU K 234 21.84 5.50 31.86
N ILE K 235 20.52 5.48 31.75
CA ILE K 235 19.89 5.65 30.46
C ILE K 235 20.18 7.06 29.93
N LYS K 236 20.59 7.18 28.68
CA LYS K 236 20.90 8.49 28.06
C LYS K 236 19.97 8.73 26.90
N GLY K 237 19.84 9.99 26.49
CA GLY K 237 19.00 10.32 25.37
C GLY K 237 19.58 11.53 24.66
N HIS K 238 19.30 11.72 23.39
CA HIS K 238 19.78 12.88 22.65
C HIS K 238 18.58 13.33 21.84
N TYR K 239 18.07 14.55 22.03
CA TYR K 239 16.89 14.94 21.27
C TYR K 239 17.22 15.14 19.80
N LEU K 240 16.66 14.33 18.92
CA LEU K 240 16.89 14.45 17.48
C LEU K 240 15.80 15.35 16.92
N ASN K 241 16.17 16.42 16.24
CA ASN K 241 15.20 17.36 15.72
C ASN K 241 14.49 16.89 14.48
N ALA K 242 13.17 16.81 14.55
CA ALA K 242 12.35 16.38 13.43
C ALA K 242 11.72 17.55 12.70
N THR K 243 11.92 18.77 13.17
CA THR K 243 11.34 19.97 12.55
C THR K 243 11.76 19.95 11.10
N ALA K 244 10.85 20.26 10.18
CA ALA K 244 11.22 20.23 8.79
C ALA K 244 10.30 21.08 7.99
N GLY K 245 10.50 21.10 6.69
CA GLY K 245 9.68 21.95 5.86
C GLY K 245 8.31 21.51 5.49
N THR K 246 8.07 20.21 5.44
CA THR K 246 6.78 19.64 5.08
C THR K 246 6.42 18.57 6.09
N CYS K 247 5.15 18.17 6.15
CA CYS K 247 4.75 17.14 7.10
C CYS K 247 5.46 15.87 6.74
N GLU K 248 5.64 15.65 5.45
CA GLU K 248 6.29 14.46 4.92
C GLU K 248 7.71 14.31 5.38
N ASP K 249 8.48 15.38 5.33
CA ASP K 249 9.85 15.34 5.78
C ASP K 249 9.93 15.17 7.26
N MET K 250 9.03 15.80 8.00
CA MET K 250 9.02 15.66 9.45
C MET K 250 8.80 14.20 9.85
N MET K 251 7.85 13.54 9.20
CA MET K 251 7.59 12.13 9.51
C MET K 251 8.76 11.22 9.16
N LYS K 252 9.49 11.53 8.10
CA LYS K 252 10.65 10.76 7.70
C LYS K 252 11.68 10.71 8.79
N ARG K 253 11.91 11.84 9.42
CA ARG K 253 12.88 11.95 10.47
C ARG K 253 12.42 11.25 11.71
N ALA K 254 11.15 11.36 12.06
CA ALA K 254 10.62 10.67 13.23
C ALA K 254 10.73 9.18 13.03
N VAL K 255 10.43 8.70 11.82
CA VAL K 255 10.52 7.28 11.51
C VAL K 255 11.94 6.70 11.65
N PHE K 256 12.98 7.45 11.28
CA PHE K 256 14.35 6.94 11.42
C PHE K 256 14.72 6.92 12.90
N ALA K 257 14.21 7.87 13.69
CA ALA K 257 14.50 7.88 15.13
C ALA K 257 13.88 6.64 15.74
N ARG K 258 12.69 6.26 15.28
CA ARG K 258 12.06 5.06 15.79
C ARG K 258 12.88 3.84 15.41
N GLU K 259 13.41 3.81 14.19
CA GLU K 259 14.22 2.69 13.71
C GLU K 259 15.53 2.52 14.45
N LEU K 260 16.08 3.61 14.96
CA LEU K 260 17.33 3.57 15.70
C LEU K 260 17.11 3.16 17.16
N GLY K 261 15.87 3.24 17.62
CA GLY K 261 15.54 2.86 18.98
C GLY K 261 15.85 3.87 20.06
N VAL K 262 16.06 5.12 19.68
CA VAL K 262 16.41 6.19 20.61
C VAL K 262 15.16 6.62 21.35
N PRO K 263 15.30 7.18 22.56
CA PRO K 263 14.07 7.55 23.26
C PRO K 263 13.38 8.86 23.06
N ILE K 264 14.01 9.85 22.43
CA ILE K 264 13.37 11.16 22.33
C ILE K 264 13.62 11.96 21.06
N VAL K 265 12.56 12.61 20.54
CA VAL K 265 12.66 13.48 19.35
C VAL K 265 12.25 14.87 19.81
N MET K 266 12.35 15.85 18.93
CA MET K 266 12.12 17.25 19.28
C MET K 266 11.41 17.98 18.16
N HIS K 267 10.64 19.01 18.47
CA HIS K 267 9.92 19.78 17.45
C HIS K 267 9.78 21.22 17.88
N ASP K 268 9.86 22.15 16.94
CA ASP K 268 9.68 23.58 17.18
C ASP K 268 8.21 23.82 16.84
N TYR K 269 7.33 23.76 17.83
CA TYR K 269 5.91 23.88 17.58
C TYR K 269 5.32 25.13 16.99
N LEU K 270 5.96 26.28 17.19
CA LEU K 270 5.44 27.52 16.66
C LEU K 270 5.94 27.81 15.25
N THR K 271 7.20 27.47 14.95
CA THR K 271 7.71 27.70 13.60
C THR K 271 7.27 26.55 12.72
N GLY K 272 7.13 25.35 13.28
CA GLY K 272 6.62 24.22 12.54
C GLY K 272 5.13 24.40 12.37
N GLY K 273 4.41 24.65 13.47
CA GLY K 273 2.98 24.90 13.42
C GLY K 273 2.21 23.94 14.27
N PHE K 274 1.00 24.31 14.66
CA PHE K 274 0.17 23.43 15.47
C PHE K 274 -0.31 22.23 14.69
N THR K 275 -0.66 22.40 13.41
CA THR K 275 -1.11 21.30 12.60
C THR K 275 -0.01 20.24 12.50
N ALA K 276 1.22 20.63 12.19
CA ALA K 276 2.27 19.63 12.13
C ALA K 276 2.60 19.08 13.52
N ASN K 277 2.55 19.90 14.56
CA ASN K 277 2.85 19.41 15.91
C ASN K 277 1.87 18.35 16.39
N THR K 278 0.58 18.52 16.16
CA THR K 278 -0.40 17.53 16.57
C THR K 278 -0.15 16.20 15.87
N THR K 279 0.25 16.21 14.61
CA THR K 279 0.57 14.98 13.87
C THR K 279 1.75 14.25 14.50
N LEU K 280 2.81 14.96 14.87
CA LEU K 280 3.99 14.35 15.48
C LEU K 280 3.68 13.82 16.89
N SER K 281 2.89 14.56 17.64
CA SER K 281 2.50 14.16 18.97
C SER K 281 1.74 12.83 18.93
N HIS K 282 0.83 12.68 17.98
CA HIS K 282 0.09 11.46 17.85
C HIS K 282 1.03 10.34 17.45
N TYR K 283 1.95 10.62 16.54
CA TYR K 283 2.91 9.61 16.12
C TYR K 283 3.78 9.17 17.28
N CYS K 284 4.17 10.11 18.13
CA CYS K 284 4.99 9.78 19.27
C CYS K 284 4.26 8.93 20.29
N ARG K 285 2.98 9.18 20.47
CA ARG K 285 2.19 8.37 21.39
C ARG K 285 2.13 6.96 20.84
N ASP K 286 1.92 6.83 19.54
CA ASP K 286 1.83 5.52 18.91
C ASP K 286 3.10 4.72 18.80
N ASN K 287 4.25 5.39 18.89
CA ASN K 287 5.53 4.71 18.77
C ASN K 287 6.48 4.80 19.92
N GLY K 288 5.99 5.23 21.07
CA GLY K 288 6.80 5.30 22.27
C GLY K 288 7.92 6.32 22.33
N LEU K 289 7.82 7.39 21.58
CA LEU K 289 8.87 8.39 21.58
C LEU K 289 8.52 9.55 22.46
N LEU K 290 9.47 10.04 23.26
CA LEU K 290 9.22 11.19 24.10
C LEU K 290 9.38 12.39 23.18
N LEU K 291 8.58 13.43 23.38
CA LEU K 291 8.63 14.61 22.52
C LEU K 291 9.03 15.88 23.28
N HIS K 292 10.17 16.48 22.94
CA HIS K 292 10.66 17.71 23.55
C HIS K 292 10.20 18.88 22.69
N ILE K 293 9.61 19.91 23.27
CA ILE K 293 9.13 21.05 22.49
C ILE K 293 9.89 22.36 22.70
N HIS K 294 10.24 23.05 21.62
CA HIS K 294 10.94 24.33 21.66
C HIS K 294 9.95 25.42 21.36
N ARG K 295 10.09 26.56 22.00
CA ARG K 295 9.15 27.63 21.75
C ARG K 295 9.74 28.72 20.86
N ALA K 296 10.67 28.35 19.99
CA ALA K 296 11.29 29.29 19.08
C ALA K 296 10.22 30.18 18.49
N MET K 297 10.48 31.48 18.49
CA MET K 297 9.58 32.51 17.97
C MET K 297 8.53 33.00 18.95
N HIS K 298 8.51 32.49 20.18
CA HIS K 298 7.48 32.93 21.10
C HIS K 298 7.59 34.38 21.52
N ALA K 299 8.82 34.89 21.72
CA ALA K 299 8.95 36.27 22.18
C ALA K 299 8.55 37.31 21.16
N VAL K 300 8.33 36.90 19.93
CA VAL K 300 7.88 37.82 18.89
C VAL K 300 6.43 38.11 19.19
N ILE K 301 5.75 37.23 19.92
CA ILE K 301 4.33 37.32 20.22
C ILE K 301 4.02 37.68 21.67
N ASP K 302 4.85 37.20 22.60
CA ASP K 302 4.56 37.40 24.00
C ASP K 302 5.37 38.32 24.88
N ARG K 303 6.31 39.06 24.31
CA ARG K 303 7.18 39.92 25.12
C ARG K 303 6.55 41.17 25.73
N GLN K 304 5.87 41.95 24.90
CA GLN K 304 5.28 43.21 25.33
C GLN K 304 3.96 43.06 26.05
N LYS K 305 3.79 43.87 27.08
CA LYS K 305 2.60 43.82 27.89
C LYS K 305 1.37 44.41 27.27
N ASN K 306 1.49 45.19 26.22
CA ASN K 306 0.28 45.79 25.66
C ASN K 306 -0.32 45.14 24.45
N HIS K 307 0.42 44.29 23.74
CA HIS K 307 -0.07 43.65 22.52
C HIS K 307 0.54 42.27 22.34
N GLY K 308 -0.27 41.29 21.94
CA GLY K 308 0.24 39.94 21.75
C GLY K 308 -0.58 38.90 22.45
N MET K 309 0.05 37.82 22.88
CA MET K 309 -0.61 36.74 23.59
C MET K 309 0.41 36.37 24.63
N HIS K 310 -0.01 36.18 25.87
CA HIS K 310 0.95 35.83 26.89
C HIS K 310 1.40 34.39 26.74
N PHE K 311 2.58 34.09 27.24
CA PHE K 311 3.06 32.73 27.14
C PHE K 311 2.18 31.70 27.78
N ARG K 312 1.45 32.03 28.84
CA ARG K 312 0.61 31.02 29.49
C ARG K 312 -0.45 30.47 28.56
N VAL K 313 -0.88 31.25 27.58
CA VAL K 313 -1.87 30.81 26.63
C VAL K 313 -1.21 29.84 25.65
N LEU K 314 0.02 30.15 25.24
CA LEU K 314 0.74 29.30 24.32
C LEU K 314 1.18 28.02 25.04
N ALA K 315 1.33 28.06 26.36
CA ALA K 315 1.72 26.87 27.13
C ALA K 315 0.52 25.94 27.25
N LYS K 316 -0.67 26.52 27.44
CA LYS K 316 -1.87 25.72 27.53
C LYS K 316 -2.12 25.03 26.20
N ALA K 317 -1.98 25.77 25.11
CA ALA K 317 -2.17 25.24 23.76
C ALA K 317 -1.23 24.06 23.45
N LEU K 318 -0.01 24.07 23.98
CA LEU K 318 0.94 22.99 23.79
C LEU K 318 0.55 21.78 24.62
N ARG K 319 0.11 21.95 25.86
CA ARG K 319 -0.27 20.80 26.65
C ARG K 319 -1.43 20.05 25.97
N LEU K 320 -2.27 20.77 25.24
CA LEU K 320 -3.39 20.18 24.51
C LEU K 320 -2.92 19.48 23.22
N SER K 321 -2.21 20.20 22.36
CA SER K 321 -1.69 19.66 21.12
C SER K 321 -0.75 18.50 21.43
N GLY K 322 0.16 18.69 22.38
CA GLY K 322 1.03 17.60 22.76
C GLY K 322 2.53 17.79 22.81
N GLY K 323 3.12 17.48 23.95
CA GLY K 323 4.55 17.56 24.11
C GLY K 323 4.88 17.06 25.48
N ASP K 324 6.03 16.42 25.64
CA ASP K 324 6.42 15.92 26.94
C ASP K 324 7.29 16.89 27.74
N HIS K 325 7.99 17.79 27.04
CA HIS K 325 8.84 18.82 27.65
C HIS K 325 8.45 20.09 26.92
N ILE K 326 8.61 21.25 27.56
CA ILE K 326 8.42 22.52 26.87
C ILE K 326 9.34 23.54 27.53
N HIS K 327 10.05 24.31 26.74
CA HIS K 327 10.94 25.33 27.28
C HIS K 327 10.09 26.33 28.03
N SER K 328 10.48 26.70 29.25
CA SER K 328 9.66 27.62 30.00
C SER K 328 10.41 28.80 30.59
N GLY K 329 11.67 28.99 30.21
CA GLY K 329 12.44 30.10 30.73
C GLY K 329 13.29 29.71 31.92
N THR K 330 14.16 30.61 32.34
CA THR K 330 15.04 30.35 33.48
C THR K 330 14.85 31.34 34.63
N VAL K 331 14.23 32.48 34.35
CA VAL K 331 14.04 33.55 35.35
C VAL K 331 15.39 34.27 35.54
N VAL K 332 16.40 33.53 35.99
CA VAL K 332 17.73 34.07 36.23
C VAL K 332 18.73 34.11 35.07
N GLY K 333 18.36 33.64 33.88
CA GLY K 333 19.28 33.60 32.77
C GLY K 333 19.29 34.75 31.79
N LYS K 334 19.73 34.49 30.56
CA LYS K 334 19.83 35.55 29.57
C LYS K 334 18.56 36.03 28.88
N LEU K 335 17.45 35.32 29.05
CA LEU K 335 16.20 35.67 28.37
C LEU K 335 15.13 36.01 29.39
N GLU K 336 14.22 36.91 29.01
CA GLU K 336 13.20 37.34 29.93
C GLU K 336 12.33 36.26 30.57
N GLY K 337 11.93 36.49 31.83
CA GLY K 337 11.07 35.58 32.56
C GLY K 337 11.01 35.95 34.03
N GLU K 338 9.92 36.60 34.47
CA GLU K 338 9.74 36.99 35.89
C GLU K 338 9.35 35.80 36.76
N ARG K 339 9.83 35.76 37.99
CA ARG K 339 9.56 34.63 38.85
C ARG K 339 8.13 34.24 39.12
N ASP K 340 7.29 35.17 39.54
CA ASP K 340 5.90 34.88 39.85
C ASP K 340 5.06 34.45 38.65
N ILE K 341 5.19 35.16 37.55
CA ILE K 341 4.46 34.81 36.37
C ILE K 341 4.92 33.45 35.86
N THR K 342 6.21 33.17 36.00
CA THR K 342 6.76 31.90 35.57
C THR K 342 6.23 30.81 36.44
N LEU K 343 6.28 30.96 37.75
CA LEU K 343 5.76 29.90 38.60
C LEU K 343 4.29 29.68 38.30
N GLY K 344 3.62 30.71 37.80
CA GLY K 344 2.21 30.58 37.48
C GLY K 344 1.95 29.66 36.31
N PHE K 345 2.64 29.87 35.18
CA PHE K 345 2.43 28.96 34.06
C PHE K 345 3.13 27.62 34.22
N VAL K 346 4.11 27.51 35.11
CA VAL K 346 4.75 26.22 35.34
C VAL K 346 3.69 25.33 36.00
N ASP K 347 2.85 25.91 36.87
CA ASP K 347 1.78 25.15 37.53
C ASP K 347 0.73 24.75 36.53
N LEU K 348 0.42 25.63 35.59
CA LEU K 348 -0.58 25.31 34.58
C LEU K 348 -0.10 24.18 33.67
N LEU K 349 1.21 24.01 33.55
CA LEU K 349 1.79 22.97 32.72
C LEU K 349 1.90 21.62 33.42
N ARG K 350 2.22 21.60 34.71
CA ARG K 350 2.38 20.34 35.44
C ARG K 350 1.23 19.79 36.26
N ASP K 351 0.38 20.66 36.80
CA ASP K 351 -0.70 20.21 37.68
C ASP K 351 -2.03 19.89 37.05
N ASP K 352 -2.90 19.25 37.80
CA ASP K 352 -4.21 18.87 37.32
C ASP K 352 -5.27 19.91 37.55
N TYR K 353 -4.99 20.86 38.44
CA TYR K 353 -5.94 21.90 38.78
C TYR K 353 -5.17 23.09 39.32
N THR K 354 -5.46 24.28 38.82
CA THR K 354 -4.80 25.50 39.26
C THR K 354 -5.89 26.52 39.44
N GLU K 355 -5.92 27.10 40.63
CA GLU K 355 -6.95 28.06 40.96
C GLU K 355 -6.60 29.47 40.53
N LYS K 356 -7.60 30.24 40.19
CA LYS K 356 -7.46 31.63 39.78
C LYS K 356 -6.54 32.35 40.74
N ASP K 357 -5.66 33.21 40.25
CA ASP K 357 -4.73 33.88 41.16
C ASP K 357 -4.07 35.03 40.44
N ARG K 358 -4.70 36.18 40.44
CA ARG K 358 -4.14 37.32 39.73
C ARG K 358 -2.73 37.73 40.11
N SER K 359 -2.25 37.37 41.28
CA SER K 359 -0.91 37.80 41.63
C SER K 359 0.13 37.15 40.73
N ARG K 360 -0.24 36.02 40.14
CA ARG K 360 0.63 35.28 39.24
C ARG K 360 0.13 35.38 37.81
N GLY K 361 -0.86 36.21 37.57
CA GLY K 361 -1.36 36.35 36.20
C GLY K 361 -2.29 35.26 35.73
N ILE K 362 -2.84 34.48 36.63
CA ILE K 362 -3.76 33.41 36.27
C ILE K 362 -5.17 33.95 36.43
N TYR K 363 -5.82 34.28 35.32
CA TYR K 363 -7.15 34.84 35.37
C TYR K 363 -8.32 33.90 35.58
N PHE K 364 -8.15 32.61 35.29
CA PHE K 364 -9.25 31.68 35.41
C PHE K 364 -8.80 30.43 36.08
N THR K 365 -9.71 29.72 36.74
CA THR K 365 -9.35 28.46 37.37
C THR K 365 -9.35 27.43 36.22
N GLN K 366 -8.31 26.59 36.17
CA GLN K 366 -8.20 25.61 35.10
C GLN K 366 -8.08 24.19 35.61
N SER K 367 -8.88 23.29 35.06
CA SER K 367 -8.84 21.86 35.40
C SER K 367 -8.37 21.12 34.17
N TRP K 368 -7.66 20.01 34.34
CA TRP K 368 -7.15 19.26 33.21
C TRP K 368 -7.67 17.83 33.03
N VAL K 369 -8.61 17.41 33.86
CA VAL K 369 -9.18 16.07 33.81
C VAL K 369 -8.19 14.98 33.47
N SER K 370 -7.10 14.95 34.19
CA SER K 370 -6.05 13.99 34.02
C SER K 370 -5.20 14.00 32.77
N THR K 371 -5.23 15.08 32.00
CA THR K 371 -4.37 15.22 30.84
C THR K 371 -2.99 15.22 31.52
N PRO K 372 -2.04 14.39 31.07
CA PRO K 372 -0.73 14.36 31.72
C PRO K 372 -0.03 15.71 31.79
N GLY K 373 0.91 15.86 32.72
CA GLY K 373 1.64 17.11 32.83
C GLY K 373 2.85 17.17 31.94
N VAL K 374 3.29 18.38 31.62
CA VAL K 374 4.44 18.61 30.77
C VAL K 374 5.62 19.03 31.63
N LEU K 375 6.81 18.51 31.33
CA LEU K 375 7.98 18.86 32.11
C LEU K 375 8.55 20.21 31.63
N PRO K 376 8.67 21.23 32.52
CA PRO K 376 9.22 22.52 32.07
C PRO K 376 10.73 22.45 31.94
N VAL K 377 11.29 23.08 30.92
CA VAL K 377 12.73 23.05 30.68
C VAL K 377 13.36 24.44 30.83
N ALA K 378 14.28 24.58 31.79
CA ALA K 378 14.94 25.85 32.02
C ALA K 378 16.20 25.81 31.19
N SER K 379 16.37 26.74 30.25
CA SER K 379 17.55 26.73 29.41
C SER K 379 17.85 28.12 28.92
N GLY K 380 19.13 28.50 28.87
CA GLY K 380 19.48 29.81 28.38
C GLY K 380 20.34 30.71 29.23
N GLY K 381 21.66 30.57 29.14
CA GLY K 381 22.51 31.44 29.92
C GLY K 381 22.66 31.09 31.37
N ILE K 382 22.44 29.84 31.74
CA ILE K 382 22.57 29.45 33.14
C ILE K 382 23.87 28.70 33.38
N HIS K 383 24.38 28.72 34.61
CA HIS K 383 25.62 28.04 34.94
C HIS K 383 25.59 27.52 36.38
N VAL K 384 26.64 26.81 36.79
CA VAL K 384 26.71 26.23 38.13
C VAL K 384 26.29 27.07 39.31
N TRP K 385 26.57 28.36 39.31
CA TRP K 385 26.15 29.20 40.44
C TRP K 385 24.64 29.41 40.48
N HIS K 386 23.95 29.16 39.37
CA HIS K 386 22.50 29.34 39.34
C HIS K 386 21.80 28.09 39.85
N MET K 387 22.53 27.00 40.00
CA MET K 387 21.92 25.74 40.41
C MET K 387 21.02 25.80 41.63
N PRO K 388 21.43 26.49 42.71
CA PRO K 388 20.48 26.48 43.83
C PRO K 388 19.19 27.21 43.54
N ALA K 389 19.25 28.31 42.81
CA ALA K 389 18.04 29.06 42.50
C ALA K 389 17.12 28.24 41.61
N LEU K 390 17.71 27.56 40.63
CA LEU K 390 16.95 26.72 39.70
C LEU K 390 16.28 25.57 40.41
N THR K 391 16.99 24.87 41.28
CA THR K 391 16.40 23.75 41.99
C THR K 391 15.29 24.23 42.91
N GLU K 392 15.42 25.45 43.40
CA GLU K 392 14.42 26.03 44.31
C GLU K 392 13.19 26.54 43.59
N ILE K 393 13.36 27.22 42.46
CA ILE K 393 12.20 27.71 41.72
C ILE K 393 11.39 26.58 41.08
N PHE K 394 12.08 25.65 40.42
CA PHE K 394 11.41 24.56 39.70
C PHE K 394 11.14 23.25 40.41
N GLY K 395 12.00 22.82 41.31
CA GLY K 395 11.75 21.59 41.99
C GLY K 395 12.23 20.41 41.19
N ASP K 396 11.93 19.21 41.65
CA ASP K 396 12.37 18.02 40.97
C ASP K 396 11.84 17.85 39.56
N ASP K 397 10.60 18.25 39.29
CA ASP K 397 10.06 18.02 37.97
C ASP K 397 10.35 19.08 36.96
N SER K 398 11.57 19.05 36.46
CA SER K 398 12.04 19.99 35.46
C SER K 398 13.28 19.42 34.78
N VAL K 399 13.67 20.03 33.67
CA VAL K 399 14.89 19.63 32.97
C VAL K 399 15.69 20.92 32.92
N LEU K 400 16.92 20.90 33.44
CA LEU K 400 17.78 22.08 33.46
C LEU K 400 18.83 21.88 32.37
N GLN K 401 18.90 22.78 31.40
CA GLN K 401 19.86 22.65 30.29
C GLN K 401 20.98 23.66 30.26
N PHE K 402 22.19 23.16 30.04
CA PHE K 402 23.36 24.00 30.02
C PHE K 402 24.15 23.80 28.75
N GLY K 403 23.99 24.67 27.78
CA GLY K 403 24.75 24.57 26.54
C GLY K 403 26.12 25.19 26.68
N GLY K 404 26.17 26.52 26.73
CA GLY K 404 27.45 27.17 26.92
C GLY K 404 28.03 26.74 28.26
N GLY K 405 27.15 26.46 29.22
CA GLY K 405 27.57 26.05 30.56
C GLY K 405 28.23 24.69 30.66
N THR K 406 28.31 23.96 29.56
CA THR K 406 28.96 22.66 29.59
C THR K 406 30.10 22.74 28.60
N LEU K 407 29.79 23.18 27.37
CA LEU K 407 30.84 23.28 26.35
C LEU K 407 31.79 24.45 26.57
N GLY K 408 31.52 25.27 27.59
CA GLY K 408 32.40 26.38 27.90
C GLY K 408 33.30 26.06 29.09
N HIS K 409 33.19 24.86 29.66
CA HIS K 409 34.03 24.53 30.80
C HIS K 409 35.45 24.47 30.27
N PRO K 410 36.43 24.95 31.06
CA PRO K 410 37.83 24.94 30.61
C PRO K 410 38.48 23.59 30.27
N TRP K 411 37.99 22.51 30.87
CA TRP K 411 38.55 21.18 30.62
C TRP K 411 37.83 20.31 29.58
N GLY K 412 36.79 20.85 28.93
CA GLY K 412 36.07 20.08 27.95
C GLY K 412 34.68 19.66 28.38
N ASN K 413 34.02 18.85 27.57
CA ASN K 413 32.65 18.39 27.83
C ASN K 413 32.43 17.45 28.98
N ALA K 414 33.20 16.36 29.08
CA ALA K 414 32.99 15.43 30.16
C ALA K 414 33.13 16.13 31.51
N PRO K 415 34.26 16.84 31.73
CA PRO K 415 34.40 17.52 33.01
C PRO K 415 33.31 18.58 33.18
N GLY K 416 32.86 19.15 32.07
CA GLY K 416 31.83 20.16 32.12
C GLY K 416 30.52 19.59 32.60
N ALA K 417 30.24 18.35 32.20
CA ALA K 417 29.03 17.68 32.60
C ALA K 417 29.13 17.32 34.07
N VAL K 418 30.27 16.78 34.49
CA VAL K 418 30.44 16.40 35.90
C VAL K 418 30.19 17.61 36.79
N ALA K 419 30.66 18.76 36.38
CA ALA K 419 30.48 19.99 37.14
C ALA K 419 29.00 20.22 37.39
N ASN K 420 28.17 20.18 36.34
CA ASN K 420 26.74 20.40 36.49
C ASN K 420 26.02 19.30 37.27
N ARG K 421 26.40 18.04 37.06
CA ARG K 421 25.78 16.94 37.76
C ARG K 421 26.15 16.99 39.25
N VAL K 422 27.40 17.34 39.58
CA VAL K 422 27.80 17.46 41.00
C VAL K 422 27.12 18.67 41.67
N ALA K 423 27.10 19.82 41.01
CA ALA K 423 26.44 20.98 41.57
C ALA K 423 24.97 20.67 41.89
N LEU K 424 24.27 19.97 41.00
CA LEU K 424 22.85 19.61 41.22
C LEU K 424 22.63 18.59 42.32
N GLU K 425 23.39 17.50 42.34
CA GLU K 425 23.18 16.54 43.41
C GLU K 425 23.52 17.18 44.76
N ALA K 426 24.45 18.15 44.76
CA ALA K 426 24.80 18.83 46.02
C ALA K 426 23.60 19.61 46.54
N CYS K 427 22.89 20.30 45.65
CA CYS K 427 21.71 21.06 46.02
C CYS K 427 20.56 20.16 46.46
N VAL K 428 20.39 19.04 45.77
CA VAL K 428 19.33 18.09 46.09
C VAL K 428 19.64 17.53 47.47
N GLN K 429 20.86 17.08 47.72
CA GLN K 429 21.19 16.56 49.05
C GLN K 429 20.94 17.62 50.14
N ALA K 430 21.45 18.84 49.95
CA ALA K 430 21.28 19.93 50.90
C ALA K 430 19.81 20.21 51.17
N ARG K 431 19.03 20.38 50.11
CA ARG K 431 17.61 20.64 50.27
C ARG K 431 16.94 19.52 51.07
N ASN K 432 17.22 18.28 50.67
CA ASN K 432 16.63 17.11 51.30
C ASN K 432 17.04 17.05 52.76
N GLU K 433 18.19 17.62 53.09
CA GLU K 433 18.64 17.62 54.48
C GLU K 433 18.03 18.76 55.30
N GLY K 434 17.30 19.67 54.66
CA GLY K 434 16.69 20.74 55.41
C GLY K 434 17.28 22.10 55.15
N ARG K 435 18.41 22.18 54.47
CA ARG K 435 19.04 23.47 54.23
C ARG K 435 18.22 24.34 53.32
N ASP K 436 18.38 25.65 53.47
CA ASP K 436 17.62 26.60 52.68
C ASP K 436 18.42 27.03 51.45
N LEU K 437 18.06 26.52 50.28
CA LEU K 437 18.76 26.82 49.05
C LEU K 437 18.84 28.30 48.72
N ALA K 438 17.83 29.05 49.16
CA ALA K 438 17.82 30.48 48.90
C ALA K 438 18.89 31.18 49.72
N ARG K 439 19.05 30.79 50.97
CA ARG K 439 20.07 31.45 51.79
C ARG K 439 21.40 30.78 51.72
N GLU K 440 21.44 29.46 51.74
CA GLU K 440 22.71 28.75 51.69
C GLU K 440 23.17 28.35 50.29
N GLY K 441 22.53 28.91 49.27
CA GLY K 441 22.90 28.60 47.89
C GLY K 441 24.40 28.59 47.63
N ASN K 442 25.05 29.74 47.80
CA ASN K 442 26.47 29.79 47.52
C ASN K 442 27.34 28.98 48.46
N THR K 443 26.87 28.73 49.67
CA THR K 443 27.68 27.95 50.60
C THR K 443 27.69 26.51 50.11
N ILE K 444 26.54 26.03 49.67
CA ILE K 444 26.44 24.65 49.19
C ILE K 444 27.36 24.38 48.00
N ILE K 445 27.36 25.30 47.05
CA ILE K 445 28.20 25.18 45.86
C ILE K 445 29.68 25.27 46.28
N ARG K 446 30.02 26.26 47.08
CA ARG K 446 31.38 26.47 47.56
C ARG K 446 31.87 25.23 48.31
N GLU K 447 31.02 24.61 49.13
CA GLU K 447 31.42 23.42 49.86
C GLU K 447 31.77 22.30 48.90
N ALA K 448 30.98 22.17 47.84
CA ALA K 448 31.22 21.10 46.86
C ALA K 448 32.53 21.29 46.12
N THR K 449 32.91 22.54 45.88
CA THR K 449 34.16 22.80 45.18
C THR K 449 35.32 22.21 45.97
N LYS K 450 35.12 21.90 47.24
CA LYS K 450 36.26 21.35 47.98
C LYS K 450 36.58 19.93 47.61
N TRP K 451 35.63 19.20 47.04
CA TRP K 451 35.98 17.83 46.71
C TRP K 451 35.75 17.48 45.25
N SER K 452 35.36 18.49 44.47
CA SER K 452 35.13 18.30 43.05
C SER K 452 36.01 19.28 42.25
N PRO K 453 37.18 18.82 41.79
CA PRO K 453 38.05 19.69 41.02
C PRO K 453 37.29 20.18 39.79
N GLU K 454 36.41 19.33 39.25
CA GLU K 454 35.64 19.72 38.08
C GLU K 454 34.71 20.89 38.38
N LEU K 455 33.99 20.82 39.49
CA LEU K 455 33.07 21.91 39.84
C LEU K 455 33.88 23.17 40.09
N ALA K 456 34.97 22.99 40.81
CA ALA K 456 35.86 24.09 41.18
C ALA K 456 36.27 24.95 39.99
N ALA K 457 36.73 24.32 38.91
CA ALA K 457 37.17 25.07 37.75
C ALA K 457 36.04 25.82 37.10
N ALA K 458 34.84 25.28 37.13
CA ALA K 458 33.71 25.96 36.51
C ALA K 458 33.34 27.15 37.36
N CYS K 459 33.40 26.99 38.68
CA CYS K 459 33.06 28.11 39.55
C CYS K 459 33.92 29.33 39.25
N GLU K 460 35.23 29.09 39.06
CA GLU K 460 36.17 30.16 38.75
C GLU K 460 35.73 30.90 37.50
N VAL K 461 35.42 30.19 36.43
CA VAL K 461 35.05 30.85 35.19
C VAL K 461 33.82 31.77 35.20
N TRP K 462 32.76 31.36 35.89
CA TRP K 462 31.50 32.12 35.85
C TRP K 462 31.09 32.85 37.13
N LYS K 463 31.99 32.89 38.09
CA LYS K 463 31.71 33.57 39.33
C LYS K 463 30.99 34.91 39.17
N GLU K 464 31.42 35.73 38.22
CA GLU K 464 30.75 37.03 38.12
C GLU K 464 29.64 37.21 37.09
N ILE K 465 29.13 36.14 36.51
CA ILE K 465 28.10 36.32 35.48
C ILE K 465 26.69 36.28 36.00
N LYS K 466 25.97 37.39 35.79
CA LYS K 466 24.58 37.55 36.22
C LYS K 466 23.88 38.26 35.08
N PHE K 467 22.56 38.11 34.96
CA PHE K 467 21.83 38.79 33.89
C PHE K 467 20.68 39.47 34.61
N GLU K 468 20.81 40.77 34.84
CA GLU K 468 19.79 41.50 35.56
C GLU K 468 19.39 42.78 34.81
N PHE K 469 18.15 42.82 34.33
CA PHE K 469 17.64 43.99 33.61
C PHE K 469 16.17 44.16 33.97
N PRO K 470 15.62 45.34 33.75
CA PRO K 470 14.19 45.44 34.11
C PRO K 470 13.37 44.55 33.16
N ALA K 471 12.25 43.99 33.63
CA ALA K 471 11.41 43.12 32.80
C ALA K 471 10.36 43.95 32.06
N MET K 472 9.96 43.49 30.86
CA MET K 472 8.96 44.19 30.02
C MET K 472 7.56 43.67 30.33
N ASP K 473 7.47 42.38 30.65
CA ASP K 473 6.20 41.71 30.92
C ASP K 473 6.11 41.41 32.42
N THR K 474 5.26 42.19 33.10
CA THR K 474 5.05 42.10 34.54
C THR K 474 3.56 41.94 34.77
N VAL K 475 3.19 41.46 35.95
CA VAL K 475 1.79 41.25 36.27
C VAL K 475 0.98 42.52 36.04
N MET L 1 44.33 20.33 33.98
CA MET L 1 43.18 19.79 33.20
C MET L 1 43.15 18.33 33.53
N GLN L 2 42.09 17.87 34.16
CA GLN L 2 41.97 16.46 34.54
C GLN L 2 41.12 15.75 33.48
N VAL L 3 41.43 14.49 33.18
CA VAL L 3 40.67 13.74 32.18
C VAL L 3 39.68 12.86 32.92
N TRP L 4 38.40 12.95 32.60
CA TRP L 4 37.43 12.14 33.32
C TRP L 4 37.57 10.66 33.00
N PRO L 5 37.72 9.82 34.02
CA PRO L 5 37.89 8.36 33.89
C PRO L 5 36.86 7.66 33.04
N ILE L 6 37.32 6.53 32.51
CA ILE L 6 36.59 5.69 31.60
C ILE L 6 36.25 4.29 32.15
N LEU L 7 37.16 3.72 32.93
CA LEU L 7 36.98 2.36 33.44
C LEU L 7 36.42 2.33 34.85
N ASN L 8 35.65 1.30 35.15
CA ASN L 8 35.06 1.15 36.46
C ASN L 8 34.45 2.43 36.95
N LEU L 9 33.63 3.08 36.13
CA LEU L 9 33.01 4.32 36.60
C LEU L 9 31.48 4.27 36.41
N LYS L 10 30.89 3.11 36.67
CA LYS L 10 29.44 2.96 36.54
C LYS L 10 28.81 3.87 37.58
N LYS L 11 27.65 4.44 37.30
CA LYS L 11 27.01 5.30 38.26
C LYS L 11 25.61 4.76 38.57
N TYR L 12 24.94 5.31 39.57
CA TYR L 12 23.63 4.77 39.98
C TYR L 12 22.52 5.77 40.22
N GLU L 13 22.40 6.72 39.29
CA GLU L 13 21.39 7.74 39.36
C GLU L 13 21.55 8.67 40.56
N THR L 14 20.45 9.25 41.03
CA THR L 14 20.49 10.25 42.08
C THR L 14 21.41 10.04 43.29
N LEU L 15 22.30 11.01 43.50
CA LEU L 15 23.27 11.01 44.59
C LEU L 15 24.55 10.21 44.34
N SER L 16 24.65 9.45 43.25
CA SER L 16 25.88 8.69 43.07
C SER L 16 27.08 9.46 42.58
N TYR L 17 26.92 10.75 42.34
CA TYR L 17 28.08 11.56 41.92
C TYR L 17 28.70 12.27 43.14
N LEU L 18 28.09 12.11 44.30
CA LEU L 18 28.54 12.72 45.54
C LEU L 18 29.40 11.72 46.29
N PRO L 19 30.17 12.20 47.27
CA PRO L 19 31.00 11.26 48.02
C PRO L 19 30.04 10.27 48.68
N PRO L 20 30.52 9.07 49.00
CA PRO L 20 29.68 8.05 49.63
C PRO L 20 28.94 8.62 50.83
N LEU L 21 27.71 8.17 51.00
CA LEU L 21 26.89 8.65 52.09
C LEU L 21 27.32 8.04 53.42
N THR L 22 27.47 8.86 54.44
CA THR L 22 27.83 8.29 55.75
C THR L 22 26.47 7.80 56.23
N THR L 23 26.44 7.10 57.36
CA THR L 23 25.16 6.61 57.84
C THR L 23 24.27 7.73 58.32
N ASP L 24 24.85 8.88 58.67
CA ASP L 24 23.99 9.98 59.10
C ASP L 24 23.29 10.51 57.86
N GLN L 25 24.07 10.67 56.79
CA GLN L 25 23.50 11.20 55.57
C GLN L 25 22.40 10.29 55.08
N LEU L 26 22.66 8.99 55.11
CA LEU L 26 21.64 8.03 54.65
C LEU L 26 20.40 8.25 55.48
N ALA L 27 20.54 8.21 56.80
CA ALA L 27 19.39 8.40 57.68
C ALA L 27 18.64 9.68 57.35
N ARG L 28 19.37 10.73 56.97
CA ARG L 28 18.70 11.98 56.66
C ARG L 28 17.81 11.90 55.42
N GLN L 29 18.21 11.13 54.41
CA GLN L 29 17.38 10.99 53.20
C GLN L 29 16.11 10.20 53.54
N VAL L 30 16.22 9.20 54.41
CA VAL L 30 15.04 8.44 54.80
C VAL L 30 14.11 9.36 55.58
N ASP L 31 14.66 10.29 56.36
CA ASP L 31 13.80 11.22 57.09
C ASP L 31 13.04 12.09 56.13
N TYR L 32 13.74 12.54 55.10
CA TYR L 32 13.12 13.39 54.08
C TYR L 32 11.98 12.62 53.43
N LEU L 33 12.22 11.35 53.15
CA LEU L 33 11.24 10.49 52.54
C LEU L 33 10.01 10.43 53.45
N LEU L 34 10.20 10.06 54.71
CA LEU L 34 9.07 9.97 55.65
C LEU L 34 8.40 11.31 55.92
N ASN L 35 9.17 12.39 56.03
CA ASN L 35 8.56 13.68 56.32
C ASN L 35 7.62 14.08 55.23
N ASN L 36 7.85 13.59 54.01
CA ASN L 36 6.97 13.99 52.92
C ASN L 36 5.79 13.07 52.81
N LYS L 37 5.74 12.09 53.70
CA LYS L 37 4.65 11.14 53.70
C LYS L 37 4.63 10.17 52.53
N TRP L 38 5.81 9.84 52.01
CA TRP L 38 5.93 8.90 50.91
C TRP L 38 6.19 7.55 51.55
N VAL L 39 5.83 6.46 50.86
CA VAL L 39 5.98 5.10 51.37
C VAL L 39 7.34 4.53 51.00
N PRO L 40 8.13 4.08 51.97
CA PRO L 40 9.42 3.54 51.54
C PRO L 40 9.30 2.11 51.11
N CYS L 41 10.32 1.62 50.40
CA CYS L 41 10.36 0.23 49.94
C CYS L 41 11.80 0.00 49.52
N LEU L 42 12.25 -1.24 49.62
CA LEU L 42 13.62 -1.57 49.24
C LEU L 42 13.56 -2.53 48.07
N GLU L 43 14.56 -2.48 47.17
CA GLU L 43 14.62 -3.36 46.01
C GLU L 43 16.04 -3.86 45.93
N PHE L 44 16.27 -5.08 45.45
CA PHE L 44 17.62 -5.59 45.35
C PHE L 44 17.80 -6.33 44.04
N GLU L 45 19.04 -6.48 43.58
CA GLU L 45 19.32 -7.14 42.32
C GLU L 45 20.71 -7.73 42.40
N THR L 46 20.86 -8.99 42.01
CA THR L 46 22.16 -9.66 42.05
C THR L 46 22.72 -9.86 40.64
N ASP L 47 21.86 -10.17 39.69
CA ASP L 47 22.30 -10.43 38.33
C ASP L 47 22.63 -9.30 37.39
N HIS L 48 21.68 -8.39 37.15
CA HIS L 48 21.92 -7.28 36.24
C HIS L 48 21.84 -5.94 36.92
N GLY L 49 22.96 -5.48 37.47
CA GLY L 49 22.96 -4.21 38.15
C GLY L 49 22.73 -3.03 37.23
N PHE L 50 22.85 -3.23 35.93
CA PHE L 50 22.66 -2.10 35.02
C PHE L 50 21.74 -2.42 33.87
N VAL L 51 21.17 -1.35 33.35
CA VAL L 51 20.25 -1.43 32.23
C VAL L 51 20.92 -2.05 31.00
N TYR L 52 20.17 -2.80 30.20
CA TYR L 52 20.72 -3.43 29.01
C TYR L 52 19.56 -3.71 28.06
N ARG L 53 19.84 -4.21 26.86
CA ARG L 53 18.76 -4.49 25.91
C ARG L 53 18.88 -5.86 25.34
N GLU L 54 18.12 -6.80 25.86
CA GLU L 54 18.20 -8.13 25.34
C GLU L 54 16.98 -8.55 24.58
N HIS L 55 15.79 -8.15 25.03
CA HIS L 55 14.56 -8.61 24.39
C HIS L 55 13.87 -7.71 23.42
N HIS L 56 14.31 -6.46 23.30
CA HIS L 56 13.67 -5.58 22.36
C HIS L 56 14.51 -4.35 22.21
N ASN L 57 14.35 -3.62 21.11
CA ASN L 57 15.11 -2.40 20.88
C ASN L 57 14.24 -1.25 20.46
N SER L 58 12.92 -1.34 20.65
CA SER L 58 12.04 -0.25 20.22
C SER L 58 12.18 0.90 21.19
N PRO L 59 11.76 2.11 20.79
CA PRO L 59 11.89 3.23 21.72
C PRO L 59 11.26 3.04 23.10
N GLY L 60 12.03 3.38 24.13
CA GLY L 60 11.52 3.28 25.48
C GLY L 60 11.63 1.94 26.13
N TYR L 61 12.12 0.93 25.43
CA TYR L 61 12.24 -0.39 26.03
C TYR L 61 13.68 -0.68 26.45
N TYR L 62 13.87 -1.13 27.68
CA TYR L 62 15.19 -1.46 28.20
C TYR L 62 14.95 -2.58 29.17
N ASP L 63 15.92 -3.48 29.31
CA ASP L 63 15.81 -4.55 30.27
C ASP L 63 16.64 -4.10 31.46
N GLY L 64 16.37 -4.63 32.65
CA GLY L 64 17.15 -4.23 33.81
C GLY L 64 16.64 -3.08 34.64
N ARG L 65 15.46 -2.57 34.33
CA ARG L 65 14.86 -1.48 35.10
C ARG L 65 14.15 -2.02 36.33
N TYR L 66 13.52 -3.19 36.22
CA TYR L 66 12.83 -3.79 37.34
C TYR L 66 13.80 -4.56 38.20
N TRP L 67 13.83 -4.31 39.49
CA TRP L 67 14.69 -5.07 40.40
C TRP L 67 13.69 -5.90 41.19
N THR L 68 14.14 -6.69 42.15
CA THR L 68 13.16 -7.46 42.89
C THR L 68 12.84 -6.83 44.24
N MET L 69 11.57 -6.92 44.62
CA MET L 69 11.06 -6.29 45.83
C MET L 69 11.44 -6.99 47.11
N TRP L 70 11.92 -6.22 48.10
CA TRP L 70 12.27 -6.80 49.40
C TRP L 70 11.03 -6.68 50.27
N LYS L 71 10.37 -7.79 50.56
CA LYS L 71 9.16 -7.79 51.37
C LYS L 71 8.02 -7.03 50.72
N LEU L 72 7.59 -5.91 51.29
CA LEU L 72 6.48 -5.12 50.73
C LEU L 72 6.68 -3.65 51.03
N PRO L 73 5.99 -2.74 50.33
CA PRO L 73 6.20 -1.33 50.65
C PRO L 73 5.79 -1.17 52.11
N MET L 74 6.48 -0.32 52.87
CA MET L 74 6.18 -0.17 54.29
C MET L 74 5.11 0.85 54.56
N PHE L 75 3.88 0.56 54.14
CA PHE L 75 2.77 1.49 54.33
C PHE L 75 2.63 1.85 55.79
N GLY L 76 2.30 3.11 56.05
CA GLY L 76 2.14 3.56 57.44
C GLY L 76 3.44 3.67 58.26
N CYS L 77 4.59 3.33 57.69
CA CYS L 77 5.85 3.44 58.43
C CYS L 77 6.04 4.89 58.77
N THR L 78 6.60 5.18 59.94
CA THR L 78 6.86 6.57 60.36
C THR L 78 8.19 6.67 61.07
N ASP L 79 8.83 5.54 61.34
CA ASP L 79 10.11 5.56 62.04
C ASP L 79 11.26 5.14 61.11
N PRO L 80 12.14 6.07 60.78
CA PRO L 80 13.29 5.79 59.91
C PRO L 80 14.12 4.63 60.38
N ALA L 81 14.00 4.27 61.64
CA ALA L 81 14.79 3.16 62.13
C ALA L 81 14.29 1.88 61.50
N GLN L 82 12.97 1.82 61.33
CA GLN L 82 12.32 0.65 60.75
C GLN L 82 12.89 0.38 59.35
N VAL L 83 13.08 1.44 58.58
CA VAL L 83 13.59 1.35 57.22
C VAL L 83 15.03 0.88 57.22
N LEU L 84 15.86 1.55 58.03
CA LEU L 84 17.30 1.22 58.14
C LEU L 84 17.51 -0.19 58.68
N ASN L 85 16.51 -0.65 59.39
CA ASN L 85 16.53 -1.97 59.94
C ASN L 85 16.40 -2.97 58.80
N GLU L 86 15.42 -2.75 57.94
CA GLU L 86 15.22 -3.65 56.81
C GLU L 86 16.46 -3.66 55.97
N LEU L 87 17.08 -2.49 55.79
CA LEU L 87 18.29 -2.43 54.98
C LEU L 87 19.32 -3.42 55.49
N GLU L 88 19.49 -3.45 56.81
CA GLU L 88 20.47 -4.36 57.40
C GLU L 88 20.10 -5.82 57.18
N GLU L 89 18.81 -6.13 57.37
CA GLU L 89 18.36 -7.49 57.18
C GLU L 89 18.56 -7.95 55.74
N CYS L 90 18.26 -7.06 54.79
CA CYS L 90 18.43 -7.38 53.36
C CYS L 90 19.91 -7.55 53.05
N LYS L 91 20.75 -6.65 53.54
CA LYS L 91 22.19 -6.74 53.30
C LYS L 91 22.74 -8.07 53.73
N LYS L 92 22.30 -8.55 54.89
CA LYS L 92 22.85 -9.80 55.39
C LYS L 92 22.34 -11.00 54.62
N GLU L 93 21.15 -10.87 54.04
CA GLU L 93 20.62 -11.98 53.27
C GLU L 93 21.16 -11.95 51.86
N TYR L 94 21.42 -10.73 51.34
CA TYR L 94 21.91 -10.57 49.98
C TYR L 94 23.14 -9.69 49.91
N PRO L 95 24.22 -10.12 50.56
CA PRO L 95 25.47 -9.35 50.57
C PRO L 95 26.04 -9.14 49.19
N ASN L 96 25.58 -9.96 48.25
CA ASN L 96 26.06 -9.87 46.88
C ASN L 96 25.15 -9.04 45.98
N ALA L 97 24.20 -8.32 46.55
CA ALA L 97 23.29 -7.56 45.71
C ALA L 97 23.41 -6.07 45.82
N PHE L 98 22.92 -5.35 44.80
CA PHE L 98 22.89 -3.89 44.87
C PHE L 98 21.54 -3.73 45.55
N ILE L 99 21.36 -2.77 46.45
CA ILE L 99 20.09 -2.60 47.13
C ILE L 99 19.77 -1.12 47.05
N ARG L 100 18.51 -0.75 46.85
CA ARG L 100 18.18 0.66 46.79
C ARG L 100 16.89 0.93 47.53
N ILE L 101 16.73 2.18 47.97
CA ILE L 101 15.56 2.57 48.73
C ILE L 101 14.76 3.48 47.81
N ILE L 102 13.47 3.24 47.69
CA ILE L 102 12.62 4.07 46.83
C ILE L 102 11.47 4.55 47.70
N GLY L 103 10.74 5.59 47.30
CA GLY L 103 9.64 6.07 48.09
C GLY L 103 8.50 6.46 47.17
N PHE L 104 7.31 5.91 47.41
CA PHE L 104 6.18 6.20 46.56
C PHE L 104 5.30 7.35 47.00
N ASP L 105 4.79 8.09 46.04
CA ASP L 105 3.84 9.14 46.34
C ASP L 105 2.60 8.51 45.75
N SER L 106 1.73 7.93 46.57
CA SER L 106 0.54 7.28 46.04
C SER L 106 -0.42 8.20 45.34
N ASN L 107 -0.38 9.47 45.70
CA ASN L 107 -1.27 10.42 45.07
C ASN L 107 -0.96 10.60 43.62
N ARG L 108 0.31 10.80 43.27
CA ARG L 108 0.68 10.97 41.86
C ARG L 108 1.11 9.65 41.25
N GLU L 109 1.32 8.65 42.10
CA GLU L 109 1.79 7.34 41.68
C GLU L 109 3.07 7.49 40.90
N VAL L 110 4.04 8.13 41.53
CA VAL L 110 5.36 8.35 40.96
C VAL L 110 6.34 8.10 42.09
N GLN L 111 7.52 7.60 41.79
CA GLN L 111 8.51 7.39 42.84
C GLN L 111 9.21 8.74 43.02
N CYS L 112 9.09 9.35 44.19
CA CYS L 112 9.73 10.64 44.37
C CYS L 112 11.12 10.58 44.96
N ILE L 113 11.59 9.36 45.19
CA ILE L 113 12.89 9.15 45.77
C ILE L 113 13.39 7.82 45.29
N SER L 114 14.68 7.74 45.01
CA SER L 114 15.30 6.49 44.60
C SER L 114 16.82 6.65 44.68
N PHE L 115 17.49 5.91 45.54
CA PHE L 115 18.95 6.02 45.63
C PHE L 115 19.57 4.73 46.11
N ILE L 116 20.74 4.43 45.61
CA ILE L 116 21.42 3.19 45.96
C ILE L 116 21.85 3.23 47.44
N ALA L 117 21.58 2.18 48.20
CA ALA L 117 21.94 2.19 49.61
C ALA L 117 23.04 1.21 49.96
N TYR L 118 23.35 0.27 49.06
CA TYR L 118 24.39 -0.70 49.32
C TYR L 118 24.86 -1.29 47.99
N LYS L 119 26.16 -1.53 47.86
CA LYS L 119 26.73 -2.09 46.63
C LYS L 119 27.66 -3.23 47.00
N PRO L 120 27.73 -4.27 46.15
CA PRO L 120 28.64 -5.37 46.48
C PRO L 120 30.07 -4.90 46.30
N ALA L 121 31.01 -5.62 46.92
CA ALA L 121 32.42 -5.25 46.82
C ALA L 121 32.82 -5.41 45.39
N GLY L 122 33.80 -4.61 45.00
CA GLY L 122 34.25 -4.66 43.62
C GLY L 122 33.58 -3.48 42.94
N TYR L 123 32.53 -2.96 43.59
CA TYR L 123 31.79 -1.80 43.08
C TYR L 123 31.88 -0.67 44.08
N ALA M 9 -2.53 9.03 55.37
CA ALA M 9 -1.14 8.64 54.91
C ALA M 9 -0.99 7.12 55.07
N SER M 10 -0.62 6.48 53.96
CA SER M 10 -0.41 5.02 53.88
C SER M 10 -0.81 4.29 55.15
N VAL M 11 -2.10 4.15 55.42
CA VAL M 11 -2.45 3.39 56.62
C VAL M 11 -1.81 2.02 56.30
N GLY M 12 -1.47 1.21 57.31
CA GLY M 12 -0.87 -0.09 57.01
C GLY M 12 -1.71 -1.00 56.11
N PHE M 13 -1.13 -2.13 55.70
CA PHE M 13 -1.81 -3.13 54.87
C PHE M 13 -2.08 -4.28 55.83
N LYS M 14 -3.30 -4.80 55.78
CA LYS M 14 -3.67 -5.87 56.66
C LYS M 14 -4.45 -6.83 55.77
N ALA M 15 -3.88 -8.00 55.53
CA ALA M 15 -4.53 -8.98 54.68
C ALA M 15 -5.87 -9.41 55.25
N GLY M 16 -6.75 -9.97 54.42
CA GLY M 16 -8.00 -10.42 54.97
C GLY M 16 -9.16 -9.80 54.25
N VAL M 17 -10.32 -10.45 54.32
CA VAL M 17 -11.48 -9.92 53.64
C VAL M 17 -12.30 -9.06 54.59
N LYS M 18 -12.80 -7.94 54.08
CA LYS M 18 -13.63 -7.10 54.92
C LYS M 18 -14.82 -6.64 54.10
N ASP M 19 -15.84 -6.13 54.75
CA ASP M 19 -17.06 -5.72 54.07
C ASP M 19 -16.82 -4.68 53.02
N TYR M 20 -17.54 -4.80 51.91
CA TYR M 20 -17.39 -3.83 50.83
C TYR M 20 -17.91 -2.48 51.31
N LYS M 21 -18.92 -2.48 52.18
CA LYS M 21 -19.48 -1.21 52.64
C LYS M 21 -18.50 -0.29 53.33
N LEU M 22 -17.45 -0.84 53.92
CA LEU M 22 -16.48 0.00 54.59
C LEU M 22 -15.81 0.97 53.64
N THR M 23 -15.65 0.60 52.38
CA THR M 23 -14.97 1.47 51.42
C THR M 23 -15.84 2.00 50.28
N TYR M 24 -16.85 1.23 49.92
CA TYR M 24 -17.69 1.56 48.78
C TYR M 24 -19.09 2.08 48.99
N TYR M 25 -19.54 2.22 50.23
CA TYR M 25 -20.87 2.80 50.50
C TYR M 25 -20.46 4.15 51.03
N THR M 26 -20.87 5.20 50.32
CA THR M 26 -20.46 6.56 50.64
C THR M 26 -21.68 7.46 50.46
N PRO M 27 -22.64 7.36 51.38
CA PRO M 27 -23.89 8.14 51.33
C PRO M 27 -23.75 9.64 51.42
N GLU M 28 -22.58 10.10 51.83
CA GLU M 28 -22.39 11.55 51.95
C GLU M 28 -21.83 12.18 50.68
N TYR M 29 -21.39 11.36 49.74
CA TYR M 29 -20.79 11.83 48.48
C TYR M 29 -21.67 12.73 47.66
N GLU M 30 -21.08 13.81 47.15
CA GLU M 30 -21.77 14.75 46.27
C GLU M 30 -21.19 14.38 44.90
N THR M 31 -22.04 14.08 43.92
CA THR M 31 -21.53 13.65 42.64
C THR M 31 -20.93 14.81 41.88
N LEU M 32 -19.88 14.55 41.11
CA LEU M 32 -19.20 15.55 40.30
C LEU M 32 -19.85 15.61 38.94
N ASP M 33 -19.69 16.69 38.20
CA ASP M 33 -20.29 16.78 36.89
C ASP M 33 -19.61 15.95 35.84
N THR M 34 -18.48 15.36 36.20
CA THR M 34 -17.74 14.53 35.28
C THR M 34 -17.93 13.05 35.58
N ASP M 35 -18.69 12.71 36.63
CA ASP M 35 -18.96 11.34 37.03
C ASP M 35 -19.97 10.66 36.14
N ILE M 36 -19.80 9.35 35.88
CA ILE M 36 -20.77 8.59 35.12
C ILE M 36 -21.60 8.05 36.27
N LEU M 37 -22.91 8.28 36.27
CA LEU M 37 -23.78 7.80 37.35
C LEU M 37 -24.63 6.65 36.86
N ALA M 38 -24.91 5.69 37.73
CA ALA M 38 -25.69 4.52 37.36
C ALA M 38 -26.80 4.24 38.35
N ALA M 39 -27.98 3.87 37.85
CA ALA M 39 -29.11 3.50 38.70
C ALA M 39 -29.38 2.02 38.53
N PHE M 40 -29.03 1.22 39.53
CA PHE M 40 -29.23 -0.22 39.51
C PHE M 40 -30.44 -0.63 40.34
N ARG M 41 -31.26 -1.56 39.87
CA ARG M 41 -32.39 -2.08 40.63
C ARG M 41 -31.86 -3.38 41.22
N VAL M 42 -31.48 -3.37 42.50
CA VAL M 42 -30.88 -4.53 43.17
C VAL M 42 -31.84 -5.37 44.00
N SER M 43 -31.77 -6.69 43.87
CA SER M 43 -32.59 -7.65 44.64
C SER M 43 -31.58 -8.53 45.39
N PRO M 44 -31.24 -8.19 46.65
CA PRO M 44 -30.28 -9.01 47.39
C PRO M 44 -30.78 -10.36 47.86
N GLN M 45 -29.86 -11.27 48.14
CA GLN M 45 -30.24 -12.58 48.66
C GLN M 45 -30.59 -12.31 50.12
N PRO M 46 -31.37 -13.21 50.71
CA PRO M 46 -31.74 -13.03 52.12
C PRO M 46 -30.47 -12.96 52.95
N GLY M 47 -30.43 -12.05 53.91
CA GLY M 47 -29.24 -11.97 54.75
C GLY M 47 -28.15 -11.02 54.28
N VAL M 48 -28.29 -10.49 53.07
CA VAL M 48 -27.32 -9.54 52.53
C VAL M 48 -28.06 -8.22 52.53
N PRO M 49 -27.57 -7.27 53.32
CA PRO M 49 -28.22 -5.95 53.41
C PRO M 49 -27.98 -5.02 52.22
N PRO M 50 -28.96 -4.16 51.93
CA PRO M 50 -28.84 -3.23 50.81
C PRO M 50 -27.45 -2.57 50.68
N GLU M 51 -26.96 -1.95 51.75
CA GLU M 51 -25.69 -1.26 51.70
C GLU M 51 -24.55 -2.12 51.22
N GLU M 52 -24.55 -3.37 51.63
CA GLU M 52 -23.46 -4.24 51.22
C GLU M 52 -23.69 -4.70 49.79
N ALA M 53 -24.94 -4.98 49.44
CA ALA M 53 -25.24 -5.39 48.09
C ALA M 53 -24.80 -4.24 47.17
N GLY M 54 -25.26 -3.03 47.44
CA GLY M 54 -24.86 -1.90 46.61
C GLY M 54 -23.34 -1.66 46.59
N ALA M 55 -22.70 -1.73 47.75
CA ALA M 55 -21.27 -1.52 47.82
C ALA M 55 -20.56 -2.58 47.00
N ALA M 56 -21.09 -3.80 46.98
CA ALA M 56 -20.45 -4.86 46.23
C ALA M 56 -20.53 -4.63 44.72
N VAL M 57 -21.64 -4.03 44.26
CA VAL M 57 -21.84 -3.70 42.85
C VAL M 57 -20.86 -2.59 42.49
N ALA M 58 -20.77 -1.56 43.33
CA ALA M 58 -19.86 -0.46 43.07
C ALA M 58 -18.43 -0.93 43.12
N ALA M 59 -18.11 -1.87 43.99
CA ALA M 59 -16.74 -2.35 44.12
C ALA M 59 -16.17 -3.13 42.93
N GLU M 60 -16.86 -4.21 42.55
CA GLU M 60 -16.38 -5.04 41.45
C GLU M 60 -16.53 -4.39 40.07
N SER M 61 -17.28 -3.30 39.97
CA SER M 61 -17.43 -2.66 38.67
C SER M 61 -16.45 -1.50 38.54
N SER M 62 -15.54 -1.39 39.48
CA SER M 62 -14.58 -0.31 39.39
C SER M 62 -13.18 -0.68 39.83
N THR M 63 -12.89 -0.65 41.12
CA THR M 63 -11.53 -0.92 41.56
C THR M 63 -11.27 -2.03 42.53
N GLY M 64 -12.30 -2.58 43.16
CA GLY M 64 -12.01 -3.56 44.18
C GLY M 64 -12.19 -5.03 43.93
N THR M 65 -11.66 -5.85 44.84
CA THR M 65 -11.84 -7.29 44.71
C THR M 65 -12.36 -7.89 46.03
N TRP M 66 -12.43 -9.21 46.13
CA TRP M 66 -12.97 -9.88 47.32
C TRP M 66 -12.16 -9.88 48.60
N THR M 67 -10.88 -9.50 48.57
CA THR M 67 -10.04 -9.49 49.77
C THR M 67 -9.09 -8.32 49.67
N THR M 68 -8.54 -7.83 50.78
CA THR M 68 -7.63 -6.68 50.73
C THR M 68 -6.30 -6.97 50.02
N VAL M 69 -5.93 -6.10 49.09
CA VAL M 69 -4.68 -6.28 48.35
C VAL M 69 -3.75 -5.13 48.72
N TRP M 70 -2.44 -5.37 48.79
CA TRP M 70 -1.53 -4.29 49.17
C TRP M 70 -1.33 -3.18 48.17
N THR M 71 -1.58 -3.47 46.90
CA THR M 71 -1.36 -2.49 45.86
C THR M 71 -2.24 -1.28 45.92
N ASP M 72 -3.34 -1.36 46.65
CA ASP M 72 -4.22 -0.20 46.74
C ASP M 72 -3.43 0.99 47.23
N GLY M 73 -2.40 0.72 48.01
CA GLY M 73 -1.60 1.78 48.56
C GLY M 73 -0.68 2.49 47.61
N LEU M 74 -0.47 1.92 46.42
CA LEU M 74 0.41 2.57 45.45
C LEU M 74 -0.34 3.68 44.73
N THR M 75 -1.68 3.72 44.85
CA THR M 75 -2.50 4.78 44.23
C THR M 75 -3.31 5.50 45.27
N ASN M 76 -4.25 6.31 44.80
CA ASN M 76 -5.13 7.10 45.63
C ASN M 76 -6.49 6.55 45.29
N LEU M 77 -6.88 5.47 45.94
CA LEU M 77 -8.16 4.83 45.66
C LEU M 77 -9.34 5.75 45.80
N ASP M 78 -9.24 6.72 46.69
CA ASP M 78 -10.34 7.65 46.89
C ASP M 78 -10.71 8.32 45.60
N ARG M 79 -9.76 8.48 44.68
CA ARG M 79 -10.14 9.15 43.46
C ARG M 79 -10.57 8.28 42.32
N TYR M 80 -10.38 6.97 42.44
CA TYR M 80 -10.75 6.06 41.37
C TYR M 80 -11.92 5.16 41.69
N LYS M 81 -12.16 4.90 42.96
CA LYS M 81 -13.23 4.00 43.34
C LYS M 81 -14.62 4.42 42.95
N GLY M 82 -15.43 3.44 42.56
CA GLY M 82 -16.81 3.73 42.22
C GLY M 82 -17.46 3.71 43.58
N ARG M 83 -18.58 4.38 43.76
CA ARG M 83 -19.16 4.39 45.08
C ARG M 83 -20.65 4.48 45.10
N CYS M 84 -21.26 3.67 45.98
CA CYS M 84 -22.71 3.65 46.14
C CYS M 84 -23.03 4.81 47.05
N TYR M 85 -23.63 5.84 46.49
CA TYR M 85 -23.92 7.04 47.24
C TYR M 85 -25.37 7.25 47.64
N HIS M 86 -26.27 6.37 47.28
CA HIS M 86 -27.64 6.58 47.66
C HIS M 86 -28.42 5.32 47.43
N ILE M 87 -29.34 4.99 48.32
CA ILE M 87 -30.14 3.77 48.16
C ILE M 87 -31.57 4.16 48.38
N GLU M 88 -32.47 3.69 47.54
CA GLU M 88 -33.85 4.06 47.76
C GLU M 88 -34.66 2.78 47.59
N PRO M 89 -35.48 2.43 48.57
CA PRO M 89 -36.29 1.21 48.46
C PRO M 89 -37.35 1.32 47.39
N VAL M 90 -37.65 0.18 46.75
CA VAL M 90 -38.64 0.12 45.69
C VAL M 90 -40.04 -0.10 46.25
N ALA M 91 -40.93 0.83 45.94
CA ALA M 91 -42.29 0.80 46.43
C ALA M 91 -43.05 -0.42 46.04
N GLY M 92 -43.62 -1.10 47.02
CA GLY M 92 -44.45 -2.24 46.66
C GLY M 92 -43.66 -3.48 46.42
N GLU M 93 -42.35 -3.38 46.54
CA GLU M 93 -41.58 -4.58 46.36
C GLU M 93 -40.92 -4.77 47.66
N GLU M 94 -40.62 -6.02 47.92
CA GLU M 94 -39.98 -6.42 49.16
C GLU M 94 -38.54 -6.77 48.81
N ASN M 95 -37.61 -6.31 49.61
CA ASN M 95 -36.24 -6.64 49.32
C ASN M 95 -35.74 -6.28 47.90
N GLN M 96 -36.09 -5.09 47.42
CA GLN M 96 -35.65 -4.58 46.14
C GLN M 96 -35.35 -3.11 46.35
N TYR M 97 -34.20 -2.63 45.89
CA TYR M 97 -33.82 -1.22 46.07
C TYR M 97 -33.26 -0.67 44.77
N ILE M 98 -33.16 0.64 44.67
CA ILE M 98 -32.53 1.29 43.52
C ILE M 98 -31.28 1.84 44.17
N CYS M 99 -30.11 1.32 43.83
CA CYS M 99 -28.85 1.82 44.36
C CYS M 99 -28.20 2.68 43.29
N TYR M 100 -27.74 3.87 43.65
CA TYR M 100 -27.11 4.78 42.72
C TYR M 100 -25.62 4.67 42.88
N VAL M 101 -24.87 4.48 41.79
CA VAL M 101 -23.41 4.38 41.85
C VAL M 101 -22.78 5.45 40.97
N ALA M 102 -21.70 6.06 41.45
CA ALA M 102 -20.99 7.10 40.70
C ALA M 102 -19.61 6.55 40.36
N TYR M 103 -19.18 6.75 39.12
CA TYR M 103 -17.90 6.28 38.64
C TYR M 103 -17.15 7.49 38.11
N PRO M 104 -15.92 7.72 38.59
CA PRO M 104 -15.12 8.86 38.15
C PRO M 104 -14.73 8.80 36.67
N LEU M 105 -14.61 9.94 36.02
CA LEU M 105 -14.30 9.99 34.59
C LEU M 105 -13.04 9.26 34.18
N ASP M 106 -12.05 9.17 35.06
CA ASP M 106 -10.78 8.54 34.71
C ASP M 106 -10.83 7.05 34.52
N LEU M 107 -11.96 6.42 34.77
CA LEU M 107 -12.05 4.98 34.62
C LEU M 107 -12.37 4.53 33.23
N PHE M 108 -12.78 5.44 32.37
CA PHE M 108 -13.19 5.05 31.02
C PHE M 108 -12.29 5.46 29.86
N GLU M 109 -12.21 4.61 28.85
CA GLU M 109 -11.41 4.94 27.68
C GLU M 109 -12.31 5.83 26.86
N GLU M 110 -11.73 6.90 26.35
CA GLU M 110 -12.44 7.88 25.57
C GLU M 110 -12.99 7.23 24.33
N GLY M 111 -14.23 7.53 23.98
CA GLY M 111 -14.82 7.01 22.75
C GLY M 111 -15.12 5.53 22.58
N SER M 112 -15.07 4.80 23.67
CA SER M 112 -15.29 3.36 23.66
C SER M 112 -16.50 2.89 24.46
N VAL M 113 -17.64 2.71 23.82
CA VAL M 113 -18.81 2.22 24.51
C VAL M 113 -18.49 0.84 25.04
N THR M 114 -17.61 0.11 24.37
CA THR M 114 -17.20 -1.21 24.80
C THR M 114 -16.55 -1.18 26.18
N ASN M 115 -15.75 -0.17 26.46
CA ASN M 115 -15.11 -0.09 27.75
C ASN M 115 -16.09 0.35 28.82
N MET M 116 -16.98 1.28 28.52
CA MET M 116 -17.96 1.72 29.51
C MET M 116 -18.73 0.49 30.02
N PHE M 117 -19.28 -0.31 29.13
CA PHE M 117 -20.01 -1.51 29.53
C PHE M 117 -19.18 -2.57 30.20
N THR M 118 -17.93 -2.76 29.81
CA THR M 118 -17.14 -3.78 30.47
C THR M 118 -16.96 -3.53 31.96
N SER M 119 -16.91 -2.27 32.39
CA SER M 119 -16.80 -1.96 33.81
C SER M 119 -18.13 -2.03 34.53
N ILE M 120 -19.08 -1.18 34.12
CA ILE M 120 -20.38 -1.09 34.75
C ILE M 120 -21.27 -2.32 34.71
N VAL M 121 -21.09 -3.17 33.70
CA VAL M 121 -21.96 -4.32 33.50
C VAL M 121 -21.19 -5.64 33.32
N GLY M 122 -19.89 -5.60 33.55
CA GLY M 122 -19.07 -6.75 33.34
C GLY M 122 -19.26 -7.98 34.18
N ASN M 123 -19.19 -7.87 35.49
CA ASN M 123 -19.31 -9.03 36.34
C ASN M 123 -20.36 -9.00 37.43
N VAL M 124 -20.79 -7.82 37.85
CA VAL M 124 -21.74 -7.68 38.94
C VAL M 124 -23.08 -8.42 38.87
N PHE M 125 -23.59 -8.68 37.67
CA PHE M 125 -24.87 -9.35 37.57
C PHE M 125 -24.79 -10.82 37.94
N GLY M 126 -23.59 -11.33 38.17
CA GLY M 126 -23.46 -12.74 38.48
C GLY M 126 -23.04 -13.05 39.90
N PHE M 127 -22.99 -12.04 40.75
CA PHE M 127 -22.60 -12.21 42.16
C PHE M 127 -23.54 -13.22 42.83
N LYS M 128 -22.98 -14.14 43.62
CA LYS M 128 -23.80 -15.12 44.32
C LYS M 128 -24.71 -14.44 45.33
N ALA M 129 -24.24 -13.32 45.88
CA ALA M 129 -24.99 -12.57 46.88
C ALA M 129 -26.17 -11.76 46.39
N LEU M 130 -26.44 -11.76 45.09
CA LEU M 130 -27.59 -11.01 44.57
C LEU M 130 -28.51 -12.02 43.91
N ARG M 131 -29.81 -11.74 43.86
CA ARG M 131 -30.79 -12.63 43.23
C ARG M 131 -31.01 -12.19 41.80
N ALA M 132 -31.06 -10.88 41.61
CA ALA M 132 -31.28 -10.31 40.30
C ALA M 132 -30.71 -8.92 40.35
N LEU M 133 -30.40 -8.34 39.19
CA LEU M 133 -29.82 -7.00 39.12
C LEU M 133 -30.26 -6.40 37.79
N ARG M 134 -30.63 -5.12 37.75
CA ARG M 134 -31.01 -4.51 36.49
C ARG M 134 -30.46 -3.10 36.38
N LEU M 135 -29.83 -2.74 35.26
CA LEU M 135 -29.33 -1.39 35.10
C LEU M 135 -30.47 -0.63 34.46
N GLU M 136 -30.95 0.43 35.11
CA GLU M 136 -32.06 1.19 34.58
C GLU M 136 -31.67 2.42 33.81
N ASP M 137 -30.60 3.09 34.21
CA ASP M 137 -30.21 4.28 33.51
C ASP M 137 -28.77 4.67 33.83
N LEU M 138 -28.18 5.51 32.97
CA LEU M 138 -26.81 6.00 33.13
C LEU M 138 -26.83 7.47 32.82
N ARG M 139 -26.10 8.27 33.60
CA ARG M 139 -26.01 9.71 33.33
C ARG M 139 -24.63 9.83 32.72
N ILE M 140 -24.55 10.08 31.41
CA ILE M 140 -23.26 10.21 30.74
C ILE M 140 -22.93 11.68 30.79
N PRO M 141 -21.86 12.06 31.48
CA PRO M 141 -21.38 13.42 31.65
C PRO M 141 -20.96 14.07 30.36
N VAL M 142 -21.21 15.36 30.19
CA VAL M 142 -20.85 15.98 28.93
C VAL M 142 -19.38 15.90 28.58
N ALA M 143 -18.49 15.81 29.55
CA ALA M 143 -17.07 15.70 29.26
C ALA M 143 -16.75 14.35 28.60
N TYR M 144 -17.55 13.33 28.86
CA TYR M 144 -17.34 12.02 28.25
C TYR M 144 -18.07 11.96 26.92
N VAL M 145 -19.21 12.63 26.80
CA VAL M 145 -19.97 12.65 25.54
C VAL M 145 -19.16 13.21 24.37
N LYS M 146 -18.30 14.18 24.63
CA LYS M 146 -17.48 14.83 23.61
C LYS M 146 -16.36 13.98 23.04
N THR M 147 -16.06 12.87 23.69
CA THR M 147 -15.03 11.99 23.18
C THR M 147 -15.61 11.01 22.16
N PHE M 148 -16.87 11.17 21.78
CA PHE M 148 -17.53 10.28 20.84
C PHE M 148 -17.93 11.02 19.59
N GLN M 149 -18.02 10.33 18.47
CA GLN M 149 -18.42 11.00 17.26
C GLN M 149 -19.94 11.14 17.25
N GLY M 150 -20.64 10.12 17.71
CA GLY M 150 -22.09 10.19 17.72
C GLY M 150 -22.60 9.78 16.37
N PRO M 151 -23.85 10.07 16.05
CA PRO M 151 -24.40 9.69 14.75
C PRO M 151 -23.57 10.17 13.55
N PRO M 152 -23.45 9.36 12.50
CA PRO M 152 -22.68 9.85 11.37
C PRO M 152 -23.29 11.14 10.79
N HIS M 153 -24.61 11.30 10.84
CA HIS M 153 -25.26 12.47 10.29
C HIS M 153 -26.31 13.08 11.21
N GLY M 154 -27.31 12.31 11.60
CA GLY M 154 -28.35 12.82 12.49
C GLY M 154 -29.55 13.31 11.73
N ILE M 155 -30.65 13.56 12.46
CA ILE M 155 -31.90 14.02 11.88
C ILE M 155 -31.86 15.18 10.91
N GLN M 156 -31.27 16.31 11.30
CA GLN M 156 -31.24 17.48 10.43
C GLN M 156 -30.53 17.21 9.13
N VAL M 157 -29.32 16.68 9.21
CA VAL M 157 -28.56 16.42 8.01
C VAL M 157 -29.23 15.39 7.12
N GLU M 158 -29.83 14.36 7.69
CA GLU M 158 -30.50 13.36 6.89
C GLU M 158 -31.67 13.92 6.10
N ARG M 159 -32.49 14.76 6.71
CA ARG M 159 -33.62 15.33 6.01
C ARG M 159 -33.11 16.22 4.89
N ASP M 160 -32.02 16.94 5.17
CA ASP M 160 -31.41 17.83 4.20
C ASP M 160 -30.84 17.14 2.96
N LYS M 161 -30.26 15.97 3.17
CA LYS M 161 -29.70 15.21 2.08
C LYS M 161 -30.76 14.53 1.23
N LEU M 162 -31.78 13.99 1.87
CA LEU M 162 -32.85 13.31 1.14
C LEU M 162 -33.92 14.26 0.64
N ASN M 163 -33.91 15.49 1.13
CA ASN M 163 -34.87 16.52 0.75
C ASN M 163 -36.27 16.15 1.21
N LYS M 164 -36.39 15.65 2.43
CA LYS M 164 -37.67 15.21 2.99
C LYS M 164 -38.00 15.95 4.27
N TYR M 165 -39.11 16.67 4.25
CA TYR M 165 -39.52 17.49 5.38
C TYR M 165 -41.01 17.43 5.61
N GLY M 166 -41.43 17.66 6.85
CA GLY M 166 -42.85 17.72 7.14
C GLY M 166 -43.69 16.51 7.36
N ARG M 167 -43.09 15.34 7.55
CA ARG M 167 -43.89 14.14 7.76
C ARG M 167 -42.95 13.03 8.12
N PRO M 168 -43.44 11.95 8.75
CA PRO M 168 -42.56 10.84 9.09
C PRO M 168 -42.07 10.21 7.77
N LEU M 169 -41.01 9.42 7.83
CA LEU M 169 -40.50 8.78 6.63
C LEU M 169 -41.12 7.38 6.60
N LEU M 170 -41.43 6.85 5.42
CA LEU M 170 -42.04 5.54 5.27
C LEU M 170 -41.09 4.52 4.73
N GLY M 171 -41.04 3.33 5.31
CA GLY M 171 -40.14 2.30 4.80
C GLY M 171 -40.83 0.94 4.75
N CYS M 172 -40.17 -0.09 4.26
CA CYS M 172 -40.80 -1.41 4.16
C CYS M 172 -39.79 -2.53 4.13
N THR M 173 -39.97 -3.58 4.93
CA THR M 173 -39.04 -4.71 4.96
C THR M 173 -39.50 -5.79 3.98
N ILE M 174 -38.62 -6.21 3.07
CA ILE M 174 -38.98 -7.21 2.07
C ILE M 174 -39.21 -8.55 2.77
N LYS M 175 -40.18 -9.33 2.31
CA LYS M 175 -40.52 -10.63 2.91
C LYS M 175 -40.67 -11.67 1.83
N PRO M 176 -40.49 -12.96 2.14
CA PRO M 176 -40.16 -13.58 3.43
C PRO M 176 -38.80 -13.16 3.86
N LYS M 177 -38.52 -13.21 5.16
CA LYS M 177 -37.23 -12.81 5.69
C LYS M 177 -36.08 -13.36 4.90
N LEU M 178 -36.04 -14.68 4.76
CA LEU M 178 -34.97 -15.37 4.03
C LEU M 178 -35.60 -16.23 2.97
N GLY M 179 -34.86 -16.54 1.93
CA GLY M 179 -35.42 -17.39 0.89
C GLY M 179 -35.59 -16.77 -0.48
N LEU M 180 -35.70 -15.45 -0.60
CA LEU M 180 -35.84 -14.86 -1.91
C LEU M 180 -34.49 -14.81 -2.63
N SER M 181 -34.48 -14.83 -3.96
CA SER M 181 -33.25 -14.75 -4.73
C SER M 181 -32.95 -13.27 -4.92
N ALA M 182 -31.76 -12.94 -5.42
CA ALA M 182 -31.37 -11.55 -5.63
C ALA M 182 -32.23 -10.83 -6.66
N LYS M 183 -32.56 -11.46 -7.79
CA LYS M 183 -33.38 -10.76 -8.76
C LYS M 183 -34.79 -10.54 -8.20
N ASN M 184 -35.31 -11.52 -7.44
CA ASN M 184 -36.65 -11.36 -6.87
C ASN M 184 -36.67 -10.30 -5.79
N TYR M 185 -35.59 -10.17 -5.04
CA TYR M 185 -35.52 -9.13 -4.01
C TYR M 185 -35.61 -7.77 -4.70
N GLY M 186 -34.84 -7.54 -5.75
CA GLY M 186 -34.90 -6.27 -6.45
C GLY M 186 -36.23 -5.96 -7.08
N ARG M 187 -36.95 -6.99 -7.53
CA ARG M 187 -38.27 -6.81 -8.15
C ARG M 187 -39.28 -6.32 -7.12
N ALA M 188 -39.21 -6.89 -5.93
CA ALA M 188 -40.11 -6.52 -4.85
C ALA M 188 -39.77 -5.11 -4.37
N VAL M 189 -38.50 -4.71 -4.46
CA VAL M 189 -38.01 -3.40 -4.04
C VAL M 189 -38.48 -2.31 -4.97
N TYR M 190 -38.34 -2.54 -6.27
CA TYR M 190 -38.78 -1.56 -7.23
C TYR M 190 -40.26 -1.29 -7.09
N GLU M 191 -41.08 -2.33 -6.94
CA GLU M 191 -42.52 -2.16 -6.81
C GLU M 191 -42.93 -1.41 -5.55
N CYS M 192 -42.31 -1.67 -4.40
CA CYS M 192 -42.65 -0.93 -3.19
C CYS M 192 -42.27 0.53 -3.31
N LEU M 193 -41.08 0.81 -3.81
CA LEU M 193 -40.60 2.17 -3.93
C LEU M 193 -41.42 3.01 -4.88
N ARG M 194 -41.84 2.48 -6.01
CA ARG M 194 -42.59 3.30 -6.94
C ARG M 194 -43.97 3.68 -6.43
N GLY M 195 -44.43 3.01 -5.40
CA GLY M 195 -45.75 3.29 -4.85
C GLY M 195 -45.77 4.41 -3.82
N GLY M 196 -44.63 4.97 -3.47
CA GLY M 196 -44.65 6.06 -2.53
C GLY M 196 -43.88 5.88 -1.25
N LEU M 197 -43.28 4.72 -1.00
CA LEU M 197 -42.51 4.53 0.22
C LEU M 197 -41.15 5.15 -0.03
N ASP M 198 -40.52 5.69 1.00
CA ASP M 198 -39.21 6.33 0.85
C ASP M 198 -38.09 5.31 0.83
N PHE M 199 -38.20 4.28 1.66
CA PHE M 199 -37.17 3.24 1.79
C PHE M 199 -37.72 1.82 1.79
N THR M 200 -36.88 0.87 1.39
CA THR M 200 -37.20 -0.56 1.50
C THR M 200 -35.94 -1.04 2.24
N LYS M 201 -35.95 -2.24 2.80
CA LYS M 201 -34.76 -2.67 3.52
C LYS M 201 -34.55 -4.15 3.57
N ASP M 202 -33.31 -4.54 3.79
CA ASP M 202 -32.99 -5.94 3.91
C ASP M 202 -33.55 -6.25 5.28
N ASP M 203 -33.98 -7.47 5.55
CA ASP M 203 -34.45 -7.77 6.89
C ASP M 203 -33.17 -7.93 7.68
N GLU M 204 -33.22 -7.89 9.00
CA GLU M 204 -32.00 -7.97 9.80
C GLU M 204 -31.12 -9.17 9.63
N ASN M 205 -31.70 -10.29 9.23
CA ASN M 205 -30.91 -11.51 9.08
C ASN M 205 -30.47 -11.81 7.67
N VAL M 206 -30.76 -10.91 6.74
CA VAL M 206 -30.33 -11.07 5.37
C VAL M 206 -28.92 -10.52 5.30
N ASN M 207 -27.92 -11.38 5.20
CA ASN M 207 -26.52 -10.96 5.10
C ASN M 207 -26.04 -11.50 3.75
N SER M 208 -25.44 -12.69 3.76
CA SER M 208 -25.00 -13.34 2.54
C SER M 208 -25.25 -14.80 2.84
N GLN M 209 -26.08 -15.45 2.05
CA GLN M 209 -26.42 -16.83 2.29
C GLN M 209 -26.55 -17.61 0.99
N PRO M 210 -26.54 -18.95 1.06
CA PRO M 210 -26.66 -19.74 -0.16
C PRO M 210 -27.76 -19.31 -1.14
N PHE M 211 -28.91 -18.89 -0.64
CA PHE M 211 -29.99 -18.50 -1.53
C PHE M 211 -29.84 -17.15 -2.20
N MET M 212 -29.03 -16.28 -1.62
CA MET M 212 -28.83 -14.95 -2.16
C MET M 212 -27.55 -14.41 -1.57
N ARG M 213 -26.53 -14.20 -2.41
CA ARG M 213 -25.25 -13.68 -1.94
C ARG M 213 -25.31 -12.16 -1.90
N TRP M 214 -24.62 -11.55 -0.97
CA TRP M 214 -24.71 -10.10 -0.82
C TRP M 214 -24.43 -9.24 -2.02
N ARG M 215 -23.35 -9.50 -2.75
CA ARG M 215 -23.04 -8.65 -3.88
C ARG M 215 -24.08 -8.69 -4.98
N ASP M 216 -24.73 -9.83 -5.20
CA ASP M 216 -25.78 -9.91 -6.20
C ASP M 216 -26.97 -9.12 -5.69
N ARG M 217 -27.24 -9.16 -4.40
CA ARG M 217 -28.36 -8.40 -3.86
C ARG M 217 -28.15 -6.91 -3.97
N PHE M 218 -27.01 -6.41 -3.51
CA PHE M 218 -26.68 -4.99 -3.59
C PHE M 218 -26.82 -4.47 -5.00
N LEU M 219 -26.33 -5.22 -5.96
CA LEU M 219 -26.38 -4.84 -7.36
C LEU M 219 -27.78 -4.72 -7.95
N PHE M 220 -28.63 -5.73 -7.71
CA PHE M 220 -30.01 -5.72 -8.19
C PHE M 220 -30.85 -4.70 -7.46
N CYS M 221 -30.60 -4.50 -6.18
CA CYS M 221 -31.35 -3.49 -5.44
C CYS M 221 -30.99 -2.09 -5.90
N ALA M 222 -29.76 -1.89 -6.35
CA ALA M 222 -29.40 -0.57 -6.86
C ALA M 222 -30.16 -0.30 -8.15
N GLU M 223 -30.26 -1.28 -9.03
CA GLU M 223 -30.98 -1.07 -10.28
C GLU M 223 -32.42 -0.76 -9.97
N ALA M 224 -33.03 -1.53 -9.07
CA ALA M 224 -34.42 -1.29 -8.71
C ALA M 224 -34.64 0.07 -8.06
N LEU M 225 -33.82 0.46 -7.09
CA LEU M 225 -34.04 1.76 -6.46
C LEU M 225 -33.88 2.92 -7.44
N TYR M 226 -32.92 2.83 -8.35
CA TYR M 226 -32.72 3.89 -9.32
C TYR M 226 -33.88 3.99 -10.29
N LYS M 227 -34.55 2.88 -10.55
CA LYS M 227 -35.68 2.87 -11.48
C LYS M 227 -36.88 3.54 -10.81
N ALA M 228 -37.15 3.19 -9.57
CA ALA M 228 -38.26 3.80 -8.87
C ALA M 228 -38.02 5.29 -8.68
N GLN M 229 -36.78 5.70 -8.45
CA GLN M 229 -36.48 7.11 -8.28
C GLN M 229 -36.73 7.89 -9.55
N ALA M 230 -36.40 7.31 -10.70
CA ALA M 230 -36.61 8.01 -11.96
C ALA M 230 -38.08 8.12 -12.28
N GLU M 231 -38.85 7.13 -11.87
CA GLU M 231 -40.28 7.11 -12.14
C GLU M 231 -41.05 8.10 -11.30
N THR M 232 -40.69 8.23 -10.04
CA THR M 232 -41.43 9.10 -9.14
C THR M 232 -40.94 10.52 -8.93
N GLY M 233 -39.65 10.75 -9.05
CA GLY M 233 -39.16 12.08 -8.83
C GLY M 233 -38.83 12.37 -7.37
N GLU M 234 -38.89 11.35 -6.52
CA GLU M 234 -38.57 11.51 -5.10
C GLU M 234 -37.34 10.68 -4.80
N ILE M 235 -36.45 11.16 -3.96
CA ILE M 235 -35.25 10.41 -3.64
C ILE M 235 -35.63 9.11 -2.92
N LYS M 236 -35.08 7.97 -3.33
CA LYS M 236 -35.39 6.67 -2.72
C LYS M 236 -34.12 6.08 -2.13
N GLY M 237 -34.27 5.14 -1.21
CA GLY M 237 -33.13 4.50 -0.61
C GLY M 237 -33.50 3.07 -0.27
N HIS M 238 -32.53 2.17 -0.17
CA HIS M 238 -32.80 0.78 0.20
C HIS M 238 -31.68 0.45 1.17
N TYR M 239 -31.99 0.11 2.43
CA TYR M 239 -30.90 -0.18 3.35
C TYR M 239 -30.20 -1.47 3.01
N LEU M 240 -28.92 -1.40 2.66
CA LEU M 240 -28.14 -2.59 2.31
C LEU M 240 -27.46 -3.05 3.59
N ASN M 241 -27.65 -4.30 3.98
CA ASN M 241 -27.09 -4.81 5.22
C ASN M 241 -25.61 -5.12 5.13
N ALA M 242 -24.81 -4.47 5.96
CA ALA M 242 -23.38 -4.69 6.00
C ALA M 242 -22.96 -5.61 7.13
N THR M 243 -23.91 -6.06 7.97
CA THR M 243 -23.60 -6.94 9.09
C THR M 243 -22.87 -8.14 8.55
N ALA M 244 -21.80 -8.58 9.21
CA ALA M 244 -21.09 -9.72 8.67
C ALA M 244 -20.32 -10.39 9.75
N GLY M 245 -19.57 -11.42 9.40
CA GLY M 245 -18.85 -12.14 10.40
C GLY M 245 -17.57 -11.58 10.94
N THR M 246 -16.87 -10.78 10.16
CA THR M 246 -15.60 -10.20 10.55
C THR M 246 -15.62 -8.72 10.21
N CYS M 247 -14.72 -7.93 10.78
CA CYS M 247 -14.71 -6.49 10.47
C CYS M 247 -14.39 -6.33 9.02
N GLU M 248 -13.54 -7.21 8.50
CA GLU M 248 -13.11 -7.17 7.11
C GLU M 248 -14.23 -7.34 6.14
N ASP M 249 -15.10 -8.31 6.39
CA ASP M 249 -16.24 -8.52 5.53
C ASP M 249 -17.22 -7.41 5.63
N MET M 250 -17.42 -6.87 6.81
CA MET M 250 -18.35 -5.74 6.99
C MET M 250 -17.88 -4.55 6.16
N MET M 251 -16.60 -4.24 6.19
CA MET M 251 -16.08 -3.12 5.41
C MET M 251 -16.21 -3.33 3.92
N LYS M 252 -16.06 -4.56 3.46
CA LYS M 252 -16.19 -4.89 2.04
C LYS M 252 -17.54 -4.52 1.52
N ARG M 253 -18.56 -4.79 2.31
CA ARG M 253 -19.92 -4.52 1.92
C ARG M 253 -20.20 -3.05 1.95
N ALA M 254 -19.68 -2.34 2.94
CA ALA M 254 -19.88 -0.90 3.01
C ALA M 254 -19.21 -0.24 1.83
N VAL M 255 -18.03 -0.69 1.47
CA VAL M 255 -17.29 -0.15 0.32
C VAL M 255 -18.04 -0.31 -1.01
N PHE M 256 -18.72 -1.43 -1.25
CA PHE M 256 -19.46 -1.60 -2.50
C PHE M 256 -20.68 -0.70 -2.48
N ALA M 257 -21.29 -0.45 -1.33
CA ALA M 257 -22.44 0.44 -1.24
C ALA M 257 -21.98 1.84 -1.60
N ARG M 258 -20.79 2.21 -1.17
CA ARG M 258 -20.25 3.52 -1.51
C ARG M 258 -20.01 3.61 -3.02
N GLU M 259 -19.50 2.53 -3.62
CA GLU M 259 -19.22 2.49 -5.06
C GLU M 259 -20.46 2.56 -5.93
N LEU M 260 -21.59 2.09 -5.40
CA LEU M 260 -22.85 2.13 -6.14
C LEU M 260 -23.54 3.49 -6.02
N GLY M 261 -23.10 4.28 -5.04
CA GLY M 261 -23.66 5.60 -4.84
C GLY M 261 -24.99 5.67 -4.12
N VAL M 262 -25.37 4.60 -3.44
CA VAL M 262 -26.64 4.51 -2.73
C VAL M 262 -26.55 5.32 -1.45
N PRO M 263 -27.68 5.80 -0.91
CA PRO M 263 -27.54 6.60 0.30
C PRO M 263 -27.51 6.00 1.67
N ILE M 264 -27.86 4.73 1.85
CA ILE M 264 -27.93 4.19 3.20
C ILE M 264 -27.55 2.72 3.38
N VAL M 265 -26.81 2.42 4.46
CA VAL M 265 -26.41 1.05 4.80
C VAL M 265 -27.03 0.74 6.16
N MET M 266 -26.89 -0.48 6.64
CA MET M 266 -27.55 -0.92 7.86
C MET M 266 -26.64 -1.85 8.65
N HIS M 267 -26.79 -1.90 9.97
CA HIS M 267 -25.95 -2.75 10.82
C HIS M 267 -26.76 -3.20 12.02
N ASP M 268 -26.53 -4.43 12.47
CA ASP M 268 -27.16 -5.00 13.66
C ASP M 268 -26.11 -4.77 14.75
N TYR M 269 -26.22 -3.67 15.48
CA TYR M 269 -25.23 -3.32 16.48
C TYR M 269 -24.97 -4.21 17.65
N LEU M 270 -25.95 -4.98 18.09
CA LEU M 270 -25.76 -5.85 19.24
C LEU M 270 -25.24 -7.23 18.85
N THR M 271 -25.69 -7.77 17.71
CA THR M 271 -25.18 -9.07 17.28
C THR M 271 -23.85 -8.86 16.59
N GLY M 272 -23.66 -7.73 15.93
CA GLY M 272 -22.39 -7.41 15.32
C GLY M 272 -21.43 -7.01 16.42
N GLY M 273 -21.83 -6.07 17.28
CA GLY M 273 -21.02 -5.66 18.41
C GLY M 273 -20.72 -4.19 18.39
N PHE M 274 -20.39 -3.62 19.54
CA PHE M 274 -20.08 -2.20 19.61
C PHE M 274 -18.76 -1.87 18.93
N THR M 275 -17.76 -2.74 19.05
CA THR M 275 -16.49 -2.51 18.40
C THR M 275 -16.68 -2.44 16.89
N ALA M 276 -17.38 -3.39 16.28
CA ALA M 276 -17.59 -3.29 14.85
C ALA M 276 -18.50 -2.12 14.50
N ASN M 277 -19.51 -1.83 15.31
CA ASN M 277 -20.41 -0.72 15.00
C ASN M 277 -19.72 0.63 14.98
N THR M 278 -18.83 0.91 15.93
CA THR M 278 -18.11 2.15 15.95
C THR M 278 -17.24 2.32 14.69
N THR M 279 -16.64 1.24 14.19
CA THR M 279 -15.85 1.28 12.97
C THR M 279 -16.71 1.66 11.77
N LEU M 280 -17.89 1.08 11.63
CA LEU M 280 -18.79 1.38 10.53
C LEU M 280 -19.34 2.80 10.60
N SER M 281 -19.66 3.24 11.80
CA SER M 281 -20.16 4.58 12.01
C SER M 281 -19.13 5.62 11.56
N HIS M 282 -17.86 5.40 11.89
CA HIS M 282 -16.83 6.31 11.48
C HIS M 282 -16.69 6.27 9.98
N TYR M 283 -16.75 5.08 9.39
CA TYR M 283 -16.65 4.95 7.95
C TYR M 283 -17.80 5.68 7.26
N CYS M 284 -19.00 5.59 7.83
CA CYS M 284 -20.15 6.25 7.25
C CYS M 284 -20.04 7.76 7.31
N ARG M 285 -19.47 8.28 8.40
CA ARG M 285 -19.28 9.71 8.51
C ARG M 285 -18.31 10.14 7.43
N ASP M 286 -17.24 9.40 7.24
CA ASP M 286 -16.23 9.71 6.24
C ASP M 286 -16.63 9.57 4.79
N ASN M 287 -17.66 8.77 4.52
CA ASN M 287 -18.10 8.54 3.16
C ASN M 287 -19.50 8.92 2.79
N GLY M 288 -20.15 9.70 3.65
CA GLY M 288 -21.49 10.18 3.37
C GLY M 288 -22.63 9.18 3.36
N LEU M 289 -22.49 8.08 4.07
CA LEU M 289 -23.53 7.07 4.07
C LEU M 289 -24.38 7.19 5.31
N LEU M 290 -25.70 7.10 5.18
CA LEU M 290 -26.59 7.14 6.32
C LEU M 290 -26.54 5.75 6.91
N LEU M 291 -26.60 5.62 8.23
CA LEU M 291 -26.53 4.32 8.89
C LEU M 291 -27.79 3.97 9.68
N HIS M 292 -28.50 2.93 9.28
CA HIS M 292 -29.71 2.46 9.95
C HIS M 292 -29.33 1.37 10.94
N ILE M 293 -29.77 1.45 12.20
CA ILE M 293 -29.40 0.44 13.18
C ILE M 293 -30.53 -0.46 13.66
N HIS M 294 -30.30 -1.77 13.72
CA HIS M 294 -31.27 -2.75 14.18
C HIS M 294 -30.89 -3.18 15.56
N ARG M 295 -31.87 -3.42 16.41
CA ARG M 295 -31.56 -3.82 17.77
C ARG M 295 -31.76 -5.31 18.00
N ALA M 296 -31.59 -6.11 16.95
CA ALA M 296 -31.74 -7.54 17.04
C ALA M 296 -31.03 -8.02 18.28
N MET M 297 -31.71 -8.86 19.05
CA MET M 297 -31.22 -9.45 20.29
C MET M 297 -31.44 -8.59 21.54
N HIS M 298 -32.04 -7.43 21.40
CA HIS M 298 -32.22 -6.59 22.58
C HIS M 298 -33.16 -7.16 23.62
N ALA M 299 -34.24 -7.81 23.21
CA ALA M 299 -35.19 -8.32 24.20
C ALA M 299 -34.67 -9.48 25.02
N VAL M 300 -33.53 -10.03 24.65
CA VAL M 300 -32.93 -11.09 25.42
C VAL M 300 -32.35 -10.46 26.67
N ILE M 301 -32.07 -9.16 26.61
CA ILE M 301 -31.43 -8.40 27.68
C ILE M 301 -32.37 -7.45 28.41
N ASP M 302 -33.31 -6.86 27.69
CA ASP M 302 -34.17 -5.84 28.28
C ASP M 302 -35.63 -6.08 28.56
N ARG M 303 -36.12 -7.30 28.37
CA ARG M 303 -37.56 -7.57 28.55
C ARG M 303 -38.08 -7.58 29.99
N GLN M 304 -37.42 -8.33 30.85
CA GLN M 304 -37.84 -8.50 32.22
C GLN M 304 -37.47 -7.35 33.13
N LYS M 305 -38.37 -7.00 34.02
CA LYS M 305 -38.17 -5.91 34.92
C LYS M 305 -37.23 -6.16 36.06
N ASN M 306 -36.90 -7.41 36.35
CA ASN M 306 -36.02 -7.65 37.49
C ASN M 306 -34.57 -7.90 37.20
N HIS M 307 -34.21 -8.23 35.97
CA HIS M 307 -32.81 -8.53 35.61
C HIS M 307 -32.52 -8.12 34.17
N GLY M 308 -31.36 -7.52 33.94
CA GLY M 308 -31.00 -7.11 32.59
C GLY M 308 -30.55 -5.68 32.53
N MET M 309 -30.79 -5.02 31.40
CA MET M 309 -30.44 -3.63 31.19
C MET M 309 -31.63 -3.10 30.44
N HIS M 310 -32.13 -1.94 30.81
CA HIS M 310 -33.27 -1.41 30.10
C HIS M 310 -32.87 -0.90 28.75
N PHE M 311 -33.81 -0.84 27.82
CA PHE M 311 -33.48 -0.35 26.50
C PHE M 311 -32.96 1.06 26.47
N ARG M 312 -33.37 1.93 27.38
CA ARG M 312 -32.89 3.31 27.35
C ARG M 312 -31.38 3.39 27.49
N VAL M 313 -30.77 2.43 28.16
CA VAL M 313 -29.33 2.42 28.34
C VAL M 313 -28.69 2.00 27.01
N LEU M 314 -29.30 1.02 26.33
CA LEU M 314 -28.78 0.54 25.06
C LEU M 314 -29.03 1.60 23.98
N ALA M 315 -30.03 2.46 24.15
CA ALA M 315 -30.30 3.52 23.18
C ALA M 315 -29.28 4.63 23.35
N LYS M 316 -28.90 4.93 24.58
CA LYS M 316 -27.89 5.95 24.83
C LYS M 316 -26.57 5.48 24.26
N ALA M 317 -26.22 4.23 24.51
CA ALA M 317 -24.97 3.65 24.00
C ALA M 317 -24.87 3.72 22.46
N LEU M 318 -25.99 3.57 21.76
CA LEU M 318 -26.00 3.66 20.31
C LEU M 318 -25.85 5.10 19.84
N ARG M 319 -26.47 6.06 20.50
CA ARG M 319 -26.31 7.44 20.07
C ARG M 319 -24.84 7.85 20.18
N LEU M 320 -24.11 7.28 21.13
CA LEU M 320 -22.70 7.57 21.32
C LEU M 320 -21.83 6.84 20.26
N SER M 321 -21.98 5.52 20.14
CA SER M 321 -21.24 4.73 19.18
C SER M 321 -21.57 5.22 17.77
N GLY M 322 -22.84 5.41 17.46
CA GLY M 322 -23.21 5.94 16.17
C GLY M 322 -24.23 5.25 15.31
N GLY M 323 -25.24 6.00 14.90
CA GLY M 323 -26.27 5.47 14.05
C GLY M 323 -27.20 6.60 13.70
N ASP M 324 -27.76 6.60 12.51
CA ASP M 324 -28.68 7.64 12.11
C ASP M 324 -30.15 7.30 12.38
N HIS M 325 -30.48 6.02 12.43
CA HIS M 325 -31.81 5.50 12.73
C HIS M 325 -31.60 4.43 13.76
N ILE M 326 -32.58 4.17 14.60
CA ILE M 326 -32.52 3.04 15.52
C ILE M 326 -33.94 2.54 15.75
N HIS M 327 -34.16 1.25 15.69
CA HIS M 327 -35.47 0.70 15.93
C HIS M 327 -35.86 1.01 17.36
N SER M 328 -37.07 1.50 17.58
CA SER M 328 -37.45 1.86 18.93
C SER M 328 -38.78 1.31 19.39
N GLY M 329 -39.38 0.41 18.61
CA GLY M 329 -40.66 -0.18 18.98
C GLY M 329 -41.82 0.55 18.36
N THR M 330 -43.01 -0.03 18.49
CA THR M 330 -44.22 0.57 17.93
C THR M 330 -45.27 0.90 18.98
N VAL M 331 -45.16 0.31 20.17
CA VAL M 331 -46.16 0.50 21.24
C VAL M 331 -47.41 -0.34 20.89
N VAL M 332 -48.03 -0.01 19.77
CA VAL M 332 -49.24 -0.69 19.31
C VAL M 332 -49.08 -1.95 18.45
N GLY M 333 -47.86 -2.38 18.15
CA GLY M 333 -47.67 -3.54 17.29
C GLY M 333 -47.46 -4.89 17.94
N LYS M 334 -46.80 -5.80 17.23
CA LYS M 334 -46.61 -7.15 17.75
C LYS M 334 -45.55 -7.39 18.81
N LEU M 335 -44.70 -6.40 19.07
CA LEU M 335 -43.62 -6.57 20.05
C LEU M 335 -43.78 -5.59 21.20
N GLU M 336 -43.32 -6.00 22.38
CA GLU M 336 -43.49 -5.15 23.55
C GLU M 336 -42.95 -3.73 23.47
N GLY M 337 -43.65 -2.81 24.13
CA GLY M 337 -43.25 -1.41 24.19
C GLY M 337 -44.35 -0.55 24.76
N GLU M 338 -44.24 -0.15 26.03
CA GLU M 338 -45.25 0.71 26.69
C GLU M 338 -45.11 2.17 26.26
N ARG M 339 -46.23 2.87 26.14
CA ARG M 339 -46.20 4.24 25.66
C ARG M 339 -45.33 5.24 26.40
N ASP M 340 -45.48 5.35 27.70
CA ASP M 340 -44.70 6.32 28.48
C ASP M 340 -43.21 6.06 28.51
N ILE M 341 -42.84 4.82 28.74
CA ILE M 341 -41.43 4.47 28.76
C ILE M 341 -40.84 4.69 27.38
N THR M 342 -41.61 4.41 26.35
CA THR M 342 -41.15 4.60 24.98
C THR M 342 -40.98 6.06 24.71
N LEU M 343 -41.96 6.88 25.02
CA LEU M 343 -41.78 8.31 24.76
C LEU M 343 -40.57 8.82 25.53
N GLY M 344 -40.25 8.16 26.63
CA GLY M 344 -39.10 8.59 27.42
C GLY M 344 -37.78 8.38 26.72
N PHE M 345 -37.53 7.18 26.20
CA PHE M 345 -36.28 6.98 25.49
C PHE M 345 -36.28 7.57 24.07
N VAL M 346 -37.44 7.85 23.50
CA VAL M 346 -37.47 8.48 22.19
C VAL M 346 -36.92 9.90 22.38
N ASP M 347 -37.21 10.54 23.52
CA ASP M 347 -36.69 11.88 23.81
C ASP M 347 -35.21 11.83 24.05
N LEU M 348 -34.73 10.79 24.72
CA LEU M 348 -33.31 10.66 24.97
C LEU M 348 -32.53 10.45 23.67
N LEU M 349 -33.19 9.92 22.65
CA LEU M 349 -32.58 9.68 21.35
C LEU M 349 -32.56 10.90 20.44
N ARG M 350 -33.62 11.70 20.45
CA ARG M 350 -33.72 12.87 19.57
C ARG M 350 -33.34 14.24 20.09
N ASP M 351 -33.54 14.49 21.38
CA ASP M 351 -33.29 15.82 21.95
C ASP M 351 -31.90 16.09 22.49
N ASP M 352 -31.61 17.36 22.75
CA ASP M 352 -30.33 17.77 23.28
C ASP M 352 -30.26 17.79 24.77
N TYR M 353 -31.40 17.77 25.43
CA TYR M 353 -31.47 17.81 26.88
C TYR M 353 -32.80 17.20 27.31
N THR M 354 -32.75 16.29 28.27
CA THR M 354 -33.95 15.64 28.79
C THR M 354 -33.81 15.64 30.29
N GLU M 355 -34.82 16.17 30.95
CA GLU M 355 -34.80 16.28 32.39
C GLU M 355 -35.30 15.04 33.08
N LYS M 356 -34.75 14.78 34.25
CA LYS M 356 -35.12 13.63 35.07
C LYS M 356 -36.63 13.54 35.16
N ASP M 357 -37.18 12.34 35.09
CA ASP M 357 -38.64 12.22 35.13
C ASP M 357 -39.02 10.79 35.38
N ARG M 358 -39.10 10.38 36.64
CA ARG M 358 -39.42 9.00 36.93
C ARG M 358 -40.71 8.45 36.37
N SER M 359 -41.65 9.31 35.99
CA SER M 359 -42.89 8.75 35.47
C SER M 359 -42.67 8.05 34.14
N ARG M 360 -41.58 8.42 33.46
CA ARG M 360 -41.21 7.84 32.18
C ARG M 360 -39.97 6.97 32.33
N GLY M 361 -39.53 6.74 33.54
CA GLY M 361 -38.36 5.89 33.73
C GLY M 361 -37.03 6.55 33.49
N ILE M 362 -36.99 7.87 33.45
CA ILE M 362 -35.74 8.59 33.23
C ILE M 362 -35.19 8.98 34.60
N TYR M 363 -34.17 8.27 35.07
CA TYR M 363 -33.61 8.54 36.36
C TYR M 363 -32.66 9.71 36.50
N PHE M 364 -32.05 10.17 35.42
CA PHE M 364 -31.07 11.23 35.51
C PHE M 364 -31.30 12.23 34.44
N THR M 365 -30.91 13.48 34.65
CA THR M 365 -31.05 14.49 33.61
C THR M 365 -29.87 14.26 32.67
N GLN M 366 -30.12 14.27 31.38
CA GLN M 366 -29.08 14.01 30.39
C GLN M 366 -28.92 15.13 29.38
N SER M 367 -27.70 15.59 29.16
CA SER M 367 -27.38 16.62 28.17
C SER M 367 -26.54 15.97 27.10
N TRP M 368 -26.65 16.43 25.86
CA TRP M 368 -25.90 15.84 24.76
C TRP M 368 -24.88 16.73 24.05
N VAL M 369 -24.70 17.96 24.53
CA VAL M 369 -23.77 18.90 23.94
C VAL M 369 -23.71 18.88 22.43
N SER M 370 -24.87 18.95 21.82
CA SER M 370 -25.00 18.95 20.39
C SER M 370 -24.69 17.70 19.58
N THR M 371 -24.58 16.55 20.25
CA THR M 371 -24.39 15.29 19.56
C THR M 371 -25.69 15.20 18.76
N PRO M 372 -25.65 14.96 17.45
CA PRO M 372 -26.89 14.89 16.67
C PRO M 372 -27.89 13.88 17.18
N GLY M 373 -29.16 14.07 16.83
CA GLY M 373 -30.19 13.15 17.26
C GLY M 373 -30.36 11.97 16.33
N VAL M 374 -30.90 10.88 16.85
CA VAL M 374 -31.13 9.68 16.09
C VAL M 374 -32.61 9.56 15.75
N LEU M 375 -32.93 9.14 14.54
CA LEU M 375 -34.33 9.02 14.13
C LEU M 375 -34.89 7.68 14.65
N PRO M 376 -35.98 7.68 15.46
CA PRO M 376 -36.53 6.40 15.94
C PRO M 376 -37.34 5.73 14.85
N VAL M 377 -37.26 4.41 14.74
CA VAL M 377 -37.97 3.66 13.72
C VAL M 377 -39.02 2.72 14.32
N ALA M 378 -40.28 2.95 13.98
CA ALA M 378 -41.36 2.12 14.48
C ALA M 378 -41.57 1.03 13.47
N SER M 379 -41.41 -0.23 13.85
CA SER M 379 -41.56 -1.32 12.89
C SER M 379 -41.97 -2.59 13.61
N GLY M 380 -42.87 -3.35 13.02
CA GLY M 380 -43.28 -4.59 13.64
C GLY M 380 -44.76 -4.86 13.86
N GLY M 381 -45.45 -5.38 12.86
CA GLY M 381 -46.85 -5.68 13.05
C GLY M 381 -47.78 -4.51 12.96
N ILE M 382 -47.39 -3.45 12.29
CA ILE M 382 -48.27 -2.29 12.17
C ILE M 382 -48.93 -2.22 10.81
N HIS M 383 -50.09 -1.56 10.72
CA HIS M 383 -50.81 -1.45 9.46
C HIS M 383 -51.56 -0.13 9.36
N VAL M 384 -52.20 0.14 8.23
CA VAL M 384 -52.91 1.40 7.99
C VAL M 384 -53.78 1.93 9.12
N TRP M 385 -54.49 1.08 9.85
CA TRP M 385 -55.32 1.59 10.93
C TRP M 385 -54.50 2.12 12.11
N HIS M 386 -53.22 1.75 12.18
CA HIS M 386 -52.39 2.24 13.28
C HIS M 386 -51.79 3.59 12.95
N MET M 387 -51.91 4.02 11.70
CA MET M 387 -51.31 5.27 11.28
C MET M 387 -51.59 6.48 12.15
N PRO M 388 -52.85 6.69 12.56
CA PRO M 388 -53.03 7.88 13.40
C PRO M 388 -52.32 7.80 14.74
N ALA M 389 -52.31 6.63 15.35
CA ALA M 389 -51.65 6.48 16.65
C ALA M 389 -50.16 6.70 16.51
N LEU M 390 -49.59 6.14 15.45
CA LEU M 390 -48.14 6.27 15.19
C LEU M 390 -47.76 7.71 14.94
N THR M 391 -48.51 8.43 14.11
CA THR M 391 -48.17 9.82 13.84
C THR M 391 -48.30 10.65 15.09
N GLU M 392 -49.20 10.26 15.98
CA GLU M 392 -49.43 10.99 17.22
C GLU M 392 -48.39 10.69 18.28
N ILE M 393 -47.99 9.44 18.46
CA ILE M 393 -46.99 9.11 19.46
C ILE M 393 -45.61 9.62 19.06
N PHE M 394 -45.20 9.40 17.80
CA PHE M 394 -43.87 9.77 17.34
C PHE M 394 -43.66 11.14 16.70
N GLY M 395 -44.63 11.66 15.98
CA GLY M 395 -44.43 12.96 15.39
C GLY M 395 -43.72 12.86 14.07
N ASP M 396 -43.36 13.98 13.49
CA ASP M 396 -42.69 13.99 12.22
C ASP M 396 -41.34 13.31 12.19
N ASP M 397 -40.57 13.41 13.26
CA ASP M 397 -39.23 12.81 13.22
C ASP M 397 -39.15 11.37 13.60
N SER M 398 -39.56 10.52 12.66
CA SER M 398 -39.55 9.09 12.84
C SER M 398 -39.62 8.41 11.49
N VAL M 399 -39.36 7.11 11.46
CA VAL M 399 -39.47 6.34 10.23
C VAL M 399 -40.46 5.23 10.61
N LEU M 400 -41.55 5.11 9.87
CA LEU M 400 -42.57 4.10 10.14
C LEU M 400 -42.41 3.01 9.09
N GLN M 401 -42.15 1.78 9.52
CA GLN M 401 -41.94 0.67 8.57
C GLN M 401 -43.02 -0.40 8.55
N PHE M 402 -43.41 -0.77 7.34
CA PHE M 402 -44.47 -1.75 7.15
C PHE M 402 -44.01 -2.85 6.25
N GLY M 403 -43.61 -3.98 6.81
CA GLY M 403 -43.18 -5.12 6.00
C GLY M 403 -44.38 -5.94 5.55
N GLY M 404 -44.98 -6.67 6.48
CA GLY M 404 -46.16 -7.44 6.13
C GLY M 404 -47.24 -6.48 5.68
N GLY M 405 -47.25 -5.28 6.25
CA GLY M 405 -48.24 -4.26 5.91
C GLY M 405 -48.18 -3.69 4.50
N THR M 406 -47.18 -4.09 3.73
CA THR M 406 -47.07 -3.61 2.36
C THR M 406 -47.15 -4.84 1.48
N LEU M 407 -46.31 -5.82 1.77
CA LEU M 407 -46.30 -7.04 0.96
C LEU M 407 -47.51 -7.94 1.20
N GLY M 408 -48.36 -7.57 2.15
CA GLY M 408 -49.56 -8.34 2.42
C GLY M 408 -50.79 -7.68 1.81
N HIS M 409 -50.62 -6.55 1.13
CA HIS M 409 -51.78 -5.90 0.53
C HIS M 409 -52.28 -6.83 -0.56
N PRO M 410 -53.61 -6.94 -0.73
CA PRO M 410 -54.16 -7.84 -1.76
C PRO M 410 -53.79 -7.58 -3.21
N TRP M 411 -53.45 -6.34 -3.57
CA TRP M 411 -53.09 -5.99 -4.94
C TRP M 411 -51.60 -5.94 -5.28
N GLY M 412 -50.74 -6.28 -4.32
CA GLY M 412 -49.32 -6.25 -4.56
C GLY M 412 -48.59 -5.13 -3.86
N ASN M 413 -47.30 -4.98 -4.14
CA ASN M 413 -46.46 -3.97 -3.51
C ASN M 413 -46.72 -2.52 -3.83
N ALA M 414 -46.82 -2.16 -5.10
CA ALA M 414 -47.05 -0.76 -5.44
C ALA M 414 -48.33 -0.26 -4.79
N PRO M 415 -49.46 -0.97 -4.99
CA PRO M 415 -50.69 -0.50 -4.35
C PRO M 415 -50.56 -0.53 -2.83
N GLY M 416 -49.76 -1.46 -2.32
CA GLY M 416 -49.57 -1.57 -0.89
C GLY M 416 -48.86 -0.36 -0.35
N ALA M 417 -47.92 0.17 -1.12
CA ALA M 417 -47.16 1.34 -0.72
C ALA M 417 -48.06 2.55 -0.78
N VAL M 418 -48.84 2.68 -1.85
CA VAL M 418 -49.75 3.82 -1.98
C VAL M 418 -50.69 3.89 -0.78
N ALA M 419 -51.17 2.74 -0.34
CA ALA M 419 -52.05 2.66 0.81
C ALA M 419 -51.41 3.32 2.00
N ASN M 420 -50.17 2.93 2.34
CA ASN M 420 -49.48 3.51 3.49
C ASN M 420 -49.12 4.99 3.32
N ARG M 421 -48.71 5.39 2.13
CA ARG M 421 -48.36 6.77 1.87
C ARG M 421 -49.61 7.65 1.94
N VAL M 422 -50.75 7.18 1.41
CA VAL M 422 -52.00 7.95 1.49
C VAL M 422 -52.52 8.03 2.94
N ALA M 423 -52.53 6.91 3.65
CA ALA M 423 -52.96 6.93 5.04
C ALA M 423 -52.15 7.94 5.86
N LEU M 424 -50.84 7.99 5.66
CA LEU M 424 -49.96 8.94 6.39
C LEU M 424 -50.16 10.40 6.01
N GLU M 425 -50.21 10.71 4.72
CA GLU M 425 -50.41 12.09 4.37
C GLU M 425 -51.80 12.56 4.84
N ALA M 426 -52.76 11.63 4.92
CA ALA M 426 -54.10 11.99 5.41
C ALA M 426 -54.03 12.42 6.87
N CYS M 427 -53.26 11.69 7.67
CA CYS M 427 -53.10 12.01 9.09
C CYS M 427 -52.31 13.31 9.29
N VAL M 428 -51.29 13.52 8.47
CA VAL M 428 -50.48 14.73 8.55
C VAL M 428 -51.38 15.91 8.19
N GLN M 429 -52.12 15.83 7.10
CA GLN M 429 -53.01 16.95 6.74
C GLN M 429 -54.02 17.22 7.88
N ALA M 430 -54.69 16.17 8.38
CA ALA M 430 -55.67 16.31 9.45
C ALA M 430 -55.06 16.94 10.69
N ARG M 431 -53.93 16.42 11.14
CA ARG M 431 -53.27 16.97 12.30
C ARG M 431 -52.95 18.45 12.08
N ASN M 432 -52.35 18.76 10.94
CA ASN M 432 -51.95 20.11 10.61
C ASN M 432 -53.16 21.02 10.57
N GLU M 433 -54.32 20.45 10.26
CA GLU M 433 -55.55 21.26 10.22
C GLU M 433 -56.18 21.45 11.59
N GLY M 434 -55.66 20.79 12.60
CA GLY M 434 -56.23 20.97 13.92
C GLY M 434 -56.97 19.77 14.48
N ARG M 435 -57.23 18.76 13.65
CA ARG M 435 -57.97 17.60 14.10
C ARG M 435 -57.20 16.80 15.11
N ASP M 436 -57.92 16.09 15.97
CA ASP M 436 -57.30 15.31 17.04
C ASP M 436 -57.14 13.86 16.59
N LEU M 437 -55.92 13.47 16.23
CA LEU M 437 -55.63 12.12 15.75
C LEU M 437 -56.06 11.03 16.72
N ALA M 438 -56.02 11.33 18.00
CA ALA M 438 -56.43 10.33 18.99
C ALA M 438 -57.92 10.08 18.92
N ARG M 439 -58.72 11.13 18.76
CA ARG M 439 -60.16 10.92 18.72
C ARG M 439 -60.66 10.69 17.33
N GLU M 440 -60.17 11.45 16.35
CA GLU M 440 -60.64 11.28 14.98
C GLU M 440 -59.81 10.32 14.13
N GLY M 441 -58.94 9.54 14.77
CA GLY M 441 -58.13 8.59 14.04
C GLY M 441 -58.87 7.77 13.00
N ASN M 442 -59.84 6.99 13.41
CA ASN M 442 -60.55 6.17 12.45
C ASN M 442 -61.40 6.93 11.45
N THR M 443 -61.82 8.13 11.81
CA THR M 443 -62.64 8.90 10.88
C THR M 443 -61.74 9.37 9.74
N ILE M 444 -60.53 9.81 10.09
CA ILE M 444 -59.60 10.29 9.07
C ILE M 444 -59.25 9.21 8.04
N ILE M 445 -58.97 8.00 8.53
CA ILE M 445 -58.65 6.88 7.67
C ILE M 445 -59.86 6.51 6.82
N ARG M 446 -61.02 6.39 7.46
CA ARG M 446 -62.27 6.06 6.78
C ARG M 446 -62.58 7.09 5.68
N GLU M 447 -62.36 8.36 5.97
CA GLU M 447 -62.64 9.40 4.97
C GLU M 447 -61.76 9.20 3.77
N ALA M 448 -60.48 8.84 4.00
CA ALA M 448 -59.53 8.65 2.89
C ALA M 448 -59.92 7.48 2.01
N THR M 449 -60.50 6.43 2.62
CA THR M 449 -60.91 5.29 1.84
C THR M 449 -61.92 5.70 0.79
N LYS M 450 -62.52 6.86 0.92
CA LYS M 450 -63.51 7.24 -0.09
C LYS M 450 -62.89 7.64 -1.40
N TRP M 451 -61.63 8.04 -1.40
CA TRP M 451 -61.07 8.44 -2.68
C TRP M 451 -59.79 7.68 -3.04
N SER M 452 -59.43 6.72 -2.20
CA SER M 452 -58.25 5.90 -2.44
C SER M 452 -58.64 4.41 -2.48
N PRO M 453 -58.87 3.87 -3.68
CA PRO M 453 -59.23 2.46 -3.76
C PRO M 453 -58.13 1.63 -3.14
N GLU M 454 -56.88 2.09 -3.25
CA GLU M 454 -55.77 1.35 -2.67
C GLU M 454 -55.87 1.28 -1.15
N LEU M 455 -56.15 2.41 -0.52
CA LEU M 455 -56.25 2.43 0.95
C LEU M 455 -57.44 1.55 1.36
N ALA M 456 -58.52 1.72 0.63
CA ALA M 456 -59.75 0.99 0.89
C ALA M 456 -59.55 -0.51 1.03
N ALA M 457 -58.86 -1.11 0.06
CA ALA M 457 -58.64 -2.55 0.09
C ALA M 457 -57.81 -2.98 1.27
N ALA M 458 -56.87 -2.14 1.69
CA ALA M 458 -56.02 -2.50 2.82
C ALA M 458 -56.85 -2.42 4.08
N CYS M 459 -57.72 -1.42 4.17
CA CYS M 459 -58.55 -1.28 5.37
C CYS M 459 -59.37 -2.55 5.61
N GLU M 460 -59.93 -3.09 4.52
CA GLU M 460 -60.74 -4.31 4.61
C GLU M 460 -59.93 -5.44 5.20
N VAL M 461 -58.72 -5.66 4.70
CA VAL M 461 -57.92 -6.78 5.21
C VAL M 461 -57.54 -6.79 6.69
N TRP M 462 -57.19 -5.62 7.23
CA TRP M 462 -56.69 -5.55 8.62
C TRP M 462 -57.59 -4.88 9.65
N LYS M 463 -58.81 -4.60 9.26
CA LYS M 463 -59.75 -3.98 10.16
C LYS M 463 -59.74 -4.56 11.57
N GLU M 464 -59.69 -5.87 11.71
CA GLU M 464 -59.74 -6.41 13.07
C GLU M 464 -58.43 -6.78 13.75
N ILE M 465 -57.28 -6.38 13.21
CA ILE M 465 -56.03 -6.79 13.84
C ILE M 465 -55.49 -5.81 14.87
N LYS M 466 -55.36 -6.29 16.10
CA LYS M 466 -54.84 -5.51 17.23
C LYS M 466 -53.92 -6.44 18.00
N PHE M 467 -52.97 -5.89 18.75
CA PHE M 467 -52.08 -6.73 19.53
C PHE M 467 -52.12 -6.12 20.92
N GLU M 468 -52.88 -6.75 21.81
CA GLU M 468 -53.03 -6.24 23.16
C GLU M 468 -52.80 -7.32 24.21
N PHE M 469 -51.72 -7.18 24.98
CA PHE M 469 -51.39 -8.14 26.02
C PHE M 469 -50.80 -7.38 27.20
N PRO M 470 -50.78 -7.97 28.38
CA PRO M 470 -50.18 -7.18 29.47
C PRO M 470 -48.68 -7.03 29.21
N ALA M 471 -48.08 -5.91 29.63
CA ALA M 471 -46.65 -5.66 29.43
C ALA M 471 -45.82 -6.22 30.58
N MET M 472 -44.59 -6.65 30.30
CA MET M 472 -43.69 -7.22 31.32
C MET M 472 -42.82 -6.13 31.95
N ASP M 473 -42.47 -5.14 31.14
CA ASP M 473 -41.60 -4.04 31.55
C ASP M 473 -42.44 -2.77 31.67
N THR M 474 -42.68 -2.37 32.93
CA THR M 474 -43.49 -1.20 33.27
C THR M 474 -42.66 -0.33 34.21
N VAL M 475 -43.04 0.93 34.31
CA VAL M 475 -42.32 1.87 35.16
C VAL M 475 -42.16 1.32 36.57
N MET N 1 -58.60 -5.51 -8.80
CA MET N 1 -57.14 -5.28 -8.57
C MET N 1 -56.76 -4.21 -9.55
N GLN N 2 -56.35 -3.06 -9.05
CA GLN N 2 -55.97 -1.94 -9.91
C GLN N 2 -54.44 -1.95 -10.05
N VAL N 3 -53.93 -1.57 -11.22
CA VAL N 3 -52.47 -1.55 -11.42
C VAL N 3 -52.01 -0.11 -11.26
N TRP N 4 -51.04 0.14 -10.39
CA TRP N 4 -50.62 1.52 -10.19
C TRP N 4 -49.88 2.06 -11.42
N PRO N 5 -50.33 3.21 -11.94
CA PRO N 5 -49.76 3.87 -13.11
C PRO N 5 -48.28 4.08 -13.10
N ILE N 6 -47.74 4.16 -14.31
CA ILE N 6 -46.33 4.30 -14.59
C ILE N 6 -45.94 5.61 -15.26
N LEU N 7 -46.80 6.12 -16.15
CA LEU N 7 -46.47 7.33 -16.90
C LEU N 7 -47.09 8.58 -16.29
N ASN N 8 -46.40 9.70 -16.47
CA ASN N 8 -46.86 10.96 -15.94
C ASN N 8 -47.34 10.83 -14.53
N LEU N 9 -46.54 10.21 -13.66
CA LEU N 9 -46.96 10.11 -12.26
C LEU N 9 -45.87 10.63 -11.31
N LYS N 10 -45.22 11.72 -11.70
CA LYS N 10 -44.18 12.31 -10.85
C LYS N 10 -44.86 12.80 -9.60
N LYS N 11 -44.17 12.76 -8.46
CA LYS N 11 -44.78 13.22 -7.24
C LYS N 11 -43.91 14.31 -6.63
N TYR N 12 -44.40 15.01 -5.59
CA TYR N 12 -43.65 16.13 -5.04
C TYR N 12 -43.52 16.20 -3.53
N GLU N 13 -43.21 15.06 -2.94
CA GLU N 13 -43.05 14.95 -1.51
C GLU N 13 -44.32 15.20 -0.73
N THR N 14 -44.20 15.66 0.51
CA THR N 14 -45.33 15.83 1.40
C THR N 14 -46.62 16.43 0.84
N LEU N 15 -47.71 15.66 1.00
CA LEU N 15 -49.06 16.04 0.54
C LEU N 15 -49.35 15.79 -0.94
N SER N 16 -48.36 15.41 -1.75
CA SER N 16 -48.70 15.20 -3.16
C SER N 16 -49.42 13.91 -3.49
N TYR N 17 -49.68 13.07 -2.50
CA TYR N 17 -50.44 11.85 -2.77
C TYR N 17 -51.93 12.04 -2.46
N LEU N 18 -52.27 13.22 -1.94
CA LEU N 18 -53.63 13.57 -1.58
C LEU N 18 -54.27 14.31 -2.74
N PRO N 19 -55.59 14.43 -2.73
CA PRO N 19 -56.23 15.15 -3.84
C PRO N 19 -55.70 16.58 -3.77
N PRO N 20 -55.73 17.28 -4.90
CA PRO N 20 -55.23 18.66 -4.96
C PRO N 20 -55.80 19.50 -3.83
N LEU N 21 -54.99 20.39 -3.30
CA LEU N 21 -55.41 21.23 -2.21
C LEU N 21 -56.33 22.34 -2.69
N THR N 22 -57.45 22.54 -2.02
CA THR N 22 -58.32 23.65 -2.42
C THR N 22 -57.62 24.83 -1.77
N THR N 23 -58.08 26.05 -2.06
CA THR N 23 -57.42 27.20 -1.47
C THR N 23 -57.65 27.27 0.03
N ASP N 24 -58.70 26.64 0.53
CA ASP N 24 -58.90 26.67 1.97
C ASP N 24 -57.85 25.77 2.58
N GLN N 25 -57.67 24.61 1.99
CA GLN N 25 -56.70 23.67 2.53
C GLN N 25 -55.33 24.29 2.53
N LEU N 26 -54.98 24.94 1.42
CA LEU N 26 -53.66 25.57 1.33
C LEU N 26 -53.54 26.55 2.47
N ALA N 27 -54.50 27.46 2.59
CA ALA N 27 -54.47 28.45 3.67
C ALA N 27 -54.30 27.80 5.02
N ARG N 28 -54.91 26.64 5.21
CA ARG N 28 -54.79 25.98 6.51
C ARG N 28 -53.37 25.52 6.83
N GLN N 29 -52.62 25.06 5.81
CA GLN N 29 -51.24 24.63 6.05
C GLN N 29 -50.37 25.85 6.40
N VAL N 30 -50.63 26.98 5.76
CA VAL N 30 -49.86 28.17 6.07
C VAL N 30 -50.19 28.59 7.51
N ASP N 31 -51.42 28.39 7.95
CA ASP N 31 -51.75 28.75 9.32
C ASP N 31 -50.99 27.89 10.29
N TYR N 32 -50.90 26.61 9.95
CA TYR N 32 -50.17 25.66 10.79
C TYR N 32 -48.72 26.10 10.87
N LEU N 33 -48.17 26.52 9.75
CA LEU N 33 -46.80 26.98 9.68
C LEU N 33 -46.63 28.17 10.63
N LEU N 34 -47.46 29.20 10.47
CA LEU N 34 -47.37 30.37 11.34
C LEU N 34 -47.67 30.10 12.80
N ASN N 35 -48.66 29.25 13.07
CA ASN N 35 -48.98 28.97 14.47
C ASN N 35 -47.83 28.35 15.18
N ASN N 36 -46.96 27.66 14.46
CA ASN N 36 -45.84 27.03 15.14
C ASN N 36 -44.66 27.96 15.24
N LYS N 37 -44.84 29.16 14.73
CA LYS N 37 -43.78 30.16 14.79
C LYS N 37 -42.59 29.88 13.88
N TRP N 38 -42.84 29.22 12.76
CA TRP N 38 -41.78 28.91 11.80
C TRP N 38 -41.84 30.02 10.77
N VAL N 39 -40.72 30.29 10.10
CA VAL N 39 -40.61 31.37 9.12
C VAL N 39 -40.95 30.87 7.73
N PRO N 40 -41.93 31.48 7.05
CA PRO N 40 -42.21 30.95 5.72
C PRO N 40 -41.28 31.50 4.68
N CYS N 41 -41.23 30.85 3.52
CA CYS N 41 -40.37 31.29 2.42
C CYS N 41 -40.88 30.54 1.21
N LEU N 42 -40.74 31.12 0.02
CA LEU N 42 -41.19 30.47 -1.20
C LEU N 42 -39.97 30.20 -2.06
N GLU N 43 -40.01 29.13 -2.85
CA GLU N 43 -38.90 28.78 -3.74
C GLU N 43 -39.53 28.40 -5.07
N PHE N 44 -38.85 28.66 -6.18
CA PHE N 44 -39.41 28.33 -7.48
C PHE N 44 -38.34 27.73 -8.37
N GLU N 45 -38.73 26.98 -9.39
CA GLU N 45 -37.79 26.34 -10.29
C GLU N 45 -38.47 26.16 -11.63
N THR N 46 -37.79 26.53 -12.70
CA THR N 46 -38.35 26.40 -14.05
C THR N 46 -37.66 25.28 -14.83
N ASP N 47 -36.35 25.13 -14.65
CA ASP N 47 -35.61 24.12 -15.39
C ASP N 47 -35.63 22.68 -14.96
N HIS N 48 -35.25 22.39 -13.72
CA HIS N 48 -35.21 21.01 -13.24
C HIS N 48 -36.17 20.77 -12.11
N GLY N 49 -37.42 20.43 -12.43
CA GLY N 49 -38.39 20.21 -11.39
C GLY N 49 -38.09 18.98 -10.55
N PHE N 50 -37.21 18.10 -11.02
CA PHE N 50 -36.93 16.89 -10.25
C PHE N 50 -35.46 16.64 -10.06
N VAL N 51 -35.17 15.90 -9.01
CA VAL N 51 -33.82 15.53 -8.64
C VAL N 51 -33.14 14.73 -9.78
N TYR N 52 -31.84 14.90 -9.96
CA TYR N 52 -31.13 14.17 -11.00
C TYR N 52 -29.66 14.12 -10.61
N ARG N 53 -28.81 13.45 -11.37
CA ARG N 53 -27.40 13.37 -11.02
C ARG N 53 -26.54 13.70 -12.19
N GLU N 54 -26.04 14.92 -12.26
CA GLU N 54 -25.21 15.26 -13.37
C GLU N 54 -23.77 15.46 -12.99
N HIS N 55 -23.51 16.05 -11.82
CA HIS N 55 -22.12 16.36 -11.45
C HIS N 55 -21.41 15.44 -10.51
N HIS N 56 -22.09 14.47 -9.94
CA HIS N 56 -21.41 13.56 -9.05
C HIS N 56 -22.33 12.41 -8.74
N ASN N 57 -21.78 11.29 -8.31
CA ASN N 57 -22.58 10.12 -8.00
C ASN N 57 -22.22 9.51 -6.66
N SER N 58 -21.50 10.25 -5.80
CA SER N 58 -21.10 9.70 -4.52
C SER N 58 -22.31 9.68 -3.60
N PRO N 59 -22.28 8.88 -2.52
CA PRO N 59 -23.43 8.85 -1.64
C PRO N 59 -23.90 10.20 -1.09
N GLY N 60 -25.20 10.42 -1.17
CA GLY N 60 -25.76 11.65 -0.65
C GLY N 60 -25.73 12.83 -1.58
N TYR N 61 -25.15 12.70 -2.77
CA TYR N 61 -25.10 13.83 -3.69
C TYR N 61 -26.16 13.70 -4.77
N TYR N 62 -26.94 14.75 -4.99
CA TYR N 62 -27.96 14.76 -6.03
C TYR N 62 -28.03 16.19 -6.50
N ASP N 63 -28.35 16.39 -7.76
CA ASP N 63 -28.50 17.74 -8.29
C ASP N 63 -30.01 17.99 -8.29
N GLY N 64 -30.43 19.24 -8.28
CA GLY N 64 -31.86 19.53 -8.30
C GLY N 64 -32.57 19.68 -6.98
N ARG N 65 -31.83 19.66 -5.88
CA ARG N 65 -32.42 19.83 -4.55
C ARG N 65 -32.60 21.31 -4.24
N TYR N 66 -31.67 22.15 -4.68
CA TYR N 66 -31.76 23.58 -4.44
C TYR N 66 -32.63 24.22 -5.50
N TRP N 67 -33.63 24.99 -5.09
CA TRP N 67 -34.45 25.72 -6.05
C TRP N 67 -34.05 27.16 -5.83
N THR N 68 -34.65 28.11 -6.53
CA THR N 68 -34.25 29.48 -6.29
C THR N 68 -35.22 30.22 -5.38
N MET N 69 -34.66 31.06 -4.51
CA MET N 69 -35.41 31.77 -3.50
C MET N 69 -36.23 32.92 -4.03
N TRP N 70 -37.50 33.00 -3.62
CA TRP N 70 -38.37 34.11 -4.03
C TRP N 70 -38.24 35.17 -2.94
N LYS N 71 -37.59 36.28 -3.25
CA LYS N 71 -37.39 37.35 -2.30
C LYS N 71 -36.56 36.94 -1.10
N LEU N 72 -37.12 36.88 0.10
CA LEU N 72 -36.37 36.50 1.30
C LEU N 72 -37.29 35.80 2.28
N PRO N 73 -36.76 35.07 3.27
CA PRO N 73 -37.67 34.41 4.20
C PRO N 73 -38.46 35.53 4.86
N MET N 74 -39.75 35.31 5.15
CA MET N 74 -40.58 36.36 5.72
C MET N 74 -40.52 36.41 7.23
N PHE N 75 -39.36 36.79 7.76
CA PHE N 75 -39.18 36.85 9.22
C PHE N 75 -40.23 37.74 9.84
N GLY N 76 -40.70 37.36 11.01
CA GLY N 76 -41.73 38.16 11.69
C GLY N 76 -43.13 38.14 11.06
N CYS N 77 -43.31 37.45 9.93
CA CYS N 77 -44.63 37.40 9.30
C CYS N 77 -45.56 36.73 10.28
N THR N 78 -46.83 37.17 10.33
CA THR N 78 -47.83 36.59 11.24
C THR N 78 -49.17 36.48 10.55
N ASP N 79 -49.28 37.04 9.35
CA ASP N 79 -50.55 37.00 8.63
C ASP N 79 -50.46 36.12 7.40
N PRO N 80 -51.16 34.98 7.41
CA PRO N 80 -51.17 34.04 6.28
C PRO N 80 -51.53 34.68 4.98
N ALA N 81 -52.16 35.84 5.03
CA ALA N 81 -52.55 36.50 3.79
C ALA N 81 -51.29 36.98 3.09
N GLN N 82 -50.34 37.44 3.89
CA GLN N 82 -49.08 37.96 3.39
C GLN N 82 -48.37 36.88 2.55
N VAL N 83 -48.39 35.65 3.05
CA VAL N 83 -47.75 34.51 2.39
C VAL N 83 -48.45 34.19 1.09
N LEU N 84 -49.78 34.05 1.16
CA LEU N 84 -50.61 33.72 -0.02
C LEU N 84 -50.54 34.81 -1.07
N ASN N 85 -50.22 36.00 -0.60
CA ASN N 85 -50.07 37.13 -1.47
C ASN N 85 -48.82 36.94 -2.32
N GLU N 86 -47.71 36.60 -1.65
CA GLU N 86 -46.47 36.39 -2.38
C GLU N 86 -46.66 35.28 -3.36
N LEU N 87 -47.39 34.24 -2.97
CA LEU N 87 -47.61 33.12 -3.89
C LEU N 87 -48.20 33.62 -5.20
N GLU N 88 -49.19 34.50 -5.09
CA GLU N 88 -49.82 35.04 -6.29
C GLU N 88 -48.86 35.87 -7.13
N GLU N 89 -48.07 36.70 -6.46
CA GLU N 89 -47.11 37.53 -7.18
C GLU N 89 -46.08 36.68 -7.90
N CYS N 90 -45.61 35.62 -7.24
CA CYS N 90 -44.62 34.72 -7.83
C CYS N 90 -45.25 33.99 -9.02
N LYS N 91 -46.46 33.48 -8.83
CA LYS N 91 -47.14 32.76 -9.91
C LYS N 91 -47.24 33.59 -11.16
N LYS N 92 -47.57 34.87 -10.99
CA LYS N 92 -47.74 35.70 -12.18
C LYS N 92 -46.43 36.05 -12.83
N GLU N 93 -45.35 36.05 -12.05
CA GLU N 93 -44.06 36.35 -12.64
C GLU N 93 -43.45 35.10 -13.23
N TYR N 94 -43.75 33.94 -12.63
CA TYR N 94 -43.19 32.66 -13.09
C TYR N 94 -44.26 31.61 -13.29
N PRO N 95 -45.18 31.87 -14.20
CA PRO N 95 -46.28 30.94 -14.49
C PRO N 95 -45.77 29.59 -14.97
N ASN N 96 -44.53 29.57 -15.42
CA ASN N 96 -43.94 28.35 -15.93
C ASN N 96 -43.10 27.60 -14.89
N ALA N 97 -43.18 28.00 -13.63
CA ALA N 97 -42.36 27.35 -12.64
C ALA N 97 -43.11 26.54 -11.62
N PHE N 98 -42.41 25.60 -10.96
CA PHE N 98 -43.02 24.84 -9.87
C PHE N 98 -42.71 25.80 -8.73
N ILE N 99 -43.60 25.96 -7.76
CA ILE N 99 -43.34 26.87 -6.66
C ILE N 99 -43.69 26.11 -5.39
N ARG N 100 -42.92 26.29 -4.32
CA ARG N 100 -43.24 25.58 -3.09
C ARG N 100 -43.06 26.48 -1.91
N ILE N 101 -43.76 26.17 -0.81
CA ILE N 101 -43.71 26.96 0.39
C ILE N 101 -42.96 26.12 1.41
N ILE N 102 -41.98 26.70 2.09
CA ILE N 102 -41.21 25.97 3.09
C ILE N 102 -41.28 26.81 4.37
N GLY N 103 -40.98 26.22 5.52
CA GLY N 103 -41.03 26.98 6.76
C GLY N 103 -39.86 26.57 7.63
N PHE N 104 -39.07 27.54 8.08
CA PHE N 104 -37.91 27.23 8.90
C PHE N 104 -38.14 27.26 10.38
N ASP N 105 -37.46 26.37 11.09
CA ASP N 105 -37.51 26.37 12.53
C ASP N 105 -36.08 26.82 12.80
N SER N 106 -35.87 28.09 13.12
CA SER N 106 -34.51 28.58 13.35
C SER N 106 -33.82 27.96 14.53
N ASN N 107 -34.60 27.48 15.48
CA ASN N 107 -34.00 26.87 16.64
C ASN N 107 -33.28 25.60 16.30
N ARG N 108 -33.91 24.71 15.52
CA ARG N 108 -33.25 23.46 15.14
C ARG N 108 -32.58 23.59 13.79
N GLU N 109 -32.88 24.68 13.09
CA GLU N 109 -32.36 24.92 11.76
C GLU N 109 -32.68 23.76 10.86
N VAL N 110 -33.96 23.45 10.78
CA VAL N 110 -34.47 22.36 9.96
C VAL N 110 -35.75 22.90 9.33
N GLN N 111 -36.08 22.49 8.11
CA GLN N 111 -37.31 22.94 7.51
C GLN N 111 -38.41 22.02 8.04
N CYS N 112 -39.37 22.55 8.77
CA CYS N 112 -40.40 21.69 9.31
C CYS N 112 -41.62 21.57 8.44
N ILE N 113 -41.59 22.23 7.28
CA ILE N 113 -42.70 22.22 6.37
C ILE N 113 -42.15 22.43 4.99
N SER N 114 -42.73 21.75 4.02
CA SER N 114 -42.34 21.90 2.63
C SER N 114 -43.38 21.24 1.75
N PHE N 115 -44.09 22.00 0.91
CA PHE N 115 -45.08 21.40 0.04
C PHE N 115 -45.27 22.21 -1.22
N ILE N 116 -45.53 21.55 -2.32
CA ILE N 116 -45.71 22.21 -3.60
C ILE N 116 -46.98 23.07 -3.58
N ALA N 117 -46.90 24.32 -4.02
CA ALA N 117 -48.09 25.17 -4.00
C ALA N 117 -48.61 25.52 -5.37
N TYR N 118 -47.82 25.28 -6.42
CA TYR N 118 -48.24 25.59 -7.77
C TYR N 118 -47.39 24.78 -8.75
N LYS N 119 -48.01 24.29 -9.82
CA LYS N 119 -47.30 23.49 -10.83
C LYS N 119 -47.66 24.01 -12.21
N PRO N 120 -46.73 23.96 -13.16
CA PRO N 120 -47.06 24.45 -14.49
C PRO N 120 -48.01 23.46 -15.15
N ALA N 121 -48.72 23.92 -16.18
CA ALA N 121 -49.68 23.06 -16.88
C ALA N 121 -48.88 21.97 -17.51
N GLY N 122 -49.55 20.83 -17.69
CA GLY N 122 -48.86 19.69 -18.27
C GLY N 122 -48.48 18.81 -17.09
N TYR N 123 -48.48 19.42 -15.89
CA TYR N 123 -48.13 18.70 -14.66
C TYR N 123 -49.32 18.73 -13.72
N ALA O 9 -48.92 -26.82 -5.93
CA ALA O 9 -48.66 -25.83 -7.04
C ALA O 9 -49.33 -24.50 -6.68
N SER O 10 -48.51 -23.44 -6.70
CA SER O 10 -48.94 -22.06 -6.39
C SER O 10 -50.37 -21.99 -5.89
N VAL O 11 -50.65 -22.41 -4.66
CA VAL O 11 -52.03 -22.27 -4.18
C VAL O 11 -52.21 -20.73 -4.28
N GLY O 12 -53.44 -20.24 -4.42
CA GLY O 12 -53.62 -18.79 -4.51
C GLY O 12 -53.06 -17.99 -3.32
N PHE O 13 -53.08 -16.66 -3.45
CA PHE O 13 -52.62 -15.75 -2.39
C PHE O 13 -53.90 -15.16 -1.83
N LYS O 14 -54.01 -15.13 -0.51
CA LYS O 14 -55.19 -14.59 0.12
C LYS O 14 -54.66 -13.74 1.26
N ALA O 15 -54.85 -12.44 1.15
CA ALA O 15 -54.36 -11.53 2.17
C ALA O 15 -55.00 -11.82 3.51
N GLY O 16 -54.40 -11.37 4.60
CA GLY O 16 -55.02 -11.60 5.88
C GLY O 16 -54.10 -12.31 6.83
N VAL O 17 -54.36 -12.17 8.12
CA VAL O 17 -53.51 -12.82 9.09
C VAL O 17 -54.07 -14.18 9.47
N LYS O 18 -53.22 -15.17 9.61
CA LYS O 18 -53.67 -16.48 10.02
C LYS O 18 -52.72 -17.02 11.05
N ASP O 19 -53.14 -18.05 11.76
CA ASP O 19 -52.32 -18.61 12.83
C ASP O 19 -50.98 -19.10 12.36
N TYR O 20 -49.95 -18.88 13.17
CA TYR O 20 -48.61 -19.33 12.80
C TYR O 20 -48.60 -20.85 12.78
N LYS O 21 -49.37 -21.49 13.64
CA LYS O 21 -49.36 -22.95 13.69
C LYS O 21 -49.72 -23.64 12.40
N LEU O 22 -50.50 -22.97 11.53
CA LEU O 22 -50.86 -23.59 10.28
C LEU O 22 -49.66 -23.89 9.42
N THR O 23 -48.60 -23.10 9.52
CA THR O 23 -47.43 -23.30 8.67
C THR O 23 -46.16 -23.70 9.41
N TYR O 24 -46.04 -23.26 10.66
CA TYR O 24 -44.84 -23.48 11.43
C TYR O 24 -44.81 -24.49 12.55
N TYR O 25 -45.92 -25.19 12.80
CA TYR O 25 -45.94 -26.24 13.82
C TYR O 25 -45.98 -27.47 12.92
N THR O 26 -44.95 -28.29 13.02
CA THR O 26 -44.80 -29.45 12.14
C THR O 26 -44.28 -30.60 12.98
N PRO O 27 -45.15 -31.16 13.84
CA PRO O 27 -44.80 -32.27 14.74
C PRO O 27 -44.38 -33.56 14.08
N GLU O 28 -44.64 -33.69 12.80
CA GLU O 28 -44.27 -34.92 12.11
C GLU O 28 -42.88 -34.86 11.49
N TYR O 29 -42.28 -33.67 11.45
CA TYR O 29 -40.96 -33.46 10.85
C TYR O 29 -39.86 -34.29 11.45
N GLU O 30 -39.02 -34.86 10.57
CA GLU O 30 -37.84 -35.63 10.98
C GLU O 30 -36.71 -34.66 10.69
N THR O 31 -35.87 -34.36 11.68
CA THR O 31 -34.83 -33.39 11.49
C THR O 31 -33.74 -33.95 10.59
N LEU O 32 -33.12 -33.09 9.78
CA LEU O 32 -32.05 -33.47 8.87
C LEU O 32 -30.73 -33.29 9.59
N ASP O 33 -29.67 -33.95 9.14
CA ASP O 33 -28.40 -33.81 9.80
C ASP O 33 -27.72 -32.49 9.54
N THR O 34 -28.28 -31.69 8.65
CA THR O 34 -27.73 -30.39 8.33
C THR O 34 -28.51 -29.27 9.00
N ASP O 35 -29.58 -29.59 9.71
CA ASP O 35 -30.42 -28.62 10.40
C ASP O 35 -29.78 -28.08 11.67
N ILE O 36 -30.00 -26.80 11.97
CA ILE O 36 -29.52 -26.21 13.22
C ILE O 36 -30.76 -26.42 14.07
N LEU O 37 -30.64 -27.08 15.23
CA LEU O 37 -31.79 -27.33 16.09
C LEU O 37 -31.70 -26.46 17.32
N ALA O 38 -32.84 -26.00 17.82
CA ALA O 38 -32.87 -25.14 19.00
C ALA O 38 -33.87 -25.62 20.04
N ALA O 39 -33.49 -25.53 21.31
CA ALA O 39 -34.37 -25.90 22.41
C ALA O 39 -34.72 -24.63 23.19
N PHE O 40 -35.94 -24.13 23.03
CA PHE O 40 -36.41 -22.94 23.72
C PHE O 40 -37.30 -23.28 24.92
N ARG O 41 -37.14 -22.60 26.04
CA ARG O 41 -38.01 -22.81 27.20
C ARG O 41 -39.02 -21.67 27.08
N VAL O 42 -40.23 -21.97 26.61
CA VAL O 42 -41.26 -20.97 26.37
C VAL O 42 -42.31 -20.85 27.48
N SER O 43 -42.64 -19.61 27.89
CA SER O 43 -43.67 -19.32 28.91
C SER O 43 -44.69 -18.44 28.20
N PRO O 44 -45.78 -19.03 27.65
CA PRO O 44 -46.78 -18.22 26.95
C PRO O 44 -47.67 -17.37 27.84
N GLN O 45 -48.26 -16.33 27.25
CA GLN O 45 -49.19 -15.50 28.00
C GLN O 45 -50.46 -16.34 28.11
N PRO O 46 -51.31 -16.02 29.08
CA PRO O 46 -52.55 -16.77 29.24
C PRO O 46 -53.35 -16.65 27.95
N GLY O 47 -53.94 -17.76 27.51
CA GLY O 47 -54.74 -17.69 26.30
C GLY O 47 -54.01 -17.97 24.99
N VAL O 48 -52.67 -18.08 25.06
CA VAL O 48 -51.88 -18.39 23.88
C VAL O 48 -51.41 -19.81 24.12
N PRO O 49 -51.84 -20.74 23.26
CA PRO O 49 -51.45 -22.15 23.40
C PRO O 49 -50.03 -22.49 22.98
N PRO O 50 -49.43 -23.48 23.63
CA PRO O 50 -48.05 -23.89 23.30
C PRO O 50 -47.75 -23.94 21.79
N GLU O 51 -48.56 -24.66 21.03
CA GLU O 51 -48.31 -24.79 19.60
C GLU O 51 -48.19 -23.48 18.87
N GLU O 52 -49.01 -22.51 19.27
CA GLU O 52 -48.95 -21.24 18.58
C GLU O 52 -47.76 -20.45 19.08
N ALA O 53 -47.49 -20.53 20.38
CA ALA O 53 -46.34 -19.84 20.94
C ALA O 53 -45.11 -20.38 20.22
N GLY O 54 -44.93 -21.69 20.20
CA GLY O 54 -43.77 -22.27 19.52
C GLY O 54 -43.72 -21.94 18.03
N ALA O 55 -44.85 -22.02 17.34
CA ALA O 55 -44.89 -21.73 15.94
C ALA O 55 -44.50 -20.28 15.71
N ALA O 56 -44.88 -19.39 16.62
CA ALA O 56 -44.55 -17.99 16.44
C ALA O 56 -43.06 -17.73 16.59
N VAL O 57 -42.40 -18.48 17.47
CA VAL O 57 -40.95 -18.38 17.68
C VAL O 57 -40.26 -18.88 16.42
N ALA O 58 -40.70 -20.03 15.91
CA ALA O 58 -40.10 -20.59 14.70
C ALA O 58 -40.34 -19.69 13.52
N ALA O 59 -41.49 -19.03 13.46
CA ALA O 59 -41.83 -18.17 12.33
C ALA O 59 -40.99 -16.90 12.18
N GLU O 60 -40.98 -16.08 13.22
CA GLU O 60 -40.25 -14.82 13.17
C GLU O 60 -38.72 -14.99 13.22
N SER O 61 -38.23 -16.17 13.56
CA SER O 61 -36.80 -16.36 13.60
C SER O 61 -36.30 -16.97 12.31
N SER O 62 -37.17 -17.06 11.32
CA SER O 62 -36.76 -17.64 10.07
C SER O 62 -37.33 -16.96 8.85
N THR O 63 -38.54 -17.32 8.44
CA THR O 63 -39.08 -16.74 7.22
C THR O 63 -40.38 -16.00 7.26
N GLY O 64 -41.13 -16.09 8.34
CA GLY O 64 -42.44 -15.46 8.32
C GLY O 64 -42.69 -14.16 9.01
N THR O 65 -43.84 -13.55 8.73
CA THR O 65 -44.21 -12.31 9.39
C THR O 65 -45.64 -12.41 9.95
N TRP O 66 -46.18 -11.30 10.45
CA TRP O 66 -47.50 -11.31 11.08
C TRP O 66 -48.74 -11.44 10.19
N THR O 67 -48.62 -11.31 8.87
CA THR O 67 -49.77 -11.42 7.98
C THR O 67 -49.29 -12.07 6.68
N THR O 68 -50.18 -12.67 5.90
CA THR O 68 -49.77 -13.34 4.66
C THR O 68 -49.25 -12.39 3.59
N VAL O 69 -48.08 -12.71 3.03
CA VAL O 69 -47.49 -11.87 1.99
C VAL O 69 -47.47 -12.66 0.69
N TRP O 70 -47.66 -12.01 -0.45
CA TRP O 70 -47.68 -12.76 -1.70
C TRP O 70 -46.35 -13.33 -2.17
N THR O 71 -45.25 -12.74 -1.73
CA THR O 71 -43.95 -13.18 -2.17
C THR O 71 -43.57 -14.57 -1.76
N ASP O 72 -44.25 -15.13 -0.77
CA ASP O 72 -43.90 -16.50 -0.36
C ASP O 72 -43.99 -17.41 -1.55
N GLY O 73 -44.85 -17.08 -2.49
CA GLY O 73 -45.02 -17.90 -3.66
C GLY O 73 -43.91 -17.88 -4.68
N LEU O 74 -42.99 -16.92 -4.57
CA LEU O 74 -41.89 -16.85 -5.51
C LEU O 74 -40.82 -17.85 -5.12
N THR O 75 -40.87 -18.40 -3.90
CA THR O 75 -39.91 -19.41 -3.44
C THR O 75 -40.62 -20.69 -3.02
N ASN O 76 -39.87 -21.56 -2.37
CA ASN O 76 -40.35 -22.84 -1.89
C ASN O 76 -40.17 -22.73 -0.41
N LEU O 77 -41.15 -22.14 0.26
CA LEU O 77 -41.07 -21.94 1.70
C LEU O 77 -40.85 -23.20 2.49
N ASP O 78 -41.36 -24.31 1.97
CA ASP O 78 -41.19 -25.58 2.67
C ASP O 78 -39.74 -25.88 2.91
N ARG O 79 -38.86 -25.37 2.06
CA ARG O 79 -37.47 -25.68 2.29
C ARG O 79 -36.68 -24.70 3.10
N TYR O 80 -37.25 -23.53 3.37
CA TYR O 80 -36.54 -22.51 4.12
C TYR O 80 -37.11 -22.24 5.49
N LYS O 81 -38.39 -22.53 5.69
CA LYS O 81 -39.02 -22.24 6.95
C LYS O 81 -38.48 -22.97 8.15
N GLY O 82 -38.42 -22.28 9.27
CA GLY O 82 -37.96 -22.90 10.49
C GLY O 82 -39.23 -23.56 10.99
N ARG O 83 -39.14 -24.60 11.79
CA ARG O 83 -40.35 -25.25 12.20
C ARG O 83 -40.30 -25.87 13.56
N CYS O 84 -41.38 -25.66 14.32
CA CYS O 84 -41.50 -26.21 15.66
C CYS O 84 -41.95 -27.63 15.48
N TYR O 85 -41.05 -28.57 15.74
CA TYR O 85 -41.34 -29.97 15.53
C TYR O 85 -41.60 -30.80 16.78
N HIS O 86 -41.54 -30.22 17.96
CA HIS O 86 -41.78 -31.03 19.13
C HIS O 86 -41.97 -30.12 20.31
N ILE O 87 -42.89 -30.45 21.20
CA ILE O 87 -43.14 -29.61 22.37
C ILE O 87 -43.17 -30.52 23.56
N GLU O 88 -42.52 -30.17 24.65
CA GLU O 88 -42.56 -31.04 25.79
C GLU O 88 -42.81 -30.15 27.00
N PRO O 89 -43.83 -30.47 27.80
CA PRO O 89 -44.12 -29.63 28.97
C PRO O 89 -43.05 -29.76 30.04
N VAL O 90 -42.83 -28.66 30.76
CA VAL O 90 -41.83 -28.62 31.82
C VAL O 90 -42.39 -29.10 33.15
N ALA O 91 -41.74 -30.13 33.68
CA ALA O 91 -42.19 -30.74 34.91
C ALA O 91 -42.21 -29.80 36.08
N GLY O 92 -43.33 -29.74 36.76
CA GLY O 92 -43.37 -28.92 37.95
C GLY O 92 -43.59 -27.48 37.66
N GLU O 93 -43.72 -27.14 36.40
CA GLU O 93 -43.97 -25.76 36.11
C GLU O 93 -45.28 -25.78 35.43
N GLU O 94 -45.95 -24.68 35.54
CA GLU O 94 -47.28 -24.50 34.97
C GLU O 94 -47.10 -23.57 33.77
N ASN O 95 -47.73 -23.91 32.66
CA ASN O 95 -47.61 -23.04 31.53
C ASN O 95 -46.18 -22.71 31.08
N GLN O 96 -45.31 -23.72 31.05
CA GLN O 96 -43.93 -23.59 30.58
C GLN O 96 -43.64 -24.83 29.78
N TYR O 97 -43.07 -24.70 28.58
CA TYR O 97 -42.77 -25.85 27.72
C TYR O 97 -41.39 -25.70 27.13
N ILE O 98 -40.84 -26.80 26.60
CA ILE O 98 -39.56 -26.75 25.91
C ILE O 98 -40.02 -27.01 24.48
N CYS O 99 -39.91 -26.02 23.60
CA CYS O 99 -40.29 -26.19 22.20
C CYS O 99 -38.99 -26.37 21.40
N TYR O 100 -38.94 -27.36 20.53
CA TYR O 100 -37.77 -27.62 19.72
C TYR O 100 -38.01 -27.05 18.34
N VAL O 101 -37.06 -26.27 17.82
CA VAL O 101 -37.20 -25.69 16.49
C VAL O 101 -36.02 -26.11 15.61
N ALA O 102 -36.30 -26.42 14.34
CA ALA O 102 -35.27 -26.83 13.39
C ALA O 102 -35.17 -25.76 12.34
N TYR O 103 -33.95 -25.36 11.99
CA TYR O 103 -33.70 -24.33 10.98
C TYR O 103 -32.81 -24.96 9.92
N PRO O 104 -33.21 -24.89 8.65
CA PRO O 104 -32.43 -25.45 7.55
C PRO O 104 -31.08 -24.78 7.37
N LEU O 105 -30.08 -25.52 6.92
CA LEU O 105 -28.73 -24.97 6.74
C LEU O 105 -28.63 -23.76 5.84
N ASP O 106 -29.52 -23.62 4.87
CA ASP O 106 -29.44 -22.51 3.93
C ASP O 106 -29.76 -21.15 4.51
N LEU O 107 -30.18 -21.09 5.77
CA LEU O 107 -30.53 -19.81 6.34
C LEU O 107 -29.37 -19.06 6.93
N PHE O 108 -28.24 -19.72 7.08
CA PHE O 108 -27.09 -19.10 7.73
C PHE O 108 -25.89 -18.75 6.87
N GLU O 109 -25.24 -17.64 7.17
CA GLU O 109 -24.05 -17.26 6.43
C GLU O 109 -22.95 -18.09 7.04
N GLU O 110 -22.11 -18.65 6.18
CA GLU O 110 -21.02 -19.50 6.58
C GLU O 110 -20.07 -18.72 7.44
N GLY O 111 -19.59 -19.30 8.53
CA GLY O 111 -18.61 -18.66 9.39
C GLY O 111 -18.94 -17.41 10.18
N SER O 112 -20.22 -17.12 10.27
CA SER O 112 -20.69 -15.93 10.97
C SER O 112 -21.57 -16.21 12.19
N VAL O 113 -21.00 -16.25 13.38
CA VAL O 113 -21.78 -16.45 14.58
C VAL O 113 -22.76 -15.30 14.70
N THR O 114 -22.41 -14.13 14.19
CA THR O 114 -23.28 -12.96 14.21
C THR O 114 -24.58 -13.23 13.47
N ASN O 115 -24.52 -13.91 12.35
CA ASN O 115 -25.72 -14.19 11.60
C ASN O 115 -26.55 -15.27 12.26
N MET O 116 -25.92 -16.30 12.81
CA MET O 116 -26.67 -17.35 13.47
C MET O 116 -27.55 -16.72 14.56
N PHE O 117 -26.96 -15.91 15.44
CA PHE O 117 -27.73 -15.26 16.50
C PHE O 117 -28.75 -14.27 16.01
N THR O 118 -28.49 -13.53 14.94
CA THR O 118 -29.48 -12.57 14.48
C THR O 118 -30.80 -13.21 14.09
N SER O 119 -30.77 -14.44 13.58
CA SER O 119 -32.00 -15.15 13.23
C SER O 119 -32.67 -15.80 14.44
N ILE O 120 -31.97 -16.73 15.07
CA ILE O 120 -32.49 -17.48 16.19
C ILE O 120 -32.85 -16.70 17.45
N VAL O 121 -32.19 -15.58 17.67
CA VAL O 121 -32.37 -14.81 18.90
C VAL O 121 -32.68 -13.32 18.65
N GLY O 122 -32.91 -12.97 17.40
CA GLY O 122 -33.14 -11.60 17.05
C GLY O 122 -34.34 -10.86 17.56
N ASN O 123 -35.54 -11.38 17.33
CA ASN O 123 -36.73 -10.69 17.77
C ASN O 123 -37.71 -11.43 18.62
N VAL O 124 -37.69 -12.76 18.59
CA VAL O 124 -38.64 -13.57 19.33
C VAL O 124 -38.78 -13.37 20.83
N PHE O 125 -37.73 -12.94 21.52
CA PHE O 125 -37.83 -12.77 22.95
C PHE O 125 -38.67 -11.57 23.34
N GLY O 126 -39.11 -10.78 22.37
CA GLY O 126 -39.88 -9.60 22.70
C GLY O 126 -41.34 -9.64 22.29
N PHE O 127 -41.80 -10.80 21.81
CA PHE O 127 -43.18 -10.98 21.37
C PHE O 127 -44.13 -10.65 22.52
N LYS O 128 -45.19 -9.89 22.25
CA LYS O 128 -46.17 -9.56 23.28
C LYS O 128 -46.86 -10.82 23.80
N ALA O 129 -47.01 -11.81 22.92
CA ALA O 129 -47.67 -13.06 23.28
C ALA O 129 -46.91 -14.02 24.15
N LEU O 130 -45.67 -13.70 24.53
CA LEU O 130 -44.89 -14.58 25.39
C LEU O 130 -44.59 -13.81 26.66
N ARG O 131 -44.41 -14.50 27.79
CA ARG O 131 -44.10 -13.86 29.06
C ARG O 131 -42.60 -13.85 29.26
N ALA O 132 -41.97 -14.95 28.88
CA ALA O 132 -40.55 -15.09 29.02
C ALA O 132 -40.13 -16.13 28.00
N LEU O 133 -38.84 -16.14 27.62
CA LEU O 133 -38.34 -17.09 26.63
C LEU O 133 -36.88 -17.34 26.95
N ARG O 134 -36.38 -18.56 26.87
CA ARG O 134 -34.98 -18.82 27.15
C ARG O 134 -34.41 -19.83 26.16
N LEU O 135 -33.26 -19.55 25.56
CA LEU O 135 -32.66 -20.50 24.63
C LEU O 135 -31.77 -21.37 25.50
N GLU O 136 -32.00 -22.67 25.52
CA GLU O 136 -31.21 -23.56 26.35
C GLU O 136 -30.08 -24.24 25.64
N ASP O 137 -30.26 -24.59 24.38
CA ASP O 137 -29.20 -25.26 23.66
C ASP O 137 -29.41 -25.19 22.16
N LEU O 138 -28.33 -25.43 21.40
CA LEU O 138 -28.36 -25.43 19.94
C LEU O 138 -27.57 -26.63 19.47
N ARG O 139 -28.05 -27.33 18.46
CA ARG O 139 -27.30 -28.46 17.90
C ARG O 139 -26.73 -27.87 16.64
N ILE O 140 -25.42 -27.64 16.60
CA ILE O 140 -24.78 -27.08 15.41
C ILE O 140 -24.32 -28.26 14.60
N PRO O 141 -24.88 -28.44 13.40
CA PRO O 141 -24.60 -29.52 12.47
C PRO O 141 -23.17 -29.52 11.98
N VAL O 142 -22.56 -30.67 11.79
CA VAL O 142 -21.17 -30.67 11.36
C VAL O 142 -20.90 -29.96 10.05
N ALA O 143 -21.89 -29.90 9.15
CA ALA O 143 -21.69 -29.20 7.89
C ALA O 143 -21.54 -27.69 8.11
N TYR O 144 -22.11 -27.16 9.20
CA TYR O 144 -21.99 -25.75 9.50
C TYR O 144 -20.73 -25.51 10.33
N VAL O 145 -20.36 -26.46 11.17
CA VAL O 145 -19.16 -26.33 11.99
C VAL O 145 -17.89 -26.15 11.16
N LYS O 146 -17.82 -26.78 10.00
CA LYS O 146 -16.67 -26.72 9.10
C LYS O 146 -16.45 -25.40 8.41
N THR O 147 -17.45 -24.53 8.45
CA THR O 147 -17.30 -23.23 7.83
C THR O 147 -16.66 -22.24 8.80
N PHE O 148 -16.22 -22.71 9.97
CA PHE O 148 -15.62 -21.85 10.98
C PHE O 148 -14.18 -22.23 11.22
N GLN O 149 -13.36 -21.28 11.63
CA GLN O 149 -11.99 -21.61 11.91
C GLN O 149 -11.88 -22.27 13.27
N GLY O 150 -12.65 -21.78 14.24
CA GLY O 150 -12.58 -22.35 15.57
C GLY O 150 -11.44 -21.73 16.32
N PRO O 151 -11.01 -22.32 17.42
CA PRO O 151 -9.91 -21.76 18.17
C PRO O 151 -8.64 -21.49 17.36
N PRO O 152 -7.93 -20.40 17.62
CA PRO O 152 -6.72 -20.18 16.84
C PRO O 152 -5.71 -21.32 17.02
N HIS O 153 -5.67 -21.94 18.21
CA HIS O 153 -4.73 -23.03 18.46
C HIS O 153 -5.36 -24.24 19.15
N GLY O 154 -5.97 -24.04 20.31
CA GLY O 154 -6.59 -25.14 21.02
C GLY O 154 -5.67 -25.76 22.05
N ILE O 155 -6.24 -26.61 22.91
CA ILE O 155 -5.51 -27.25 23.99
C ILE O 155 -4.20 -27.94 23.64
N GLN O 156 -4.19 -28.85 22.68
CA GLN O 156 -2.99 -29.58 22.32
C GLN O 156 -1.88 -28.65 21.88
N VAL O 157 -2.17 -27.79 20.91
CA VAL O 157 -1.16 -26.89 20.41
C VAL O 157 -0.64 -25.94 21.48
N GLU O 158 -1.52 -25.45 22.34
CA GLU O 158 -1.09 -24.55 23.38
C GLU O 158 -0.12 -25.18 24.36
N ARG O 159 -0.38 -26.41 24.78
CA ARG O 159 0.51 -27.07 25.71
C ARG O 159 1.84 -27.32 25.03
N ASP O 160 1.79 -27.64 23.75
CA ASP O 160 3.00 -27.89 22.97
C ASP O 160 3.90 -26.67 22.78
N LYS O 161 3.30 -25.52 22.61
CA LYS O 161 4.04 -24.29 22.46
C LYS O 161 4.64 -23.79 23.76
N LEU O 162 3.88 -23.89 24.85
CA LEU O 162 4.35 -23.43 26.14
C LEU O 162 5.19 -24.47 26.87
N ASN O 163 5.14 -25.72 26.39
CA ASN O 163 5.90 -26.83 26.97
C ASN O 163 5.37 -27.16 28.37
N LYS O 164 4.05 -27.15 28.53
CA LYS O 164 3.42 -27.41 29.83
C LYS O 164 2.47 -28.60 29.76
N TYR O 165 2.77 -29.62 30.55
CA TYR O 165 2.00 -30.85 30.55
C TYR O 165 1.81 -31.41 31.94
N GLY O 166 0.74 -32.16 32.13
CA GLY O 166 0.53 -32.81 33.41
C GLY O 166 -0.07 -32.11 34.60
N ARG O 167 -0.67 -30.94 34.41
CA ARG O 167 -1.25 -30.25 35.54
C ARG O 167 -1.99 -29.06 35.02
N PRO O 168 -2.94 -28.50 35.79
CA PRO O 168 -3.66 -27.33 35.31
C PRO O 168 -2.66 -26.17 35.18
N LEU O 169 -3.01 -25.12 34.45
CA LEU O 169 -2.11 -23.98 34.32
C LEU O 169 -2.56 -22.97 35.38
N LEU O 170 -1.61 -22.22 35.96
CA LEU O 170 -1.90 -21.24 37.00
C LEU O 170 -1.77 -19.83 36.51
N GLY O 171 -2.72 -18.97 36.81
CA GLY O 171 -2.63 -17.58 36.38
C GLY O 171 -3.02 -16.62 37.50
N CYS O 172 -2.93 -15.32 37.27
CA CYS O 172 -3.27 -14.36 38.33
C CYS O 172 -3.66 -13.01 37.77
N THR O 173 -4.76 -12.41 38.21
CA THR O 173 -5.20 -11.10 37.73
C THR O 173 -4.63 -10.00 38.61
N ILE O 174 -3.95 -9.03 38.03
CA ILE O 174 -3.35 -7.94 38.80
C ILE O 174 -4.45 -7.08 39.41
N LYS O 175 -4.25 -6.59 40.62
CA LYS O 175 -5.26 -5.77 41.33
C LYS O 175 -4.58 -4.56 41.93
N PRO O 176 -5.34 -3.47 42.18
CA PRO O 176 -6.76 -3.24 41.95
C PRO O 176 -7.07 -3.27 40.49
N LYS O 177 -8.32 -3.55 40.13
CA LYS O 177 -8.72 -3.61 38.74
C LYS O 177 -8.18 -2.46 37.92
N LEU O 178 -8.51 -1.24 38.35
CA LEU O 178 -8.10 -0.03 37.65
C LEU O 178 -7.36 0.85 38.65
N GLY O 179 -6.51 1.74 38.16
CA GLY O 179 -5.82 2.60 39.07
C GLY O 179 -4.32 2.47 39.15
N LEU O 180 -3.75 1.31 38.81
CA LEU O 180 -2.31 1.18 38.87
C LEU O 180 -1.65 1.84 37.65
N SER O 181 -0.41 2.31 37.79
CA SER O 181 0.30 2.92 36.66
C SER O 181 0.99 1.80 35.91
N ALA O 182 1.52 2.10 34.72
CA ALA O 182 2.19 1.08 33.91
C ALA O 182 3.43 0.50 34.57
N LYS O 183 4.29 1.30 35.19
CA LYS O 183 5.46 0.71 35.82
C LYS O 183 5.04 -0.15 37.01
N ASN O 184 4.01 0.25 37.75
CA ASN O 184 3.57 -0.55 38.89
C ASN O 184 2.92 -1.84 38.45
N TYR O 185 2.23 -1.82 37.33
CA TYR O 185 1.62 -3.03 36.80
C TYR O 185 2.73 -4.03 36.49
N GLY O 186 3.77 -3.61 35.79
CA GLY O 186 4.86 -4.52 35.48
C GLY O 186 5.60 -5.05 36.69
N ARG O 187 5.69 -4.26 37.74
CA ARG O 187 6.38 -4.68 38.97
C ARG O 187 5.61 -5.80 39.65
N ALA O 188 4.29 -5.67 39.67
CA ALA O 188 3.43 -6.68 40.28
C ALA O 188 3.45 -7.95 39.44
N VAL O 189 3.63 -7.81 38.12
CA VAL O 189 3.67 -8.93 37.17
C VAL O 189 4.94 -9.74 37.33
N TYR O 190 6.07 -9.07 37.40
CA TYR O 190 7.32 -9.76 37.56
C TYR O 190 7.31 -10.58 38.85
N GLU O 191 6.86 -9.99 39.95
CA GLU O 191 6.83 -10.70 41.24
C GLU O 191 5.91 -11.92 41.24
N CYS O 192 4.73 -11.84 40.64
CA CYS O 192 3.85 -13.01 40.59
C CYS O 192 4.44 -14.12 39.74
N LEU O 193 4.99 -13.77 38.58
CA LEU O 193 5.55 -14.76 37.69
C LEU O 193 6.75 -15.47 38.25
N ARG O 194 7.64 -14.77 38.93
CA ARG O 194 8.82 -15.45 39.44
C ARG O 194 8.51 -16.44 40.56
N GLY O 195 7.33 -16.36 41.12
CA GLY O 195 6.95 -17.26 42.20
C GLY O 195 6.37 -18.58 41.74
N GLY O 196 6.19 -18.77 40.44
CA GLY O 196 5.67 -20.05 40.00
C GLY O 196 4.38 -20.04 39.23
N LEU O 197 3.74 -18.90 39.04
CA LEU O 197 2.51 -18.86 38.26
C LEU O 197 2.92 -18.85 36.81
N ASP O 198 2.11 -19.44 35.93
CA ASP O 198 2.45 -19.48 34.51
C ASP O 198 2.08 -18.18 33.80
N PHE O 199 0.95 -17.59 34.18
CA PHE O 199 0.45 -16.36 33.57
C PHE O 199 -0.03 -15.31 34.56
N THR O 200 -0.01 -14.05 34.15
CA THR O 200 -0.59 -12.95 34.90
C THR O 200 -1.47 -12.33 33.84
N LYS O 201 -2.42 -11.47 34.20
CA LYS O 201 -3.27 -10.90 33.16
C LYS O 201 -3.83 -9.55 33.47
N ASP O 202 -4.21 -8.83 32.43
CA ASP O 202 -4.81 -7.54 32.59
C ASP O 202 -6.19 -7.92 33.10
N ASP O 203 -6.84 -7.10 33.89
CA ASP O 203 -8.19 -7.44 34.31
C ASP O 203 -9.02 -7.09 33.08
N GLU O 204 -10.25 -7.59 32.99
CA GLU O 204 -11.06 -7.35 31.81
C GLU O 204 -11.34 -5.94 31.41
N ASN O 205 -11.34 -5.02 32.37
CA ASN O 205 -11.63 -3.64 32.06
C ASN O 205 -10.42 -2.74 31.88
N VAL O 206 -9.23 -3.33 31.94
CA VAL O 206 -8.01 -2.59 31.73
C VAL O 206 -7.79 -2.56 30.22
N ASN O 207 -8.02 -1.41 29.59
CA ASN O 207 -7.83 -1.25 28.15
C ASN O 207 -6.77 -0.16 28.01
N SER O 208 -7.19 1.08 27.86
CA SER O 208 -6.28 2.21 27.79
C SER O 208 -7.05 3.30 28.49
N GLN O 209 -6.52 3.84 29.56
CA GLN O 209 -7.20 4.86 30.34
C GLN O 209 -6.25 5.91 30.84
N PRO O 210 -6.77 7.07 31.28
CA PRO O 210 -5.88 8.12 31.78
C PRO O 210 -4.79 7.68 32.75
N PHE O 211 -5.09 6.75 33.65
CA PHE O 211 -4.07 6.31 34.60
C PHE O 211 -2.99 5.40 34.06
N MET O 212 -3.26 4.73 32.95
CA MET O 212 -2.31 3.81 32.36
C MET O 212 -2.71 3.60 30.92
N ARG O 213 -1.88 4.05 29.98
CA ARG O 213 -2.18 3.90 28.56
C ARG O 213 -1.69 2.55 28.10
N TRP O 214 -2.39 1.93 27.15
CA TRP O 214 -2.03 0.59 26.72
C TRP O 214 -0.61 0.33 26.29
N ARG O 215 -0.05 1.17 25.44
CA ARG O 215 1.30 0.92 24.96
C ARG O 215 2.35 0.94 26.06
N ASP O 216 2.18 1.79 27.07
CA ASP O 216 3.12 1.81 28.17
C ASP O 216 2.95 0.53 28.96
N ARG O 217 1.72 0.04 29.11
CA ARG O 217 1.51 -1.19 29.85
C ARG O 217 2.13 -2.39 29.16
N PHE O 218 1.83 -2.57 27.87
CA PHE O 218 2.37 -3.67 27.08
C PHE O 218 3.89 -3.71 27.17
N LEU O 219 4.51 -2.55 27.07
CA LEU O 219 5.96 -2.45 27.12
C LEU O 219 6.59 -2.87 28.44
N PHE O 220 6.06 -2.37 29.56
CA PHE O 220 6.55 -2.69 30.90
C PHE O 220 6.24 -4.13 31.26
N CYS O 221 5.10 -4.64 30.83
CA CYS O 221 4.76 -6.04 31.12
C CYS O 221 5.67 -6.97 30.36
N ALA O 222 6.13 -6.58 29.17
CA ALA O 222 7.03 -7.42 28.43
C ALA O 222 8.36 -7.50 29.17
N GLU O 223 8.86 -6.39 29.67
CA GLU O 223 10.12 -6.41 30.40
C GLU O 223 9.98 -7.31 31.62
N ALA O 224 8.90 -7.15 32.35
CA ALA O 224 8.67 -7.96 33.54
C ALA O 224 8.53 -9.45 33.23
N LEU O 225 7.74 -9.82 32.23
CA LEU O 225 7.60 -11.23 31.94
C LEU O 225 8.90 -11.87 31.48
N TYR O 226 9.69 -11.16 30.70
CA TYR O 226 10.97 -11.70 30.24
C TYR O 226 11.95 -11.87 31.39
N LYS O 227 11.83 -11.04 32.42
CA LYS O 227 12.73 -11.14 33.56
C LYS O 227 12.38 -12.37 34.39
N ALA O 228 11.09 -12.57 34.66
CA ALA O 228 10.67 -13.72 35.41
C ALA O 228 11.00 -15.01 34.66
N GLN O 229 10.89 -15.00 33.34
CA GLN O 229 11.20 -16.19 32.55
C GLN O 229 12.67 -16.54 32.64
N ALA O 230 13.54 -15.54 32.64
CA ALA O 230 14.96 -15.81 32.72
C ALA O 230 15.35 -16.32 34.10
N GLU O 231 14.65 -15.86 35.12
CA GLU O 231 14.94 -16.26 36.48
C GLU O 231 14.52 -17.68 36.79
N THR O 232 13.36 -18.08 36.28
CA THR O 232 12.83 -19.40 36.58
C THR O 232 13.10 -20.54 35.63
N GLY O 233 13.25 -20.24 34.35
CA GLY O 233 13.49 -21.31 33.41
C GLY O 233 12.21 -21.92 32.87
N GLU O 234 11.07 -21.33 33.20
CA GLU O 234 9.78 -21.83 32.71
C GLU O 234 9.18 -20.77 31.81
N ILE O 235 8.52 -21.15 30.73
CA ILE O 235 7.94 -20.16 29.84
C ILE O 235 6.82 -19.41 30.57
N LYS O 236 6.81 -18.07 30.49
CA LYS O 236 5.79 -17.25 31.16
C LYS O 236 5.00 -16.48 30.12
N GLY O 237 3.83 -16.00 30.49
CA GLY O 237 3.02 -15.24 29.58
C GLY O 237 2.21 -14.23 30.38
N HIS O 238 1.78 -13.13 29.79
CA HIS O 238 0.97 -12.14 30.47
C HIS O 238 -0.09 -11.77 29.45
N TYR O 239 -1.38 -11.99 29.73
CA TYR O 239 -2.38 -11.67 28.72
C TYR O 239 -2.52 -10.17 28.54
N LEU O 240 -2.20 -9.67 27.37
CA LEU O 240 -2.31 -8.24 27.07
C LEU O 240 -3.69 -8.00 26.46
N ASN O 241 -4.47 -7.12 27.04
CA ASN O 241 -5.82 -6.88 26.56
C ASN O 241 -5.89 -6.05 25.30
N ALA O 242 -6.48 -6.60 24.25
CA ALA O 242 -6.63 -5.92 22.98
C ALA O 242 -8.01 -5.34 22.80
N THR O 243 -8.92 -5.56 23.75
CA THR O 243 -10.30 -5.05 23.66
C THR O 243 -10.21 -3.56 23.43
N ALA O 244 -11.01 -3.01 22.54
CA ALA O 244 -10.92 -1.60 22.31
C ALA O 244 -12.19 -1.09 21.71
N GLY O 245 -12.23 0.19 21.40
CA GLY O 245 -13.44 0.76 20.87
C GLY O 245 -13.79 0.54 19.45
N THR O 246 -12.80 0.35 18.58
CA THR O 246 -13.01 0.15 17.15
C THR O 246 -12.18 -1.04 16.71
N CYS O 247 -12.47 -1.61 15.54
CA CYS O 247 -11.70 -2.74 15.07
C CYS O 247 -10.28 -2.31 14.85
N GLU O 248 -10.12 -1.07 14.40
CA GLU O 248 -8.82 -0.48 14.12
C GLU O 248 -7.93 -0.42 15.33
N ASP O 249 -8.47 0.04 16.45
CA ASP O 249 -7.70 0.12 17.66
C ASP O 249 -7.38 -1.24 18.19
N MET O 250 -8.30 -2.18 18.07
CA MET O 250 -8.06 -3.54 18.53
C MET O 250 -6.88 -4.15 17.78
N MET O 251 -6.85 -3.99 16.47
CA MET O 251 -5.75 -4.52 15.68
C MET O 251 -4.41 -3.89 16.01
N LYS O 252 -4.41 -2.61 16.34
CA LYS O 252 -3.19 -1.90 16.70
C LYS O 252 -2.52 -2.54 17.89
N ARG O 253 -3.33 -2.91 18.87
CA ARG O 253 -2.83 -3.51 20.09
C ARG O 253 -2.35 -4.90 19.83
N ALA O 254 -3.05 -5.67 19.02
CA ALA O 254 -2.63 -7.02 18.70
C ALA O 254 -1.31 -6.98 17.96
N VAL O 255 -1.16 -6.03 17.05
CA VAL O 255 0.08 -5.88 16.28
C VAL O 255 1.30 -5.56 17.17
N PHE O 256 1.16 -4.74 18.20
CA PHE O 256 2.29 -4.44 19.07
C PHE O 256 2.63 -5.67 19.90
N ALA O 257 1.64 -6.47 20.28
CA ALA O 257 1.90 -7.70 21.05
C ALA O 257 2.71 -8.64 20.17
N ARG O 258 2.39 -8.69 18.88
CA ARG O 258 3.14 -9.53 17.97
C ARG O 258 4.59 -9.03 17.87
N GLU O 259 4.77 -7.71 17.80
CA GLU O 259 6.09 -7.09 17.70
C GLU O 259 6.97 -7.32 18.92
N LEU O 260 6.36 -7.47 20.08
CA LEU O 260 7.09 -7.71 21.31
C LEU O 260 7.46 -9.17 21.47
N GLY O 261 6.80 -10.04 20.72
CA GLY O 261 7.08 -11.47 20.77
C GLY O 261 6.48 -12.24 21.91
N VAL O 262 5.47 -11.65 22.57
CA VAL O 262 4.81 -12.26 23.72
C VAL O 262 3.89 -13.35 23.23
N PRO O 263 3.58 -14.35 24.08
CA PRO O 263 2.71 -15.40 23.56
C PRO O 263 1.21 -15.31 23.60
N ILE O 264 0.62 -14.39 24.35
CA ILE O 264 -0.82 -14.39 24.47
C ILE O 264 -1.51 -13.02 24.60
N VAL O 265 -2.64 -12.85 23.90
CA VAL O 265 -3.45 -11.63 23.96
C VAL O 265 -4.81 -12.02 24.53
N MET O 266 -5.68 -11.06 24.76
CA MET O 266 -6.96 -11.31 25.42
C MET O 266 -8.05 -10.44 24.81
N HIS O 267 -9.30 -10.89 24.83
CA HIS O 267 -10.41 -10.12 24.27
C HIS O 267 -11.68 -10.41 25.05
N ASP O 268 -12.52 -9.39 25.22
CA ASP O 268 -13.81 -9.51 25.89
C ASP O 268 -14.79 -9.70 24.73
N TYR O 269 -15.10 -10.95 24.39
CA TYR O 269 -15.93 -11.23 23.24
C TYR O 269 -17.36 -10.75 23.18
N LEU O 270 -18.01 -10.56 24.34
CA LEU O 270 -19.39 -10.11 24.35
C LEU O 270 -19.51 -8.60 24.36
N THR O 271 -18.61 -7.90 25.08
CA THR O 271 -18.67 -6.45 25.08
C THR O 271 -17.99 -5.93 23.83
N GLY O 272 -16.98 -6.63 23.34
CA GLY O 272 -16.33 -6.27 22.10
C GLY O 272 -17.26 -6.64 20.95
N GLY O 273 -17.73 -7.88 20.92
CA GLY O 273 -18.68 -8.33 19.92
C GLY O 273 -18.17 -9.51 19.15
N PHE O 274 -19.07 -10.27 18.52
CA PHE O 274 -18.65 -11.43 17.74
C PHE O 274 -17.94 -11.02 16.47
N THR O 275 -18.38 -9.95 15.81
CA THR O 275 -17.73 -9.48 14.60
C THR O 275 -16.28 -9.11 14.91
N ALA O 276 -16.02 -8.34 15.94
CA ALA O 276 -14.63 -8.01 16.25
C ALA O 276 -13.87 -9.24 16.74
N ASN O 277 -14.51 -10.12 17.49
CA ASN O 277 -13.81 -11.31 17.99
C ASN O 277 -13.35 -12.25 16.87
N THR O 278 -14.17 -12.48 15.86
CA THR O 278 -13.78 -13.33 14.76
C THR O 278 -12.57 -12.75 14.02
N THR O 279 -12.49 -11.43 13.87
CA THR O 279 -11.35 -10.78 13.22
C THR O 279 -10.06 -11.02 14.02
N LEU O 280 -10.10 -10.89 15.34
CA LEU O 280 -8.93 -11.10 16.19
C LEU O 280 -8.51 -12.56 16.20
N SER O 281 -9.47 -13.46 16.23
CA SER O 281 -9.20 -14.88 16.23
C SER O 281 -8.45 -15.28 14.95
N HIS O 282 -8.87 -14.74 13.81
CA HIS O 282 -8.21 -15.05 12.57
C HIS O 282 -6.80 -14.47 12.60
N TYR O 283 -6.66 -13.26 13.12
CA TYR O 283 -5.35 -12.62 13.22
C TYR O 283 -4.43 -13.44 14.10
N CYS O 284 -4.96 -13.98 15.19
CA CYS O 284 -4.16 -14.76 16.11
C CYS O 284 -3.70 -16.08 15.48
N ARG O 285 -4.55 -16.68 14.67
CA ARG O 285 -4.17 -17.91 13.98
C ARG O 285 -3.04 -17.59 13.04
N ASP O 286 -3.15 -16.49 12.31
CA ASP O 286 -2.13 -16.08 11.36
C ASP O 286 -0.82 -15.62 11.91
N ASN O 287 -0.80 -15.20 13.17
CA ASN O 287 0.41 -14.70 13.80
C ASN O 287 0.92 -15.42 15.01
N GLY O 288 0.41 -16.60 15.27
CA GLY O 288 0.87 -17.40 16.39
C GLY O 288 0.58 -16.93 17.78
N LEU O 289 -0.47 -16.15 17.96
CA LEU O 289 -0.78 -15.64 19.29
C LEU O 289 -1.89 -16.45 19.92
N LEU O 290 -1.75 -16.79 21.20
CA LEU O 290 -2.79 -17.53 21.90
C LEU O 290 -3.82 -16.48 22.28
N LEU O 291 -5.10 -16.83 22.25
CA LEU O 291 -6.17 -15.88 22.57
C LEU O 291 -6.99 -16.29 23.79
N HIS O 292 -6.95 -15.48 24.85
CA HIS O 292 -7.71 -15.73 26.08
C HIS O 292 -9.02 -14.96 26.00
N ILE O 293 -10.16 -15.60 26.26
CA ILE O 293 -11.44 -14.92 26.16
C ILE O 293 -12.16 -14.68 27.49
N HIS O 294 -12.67 -13.48 27.71
CA HIS O 294 -13.42 -13.11 28.92
C HIS O 294 -14.87 -13.05 28.58
N ARG O 295 -15.73 -13.48 29.49
CA ARG O 295 -17.15 -13.45 29.21
C ARG O 295 -17.87 -12.29 29.89
N ALA O 296 -17.16 -11.19 30.10
CA ALA O 296 -17.73 -10.03 30.71
C ALA O 296 -19.08 -9.76 30.10
N MET O 297 -20.07 -9.52 30.95
CA MET O 297 -21.45 -9.23 30.57
C MET O 297 -22.31 -10.48 30.36
N HIS O 298 -21.78 -11.67 30.54
CA HIS O 298 -22.59 -12.85 30.31
C HIS O 298 -23.74 -13.02 31.28
N ALA O 299 -23.55 -12.71 32.56
CA ALA O 299 -24.62 -12.91 33.53
C ALA O 299 -25.81 -12.00 33.36
N VAL O 300 -25.68 -10.98 32.52
CA VAL O 300 -26.78 -10.09 32.25
C VAL O 300 -27.75 -10.86 31.36
N ILE O 301 -27.26 -11.88 30.67
CA ILE O 301 -28.02 -12.66 29.71
C ILE O 301 -28.36 -14.08 30.19
N ASP O 302 -27.45 -14.69 30.94
CA ASP O 302 -27.64 -16.07 31.33
C ASP O 302 -27.95 -16.47 32.76
N ARG O 303 -28.16 -15.52 33.64
CA ARG O 303 -28.38 -15.85 35.06
C ARG O 303 -29.72 -16.51 35.43
N GLN O 304 -30.81 -15.90 34.97
CA GLN O 304 -32.15 -16.35 35.30
C GLN O 304 -32.61 -17.51 34.47
N LYS O 305 -33.30 -18.43 35.11
CA LYS O 305 -33.78 -19.62 34.47
C LYS O 305 -34.97 -19.43 33.56
N ASN O 306 -35.68 -18.32 33.65
CA ASN O 306 -36.85 -18.17 32.81
C ASN O 306 -36.71 -17.35 31.56
N HIS O 307 -35.67 -16.52 31.46
CA HIS O 307 -35.48 -15.65 30.28
C HIS O 307 -34.00 -15.43 30.01
N GLY O 308 -33.61 -15.47 28.73
CA GLY O 308 -32.21 -15.26 28.40
C GLY O 308 -31.67 -16.34 27.49
N MET O 309 -30.38 -16.63 27.60
CA MET O 309 -29.72 -17.65 26.81
C MET O 309 -28.80 -18.28 27.81
N HIS O 310 -28.73 -19.59 27.84
CA HIS O 310 -27.86 -20.23 28.79
C HIS O 310 -26.42 -20.09 28.38
N PHE O 311 -25.50 -20.16 29.33
CA PHE O 311 -24.11 -20.06 28.99
C PHE O 311 -23.61 -21.10 28.02
N ARG O 312 -24.16 -22.30 28.01
CA ARG O 312 -23.66 -23.32 27.10
C ARG O 312 -23.81 -22.91 25.64
N VAL O 313 -24.79 -22.07 25.34
CA VAL O 313 -25.00 -21.61 23.99
C VAL O 313 -23.92 -20.58 23.65
N LEU O 314 -23.60 -19.72 24.61
CA LEU O 314 -22.58 -18.69 24.42
C LEU O 314 -21.20 -19.35 24.39
N ALA O 315 -21.04 -20.51 25.01
CA ALA O 315 -19.76 -21.22 25.01
C ALA O 315 -19.56 -21.89 23.65
N LYS O 316 -20.63 -22.42 23.08
CA LYS O 316 -20.55 -23.04 21.77
C LYS O 316 -20.21 -21.98 20.74
N ALA O 317 -20.88 -20.83 20.82
CA ALA O 317 -20.64 -19.71 19.90
C ALA O 317 -19.18 -19.23 19.92
N LEU O 318 -18.53 -19.27 21.08
CA LEU O 318 -17.14 -18.88 21.21
C LEU O 318 -16.21 -19.93 20.61
N ARG O 319 -16.48 -21.21 20.81
CA ARG O 319 -15.61 -22.21 20.23
C ARG O 319 -15.61 -22.10 18.70
N LEU O 320 -16.72 -21.64 18.13
CA LEU O 320 -16.84 -21.45 16.69
C LEU O 320 -16.13 -20.17 16.22
N SER O 321 -16.46 -19.02 16.83
CA SER O 321 -15.84 -17.76 16.51
C SER O 321 -14.35 -17.84 16.77
N GLY O 322 -13.96 -18.35 17.92
CA GLY O 322 -12.54 -18.53 18.21
C GLY O 322 -11.96 -18.00 19.49
N GLY O 323 -11.28 -18.88 20.21
CA GLY O 323 -10.62 -18.49 21.44
C GLY O 323 -9.90 -19.69 21.96
N ASP O 324 -8.76 -19.50 22.60
CA ASP O 324 -8.00 -20.62 23.14
C ASP O 324 -8.33 -20.92 24.60
N HIS O 325 -8.80 -19.93 25.33
CA HIS O 325 -9.21 -20.06 26.74
C HIS O 325 -10.56 -19.37 26.81
N ILE O 326 -11.41 -19.77 27.74
CA ILE O 326 -12.66 -19.06 27.98
C ILE O 326 -13.01 -19.21 29.45
N HIS O 327 -13.38 -18.12 30.10
CA HIS O 327 -13.77 -18.19 31.50
C HIS O 327 -14.99 -19.07 31.62
N SER O 328 -14.99 -20.00 32.56
CA SER O 328 -16.13 -20.90 32.66
C SER O 328 -16.70 -21.03 34.05
N GLY O 329 -16.27 -20.19 34.99
CA GLY O 329 -16.78 -20.26 36.34
C GLY O 329 -15.91 -21.10 37.25
N THR O 330 -16.20 -21.07 38.54
CA THR O 330 -15.43 -21.83 39.52
C THR O 330 -16.27 -22.84 40.30
N VAL O 331 -17.60 -22.67 40.28
CA VAL O 331 -18.51 -23.55 41.04
C VAL O 331 -18.43 -23.15 42.53
N VAL O 332 -17.24 -23.27 43.10
CA VAL O 332 -17.01 -22.95 44.51
C VAL O 332 -16.64 -21.52 44.88
N GLY O 333 -16.55 -20.62 43.91
CA GLY O 333 -16.14 -19.25 44.21
C GLY O 333 -17.21 -18.21 44.42
N LYS O 334 -16.88 -16.95 44.18
CA LYS O 334 -17.83 -15.86 44.42
C LYS O 334 -18.94 -15.63 43.41
N LEU O 335 -18.88 -16.29 42.25
CA LEU O 335 -19.87 -16.07 41.21
C LEU O 335 -20.61 -17.35 40.91
N GLU O 336 -21.87 -17.24 40.51
CA GLU O 336 -22.68 -18.41 40.27
C GLU O 336 -22.14 -19.44 39.28
N GLY O 337 -22.43 -20.72 39.56
CA GLY O 337 -22.01 -21.82 38.70
C GLY O 337 -22.23 -23.15 39.37
N GLU O 338 -23.29 -23.88 39.02
CA GLU O 338 -23.58 -25.21 39.60
C GLU O 338 -22.69 -26.29 39.01
N ARG O 339 -22.30 -27.25 39.84
CA ARG O 339 -21.39 -28.29 39.38
C ARG O 339 -21.75 -29.11 38.17
N ASP O 340 -22.94 -29.68 38.14
CA ASP O 340 -23.36 -30.52 37.00
C ASP O 340 -23.52 -29.76 35.70
N ILE O 341 -24.17 -28.62 35.74
CA ILE O 341 -24.35 -27.83 34.55
C ILE O 341 -22.99 -27.35 34.05
N THR O 342 -22.09 -27.04 34.97
CA THR O 342 -20.76 -26.60 34.61
C THR O 342 -20.01 -27.72 33.96
N LEU O 343 -19.99 -28.89 34.57
CA LEU O 343 -19.28 -30.00 33.94
C LEU O 343 -19.85 -30.27 32.57
N GLY O 344 -21.12 -29.94 32.38
CA GLY O 344 -21.75 -30.16 31.10
C GLY O 344 -21.21 -29.29 30.00
N PHE O 345 -21.13 -27.98 30.23
CA PHE O 345 -20.58 -27.13 29.18
C PHE O 345 -19.04 -27.17 29.12
N VAL O 346 -18.37 -27.65 30.17
CA VAL O 346 -16.92 -27.78 30.10
C VAL O 346 -16.64 -28.88 29.08
N ASP O 347 -17.48 -29.92 29.03
CA ASP O 347 -17.31 -31.01 28.06
C ASP O 347 -17.59 -30.51 26.66
N LEU O 348 -18.59 -29.66 26.51
CA LEU O 348 -18.91 -29.13 25.20
C LEU O 348 -17.78 -28.23 24.66
N LEU O 349 -16.99 -27.67 25.56
CA LEU O 349 -15.86 -26.81 25.20
C LEU O 349 -14.60 -27.58 24.86
N ARG O 350 -14.30 -28.66 25.57
CA ARG O 350 -13.08 -29.43 25.35
C ARG O 350 -13.11 -30.67 24.48
N ASP O 351 -14.22 -31.38 24.45
CA ASP O 351 -14.32 -32.64 23.71
C ASP O 351 -14.77 -32.56 22.27
N ASP O 352 -14.59 -33.66 21.54
CA ASP O 352 -14.97 -33.73 20.15
C ASP O 352 -16.38 -34.21 19.93
N TYR O 353 -16.97 -34.83 20.95
CA TYR O 353 -18.32 -35.36 20.86
C TYR O 353 -18.89 -35.44 22.27
N THR O 354 -20.11 -34.94 22.44
CA THR O 354 -20.78 -34.96 23.73
C THR O 354 -22.19 -35.41 23.45
N GLU O 355 -22.60 -36.45 24.16
CA GLU O 355 -23.91 -37.02 23.96
C GLU O 355 -24.97 -36.34 24.79
N LYS O 356 -26.19 -36.29 24.26
CA LYS O 356 -27.33 -35.70 24.91
C LYS O 356 -27.40 -36.17 26.34
N ASP O 357 -27.74 -35.29 27.29
CA ASP O 357 -27.77 -35.72 28.68
C ASP O 357 -28.48 -34.68 29.50
N ARG O 358 -29.79 -34.77 29.59
CA ARG O 358 -30.54 -33.77 30.34
C ARG O 358 -30.16 -33.56 31.78
N SER O 359 -29.48 -34.52 32.42
CA SER O 359 -29.15 -34.30 33.81
C SER O 359 -28.15 -33.17 33.97
N ARG O 360 -27.42 -32.89 32.89
CA ARG O 360 -26.43 -31.83 32.86
C ARG O 360 -26.89 -30.68 32.00
N GLY O 361 -28.12 -30.71 31.54
CA GLY O 361 -28.63 -29.63 30.72
C GLY O 361 -28.21 -29.64 29.27
N ILE O 362 -27.73 -30.77 28.78
CA ILE O 362 -27.31 -30.89 27.40
C ILE O 362 -28.48 -31.48 26.63
N TYR O 363 -29.18 -30.66 25.86
CA TYR O 363 -30.33 -31.13 25.12
C TYR O 363 -30.09 -31.87 23.82
N PHE O 364 -28.94 -31.68 23.19
CA PHE O 364 -28.69 -32.30 21.90
C PHE O 364 -27.32 -32.91 21.88
N THR O 365 -27.11 -33.93 21.07
CA THR O 365 -25.79 -34.53 20.95
C THR O 365 -25.02 -33.59 20.01
N GLN O 366 -23.78 -33.26 20.38
CA GLN O 366 -22.97 -32.35 19.58
C GLN O 366 -21.65 -32.95 19.15
N SER O 367 -21.33 -32.83 17.87
CA SER O 367 -20.05 -33.30 17.32
C SER O 367 -19.30 -32.07 16.86
N TRP O 368 -17.97 -32.11 16.92
CA TRP O 368 -17.16 -30.97 16.52
C TRP O 368 -16.23 -31.15 15.33
N VAL O 369 -16.25 -32.32 14.70
CA VAL O 369 -15.40 -32.63 13.56
C VAL O 369 -14.00 -32.08 13.66
N SER O 370 -13.36 -32.35 14.78
CA SER O 370 -12.01 -31.93 15.05
C SER O 370 -11.70 -30.45 15.24
N THR O 371 -12.72 -29.64 15.49
CA THR O 371 -12.51 -28.24 15.80
C THR O 371 -11.75 -28.36 17.13
N PRO O 372 -10.60 -27.70 17.29
CA PRO O 372 -9.85 -27.81 18.55
C PRO O 372 -10.65 -27.46 19.78
N GLY O 373 -10.22 -27.96 20.94
CA GLY O 373 -10.91 -27.66 22.18
C GLY O 373 -10.43 -26.39 22.83
N VAL O 374 -11.27 -25.79 23.66
CA VAL O 374 -10.97 -24.56 24.35
C VAL O 374 -10.65 -24.87 25.81
N LEU O 375 -9.64 -24.22 26.37
CA LEU O 375 -9.26 -24.48 27.75
C LEU O 375 -10.19 -23.68 28.69
N PRO O 376 -10.92 -24.33 29.63
CA PRO O 376 -11.79 -23.56 30.53
C PRO O 376 -10.97 -22.90 31.62
N VAL O 377 -11.32 -21.68 32.00
CA VAL O 377 -10.59 -20.93 33.03
C VAL O 377 -11.45 -20.69 34.28
N ALA O 378 -11.01 -21.22 35.41
CA ALA O 378 -11.74 -21.05 36.65
C ALA O 378 -11.16 -19.82 37.32
N SER O 379 -11.95 -18.80 37.56
CA SER O 379 -11.43 -17.58 38.17
C SER O 379 -12.51 -16.86 38.91
N GLY O 380 -12.19 -16.30 40.08
CA GLY O 380 -13.19 -15.56 40.82
C GLY O 380 -13.44 -15.93 42.28
N GLY O 381 -12.67 -15.39 43.20
CA GLY O 381 -12.91 -15.68 44.59
C GLY O 381 -12.41 -17.01 45.07
N ILE O 382 -11.41 -17.59 44.41
CA ILE O 382 -10.89 -18.87 44.83
C ILE O 382 -9.55 -18.71 45.57
N HIS O 383 -9.20 -19.67 46.43
CA HIS O 383 -7.97 -19.60 47.19
C HIS O 383 -7.41 -21.00 47.45
N VAL O 384 -6.23 -21.08 48.06
CA VAL O 384 -5.57 -22.36 48.31
C VAL O 384 -6.41 -23.51 48.84
N TRP O 385 -7.36 -23.25 49.72
CA TRP O 385 -8.19 -24.35 50.22
C TRP O 385 -9.13 -24.91 49.16
N HIS O 386 -9.37 -24.16 48.08
CA HIS O 386 -10.26 -24.65 47.04
C HIS O 386 -9.50 -25.52 46.04
N MET O 387 -8.18 -25.52 46.13
CA MET O 387 -7.37 -26.26 45.17
C MET O 387 -7.77 -27.71 44.95
N PRO O 388 -8.05 -28.48 46.02
CA PRO O 388 -8.41 -29.86 45.69
C PRO O 388 -9.73 -29.98 44.94
N ALA O 389 -10.71 -29.15 45.27
CA ALA O 389 -11.99 -29.22 44.58
C ALA O 389 -11.83 -28.83 43.12
N LEU O 390 -11.04 -27.79 42.87
CA LEU O 390 -10.80 -27.31 41.51
C LEU O 390 -10.08 -28.35 40.68
N THR O 391 -9.03 -28.98 41.21
CA THR O 391 -8.31 -29.98 40.44
C THR O 391 -9.20 -31.17 40.16
N GLU O 392 -10.14 -31.43 41.05
CA GLU O 392 -11.05 -32.57 40.91
C GLU O 392 -12.19 -32.29 39.93
N ILE O 393 -12.78 -31.11 39.98
CA ILE O 393 -13.86 -30.80 39.04
C ILE O 393 -13.36 -30.62 37.62
N PHE O 394 -12.27 -29.86 37.43
CA PHE O 394 -11.73 -29.57 36.10
C PHE O 394 -10.68 -30.48 35.50
N GLY O 395 -9.80 -31.05 36.30
CA GLY O 395 -8.81 -31.92 35.73
C GLY O 395 -7.62 -31.14 35.23
N ASP O 396 -6.71 -31.81 34.55
CA ASP O 396 -5.53 -31.16 34.05
C ASP O 396 -5.78 -30.07 33.02
N ASP O 397 -6.77 -30.23 32.17
CA ASP O 397 -6.96 -29.24 31.13
C ASP O 397 -7.82 -28.07 31.52
N SER O 398 -7.22 -27.16 32.27
CA SER O 398 -7.89 -25.96 32.73
C SER O 398 -6.83 -24.95 33.17
N VAL O 399 -7.26 -23.71 33.37
CA VAL O 399 -6.36 -22.67 33.85
C VAL O 399 -7.06 -22.18 35.11
N LEU O 400 -6.38 -22.22 36.25
CA LEU O 400 -6.95 -21.77 37.52
C LEU O 400 -6.35 -20.42 37.84
N GLN O 401 -7.17 -19.39 37.98
CA GLN O 401 -6.67 -18.03 38.25
C GLN O 401 -6.98 -17.48 39.62
N PHE O 402 -5.97 -16.88 40.25
CA PHE O 402 -6.08 -16.34 41.57
C PHE O 402 -5.63 -14.91 41.61
N GLY O 403 -6.56 -13.97 41.57
CA GLY O 403 -6.19 -12.56 41.65
C GLY O 403 -6.02 -12.11 43.09
N GLY O 404 -7.13 -12.00 43.81
CA GLY O 404 -7.03 -11.61 45.20
C GLY O 404 -6.24 -12.69 45.94
N GLY O 405 -6.36 -13.93 45.47
CA GLY O 405 -5.67 -15.06 46.09
C GLY O 405 -4.16 -15.08 45.97
N THR O 406 -3.60 -14.13 45.25
CA THR O 406 -2.15 -14.06 45.11
C THR O 406 -1.74 -12.72 45.68
N LEU O 407 -2.38 -11.65 45.21
CA LEU O 407 -2.03 -10.32 45.70
C LEU O 407 -2.53 -10.03 47.11
N GLY O 408 -3.28 -10.97 47.68
CA GLY O 408 -3.75 -10.81 49.04
C GLY O 408 -2.91 -11.62 50.03
N HIS O 409 -1.89 -12.33 49.55
CA HIS O 409 -1.08 -13.12 50.46
C HIS O 409 -0.36 -12.12 51.36
N PRO O 410 -0.20 -12.43 52.65
CA PRO O 410 0.47 -11.51 53.58
C PRO O 410 1.93 -11.12 53.28
N TRP O 411 2.67 -11.97 52.57
CA TRP O 411 4.07 -11.70 52.25
C TRP O 411 4.35 -11.11 50.87
N GLY O 412 3.32 -10.81 50.10
CA GLY O 412 3.51 -10.25 48.78
C GLY O 412 3.21 -11.21 47.65
N ASN O 413 3.50 -10.80 46.41
CA ASN O 413 3.22 -11.60 45.22
C ASN O 413 4.02 -12.85 44.99
N ALA O 414 5.34 -12.78 45.09
CA ALA O 414 6.15 -13.98 44.86
C ALA O 414 5.75 -15.08 45.82
N PRO O 415 5.72 -14.79 47.14
CA PRO O 415 5.32 -15.84 48.07
C PRO O 415 3.88 -16.27 47.81
N GLY O 416 3.06 -15.34 47.33
CA GLY O 416 1.67 -15.66 47.05
C GLY O 416 1.56 -16.64 45.92
N ALA O 417 2.44 -16.52 44.94
CA ALA O 417 2.43 -17.41 43.79
C ALA O 417 2.93 -18.76 44.23
N VAL O 418 4.01 -18.81 45.01
CA VAL O 418 4.55 -20.08 45.50
C VAL O 418 3.46 -20.86 46.23
N ALA O 419 2.67 -20.16 47.02
CA ALA O 419 1.59 -20.80 47.77
C ALA O 419 0.68 -21.54 46.82
N ASN O 420 0.20 -20.87 45.78
CA ASN O 420 -0.71 -21.51 44.82
C ASN O 420 -0.06 -22.62 43.99
N ARG O 421 1.19 -22.43 43.58
CA ARG O 421 1.90 -23.44 42.80
C ARG O 421 2.17 -24.68 43.68
N VAL O 422 2.53 -24.49 44.95
CA VAL O 422 2.77 -25.64 45.84
C VAL O 422 1.44 -26.37 46.16
N ALA O 423 0.39 -25.63 46.49
CA ALA O 423 -0.90 -26.25 46.75
C ALA O 423 -1.35 -27.12 45.57
N LEU O 424 -1.17 -26.63 44.35
CA LEU O 424 -1.56 -27.39 43.13
C LEU O 424 -0.69 -28.61 42.86
N GLU O 425 0.61 -28.48 42.92
CA GLU O 425 1.43 -29.65 42.67
C GLU O 425 1.18 -30.70 43.76
N ALA O 426 0.82 -30.27 44.98
CA ALA O 426 0.53 -31.21 46.06
C ALA O 426 -0.71 -32.04 45.71
N CYS O 427 -1.73 -31.39 45.16
CA CYS O 427 -2.95 -32.08 44.75
C CYS O 427 -2.73 -32.99 43.56
N VAL O 428 -1.91 -32.55 42.61
CA VAL O 428 -1.60 -33.36 41.43
C VAL O 428 -0.84 -34.58 41.91
N GLN O 429 0.19 -34.43 42.73
CA GLN O 429 0.93 -35.60 43.21
C GLN O 429 -0.02 -36.57 43.96
N ALA O 430 -0.82 -36.05 44.90
CA ALA O 430 -1.76 -36.87 45.67
C ALA O 430 -2.71 -37.62 44.75
N ARG O 431 -3.36 -36.91 43.83
CA ARG O 431 -4.28 -37.54 42.91
C ARG O 431 -3.58 -38.66 42.13
N ASN O 432 -2.42 -38.33 41.58
CA ASN O 432 -1.65 -39.27 40.77
C ASN O 432 -1.27 -40.47 41.59
N GLU O 433 -1.14 -40.29 42.90
CA GLU O 433 -0.79 -41.41 43.78
C GLU O 433 -1.98 -42.26 44.17
N GLY O 434 -3.19 -41.82 43.82
CA GLY O 434 -4.35 -42.62 44.16
C GLY O 434 -5.26 -42.01 45.21
N ARG O 435 -4.81 -40.96 45.88
CA ARG O 435 -5.62 -40.35 46.92
C ARG O 435 -6.86 -39.71 46.38
N ASP O 436 -7.89 -39.63 47.21
CA ASP O 436 -9.17 -39.06 46.79
C ASP O 436 -9.25 -37.59 47.18
N LEU O 437 -9.09 -36.70 46.21
CA LEU O 437 -9.10 -35.27 46.45
C LEU O 437 -10.38 -34.77 47.13
N ALA O 438 -11.48 -35.45 46.87
CA ALA O 438 -12.74 -35.05 47.50
C ALA O 438 -12.72 -35.34 48.99
N ARG O 439 -12.19 -36.48 49.39
CA ARG O 439 -12.16 -36.79 50.81
C ARG O 439 -10.93 -36.31 51.50
N GLU O 440 -9.77 -36.48 50.87
CA GLU O 440 -8.52 -36.05 51.48
C GLU O 440 -8.08 -34.63 51.13
N GLY O 441 -8.98 -33.85 50.53
CA GLY O 441 -8.64 -32.49 50.16
C GLY O 441 -7.91 -31.70 51.22
N ASN O 442 -8.55 -31.48 52.37
CA ASN O 442 -7.89 -30.71 53.40
C ASN O 442 -6.67 -31.35 54.02
N THR O 443 -6.59 -32.67 53.98
CA THR O 443 -5.42 -33.32 54.57
C THR O 443 -4.22 -33.04 53.69
N ILE O 444 -4.44 -33.11 52.37
CA ILE O 444 -3.34 -32.87 51.42
C ILE O 444 -2.76 -31.46 51.57
N ILE O 445 -3.64 -30.47 51.67
CA ILE O 445 -3.22 -29.08 51.83
C ILE O 445 -2.51 -28.91 53.18
N ARG O 446 -3.11 -29.43 54.24
CA ARG O 446 -2.55 -29.35 55.59
C ARG O 446 -1.17 -30.00 55.63
N GLU O 447 -1.01 -31.14 54.97
CA GLU O 447 0.28 -31.81 54.96
C GLU O 447 1.34 -30.92 54.32
N ALA O 448 0.95 -30.24 53.23
CA ALA O 448 1.91 -29.37 52.52
C ALA O 448 2.33 -28.20 53.36
N THR O 449 1.43 -27.69 54.20
CA THR O 449 1.77 -26.57 55.05
C THR O 449 2.93 -26.94 55.95
N LYS O 450 3.22 -28.22 56.11
CA LYS O 450 4.33 -28.56 57.00
C LYS O 450 5.69 -28.26 56.41
N TRP O 451 5.78 -28.16 55.09
CA TRP O 451 7.11 -27.90 54.54
C TRP O 451 7.14 -26.66 53.66
N SER O 452 6.02 -25.97 53.57
CA SER O 452 5.94 -24.76 52.77
C SER O 452 5.47 -23.58 53.65
N PRO O 453 6.42 -22.79 54.16
CA PRO O 453 6.03 -21.65 54.99
C PRO O 453 5.12 -20.75 54.17
N GLU O 454 5.35 -20.66 52.87
CA GLU O 454 4.52 -19.82 52.03
C GLU O 454 3.07 -20.30 52.00
N LEU O 455 2.86 -21.60 51.81
CA LEU O 455 1.50 -22.13 51.76
C LEU O 455 0.85 -21.92 53.13
N ALA O 456 1.63 -22.21 54.15
CA ALA O 456 1.16 -22.09 55.53
C ALA O 456 0.52 -20.74 55.85
N ALA O 457 1.20 -19.66 55.49
CA ALA O 457 0.68 -18.34 55.78
C ALA O 457 -0.61 -18.05 55.03
N ALA O 458 -0.74 -18.59 53.83
CA ALA O 458 -1.95 -18.35 53.05
C ALA O 458 -3.08 -19.12 53.68
N CYS O 459 -2.79 -20.33 54.15
CA CYS O 459 -3.85 -21.14 54.75
C CYS O 459 -4.49 -20.40 55.92
N GLU O 460 -3.63 -19.78 56.75
CA GLU O 460 -4.10 -19.02 57.92
C GLU O 460 -5.07 -17.95 57.48
N VAL O 461 -4.71 -17.16 56.47
CA VAL O 461 -5.58 -16.07 56.06
C VAL O 461 -7.00 -16.41 55.57
N TRP O 462 -7.12 -17.48 54.77
CA TRP O 462 -8.41 -17.83 54.17
C TRP O 462 -9.13 -19.07 54.68
N LYS O 463 -8.63 -19.62 55.76
CA LYS O 463 -9.24 -20.79 56.35
C LYS O 463 -10.76 -20.75 56.40
N GLU O 464 -11.34 -19.62 56.78
CA GLU O 464 -12.80 -19.62 56.89
C GLU O 464 -13.60 -19.05 55.73
N ILE O 465 -12.99 -18.83 54.56
CA ILE O 465 -13.77 -18.22 53.48
C ILE O 465 -14.41 -19.23 52.54
N LYS O 466 -15.74 -19.16 52.46
CA LYS O 466 -16.54 -20.03 51.60
C LYS O 466 -17.61 -19.16 50.98
N PHE O 467 -18.15 -19.55 49.84
CA PHE O 467 -19.20 -18.75 49.20
C PHE O 467 -20.30 -19.75 48.92
N GLU O 468 -21.33 -19.77 49.76
CA GLU O 468 -22.41 -20.71 49.59
C GLU O 468 -23.77 -20.03 49.64
N PHE O 469 -24.48 -20.02 48.51
CA PHE O 469 -25.80 -19.41 48.43
C PHE O 469 -26.66 -20.25 47.50
N PRO O 470 -27.97 -20.12 47.58
CA PRO O 470 -28.75 -20.96 46.64
C PRO O 470 -28.49 -20.48 45.21
N ALA O 471 -28.53 -21.39 44.24
CA ALA O 471 -28.30 -21.03 42.82
C ALA O 471 -29.59 -20.63 42.14
N MET O 472 -29.51 -19.72 41.16
CA MET O 472 -30.69 -19.24 40.41
C MET O 472 -30.93 -20.09 39.17
N ASP O 473 -29.84 -20.57 38.57
CA ASP O 473 -29.88 -21.35 37.34
C ASP O 473 -29.53 -22.81 37.68
N THR O 474 -30.57 -23.65 37.66
CA THR O 474 -30.46 -25.08 37.98
C THR O 474 -31.07 -25.85 36.82
N VAL O 475 -30.73 -27.14 36.74
CA VAL O 475 -31.23 -27.97 35.66
C VAL O 475 -32.75 -27.90 35.56
N MET P 1 8.02 -12.80 57.61
CA MET P 1 7.83 -12.56 56.14
C MET P 1 9.10 -13.04 55.52
N GLN P 2 9.03 -14.06 54.68
CA GLN P 2 10.21 -14.62 54.03
C GLN P 2 10.29 -14.03 52.61
N VAL P 3 11.49 -13.79 52.12
CA VAL P 3 11.67 -13.24 50.77
C VAL P 3 11.99 -14.38 49.84
N TRP P 4 11.23 -14.54 48.76
CA TRP P 4 11.49 -15.66 47.86
C TRP P 4 12.81 -15.48 47.11
N PRO P 5 13.70 -16.46 47.18
CA PRO P 5 15.02 -16.46 46.55
C PRO P 5 15.03 -16.13 45.07
N ILE P 6 16.18 -15.60 44.68
CA ILE P 6 16.44 -15.14 43.33
C ILE P 6 17.53 -15.92 42.59
N LEU P 7 18.55 -16.37 43.30
CA LEU P 7 19.66 -17.07 42.66
C LEU P 7 19.53 -18.59 42.73
N ASN P 8 20.07 -19.26 41.73
CA ASN P 8 20.01 -20.70 41.68
C ASN P 8 18.65 -21.23 42.03
N LEU P 9 17.60 -20.69 41.41
CA LEU P 9 16.27 -21.20 41.71
C LEU P 9 15.52 -21.59 40.42
N LYS P 10 16.24 -22.19 39.47
CA LYS P 10 15.62 -22.62 38.22
C LYS P 10 14.63 -23.70 38.57
N LYS P 11 13.52 -23.79 37.84
CA LYS P 11 12.55 -24.81 38.14
C LYS P 11 12.33 -25.66 36.88
N TYR P 12 11.61 -26.79 37.00
CA TYR P 12 11.46 -27.70 35.86
C TYR P 12 10.05 -28.20 35.58
N GLU P 13 9.10 -27.29 35.62
CA GLU P 13 7.71 -27.61 35.38
C GLU P 13 7.10 -28.53 36.39
N THR P 14 6.09 -29.31 36.01
CA THR P 14 5.35 -30.14 36.93
C THR P 14 6.11 -30.94 37.99
N LEU P 15 5.74 -30.71 39.25
CA LEU P 15 6.33 -31.36 40.42
C LEU P 15 7.64 -30.76 40.92
N SER P 16 8.25 -29.80 40.21
CA SER P 16 9.51 -29.28 40.73
C SER P 16 9.40 -28.29 41.87
N TYR P 17 8.19 -27.98 42.31
CA TYR P 17 8.05 -27.08 43.46
C TYR P 17 7.87 -27.89 44.75
N LEU P 18 7.79 -29.21 44.63
CA LEU P 18 7.61 -30.12 45.74
C LEU P 18 8.98 -30.61 46.19
N PRO P 19 9.04 -31.19 47.39
CA PRO P 19 10.33 -31.68 47.84
C PRO P 19 10.76 -32.76 46.86
N PRO P 20 12.06 -33.02 46.75
CA PRO P 20 12.57 -34.02 45.82
C PRO P 20 11.81 -35.33 45.97
N LEU P 21 11.59 -36.00 44.85
CA LEU P 21 10.87 -37.25 44.84
C LEU P 21 11.73 -38.38 45.37
N THR P 22 11.20 -39.18 46.28
CA THR P 22 11.97 -40.32 46.76
C THR P 22 11.75 -41.32 45.63
N THR P 23 12.45 -42.46 45.68
CA THR P 23 12.27 -43.43 44.61
C THR P 23 10.90 -44.06 44.65
N ASP P 24 10.24 -44.04 45.81
CA ASP P 24 8.91 -44.62 45.85
C ASP P 24 7.99 -43.67 45.12
N GLN P 25 8.14 -42.38 45.40
CA GLN P 25 7.28 -41.39 44.77
C GLN P 25 7.46 -41.46 43.27
N LEU P 26 8.70 -41.54 42.82
CA LEU P 26 8.97 -41.60 41.39
C LEU P 26 8.24 -42.79 40.83
N ALA P 27 8.46 -43.96 41.41
CA ALA P 27 7.79 -45.17 40.94
C ALA P 27 6.29 -44.99 40.87
N ARG P 28 5.73 -44.25 41.82
CA ARG P 28 4.28 -44.06 41.80
C ARG P 28 3.79 -43.26 40.61
N GLN P 29 4.56 -42.26 40.16
CA GLN P 29 4.15 -41.45 38.99
C GLN P 29 4.22 -42.33 37.73
N VAL P 30 5.21 -43.21 37.65
CA VAL P 30 5.31 -44.09 36.49
C VAL P 30 4.11 -45.05 36.51
N ASP P 31 3.66 -45.45 37.69
CA ASP P 31 2.50 -46.34 37.75
C ASP P 31 1.28 -45.63 37.24
N TYR P 32 1.15 -44.37 37.63
CA TYR P 32 0.02 -43.55 37.20
C TYR P 32 0.05 -43.45 35.67
N LEU P 33 1.23 -43.26 35.12
CA LEU P 33 1.41 -43.15 33.69
C LEU P 33 0.92 -44.44 33.04
N LEU P 34 1.45 -45.58 33.48
CA LEU P 34 1.04 -46.87 32.91
C LEU P 34 -0.42 -47.21 33.14
N ASN P 35 -0.95 -46.91 34.33
CA ASN P 35 -2.34 -47.24 34.60
C ASN P 35 -3.25 -46.53 33.66
N ASN P 36 -2.83 -45.37 33.16
CA ASN P 36 -3.72 -44.64 32.25
C ASN P 36 -3.53 -45.08 30.83
N LYS P 37 -2.64 -46.03 30.63
CA LYS P 37 -2.37 -46.55 29.30
C LYS P 37 -1.66 -45.58 28.37
N TRP P 38 -0.82 -44.72 28.93
CA TRP P 38 -0.06 -43.76 28.15
C TRP P 38 1.29 -44.41 27.91
N VAL P 39 1.98 -44.03 26.83
CA VAL P 39 3.27 -44.61 26.46
C VAL P 39 4.41 -43.84 27.09
N PRO P 40 5.28 -44.51 27.85
CA PRO P 40 6.36 -43.69 28.43
C PRO P 40 7.50 -43.51 27.46
N CYS P 41 8.37 -42.55 27.75
CA CYS P 41 9.53 -42.26 26.91
C CYS P 41 10.42 -41.39 27.76
N LEU P 42 11.73 -41.44 27.53
CA LEU P 42 12.67 -40.64 28.30
C LEU P 42 13.35 -39.69 27.34
N GLU P 43 13.73 -38.50 27.81
CA GLU P 43 14.41 -37.51 26.98
C GLU P 43 15.56 -36.96 27.82
N PHE P 44 16.67 -36.58 27.21
CA PHE P 44 17.80 -36.06 27.97
C PHE P 44 18.39 -34.87 27.25
N GLU P 45 19.10 -34.02 27.97
CA GLU P 45 19.70 -32.83 27.40
C GLU P 45 20.91 -32.46 28.23
N THR P 46 22.03 -32.19 27.55
CA THR P 46 23.26 -31.83 28.25
C THR P 46 23.60 -30.35 28.07
N ASP P 47 23.34 -29.81 26.89
CA ASP P 47 23.67 -28.42 26.61
C ASP P 47 22.77 -27.31 27.08
N HIS P 48 21.50 -27.33 26.70
CA HIS P 48 20.58 -26.27 27.10
C HIS P 48 19.45 -26.77 27.97
N GLY P 49 19.68 -26.82 29.28
CA GLY P 49 18.64 -27.30 30.16
C GLY P 49 17.43 -26.40 30.22
N PHE P 50 17.55 -25.17 29.74
CA PHE P 50 16.40 -24.27 29.82
C PHE P 50 16.11 -23.58 28.52
N VAL P 51 14.85 -23.18 28.40
CA VAL P 51 14.34 -22.49 27.23
C VAL P 51 15.12 -21.18 26.98
N TYR P 52 15.30 -20.81 25.72
CA TYR P 52 16.01 -19.58 25.40
C TYR P 52 15.58 -19.15 24.00
N ARG P 53 16.04 -18.01 23.52
CA ARG P 53 15.65 -17.56 22.19
C ARG P 53 16.83 -17.16 21.38
N GLU P 54 17.30 -18.01 20.51
CA GLU P 54 18.44 -17.66 19.73
C GLU P 54 18.10 -17.45 18.27
N HIS P 55 17.21 -18.26 17.71
CA HIS P 55 16.92 -18.16 16.28
C HIS P 55 15.71 -17.42 15.83
N HIS P 56 14.86 -17.00 16.76
CA HIS P 56 13.69 -16.26 16.34
C HIS P 56 13.04 -15.68 17.56
N ASN P 57 12.23 -14.63 17.39
CA ASN P 57 11.56 -13.99 18.51
C ASN P 57 10.08 -13.78 18.25
N SER P 58 9.51 -14.45 17.24
CA SER P 58 8.10 -14.25 16.95
C SER P 58 7.27 -14.96 17.99
N PRO P 59 5.98 -14.61 18.13
CA PRO P 59 5.18 -15.29 19.13
C PRO P 59 5.14 -16.81 19.05
N GLY P 60 5.32 -17.44 20.20
CA GLY P 60 5.28 -18.88 20.26
C GLY P 60 6.55 -19.60 19.91
N TYR P 61 7.60 -18.89 19.53
CA TYR P 61 8.86 -19.56 19.19
C TYR P 61 9.86 -19.46 20.32
N TYR P 62 10.44 -20.58 20.71
CA TYR P 62 11.45 -20.62 21.76
C TYR P 62 12.39 -21.73 21.38
N ASP P 63 13.65 -21.61 21.74
CA ASP P 63 14.60 -22.67 21.47
C ASP P 63 14.74 -23.41 22.79
N GLY P 64 15.17 -24.67 22.75
CA GLY P 64 15.34 -25.42 23.99
C GLY P 64 14.16 -26.24 24.48
N ARG P 65 13.10 -26.31 23.69
CA ARG P 65 11.94 -27.11 24.06
C ARG P 65 12.15 -28.57 23.70
N TYR P 66 12.82 -28.83 22.58
CA TYR P 66 13.08 -30.20 22.15
C TYR P 66 14.32 -30.72 22.84
N TRP P 67 14.24 -31.88 23.47
CA TRP P 67 15.41 -32.50 24.09
C TRP P 67 15.68 -33.69 23.19
N THR P 68 16.68 -34.50 23.51
CA THR P 68 16.92 -35.63 22.63
C THR P 68 16.34 -36.93 23.20
N MET P 69 15.80 -37.74 22.30
CA MET P 69 15.11 -38.97 22.67
C MET P 69 16.02 -40.10 23.09
N TRP P 70 15.70 -40.74 24.21
CA TRP P 70 16.48 -41.89 24.68
C TRP P 70 15.82 -43.13 24.09
N LYS P 71 16.48 -43.77 23.13
CA LYS P 71 15.94 -44.96 22.50
C LYS P 71 14.65 -44.69 21.74
N LEU P 72 13.52 -45.24 22.17
CA LEU P 72 12.24 -45.03 21.49
C LEU P 72 11.11 -45.06 22.51
N PRO P 73 9.92 -44.57 22.15
CA PRO P 73 8.83 -44.62 23.14
C PRO P 73 8.62 -46.09 23.44
N MET P 74 8.32 -46.45 24.69
CA MET P 74 8.17 -47.85 25.06
C MET P 74 6.77 -48.37 24.84
N PHE P 75 6.35 -48.47 23.58
CA PHE P 75 5.01 -48.94 23.24
C PHE P 75 4.76 -50.30 23.85
N GLY P 76 3.54 -50.51 24.32
CA GLY P 76 3.21 -51.79 24.94
C GLY P 76 3.83 -52.07 26.31
N CYS P 77 4.66 -51.17 26.83
CA CYS P 77 5.28 -51.38 28.14
C CYS P 77 4.15 -51.44 29.15
N THR P 78 4.29 -52.29 30.17
CA THR P 78 3.27 -52.44 31.22
C THR P 78 3.92 -52.59 32.58
N ASP P 79 5.24 -52.73 32.61
CA ASP P 79 5.94 -52.91 33.87
C ASP P 79 6.79 -51.69 34.22
N PRO P 80 6.41 -50.95 35.26
CA PRO P 80 7.15 -49.76 35.68
C PRO P 80 8.61 -50.02 35.94
N ALA P 81 8.96 -51.28 36.12
CA ALA P 81 10.37 -51.58 36.38
C ALA P 81 11.16 -51.33 35.10
N GLN P 82 10.53 -51.64 33.98
CA GLN P 82 11.15 -51.50 32.67
C GLN P 82 11.56 -50.02 32.46
N VAL P 83 10.65 -49.12 32.85
CA VAL P 83 10.87 -47.68 32.70
C VAL P 83 12.00 -47.22 33.60
N LEU P 84 11.92 -47.58 34.88
CA LEU P 84 12.95 -47.20 35.88
C LEU P 84 14.30 -47.79 35.53
N ASN P 85 14.25 -48.87 34.79
CA ASN P 85 15.45 -49.52 34.35
C ASN P 85 16.15 -48.62 33.33
N GLU P 86 15.37 -48.16 32.35
CA GLU P 86 15.94 -47.30 31.32
C GLU P 86 16.50 -46.06 31.98
N LEU P 87 15.80 -45.54 32.98
CA LEU P 87 16.29 -44.34 33.66
C LEU P 87 17.71 -44.56 34.16
N GLU P 88 17.93 -45.72 34.77
CA GLU P 88 19.26 -46.01 35.30
C GLU P 88 20.31 -46.12 34.19
N GLU P 89 19.94 -46.79 33.11
CA GLU P 89 20.87 -46.95 31.99
C GLU P 89 21.22 -45.60 31.39
N CYS P 90 20.23 -44.72 31.24
CA CYS P 90 20.45 -43.38 30.69
C CYS P 90 21.33 -42.58 31.63
N LYS P 91 21.01 -42.62 32.93
CA LYS P 91 21.81 -41.87 33.92
C LYS P 91 23.26 -42.23 33.84
N LYS P 92 23.55 -43.52 33.69
CA LYS P 92 24.95 -43.92 33.68
C LYS P 92 25.66 -43.54 32.39
N GLU P 93 24.89 -43.42 31.31
CA GLU P 93 25.50 -43.03 30.06
C GLU P 93 25.61 -41.53 29.97
N TYR P 94 24.66 -40.81 30.59
CA TYR P 94 24.65 -39.35 30.55
C TYR P 94 24.50 -38.74 31.94
N PRO P 95 25.48 -38.99 32.80
CA PRO P 95 25.47 -38.47 34.17
C PRO P 95 25.43 -36.95 34.19
N ASN P 96 25.82 -36.35 33.09
CA ASN P 96 25.86 -34.90 33.00
C ASN P 96 24.61 -34.30 32.36
N ALA P 97 23.55 -35.09 32.20
CA ALA P 97 22.37 -34.55 31.55
C ALA P 97 21.16 -34.44 32.44
N PHE P 98 20.21 -33.59 32.03
CA PHE P 98 18.94 -33.50 32.77
C PHE P 98 18.19 -34.61 32.04
N ILE P 99 17.36 -35.38 32.71
CA ILE P 99 16.62 -36.45 32.05
C ILE P 99 15.19 -36.33 32.53
N ARG P 100 14.22 -36.56 31.65
CA ARG P 100 12.83 -36.45 32.07
C ARG P 100 12.02 -37.57 31.48
N ILE P 101 10.91 -37.90 32.14
CA ILE P 101 10.05 -38.98 31.71
C ILE P 101 8.78 -38.31 31.19
N ILE P 102 8.31 -38.70 30.01
CA ILE P 102 7.10 -38.12 29.44
C ILE P 102 6.19 -39.29 29.11
N GLY P 103 4.89 -39.05 28.91
CA GLY P 103 4.00 -40.14 28.58
C GLY P 103 3.00 -39.66 27.55
N PHE P 104 2.89 -40.36 26.43
CA PHE P 104 1.99 -39.96 25.38
C PHE P 104 0.61 -40.56 25.43
N ASP P 105 -0.38 -39.77 25.04
CA ASP P 105 -1.74 -40.26 24.94
C ASP P 105 -1.88 -40.25 23.43
N SER P 106 -1.75 -41.39 22.77
CA SER P 106 -1.83 -41.41 21.31
C SER P 106 -3.18 -41.02 20.76
N ASN P 107 -4.21 -41.17 21.56
CA ASN P 107 -5.52 -40.81 21.11
C ASN P 107 -5.66 -39.34 20.89
N ARG P 108 -5.22 -38.53 21.86
CA ARG P 108 -5.32 -37.07 21.71
C ARG P 108 -4.01 -36.51 21.16
N GLU P 109 -2.97 -37.34 21.15
CA GLU P 109 -1.65 -36.92 20.70
C GLU P 109 -1.20 -35.72 21.48
N VAL P 110 -1.20 -35.88 22.80
CA VAL P 110 -0.78 -34.83 23.72
C VAL P 110 0.04 -35.56 24.80
N GLN P 111 1.05 -34.91 25.36
CA GLN P 111 1.81 -35.54 26.41
C GLN P 111 1.02 -35.30 27.71
N CYS P 112 0.55 -36.35 28.35
CA CYS P 112 -0.23 -36.13 29.56
C CYS P 112 0.59 -36.17 30.83
N ILE P 113 1.89 -36.35 30.67
CA ILE P 113 2.79 -36.45 31.80
C ILE P 113 4.14 -35.97 31.35
N SER P 114 4.82 -35.26 32.22
CA SER P 114 6.18 -34.80 31.93
C SER P 114 6.82 -34.30 33.22
N PHE P 115 7.88 -34.94 33.70
CA PHE P 115 8.52 -34.47 34.92
C PHE P 115 9.98 -34.85 34.94
N ILE P 116 10.80 -33.99 35.52
CA ILE P 116 12.23 -34.21 35.57
C ILE P 116 12.54 -35.42 36.47
N ALA P 117 13.38 -36.35 36.01
CA ALA P 117 13.68 -37.52 36.83
C ALA P 117 15.11 -37.55 37.33
N TYR P 118 15.98 -36.72 36.77
CA TYR P 118 17.37 -36.69 37.19
C TYR P 118 18.00 -35.36 36.77
N LYS P 119 18.86 -34.80 37.61
CA LYS P 119 19.50 -33.52 37.32
C LYS P 119 20.98 -33.65 37.61
N PRO P 120 21.84 -32.96 36.85
CA PRO P 120 23.27 -33.07 37.12
C PRO P 120 23.57 -32.32 38.41
N ALA P 121 24.73 -32.63 39.00
CA ALA P 121 25.11 -31.99 40.27
C ALA P 121 25.31 -30.54 39.96
N GLY P 122 25.10 -29.72 40.99
CA GLY P 122 25.24 -28.29 40.80
C GLY P 122 23.83 -27.77 40.61
N TYR P 123 22.90 -28.70 40.29
CA TYR P 123 21.49 -28.35 40.10
C TYR P 123 20.66 -29.12 41.11
#